data_5XXU
#
_entry.id   5XXU
#
loop_
_entity.id
_entity.type
_entity.pdbx_description
1 polymer '18S RNA'
2 polymer 'Ribosomal protein uS2'
3 polymer 'Ribosomal protein eS1'
4 polymer 'Ribosomal protein uS5'
5 polymer 'Ribosomal protein uS3'
6 polymer 'Ribosomal protein eS4'
7 polymer 'Ribosomal protein uS7'
8 polymer 'Ribosomal protein eS6'
9 polymer 'Ribosomal protein eS7'
10 polymer 'Ribosomal protein eS8'
11 polymer 'Ribosomal protein uS4'
12 polymer 'Ribosomal protein eS10'
13 polymer 'Ribosomal protein uS17'
14 polymer 'Ribosomal protein eS12'
15 polymer 'Ribosomal protein uS15'
16 polymer 'Ribosomal protein uS11'
17 polymer 'Ribosomal protein uS19'
18 polymer 'Ribosomal protein uS9'
19 polymer 'Ribosomal protein eS17'
20 polymer 'Ribosomal protein uS13'
21 polymer 'Ribosomal protein eS19'
22 polymer 'Ribosomal protein uS10'
23 polymer 'Ribosomal protein eS21'
24 polymer 'Ribosomal protein uS8'
25 polymer 'Ribosomal protein uS12'
26 polymer 'Ribosomal protein eS24'
27 polymer 'Ribosomal protein eS25'
28 polymer 'Ribosomal protein eS26'
29 polymer 'Ribosomal protein eS27'
30 polymer 'Ribosomal protein eS28'
31 polymer 'Ribosomal protein uS14'
32 polymer 'Ribosomal protein eS30'
33 polymer 'Ribosomal protein eS31'
34 polymer 'Ribosomal protein eL41'
#
loop_
_entity_poly.entity_id
_entity_poly.type
_entity_poly.pdbx_seq_one_letter_code
_entity_poly.pdbx_strand_id
1 'polyribonucleotide'
;AACCUGGUUGAUCCUGCCAGUAGUCAUAUGCUUGUCUUAAAGAUUAAGCCAUGCAUGUCUAAGUAUAAGCUUUUAUACGG
CUAAACUGCGAAUGGCUCAUUAAAACAGUUAUAGUUUAUUUGAUGGUCUUUACUACAUGGAUAACCGUGGUAAUUCUAUG
GCUAAUACCUGCGCACAUGCCUCUUCCCCUGGAAGGCAGUGUUUAUUAGAUACAGAACCAACCCACCUUCCGGUGGUCCU
CAGGUGAUUCAUAGUAACCGAACGGAUCGCGUUGACUUCGGUCUGCGACGGAUCAUUCAAGUUUCUGACCUAUCAGCUUU
CGACGGUACUGUAAUGGACUACCGUGGCAGUGACGGGUAACGGGGAAUUAGGGUUCGAUUCCGGAGAGGGAGCCUGAGAA
ACGGCUACCACAUCUAAGGAAGGCAGCAGGCGCGCAAAUUACCCAAUCCUGAUUCAGGGAGGUAGUGACAAGAAAUAACA
ACACUGGAAAUUUCAUUUCUAGUGAUUGGAAUGAUAGGAAUCCAAACCCCUUUCAGAGUAACAAUUGGAGGGCAAGUCUG
GUGCCAGCAGCCGCGGUAAUUCCAGCUCCAAUAGCGUAUAUUAAAGUUGUUGCAGUUAAAAAGCUCGUAGUUGGAUUUCU
GCUGGAAGGCCAGUCCGCCCUCAGGGGUGUGCACUUGGUGAAUUCUAGCAUCCUUCUGGAUUUCUCCACACUUCAUUGUG
UGGAGUUUUUUCCAGGACUUUUACUUUGAGAAAAUUAGAGUGUUUCAAGCAGGCUUGUCGCCUUGAAUACUGCAGCAUGG
AAUAAUAAGAUAGGAUUUCGGCCCUAUUUUGUUGGUUUCUAGGACUGAAGUAAUGAUUAAUAGGGACGGUUGGGGGCAUU
CGUAUUUAACUGUCAGAGGUGAAAUUCUUAGAUUUGUUAAAGACGAACUACUGCGAAAGCAUUUGCCAAAGAUGUUUUCA
UUAAUCAAGAACGAAAGUUAGGGGCUCGAAGACGAUCAGAUACCGUCGUAGUCUUAACCAUAAACUAUGCCGACUAGAGA
UAGGAAAACGUCAUGCUUGACUUCUCCUGCACCUUAUGAGAAACCAAAGUCUUUGGGUUCUGGGGGGAGUAUGGUCGCAA
GGCUGAAACUUAAAGGAAUUGACGGAAGGGCACCACCAGGCGUGGAGCCUGCGGCUUAAUUUGACUCAACACGGGGAAAC
UCACCAGGUCCAGACAUAGGAAGGAUUGACAGAUUGAUAGCUCUUUCUUGAUUCUAUGGGUGGUGGUGCAUGGCCGUUCU
UAGUUGGUGGAGUGAUUUGUCUGGUUAAUUCCGUUAACGAACGAGACCUUAACCUGCUAAAUAGGAUCAGGAACUUCGUG
UUCUUGUAUCACUUCUUAGAGGGACUUUGCGUGUCUAACGCAAGGAAGUUUGAGGCAAUAACAGGUCUGUGAUGCCCUUA
GAUGUUCUGGGCUGCACGCGCGCUACACUGAUGCAUCCAACGAGUUUAUAACCUUGGCCGAUAGGUCUAGGUAAUCUUGU
GAGUAUGCAUCGUGAUGGGGAUAGAUUAUUGCAAUUAUUAAUCUUCAACGAGGAAUGCCUAGUAGGCGCAAGUCAGCACG
UUGCGCCGAUUACGUCCCUGCCCUUUGUACACACCGCCCGUCGCUCCUACCGAUUGAGUGUUCCGGUGAAUUAUUCGGAC
CGUUUUGUGGCGCGUUCGUGCCCGAAAUGGGAAGUUUUGUGAACCUUAACACUUAGAGGAAGGAGAAGUCGUAACAAGGU
UUCCGUAGGUGAACCUGCGGAAGGAUCAUUC
;
2
2 'polypeptide(L)'
;MAADKQAKLSLQEDSIAKMLICKAHIGTKNVEHKMRPYVFKSTSEGIHLINLAKTWEKILMAARVIVAIENPADVLVISA
RPYGSRAVLKFSQYVGAQAIAGRWTPGMLTNQITQKFMEPRLLIVTDPRTDAQAVRESAYANVPVIALCDTDSPLEHVDI
CIPCNNKGKESIALMYWLLAREVLYLRGELPSRSVPWDVMVDMFLWRDPEEFERKERLEDEEAAPHTAQADATQWGADAA
AADWKQAGADWTGPAAGGAGGEWDQSAVAAEGEWGGGRPGVAVGEPW
;
A
3 'polypeptide(L)'
;MAIGKNKRMSKGKKGGKKKIGDPFLKKEWYDLKAPTLFNVRNFGKTLVTKSQGTKLAVDGLRGRVYEVNLADLNNDEDQG
FRKIKLCCEDIQGRNCLTDFHGMDMTRDKICSLVRKCHSLIEAFVDVTTLDGYTLRMFCIAFTKRRPEQVKSTCYAQTSQ
IRAIRKKMMTIMSAEASKCQLRDLVKKFIPESIGKDIENACKGIFPLQNVFIRKVKMLKKPKFDLTKLMELHGEAEDVGR
KVQAESGEAQNTLTAETKA
;
B
4 'polypeptide(L)'
;MAERGSFGRGFGRGGGRGRGRGRGRGRGGAEDDLKDWVPITKLGRLVRDGKISSIEEIYLFSLPIKEYQIIDHFFQPGNC
AAPLKDDVMKIMPVQKQTRAGQRTRFKAFVAVGDSNGHCGLGVKCAKEVATAIRGAIIAAKLSLVPVRRGYWGNKIGEPH
TVPMKVSGRCGSVRVRLIPAPRGTHIVGAPTTKKILGFAGIKDCFSNSKGSTKTRGNFMKALFDALSQTYGYLTPELWTP
TVYTKSPYQEWSDYLARTTKDSAVSRPLA
;
C
5 'polypeptide(L)'
;MASTGNTCKKRKFVKDGVFQAELNEFLSCTLSEDGYSGVEVRVTPIRTEIIIRATRTREVLGDKGRRIRELTSVVQKRFG
FAPDSVELFAERVENRGLCAMAQAESLRYKLLKGLAVRRACYGVLRHIMESGAKGCEVVVSGKLRAQRAKSMKFKDGYLI
STGEPSKMFVDQAIRSVQLRQGVLGVRVKIMLPHDPEGKRGPANPLPDTIIVMDPKPEIPVVQPEEMDEGVLGPM
;
D
6 'polypeptide(L)'
;MARGPRKHLKRIAAPHHWMLDKLTGHYAPRPSPGPHKLRESAPLVVLLRNRLRYALTYREVMMIVMQRLIKVDNKVRTDQ
CYPAGFMDVISIEKTKENFRMLFDTKGRFVPHPIREEEASYKLCRVKKVVVGPKGVPALITHDGRTMRYPHPSIKAHDCI
RLDLNTGKIVDTLKFEAGNMAMVTGGHNVGRVGVIVHRERHLGGFDIIHLRDAKNNEFATRISNVFVIGKGEKAWISLPK
EKGIRLSIMENRQVLLKKQQMNN
;
E
7 'polypeptide(L)'
;MATEAKLFGRWSYDDVNVSDLSLVDYIAVKDKACVFVPHTAGRYQKKRFRKAMCPIVERLVNSMMMHGRNNGKKTLSVRI
VRHAFEIIHLMTDKNPIQVFVNAVENGGPREDSTRIGSAGVVRRQAVDVSPLRRVNQAIYLICTGARLAAFRNIKTIAEC
LADEIMNCAKESSNAYAIKKKDEIERVAKANR
;
F
8 'polypeptide(L)'
;MKLNLANPQAGMQKTVEVDDEKKLLPFFEKRMGAEVAGDSIGDEFKGYIFRISGGNDKQGFPMMQGVLVNHRVRLLFRKG
MKCYRQRRTGEKKRKSVRGSIVGPDLAVLNLVLVKKGPETIPGLTDAERPRRLGPKRANNIRKLFNLSKDQDVRKYVVRR
QIEGKKKTKAPKIQRLITKTRVQRKRAYLAKQRRSVIKSREEAKAYKDVLSAYKHELRKKRADVVAKKKAQAAAAPKPAE
VKVVKAKAATAKKGGK
;
G
9 'polypeptide(L)'
;MMNFKKKIVKPQGVEPTEIENEVAKCLFDIETSSQSDLKGDVRHLVISSVKEVEVPQGRKKAFVVFVPHAVYQKTVKKIQ
GRLVQELEKKLKKHVVLVAQRTMLPLDFKRKGLKVRPRSRTLTAVQDGMLEDIVSPTEIVGKRMRVRVDNTKMLKVFLDP
RDKQKDNIEDKLETFAAVYKKLTNKDAVFSFPQHVY
;
H
10 'polypeptide(L)'
;MGISRDRRHKHRRTGGRMPVHQKKRKFELGRPPAMTKLGPKRVRPVRCRGGNMKYRALRLDTGNYSWSSQKIAKKTRLLG
VVYNASNNELVRTNTLVKNSIVAIDATPFKAWFRSFYGLDLGKKKAGQEEEGSRKVSKHTLCLQNKHRQQGVPKLDPLLE
EQFNTGRLLACISSRPGQSGRADGYILEGEELMFYKRKMDKKKHK
;
I
11 'polypeptide(L)'
;MTKSYRTYSKTARSPKRPFEKERLDQEMKLLGEYGLKNKREVWRVQYALAKIRSAARELLTLEEKDPRRVFQGTALLRRM
VRLGLLGESEQKLDYVLGLTVAKFLERRLQTKVFKLGLAKSIHHARVLIRQRHIRVGKHIVDIPSFMVRVDSEKHVDYAI
TSPFGGGRPGRVKRRSLKGGNAEGGDDE
;
J
12 'polypeptide(L)'
;MTVPGMKFSLIPKANRKAIYEYLFKEGVIVVQKNGKIERHPEVPVPNLHVMMTLRSLQTKKFVEEKFNWQHNYYFLTNEG
IEFLRTYLHLPPTVFPSTLTKKSTGRPTRGAGEGMGEGGDMNGDWRPRGGFGRGRGRMGDRPDRAERAPRYA
;
K
13 'polypeptide(L)'
;MATADVQTERAFQKQDGVSSLGRLHLTGQKKRTQRYWKDVGLGFQTPRLAKESKYVDKKCPFTGNVSIRGRVIKGMVIST
KMKRAVVIRRNYLHFVPKYSRFEKRHKNVTCHLSPCFEQVKEGDIVTAGQCRPLSKTIRFNVLKVEKNQVFGNVRKQFRL
F
;
L
14 'polypeptide(L)'
;MSDVESVADEVVAPVEEEEEVKDLMTAIRKVLKNALIHDGLVRGLHEVAKALDAKKAQVCFLSESCSEPAYKKLVQGLCK
EHGIPLLDVTDSKELGEWAGLCKVDKDGTARKVVGASCVCVTDFGEESEALTFLQNHIKTLS
;
M
15 'polypeptide(L)'
;MGRMYGPGKGMSASALPWRRKPPTWLKIKPSDVEEHIAKLAKKGQTPSQIGVTLRDSFGVPQVKSVTGNKILRILKLQGL
APELPEDLYYLIKKAVSVRKHLERNRKDKDAKFRLILVESRIHRLARYYKRTKQLPATWKYQSATASALVA
;
N
16 'polypeptide(L)'
;MAPKKSAKAATGEEGEAQGSGLGPATRDGEIVFGVAHIYASFNDTFIHVTDLSGRETLVRVTGGMKVKADRDESSPYAAM
MAAADVAARCKELGISAVHVKVRAAGGTRSKTPGPGAQSALRALARSGLRIGRIEDVTPIPTDSTRRKSGRRGRRL
;
O
17 'polypeptide(L)'
;MADAGDAAANQPKRRTFRTFSYRGVELDKLLDMKMEDLLELFRARQRRKFQRGIKRKATTLMKKLRISKKNCAFGEKPEP
VNTHLRDLVVVPEMIGSVVGVYNGKQFINVEIKPEMVGYYLGEFSISYKPVRHGKPGIGATHSSRFIPLK
;
P
18 'polypeptide(L)'
;MADIGKRPKKRVQTFGRKKNAVAVALCTQGKGLLRVNGCPLEHLQPEALKVKAFEPLLLLGKERFQDVDIRVRVSGGGYV
AQIYAIRQAIAKAVVAFNQKYVDEATKKEVRDILVAYDRSLIVADPRRCEPKKFGGPGARARYQKSYR
;
Q
19 'polypeptide(L)'
;MGRVRTRTVKRAARQIVEKYYAKLTLDFQINKKISEEVAVIPSKRMRNRVAGFVTHLMKRIQKGPVRGISLKLQEEERER
RMDFVPERSEVDVATITVDQDTADMLRALDINLPNVVVPSAGRPSNNQNRRN
;
R
20 'polypeptide(L)'
;MSIQVSNNQDFQHILRILNTNVDGREKVVVALTAIRGIGRRVSNLICKKADIDTNKRAGELTADEISKVVAIASTPQQFK
IPTWFLNRQKDVKDGKHKHVVANGLDTVWREDLERLKKMRLHRGLRHYWGLKVRGQHTKTTGRHGRTVGVAKKKGC
;
S
21 'polypeptide(L)'
;MSNPAYLYETPLETRVHTVKDVKADAFIALYANHLKKRGRFQLPKWIDYVKTAHAKELAPYDPDWLYIRAAAILRHLYIR
PDCGVGGFRKVFSCRQRRGVRPNHTSKASGKIIRYILQQFEEMGLVESDPEKPGRRLTKNGQRELDVIARQCAKPAVASD
;
T
22 'polypeptide(L)'
;MHVFSDVCARPGSPEKTDRRRIFCAKVPTKRRKKCVFCVFEASPELCAFSALPPHVTRDNRCLSVSLSVSRLPSSSRALP
PAPASSSHSSCPRSQPLPGLLLFLKSSEGEPQKAKMSKLMKGGLEGEEQRLHRIRITLTSKDLKSIERVCTELINGAKEK
NLQVAGPVRLPVKTLRITTRKSPCGEGTNTWDRFELRIYKRLIDLHSPSDVVKQITSINIDPGVEVEVTIIDM
;
U
23 'polypeptide(L)'
;MQNDEGRIVDLYIPRKCSATGRLIPAKEHGAVQINVGQVDEHGRYTGEYHAVAISGAVRQRGESDACLNRLMHEKGLLSF
AK
;
V
24 'polypeptide(L)'
;MVRMNVLADCLKTLVNAEKRGRRQVLIRPSSKVIIKFLQCMQRRGYIGDFEIVDDHRAGKIVIELLGRINKCGVISPRFD
IQVDKIEQFCSNLLPSRQFGHLVLTTAYGIMDHEEARRKHTGGKILGYFF
;
W
25 'polypeptide(L)'
;MGKPNGIRTARKLRSRRRVQKWADKTYKKAHLGTRWKANPFGGSSHAKGIVVEKLGIEAKQPNSAIRKCVRVQLIKNGKK
ITAFVPRDGSLNYIDENDEVLVAGFGRSGHAVGDIPGVRFKVVKVAGASLLALFKEKKEKPRT
;
X
26 'polypeptide(L)'
;MADSGAFSLRFRKLKTNPLLQRKQFGVDILHPSRGSVSKKELVEKIAKQFRVSDSQSIVVFGLKTAFGGGRSSGFAMIYD
NPNAAKKFENRFRLVRLGYVEAKPTKGRRAYKELKNRRKKVRGKEKAKCSGAAKK
;
Y
27 'polypeptide(L)'
;MRELRRLYGYMFRKDRQFFEIARFLIRVNSRVPVPAYGFQHVSLCFVPVCRFTMAPKEKKTKEQIAAAAAAGSRKNKKKW
SKGKSKDKLNHSVLFDKATYDKLLADIPKARLITPHTVCERLKVNASLARQAIRYLKDQGLIKIVGEHHHSQYIYTRNTS
A
;
Z
28 'polypeptide(L)'
;MPTKRRNGGRAKHGRGHSAVVRCSNCGRSCPKDKAIKRFNVRNIVDASSQRDLREASVYNTYTLPKLYIKQCYCVSCAIH
SRVVRVRSVEQRKVRENPQRRPQGGQQGQGNN
;
a
29 'polypeptide(L)'
;MEIDLLHPDPKVEASKHKLKRLIPNPNSFFMDVKCPGCLQITTVFSHAQTVVLCGSCNIMLCQPTGGKCKLTEGCSFRKK
VE
;
b
30 'polypeptide(L)' MEQPKLAKVEKVLGRTGSRGGVLQVRVTFMADETDLAGRSLIRNVKGPVREGDILALLETEREARRLR c
31 'polypeptide(L)' MTNLFNTRPKKFGPGSRQCRVCFNRHGMVRKYGLMMCRQCFRERANQIGFVKYR d
32 'polypeptide(L)' MGKVHGSLARAGKVKNQTPKVAKKEKKKPPTGRAKKRQQFNRRFTTSVGRKRGPNAQTQ e
33 'polypeptide(L)'
;MQIFVLSVGGDTLALEVAPTSTIRDVKEQLQARQGIEADDQRLCFGLHALEDDETLGELGVEEECTLYQSLELLGAGKKR
KKKTYTKPKKQKHKKKKVKLAVLKFYKVDGNDKVTRLRKECPRETCGAGVFMAAHKNRTYCGRCGLTYILNAEE
;
f
34 'polypeptide(L)' MAHGASRYKKARAKMRWKWKKKRTRRLQRKRRKMRQRSR m
#
# COMPACT_ATOMS: atom_id res chain seq x y z
N GLN B 12 11.88 58.60 -26.79
CA GLN B 12 13.14 59.23 -26.31
C GLN B 12 12.88 59.99 -24.99
N GLU B 13 12.37 61.22 -25.09
CA GLU B 13 11.68 61.89 -23.97
C GLU B 13 10.16 61.77 -24.06
N ASP B 14 9.62 61.66 -25.28
CA ASP B 14 8.19 61.81 -25.53
C ASP B 14 7.37 60.59 -25.11
N SER B 15 7.97 59.40 -25.25
CA SER B 15 7.39 58.17 -24.69
C SER B 15 7.28 58.20 -23.15
N ILE B 16 8.28 58.80 -22.50
CA ILE B 16 8.27 58.97 -21.03
C ILE B 16 7.23 60.02 -20.61
N ALA B 17 7.08 61.08 -21.41
CA ALA B 17 6.04 62.09 -21.21
C ALA B 17 4.63 61.52 -21.38
N LYS B 18 4.44 60.66 -22.38
CA LYS B 18 3.15 59.99 -22.60
C LYS B 18 2.75 59.02 -21.49
N MET B 19 3.74 58.39 -20.86
CA MET B 19 3.50 57.47 -19.71
C MET B 19 2.89 58.14 -18.48
N LEU B 20 3.06 59.46 -18.35
CA LEU B 20 2.33 60.24 -17.33
C LEU B 20 0.83 60.34 -17.63
N ILE B 21 0.49 60.51 -18.90
CA ILE B 21 -0.91 60.58 -19.35
C ILE B 21 -1.60 59.21 -19.27
N CYS B 22 -0.84 58.13 -19.48
CA CYS B 22 -1.33 56.76 -19.27
C CYS B 22 -1.83 56.48 -17.85
N LYS B 23 -1.18 57.07 -16.84
CA LYS B 23 -1.18 56.57 -15.47
C LYS B 23 -0.59 55.16 -15.38
N ALA B 24 0.52 54.94 -16.09
CA ALA B 24 1.20 53.65 -16.15
C ALA B 24 2.20 53.48 -15.01
N HIS B 25 2.80 54.58 -14.55
CA HIS B 25 3.61 54.61 -13.32
C HIS B 25 2.89 54.16 -12.04
N ILE B 26 1.56 54.34 -11.99
CA ILE B 26 0.76 53.89 -10.84
C ILE B 26 0.69 52.36 -10.83
N GLY B 27 0.86 51.78 -9.64
CA GLY B 27 0.59 50.35 -9.39
C GLY B 27 -0.20 50.15 -8.12
N THR B 28 -0.15 48.91 -7.60
CA THR B 28 -1.03 48.47 -6.52
C THR B 28 -0.42 48.80 -5.14
N LYS B 29 -1.16 48.48 -4.08
CA LYS B 29 -0.66 48.57 -2.72
C LYS B 29 0.42 47.51 -2.44
N ASN B 30 0.07 46.25 -2.68
CA ASN B 30 0.99 45.13 -2.45
C ASN B 30 2.06 45.04 -3.53
N VAL B 31 3.28 44.69 -3.12
CA VAL B 31 4.44 44.61 -4.02
C VAL B 31 5.20 43.30 -3.74
N GLU B 32 5.51 42.60 -4.84
CA GLU B 32 6.23 41.34 -4.83
C GLU B 32 7.72 41.57 -4.65
N HIS B 33 8.42 40.57 -4.15
CA HIS B 33 9.85 40.69 -3.94
C HIS B 33 10.61 40.92 -5.25
N LYS B 34 10.27 40.15 -6.28
CA LYS B 34 10.92 40.27 -7.58
C LYS B 34 10.64 41.58 -8.31
N MET B 35 9.40 42.04 -8.20
CA MET B 35 8.96 43.28 -8.84
C MET B 35 9.43 44.53 -8.10
N ARG B 36 9.98 44.35 -6.91
CA ARG B 36 10.42 45.46 -6.07
C ARG B 36 11.51 46.36 -6.64
N PRO B 37 12.45 45.76 -7.47
CA PRO B 37 13.49 46.67 -7.97
C PRO B 37 12.95 47.84 -8.79
N TYR B 38 11.97 47.60 -9.65
CA TYR B 38 11.42 48.68 -10.47
C TYR B 38 10.74 49.79 -9.66
N VAL B 39 9.95 49.43 -8.66
CA VAL B 39 9.23 50.42 -7.86
C VAL B 39 10.14 51.28 -6.99
N PHE B 40 9.79 52.56 -6.86
CA PHE B 40 10.59 53.48 -6.05
C PHE B 40 9.75 54.58 -5.37
N LYS B 41 10.24 55.08 -4.23
CA LYS B 41 9.59 56.16 -3.51
C LYS B 41 8.10 55.99 -3.24
N SER B 42 7.71 54.85 -2.67
CA SER B 42 6.27 54.62 -2.44
C SER B 42 5.63 55.84 -1.79
N THR B 43 4.44 56.21 -2.27
CA THR B 43 3.77 57.45 -1.86
C THR B 43 3.06 57.28 -0.51
N SER B 44 2.59 58.40 0.03
CA SER B 44 1.50 58.38 1.02
C SER B 44 0.20 57.88 0.38
N GLU B 45 -0.67 57.34 1.23
CA GLU B 45 -1.79 56.44 0.85
C GLU B 45 -1.42 54.98 0.54
N GLY B 46 -0.12 54.66 0.50
CA GLY B 46 0.34 53.30 0.17
C GLY B 46 0.11 52.92 -1.29
N ILE B 47 0.65 53.73 -2.20
CA ILE B 47 0.68 53.43 -3.63
C ILE B 47 2.10 53.63 -4.16
N HIS B 48 2.55 52.70 -5.00
CA HIS B 48 3.97 52.59 -5.36
C HIS B 48 4.22 53.07 -6.80
N LEU B 49 5.33 53.77 -7.00
CA LEU B 49 5.67 54.39 -8.29
C LEU B 49 6.84 53.67 -8.97
N ILE B 50 6.75 53.54 -10.30
CA ILE B 50 7.72 52.80 -11.10
C ILE B 50 8.67 53.78 -11.79
N ASN B 51 9.95 53.42 -11.89
CA ASN B 51 10.92 54.17 -12.70
C ASN B 51 10.60 54.09 -14.19
N LEU B 52 10.21 55.22 -14.77
CA LEU B 52 9.75 55.26 -16.17
C LEU B 52 10.90 55.19 -17.19
N ALA B 53 12.14 55.38 -16.74
CA ALA B 53 13.32 54.97 -17.51
C ALA B 53 13.40 53.45 -17.66
N LYS B 54 13.24 52.75 -16.54
CA LYS B 54 13.36 51.30 -16.51
C LYS B 54 12.19 50.55 -17.17
N THR B 55 11.07 51.23 -17.38
CA THR B 55 9.99 50.72 -18.23
C THR B 55 10.40 50.74 -19.70
N TRP B 56 10.84 51.91 -20.16
CA TRP B 56 11.09 52.16 -21.59
C TRP B 56 12.37 51.45 -22.09
N GLU B 57 13.36 51.29 -21.23
CA GLU B 57 14.55 50.49 -21.54
C GLU B 57 14.26 49.00 -21.79
N LYS B 58 13.19 48.48 -21.17
CA LYS B 58 12.78 47.08 -21.37
C LYS B 58 11.78 46.86 -22.53
N ILE B 59 11.25 47.94 -23.11
CA ILE B 59 10.58 47.88 -24.41
C ILE B 59 11.61 47.86 -25.54
N LEU B 60 12.69 48.63 -25.36
CA LEU B 60 13.88 48.55 -26.23
C LEU B 60 14.56 47.17 -26.18
N MET B 61 14.52 46.53 -25.02
CA MET B 61 14.88 45.12 -24.88
C MET B 61 13.89 44.22 -25.64
N ALA B 62 12.61 44.35 -25.32
CA ALA B 62 11.59 43.39 -25.75
C ALA B 62 11.26 43.49 -27.25
N ALA B 63 11.46 44.67 -27.84
CA ALA B 63 11.41 44.84 -29.29
C ALA B 63 12.48 44.01 -30.01
N ARG B 64 13.70 44.05 -29.50
CA ARG B 64 14.84 43.31 -30.07
C ARG B 64 14.72 41.78 -29.95
N VAL B 65 13.85 41.29 -29.06
CA VAL B 65 13.53 39.86 -28.97
C VAL B 65 12.51 39.46 -30.03
N ILE B 66 11.48 40.29 -30.24
CA ILE B 66 10.37 39.98 -31.15
C ILE B 66 10.83 40.08 -32.61
N VAL B 67 11.62 41.11 -32.90
CA VAL B 67 12.43 41.16 -34.12
C VAL B 67 13.60 40.17 -33.96
N ALA B 68 14.07 39.61 -35.09
CA ALA B 68 14.82 38.34 -35.14
C ALA B 68 13.90 37.13 -34.88
N ILE B 69 12.66 37.22 -35.40
CA ILE B 69 11.87 36.05 -35.75
C ILE B 69 11.41 36.20 -37.19
N GLU B 70 11.54 35.13 -37.98
CA GLU B 70 11.41 35.20 -39.44
C GLU B 70 9.94 35.30 -39.83
N ASN B 71 9.14 34.32 -39.41
CA ASN B 71 7.69 34.38 -39.49
C ASN B 71 7.13 35.07 -38.24
N PRO B 72 6.45 36.22 -38.41
CA PRO B 72 5.83 36.87 -37.25
C PRO B 72 4.55 36.16 -36.75
N ALA B 73 3.95 35.30 -37.57
CA ALA B 73 2.81 34.46 -37.16
C ALA B 73 3.12 33.45 -36.05
N ASP B 74 4.40 33.11 -35.88
CA ASP B 74 4.84 32.25 -34.77
C ASP B 74 4.88 32.94 -33.39
N VAL B 75 4.66 34.26 -33.34
CA VAL B 75 4.40 34.97 -32.08
C VAL B 75 2.91 34.94 -31.73
N LEU B 76 2.60 34.68 -30.46
CA LEU B 76 1.26 34.90 -29.90
C LEU B 76 1.19 36.19 -29.10
N VAL B 77 -0.01 36.76 -29.05
CA VAL B 77 -0.37 37.79 -28.08
C VAL B 77 -1.71 37.40 -27.43
N ILE B 78 -1.71 37.35 -26.09
CA ILE B 78 -2.84 36.81 -25.32
C ILE B 78 -3.33 37.88 -24.35
N SER B 79 -4.65 37.94 -24.16
CA SER B 79 -5.24 38.71 -23.06
C SER B 79 -6.61 38.14 -22.67
N ALA B 80 -6.76 37.79 -21.40
CA ALA B 80 -8.06 37.39 -20.84
C ALA B 80 -9.00 38.59 -20.68
N ARG B 81 -8.49 39.70 -20.17
CA ARG B 81 -9.30 40.87 -19.82
C ARG B 81 -9.78 41.63 -21.06
N PRO B 82 -10.96 42.29 -20.96
CA PRO B 82 -11.59 42.88 -22.14
C PRO B 82 -10.96 44.19 -22.63
N TYR B 83 -10.14 44.84 -21.81
CA TYR B 83 -9.37 46.02 -22.22
C TYR B 83 -8.27 45.67 -23.24
N GLY B 84 -7.74 44.45 -23.15
CA GLY B 84 -6.79 43.94 -24.13
C GLY B 84 -7.34 43.64 -25.52
N SER B 85 -8.66 43.44 -25.65
CA SER B 85 -9.25 42.77 -26.82
C SER B 85 -9.11 43.60 -28.10
N ARG B 86 -9.49 44.87 -28.00
CA ARG B 86 -9.28 45.83 -29.09
C ARG B 86 -7.81 46.22 -29.27
N ALA B 87 -7.03 46.20 -28.19
CA ALA B 87 -5.60 46.48 -28.25
C ALA B 87 -4.81 45.41 -29.00
N VAL B 88 -5.05 44.15 -28.63
CA VAL B 88 -4.29 43.01 -29.16
C VAL B 88 -4.62 42.75 -30.64
N LEU B 89 -5.89 42.88 -31.01
CA LEU B 89 -6.32 42.67 -32.41
C LEU B 89 -5.81 43.74 -33.40
N LYS B 90 -5.47 44.92 -32.91
CA LYS B 90 -4.72 45.91 -33.70
C LYS B 90 -3.22 45.62 -33.75
N PHE B 91 -2.67 45.07 -32.66
CA PHE B 91 -1.28 44.58 -32.65
C PHE B 91 -1.04 43.45 -33.66
N SER B 92 -2.05 42.60 -33.87
CA SER B 92 -1.95 41.48 -34.81
C SER B 92 -1.89 41.90 -36.29
N GLN B 93 -2.34 43.11 -36.62
CA GLN B 93 -2.20 43.66 -37.97
C GLN B 93 -0.75 44.04 -38.28
N TYR B 94 -0.18 44.93 -37.46
CA TYR B 94 1.01 45.69 -37.83
C TYR B 94 2.28 44.86 -37.68
N VAL B 95 2.40 44.16 -36.55
CA VAL B 95 3.21 42.95 -36.45
C VAL B 95 2.30 41.76 -36.76
N GLY B 96 2.62 41.02 -37.82
CA GLY B 96 1.69 40.04 -38.40
C GLY B 96 1.59 38.76 -37.60
N ALA B 97 0.96 38.85 -36.42
CA ALA B 97 1.01 37.80 -35.40
C ALA B 97 -0.37 37.18 -35.19
N GLN B 98 -0.38 35.95 -34.67
CA GLN B 98 -1.61 35.33 -34.15
C GLN B 98 -2.02 35.99 -32.85
N ALA B 99 -3.32 35.95 -32.56
CA ALA B 99 -3.91 36.65 -31.41
C ALA B 99 -5.07 35.85 -30.83
N ILE B 100 -5.14 35.78 -29.50
CA ILE B 100 -6.29 35.22 -28.78
C ILE B 100 -6.80 36.26 -27.78
N ALA B 101 -8.12 36.39 -27.71
CA ALA B 101 -8.79 37.14 -26.64
C ALA B 101 -9.83 36.26 -25.94
N GLY B 102 -10.15 36.61 -24.70
CA GLY B 102 -11.16 35.90 -23.92
C GLY B 102 -10.65 34.59 -23.35
N ARG B 103 -11.48 33.55 -23.40
CA ARG B 103 -11.18 32.27 -22.77
C ARG B 103 -10.15 31.50 -23.59
N TRP B 104 -9.14 30.97 -22.90
CA TRP B 104 -7.92 30.49 -23.55
C TRP B 104 -8.05 29.05 -24.08
N THR B 105 -8.78 28.21 -23.34
CA THR B 105 -8.89 26.76 -23.59
C THR B 105 -7.53 26.06 -23.41
N PRO B 106 -7.29 25.44 -22.23
CA PRO B 106 -5.99 24.79 -22.01
C PRO B 106 -5.80 23.52 -22.84
N GLY B 107 -4.54 23.20 -23.12
CA GLY B 107 -4.18 22.31 -24.23
C GLY B 107 -4.21 23.00 -25.58
N MET B 108 -3.70 24.22 -25.63
CA MET B 108 -3.25 24.83 -26.89
C MET B 108 -1.91 24.24 -27.29
N LEU B 109 -0.96 24.29 -26.36
CA LEU B 109 0.46 24.12 -26.68
C LEU B 109 0.91 22.67 -26.46
N THR B 110 0.33 22.01 -25.46
CA THR B 110 0.18 20.56 -25.48
C THR B 110 -1.08 20.15 -26.27
N ASN B 111 -1.21 18.85 -26.49
CA ASN B 111 -2.41 18.24 -27.09
C ASN B 111 -2.50 18.54 -28.58
N GLN B 112 -1.81 17.71 -29.38
CA GLN B 112 -1.76 17.86 -30.84
C GLN B 112 -3.11 17.74 -31.56
N ILE B 113 -4.01 16.91 -31.01
CA ILE B 113 -5.26 16.54 -31.70
C ILE B 113 -6.29 17.69 -31.76
N THR B 114 -6.30 18.54 -30.74
CA THR B 114 -7.23 19.68 -30.69
C THR B 114 -6.99 20.66 -31.84
N GLN B 115 -8.08 21.14 -32.45
CA GLN B 115 -8.00 21.86 -33.72
C GLN B 115 -7.57 23.33 -33.59
N LYS B 116 -7.44 23.81 -32.35
CA LYS B 116 -6.70 25.05 -32.06
C LYS B 116 -5.30 24.76 -31.48
N PHE B 117 -4.61 23.76 -32.05
CA PHE B 117 -3.23 23.46 -31.66
C PHE B 117 -2.29 24.48 -32.30
N MET B 118 -1.74 25.37 -31.46
CA MET B 118 -0.73 26.34 -31.88
C MET B 118 0.60 25.97 -31.25
N GLU B 119 1.64 25.90 -32.07
CA GLU B 119 3.02 25.72 -31.60
C GLU B 119 3.83 26.96 -31.93
N PRO B 120 3.75 28.00 -31.07
CA PRO B 120 4.54 29.22 -31.30
C PRO B 120 5.99 29.08 -30.86
N ARG B 121 6.82 30.06 -31.26
CA ARG B 121 8.17 30.19 -30.75
C ARG B 121 8.20 31.15 -29.56
N LEU B 122 7.67 32.36 -29.77
CA LEU B 122 7.56 33.37 -28.72
C LEU B 122 6.10 33.55 -28.28
N LEU B 123 5.92 34.01 -27.05
CA LEU B 123 4.58 34.23 -26.47
C LEU B 123 4.56 35.53 -25.67
N ILE B 124 3.51 36.34 -25.87
CA ILE B 124 3.32 37.60 -25.17
C ILE B 124 1.99 37.57 -24.42
N VAL B 125 1.99 38.13 -23.20
CA VAL B 125 0.81 38.18 -22.34
C VAL B 125 0.64 39.59 -21.78
N THR B 126 -0.61 39.98 -21.51
CA THR B 126 -0.90 41.12 -20.65
C THR B 126 -0.49 40.81 -19.19
N ASP B 127 -1.37 40.14 -18.44
CA ASP B 127 -1.12 39.81 -17.03
C ASP B 127 -0.80 38.32 -16.89
N PRO B 128 0.31 37.98 -16.20
CA PRO B 128 0.54 36.56 -15.88
C PRO B 128 -0.34 36.02 -14.74
N ARG B 129 -0.96 36.91 -13.96
CA ARG B 129 -1.97 36.52 -12.97
C ARG B 129 -3.26 36.00 -13.62
N THR B 130 -3.80 36.77 -14.57
CA THR B 130 -5.16 36.54 -15.09
C THR B 130 -5.20 35.35 -16.05
N ASP B 131 -4.20 35.28 -16.93
CA ASP B 131 -3.92 34.09 -17.73
C ASP B 131 -2.60 33.46 -17.29
N ALA B 132 -2.61 32.89 -16.09
CA ALA B 132 -1.55 32.01 -15.62
C ALA B 132 -1.51 30.65 -16.35
N GLN B 133 -2.66 30.21 -16.86
CA GLN B 133 -2.77 28.94 -17.58
C GLN B 133 -1.99 28.93 -18.91
N ALA B 134 -1.91 30.08 -19.57
CA ALA B 134 -1.00 30.26 -20.71
C ALA B 134 0.47 30.14 -20.30
N VAL B 135 0.82 30.80 -19.19
CA VAL B 135 2.21 30.85 -18.71
C VAL B 135 2.66 29.49 -18.15
N ARG B 136 1.76 28.73 -17.53
CA ARG B 136 1.99 27.33 -17.21
C ARG B 136 2.29 26.48 -18.46
N GLU B 137 1.46 26.64 -19.49
CA GLU B 137 1.58 25.86 -20.72
C GLU B 137 2.83 26.18 -21.56
N SER B 138 3.40 27.38 -21.37
CA SER B 138 4.66 27.75 -22.01
C SER B 138 5.84 26.85 -21.58
N ALA B 139 5.81 26.36 -20.34
CA ALA B 139 6.86 25.50 -19.81
C ALA B 139 6.80 24.03 -20.28
N TYR B 140 5.75 23.65 -21.01
CA TYR B 140 5.67 22.32 -21.65
C TYR B 140 6.23 22.30 -23.09
N ALA B 141 6.40 23.46 -23.72
CA ALA B 141 6.73 23.55 -25.16
C ALA B 141 7.92 24.47 -25.48
N ASN B 142 8.78 24.73 -24.49
CA ASN B 142 9.98 25.57 -24.64
C ASN B 142 9.72 26.99 -25.19
N VAL B 143 8.58 27.57 -24.80
CA VAL B 143 8.16 28.88 -25.29
C VAL B 143 8.60 29.95 -24.29
N PRO B 144 9.51 30.86 -24.71
CA PRO B 144 9.77 32.04 -23.87
C PRO B 144 8.61 33.05 -23.82
N VAL B 145 8.35 33.57 -22.62
CA VAL B 145 7.24 34.50 -22.36
C VAL B 145 7.74 35.94 -22.49
N ILE B 146 6.81 36.86 -22.75
CA ILE B 146 6.95 38.27 -22.38
C ILE B 146 5.67 38.73 -21.68
N ALA B 147 5.81 39.53 -20.62
CA ALA B 147 4.68 39.93 -19.77
C ALA B 147 4.73 41.43 -19.46
N LEU B 148 3.54 42.05 -19.41
CA LEU B 148 3.35 43.36 -18.79
C LEU B 148 3.02 43.18 -17.31
N CYS B 149 4.03 43.31 -16.46
CA CYS B 149 3.85 43.07 -15.01
C CYS B 149 3.25 44.29 -14.31
N ASP B 150 2.42 44.02 -13.31
CA ASP B 150 2.16 44.97 -12.21
C ASP B 150 2.99 44.55 -10.99
N THR B 151 2.94 45.38 -9.94
CA THR B 151 3.60 45.06 -8.66
C THR B 151 2.98 43.86 -7.93
N ASP B 152 1.69 43.60 -8.16
CA ASP B 152 1.05 42.34 -7.70
C ASP B 152 1.60 41.09 -8.39
N SER B 153 1.74 41.14 -9.71
CA SER B 153 1.69 39.94 -10.54
C SER B 153 2.99 39.13 -10.46
N PRO B 154 2.90 37.78 -10.57
CA PRO B 154 4.07 36.92 -10.40
C PRO B 154 5.03 36.92 -11.59
N LEU B 155 6.28 36.57 -11.34
CA LEU B 155 7.31 36.46 -12.39
C LEU B 155 7.69 35.01 -12.72
N GLU B 156 6.88 34.05 -12.30
CA GLU B 156 7.24 32.64 -12.38
C GLU B 156 6.88 32.07 -13.75
N HIS B 157 7.88 31.48 -14.42
CA HIS B 157 7.87 31.25 -15.87
C HIS B 157 7.62 32.53 -16.70
N VAL B 158 8.27 33.62 -16.31
CA VAL B 158 8.21 34.89 -17.04
C VAL B 158 9.62 35.38 -17.35
N ASP B 159 9.99 35.36 -18.63
CA ASP B 159 11.14 36.10 -19.14
C ASP B 159 10.68 37.52 -19.49
N ILE B 160 11.47 38.52 -19.13
CA ILE B 160 11.32 39.90 -19.62
C ILE B 160 10.01 40.54 -19.15
N CYS B 161 10.04 41.12 -17.95
CA CYS B 161 8.97 41.99 -17.46
C CYS B 161 8.99 43.32 -18.19
N ILE B 162 7.80 43.91 -18.39
CA ILE B 162 7.66 45.31 -18.77
C ILE B 162 6.75 45.98 -17.72
N PRO B 163 7.35 46.52 -16.63
CA PRO B 163 6.59 46.85 -15.43
C PRO B 163 5.74 48.12 -15.59
N CYS B 164 4.41 47.95 -15.65
CA CYS B 164 3.47 49.06 -15.91
C CYS B 164 2.22 48.92 -15.04
N ASN B 165 1.25 49.81 -15.27
CA ASN B 165 -0.14 49.54 -14.89
C ASN B 165 -0.78 48.57 -15.88
N ASN B 166 -1.31 47.48 -15.37
CA ASN B 166 -2.07 46.50 -16.15
C ASN B 166 -3.57 46.76 -16.15
N LYS B 167 -4.10 47.26 -15.04
CA LYS B 167 -5.54 47.29 -14.78
C LYS B 167 -6.24 48.47 -15.47
N GLY B 168 -5.52 49.57 -15.66
CA GLY B 168 -6.04 50.73 -16.40
C GLY B 168 -6.21 50.47 -17.90
N LYS B 169 -7.36 50.88 -18.44
CA LYS B 169 -7.71 50.61 -19.84
C LYS B 169 -6.95 51.49 -20.84
N GLU B 170 -6.62 52.71 -20.43
CA GLU B 170 -5.68 53.57 -21.17
C GLU B 170 -4.28 52.96 -21.23
N SER B 171 -3.80 52.46 -20.09
CA SER B 171 -2.39 52.13 -19.91
C SER B 171 -1.92 50.90 -20.70
N ILE B 172 -2.81 49.95 -20.95
CA ILE B 172 -2.49 48.74 -21.72
C ILE B 172 -2.21 49.09 -23.18
N ALA B 173 -3.11 49.87 -23.77
CA ALA B 173 -2.98 50.35 -25.15
C ALA B 173 -1.63 51.01 -25.44
N LEU B 174 -1.22 51.90 -24.54
CA LEU B 174 -0.01 52.73 -24.75
C LEU B 174 1.31 52.00 -24.48
N MET B 175 1.25 50.73 -24.06
CA MET B 175 2.37 49.79 -24.22
C MET B 175 2.35 49.13 -25.59
N TYR B 176 1.19 48.59 -25.99
CA TYR B 176 1.05 47.92 -27.29
C TYR B 176 1.15 48.86 -28.50
N TRP B 177 0.96 50.17 -28.27
CA TRP B 177 1.36 51.18 -29.25
C TRP B 177 2.89 51.25 -29.41
N LEU B 178 3.59 51.35 -28.29
CA LEU B 178 5.05 51.54 -28.28
C LEU B 178 5.83 50.31 -28.75
N LEU B 179 5.34 49.11 -28.41
CA LEU B 179 5.90 47.87 -28.97
C LEU B 179 5.72 47.79 -30.48
N ALA B 180 4.51 48.01 -30.97
CA ALA B 180 4.32 47.91 -32.40
C ALA B 180 5.19 48.94 -33.09
N ARG B 181 5.21 50.15 -32.55
CA ARG B 181 6.05 51.18 -33.14
C ARG B 181 7.52 50.80 -33.00
N GLU B 182 7.90 50.31 -31.83
CA GLU B 182 9.28 49.91 -31.59
C GLU B 182 9.68 48.76 -32.52
N VAL B 183 8.79 47.80 -32.68
CA VAL B 183 9.05 46.66 -33.54
C VAL B 183 9.17 47.08 -35.00
N LEU B 184 8.31 48.01 -35.41
CA LEU B 184 8.31 48.49 -36.79
C LEU B 184 9.60 49.21 -37.19
N TYR B 185 10.12 50.06 -36.30
CA TYR B 185 11.35 50.75 -36.64
C TYR B 185 12.47 49.74 -36.83
N LEU B 186 12.50 48.76 -35.94
CA LEU B 186 13.51 47.71 -36.01
C LEU B 186 13.30 46.92 -37.29
N ARG B 187 12.04 46.67 -37.60
CA ARG B 187 11.65 45.91 -38.78
C ARG B 187 12.06 46.65 -40.05
N GLY B 188 12.12 47.97 -39.97
CA GLY B 188 12.46 48.79 -41.11
C GLY B 188 11.22 49.25 -41.82
N GLU B 189 10.07 48.98 -41.21
CA GLU B 189 8.78 49.37 -41.75
C GLU B 189 8.69 50.89 -41.84
N LEU B 190 9.23 51.59 -40.85
CA LEU B 190 9.22 53.05 -40.87
C LEU B 190 10.59 53.53 -41.35
N PRO B 191 10.57 54.25 -42.52
CA PRO B 191 11.91 54.67 -43.00
C PRO B 191 12.71 55.66 -42.14
N SER B 192 12.06 56.67 -41.57
CA SER B 192 12.78 57.68 -40.78
C SER B 192 12.15 58.01 -39.44
N ARG B 193 12.96 58.54 -38.52
CA ARG B 193 12.43 58.90 -37.20
C ARG B 193 12.14 60.39 -37.04
N SER B 194 11.98 61.10 -38.17
CA SER B 194 11.49 62.48 -38.17
C SER B 194 9.99 62.51 -37.91
N VAL B 195 9.25 61.70 -38.68
CA VAL B 195 7.85 61.38 -38.37
C VAL B 195 7.75 60.58 -37.07
N PRO B 196 6.70 60.82 -36.26
CA PRO B 196 6.37 59.87 -35.19
C PRO B 196 5.75 58.57 -35.74
N TRP B 197 4.50 58.61 -36.18
CA TRP B 197 3.86 57.47 -36.87
C TRP B 197 2.59 57.93 -37.59
N ASP B 198 2.16 57.14 -38.57
CA ASP B 198 0.90 57.39 -39.29
C ASP B 198 -0.32 57.16 -38.41
N VAL B 199 -0.38 55.98 -37.80
CA VAL B 199 -1.56 55.53 -37.04
C VAL B 199 -1.53 56.15 -35.64
N MET B 200 -2.72 56.51 -35.14
CA MET B 200 -2.87 57.14 -33.83
C MET B 200 -2.71 56.12 -32.70
N VAL B 201 -2.71 56.60 -31.45
CA VAL B 201 -2.85 55.74 -30.27
C VAL B 201 -4.24 55.10 -30.22
N ASP B 202 -5.27 55.86 -30.59
CA ASP B 202 -6.65 55.54 -30.21
C ASP B 202 -7.29 54.39 -31.01
N MET B 203 -6.58 53.85 -32.00
CA MET B 203 -6.87 52.50 -32.51
C MET B 203 -6.68 51.44 -31.44
N PHE B 204 -5.66 51.62 -30.60
CA PHE B 204 -5.51 50.86 -29.36
C PHE B 204 -6.29 51.55 -28.24
N LEU B 205 -7.42 50.96 -27.84
CA LEU B 205 -8.25 51.52 -26.75
C LEU B 205 -9.23 50.45 -26.22
N TRP B 206 -10.27 50.87 -25.51
CA TRP B 206 -11.49 50.09 -25.37
C TRP B 206 -12.71 51.01 -25.24
N ARG B 207 -13.81 50.63 -25.91
CA ARG B 207 -15.05 51.42 -25.91
C ARG B 207 -16.17 50.71 -25.14
N ASP B 208 -17.12 51.50 -24.65
CA ASP B 208 -18.20 51.00 -23.79
C ASP B 208 -19.24 50.12 -24.53
N PRO B 209 -19.82 50.62 -25.66
CA PRO B 209 -20.70 49.74 -26.43
C PRO B 209 -19.92 48.74 -27.29
N ASP C 22 -61.99 40.44 48.19
CA ASP C 22 -62.17 40.19 49.66
C ASP C 22 -60.90 40.39 50.51
N PRO C 23 -59.71 39.95 50.02
CA PRO C 23 -58.46 40.34 50.70
C PRO C 23 -58.11 41.84 50.60
N PHE C 24 -58.39 42.46 49.45
CA PHE C 24 -57.88 43.80 49.13
C PHE C 24 -58.79 44.96 49.60
N LEU C 25 -59.91 44.62 50.23
CA LEU C 25 -60.65 45.59 51.06
C LEU C 25 -59.86 46.07 52.29
N LYS C 26 -58.97 45.23 52.80
CA LYS C 26 -58.16 45.56 53.99
C LYS C 26 -56.96 46.47 53.71
N LYS C 27 -56.70 46.82 52.44
CA LYS C 27 -55.55 47.64 52.06
C LYS C 27 -55.98 49.02 51.59
N GLU C 28 -55.07 49.99 51.69
CA GLU C 28 -55.26 51.34 51.13
C GLU C 28 -53.97 51.90 50.55
N TRP C 29 -54.10 52.73 49.52
CA TRP C 29 -52.96 53.21 48.74
C TRP C 29 -52.23 54.33 49.47
N TYR C 30 -50.89 54.30 49.40
CA TYR C 30 -50.04 55.43 49.79
C TYR C 30 -49.27 55.94 48.58
N ASP C 31 -48.88 57.21 48.64
CA ASP C 31 -48.25 57.91 47.51
C ASP C 31 -46.78 58.22 47.85
N LEU C 32 -45.86 57.64 47.07
CA LEU C 32 -44.43 57.96 47.21
C LEU C 32 -44.12 59.34 46.63
N LYS C 33 -43.16 60.04 47.25
CA LYS C 33 -42.69 61.35 46.79
C LYS C 33 -41.16 61.38 46.71
N ALA C 34 -40.64 61.95 45.63
CA ALA C 34 -39.20 61.99 45.37
C ALA C 34 -38.55 63.18 46.09
N PRO C 35 -37.21 63.26 46.08
CA PRO C 35 -36.50 64.50 46.40
C PRO C 35 -36.81 65.67 45.45
N THR C 36 -36.58 66.89 45.93
CA THR C 36 -36.66 68.10 45.10
C THR C 36 -35.55 68.15 44.03
N LEU C 37 -34.42 67.51 44.31
CA LEU C 37 -33.30 67.40 43.37
C LEU C 37 -33.69 66.78 42.02
N PHE C 38 -34.44 65.68 42.07
CA PHE C 38 -34.87 64.95 40.89
C PHE C 38 -35.75 65.74 39.92
N ASN C 39 -36.59 66.62 40.46
CA ASN C 39 -37.50 67.48 39.69
C ASN C 39 -38.93 66.95 39.48
N VAL C 40 -39.22 65.73 39.90
CA VAL C 40 -40.58 65.21 39.77
C VAL C 40 -41.03 64.74 41.15
N ARG C 41 -42.03 65.39 41.72
CA ARG C 41 -42.51 65.02 43.04
C ARG C 41 -43.16 63.64 43.10
N ASN C 42 -43.99 63.36 42.09
CA ASN C 42 -44.71 62.10 41.97
C ASN C 42 -43.88 60.96 41.38
N PHE C 43 -44.40 59.74 41.53
CA PHE C 43 -43.81 58.49 41.05
C PHE C 43 -44.11 57.33 41.98
N GLY C 44 -44.13 57.60 43.29
CA GLY C 44 -44.35 56.55 44.25
C GLY C 44 -45.78 56.23 44.62
N LYS C 45 -46.20 55.04 44.20
CA LYS C 45 -47.51 54.50 44.48
C LYS C 45 -47.31 53.12 45.08
N THR C 46 -47.95 52.86 46.21
CA THR C 46 -47.80 51.57 46.87
C THR C 46 -48.92 51.32 47.88
N LEU C 47 -49.12 50.06 48.26
CA LEU C 47 -50.13 49.71 49.26
C LEU C 47 -49.50 48.95 50.42
N VAL C 48 -49.70 49.45 51.64
CA VAL C 48 -49.14 48.81 52.83
C VAL C 48 -50.12 47.98 53.66
N THR C 49 -51.39 48.01 53.29
CA THR C 49 -52.44 47.26 54.00
C THR C 49 -52.97 48.08 55.18
N LYS C 50 -54.17 47.75 55.64
CA LYS C 50 -54.78 48.47 56.76
C LYS C 50 -54.05 48.16 58.08
N SER C 51 -53.95 49.17 58.95
CA SER C 51 -53.27 49.02 60.23
C SER C 51 -54.02 48.19 61.27
N GLN C 52 -53.26 47.44 62.06
CA GLN C 52 -53.80 46.61 63.13
C GLN C 52 -53.01 46.87 64.41
N GLY C 53 -53.66 47.05 65.55
CA GLY C 53 -52.91 47.31 66.78
C GLY C 53 -51.96 46.17 67.11
N THR C 54 -50.68 46.51 67.30
CA THR C 54 -49.54 45.59 67.12
C THR C 54 -49.41 45.12 65.66
N LYS C 55 -48.23 45.36 65.07
CA LYS C 55 -48.03 45.36 63.62
C LYS C 55 -48.96 46.34 62.89
N LEU C 56 -48.60 47.62 62.95
CA LEU C 56 -49.30 48.69 62.23
C LEU C 56 -48.61 49.02 60.90
N ALA C 57 -49.32 49.73 60.03
CA ALA C 57 -48.98 49.82 58.61
C ALA C 57 -47.69 50.60 58.34
N VAL C 58 -47.52 51.73 59.03
CA VAL C 58 -46.39 52.63 58.78
C VAL C 58 -45.02 52.11 59.29
N ASP C 59 -45.05 51.09 60.15
CA ASP C 59 -43.84 50.33 60.49
C ASP C 59 -43.38 49.45 59.33
N GLY C 60 -44.31 48.69 58.76
CA GLY C 60 -44.04 47.82 57.61
C GLY C 60 -43.72 48.58 56.32
N LEU C 61 -44.33 49.75 56.16
CA LEU C 61 -44.03 50.65 55.04
C LEU C 61 -42.64 51.28 55.12
N ARG C 62 -42.12 51.46 56.32
CA ARG C 62 -40.77 52.00 56.53
C ARG C 62 -39.70 51.02 56.05
N GLY C 63 -38.68 51.54 55.36
CA GLY C 63 -37.54 50.75 54.91
C GLY C 63 -37.80 49.83 53.73
N ARG C 64 -38.80 50.15 52.91
CA ARG C 64 -38.91 49.60 51.56
C ARG C 64 -37.94 50.30 50.62
N VAL C 65 -37.60 49.65 49.51
CA VAL C 65 -36.58 50.14 48.57
C VAL C 65 -37.15 50.11 47.14
N TYR C 66 -36.84 51.16 46.36
CA TYR C 66 -37.54 51.49 45.13
C TYR C 66 -36.55 51.82 44.01
N GLU C 67 -36.18 50.81 43.23
CA GLU C 67 -35.41 51.02 41.99
C GLU C 67 -36.27 51.69 40.92
N VAL C 68 -35.84 52.89 40.50
CA VAL C 68 -36.60 53.73 39.57
C VAL C 68 -35.64 54.28 38.51
N ASN C 69 -36.12 54.37 37.27
CA ASN C 69 -35.33 54.90 36.16
C ASN C 69 -35.19 56.42 36.28
N LEU C 70 -34.03 56.94 35.87
CA LEU C 70 -33.75 58.38 35.98
C LEU C 70 -34.52 59.20 34.96
N ALA C 71 -34.71 58.66 33.75
CA ALA C 71 -35.48 59.34 32.69
C ALA C 71 -36.97 59.48 33.00
N ASP C 72 -37.49 58.72 33.98
CA ASP C 72 -38.79 59.01 34.58
C ASP C 72 -38.75 60.28 35.44
N LEU C 73 -37.78 60.37 36.34
CA LEU C 73 -37.66 61.52 37.23
C LEU C 73 -37.37 62.80 36.46
N ASN C 74 -36.49 62.70 35.47
CA ASN C 74 -36.16 63.84 34.64
C ASN C 74 -37.40 64.25 33.85
N ASN C 75 -38.16 63.24 33.41
CA ASN C 75 -39.37 63.45 32.65
C ASN C 75 -39.08 63.69 31.17
N ASP C 76 -37.83 63.43 30.79
CA ASP C 76 -37.40 63.60 29.41
C ASP C 76 -36.82 62.27 28.93
N GLU C 77 -36.90 62.01 27.64
CA GLU C 77 -36.41 60.74 27.12
C GLU C 77 -34.90 60.74 26.89
N ASP C 78 -34.18 60.68 28.01
CA ASP C 78 -32.72 60.63 28.02
C ASP C 78 -32.33 59.87 29.28
N GLN C 79 -31.10 59.38 29.32
CA GLN C 79 -30.67 58.62 30.48
C GLN C 79 -31.59 57.45 30.71
N GLY C 80 -31.97 56.78 29.63
CA GLY C 80 -32.85 55.63 29.73
C GLY C 80 -32.08 54.64 30.56
N PHE C 81 -30.78 54.60 30.34
CA PHE C 81 -29.88 53.72 31.08
C PHE C 81 -29.78 54.29 32.49
N ARG C 82 -29.47 53.43 33.44
CA ARG C 82 -29.28 53.79 34.85
C ARG C 82 -30.57 53.76 35.64
N LYS C 83 -30.43 53.54 36.93
CA LYS C 83 -31.56 53.49 37.83
C LYS C 83 -31.14 54.08 39.16
N ILE C 84 -32.07 54.70 39.86
CA ILE C 84 -31.76 55.29 41.15
C ILE C 84 -32.65 54.63 42.20
N LYS C 85 -32.05 54.17 43.30
CA LYS C 85 -32.80 53.50 44.34
C LYS C 85 -33.24 54.43 45.45
N LEU C 86 -34.53 54.39 45.78
CA LEU C 86 -35.07 55.24 46.82
C LEU C 86 -35.79 54.44 47.91
N CYS C 87 -35.47 54.75 49.16
CA CYS C 87 -36.10 54.10 50.31
C CYS C 87 -36.76 55.21 51.09
N CYS C 88 -38.00 55.01 51.52
CA CYS C 88 -38.69 56.06 52.26
C CYS C 88 -38.40 56.03 53.74
N GLU C 89 -37.63 57.02 54.18
CA GLU C 89 -37.25 57.17 55.58
C GLU C 89 -38.43 57.49 56.50
N ASP C 90 -39.34 58.34 56.03
CA ASP C 90 -40.48 58.74 56.85
C ASP C 90 -41.81 58.78 56.10
N ILE C 91 -42.89 58.64 56.86
CA ILE C 91 -44.25 58.69 56.31
C ILE C 91 -45.12 59.67 57.08
N GLN C 92 -45.87 60.49 56.35
CA GLN C 92 -46.76 61.49 56.95
C GLN C 92 -48.05 61.70 56.13
N GLY C 93 -49.08 60.92 56.45
CA GLY C 93 -50.45 61.21 56.02
C GLY C 93 -50.69 60.91 54.55
N ARG C 94 -50.61 59.63 54.20
CA ARG C 94 -50.71 59.16 52.81
C ARG C 94 -49.64 59.74 51.87
N ASN C 95 -48.46 60.04 52.42
CA ASN C 95 -47.29 60.47 51.64
C ASN C 95 -46.02 59.84 52.22
N CYS C 96 -45.10 59.44 51.34
CA CYS C 96 -43.84 58.82 51.75
C CYS C 96 -42.65 59.63 51.23
N LEU C 97 -41.72 59.95 52.14
CA LEU C 97 -40.66 60.91 51.87
C LEU C 97 -39.32 60.17 51.71
N THR C 98 -38.85 60.08 50.47
CA THR C 98 -37.72 59.23 50.12
C THR C 98 -36.40 60.02 50.06
N ASP C 99 -35.43 59.60 50.87
CA ASP C 99 -34.01 59.86 50.61
C ASP C 99 -33.37 58.59 50.04
N PHE C 100 -32.43 58.75 49.11
CA PHE C 100 -32.04 57.65 48.22
C PHE C 100 -31.08 56.65 48.90
N HIS C 101 -31.15 55.40 48.47
CA HIS C 101 -30.35 54.29 49.01
C HIS C 101 -29.07 54.09 48.19
N GLY C 102 -29.20 54.06 46.86
CA GLY C 102 -28.06 53.85 45.98
C GLY C 102 -28.34 54.07 44.50
N MET C 103 -27.30 53.84 43.69
CA MET C 103 -27.34 54.05 42.24
C MET C 103 -27.02 52.74 41.53
N ASP C 104 -27.55 52.58 40.32
CA ASP C 104 -27.32 51.38 39.49
C ASP C 104 -27.41 51.72 38.00
N MET C 105 -26.76 50.90 37.18
CA MET C 105 -26.87 50.97 35.72
C MET C 105 -27.57 49.74 35.17
N THR C 106 -28.30 49.92 34.07
CA THR C 106 -29.04 48.83 33.43
C THR C 106 -28.09 47.93 32.64
N ARG C 107 -28.47 46.66 32.51
CA ARG C 107 -27.62 45.65 31.87
C ARG C 107 -27.60 45.77 30.35
N ASP C 108 -28.63 46.38 29.76
CA ASP C 108 -28.61 46.78 28.35
C ASP C 108 -27.40 47.68 28.02
N LYS C 109 -27.12 48.65 28.89
CA LYS C 109 -26.10 49.66 28.62
C LYS C 109 -24.70 49.08 28.73
N ILE C 110 -24.36 48.55 29.90
CA ILE C 110 -22.99 48.04 30.17
C ILE C 110 -22.56 46.87 29.27
N CYS C 111 -23.52 46.08 28.81
CA CYS C 111 -23.25 44.97 27.89
C CYS C 111 -23.13 45.40 26.41
N SER C 112 -23.83 46.46 26.03
CA SER C 112 -23.61 47.11 24.73
C SER C 112 -22.22 47.72 24.58
N LEU C 113 -21.73 48.31 25.67
CA LEU C 113 -20.40 48.95 25.69
C LEU C 113 -19.24 47.95 25.60
N VAL C 114 -19.42 46.76 26.17
CA VAL C 114 -18.46 45.67 26.04
C VAL C 114 -18.44 45.17 24.59
N ARG C 115 -17.34 45.46 23.89
CA ARG C 115 -17.05 44.86 22.59
C ARG C 115 -15.66 44.22 22.60
N LYS C 116 -15.43 43.36 21.62
CA LYS C 116 -14.17 42.62 21.50
C LYS C 116 -13.07 43.54 20.97
N CYS C 117 -11.83 43.24 21.37
CA CYS C 117 -10.64 44.03 21.04
C CYS C 117 -10.67 45.46 21.62
N HIS C 118 -11.08 45.57 22.88
CA HIS C 118 -10.81 46.75 23.71
C HIS C 118 -10.39 46.32 25.12
N SER C 119 -9.80 47.27 25.86
CA SER C 119 -9.37 47.02 27.24
C SER C 119 -10.40 47.56 28.23
N LEU C 120 -11.14 46.64 28.87
CA LEU C 120 -12.05 46.98 29.96
C LEU C 120 -11.25 47.28 31.23
N ILE C 121 -11.42 48.49 31.76
CA ILE C 121 -10.83 48.88 33.05
C ILE C 121 -11.95 48.98 34.08
N GLU C 122 -11.65 48.57 35.31
CA GLU C 122 -12.56 48.71 36.45
C GLU C 122 -11.84 49.24 37.68
N ALA C 123 -12.61 49.78 38.62
CA ALA C 123 -12.07 50.39 39.84
C ALA C 123 -13.14 50.49 40.93
N PHE C 124 -12.70 50.66 42.17
CA PHE C 124 -13.60 51.01 43.28
C PHE C 124 -12.83 51.66 44.43
N VAL C 125 -13.52 52.51 45.19
CA VAL C 125 -13.07 52.92 46.53
C VAL C 125 -14.26 52.97 47.49
N ASP C 126 -14.03 52.53 48.73
CA ASP C 126 -14.90 52.85 49.86
C ASP C 126 -14.61 54.25 50.39
N VAL C 127 -15.58 55.16 50.26
CA VAL C 127 -15.36 56.59 50.52
C VAL C 127 -16.36 57.13 51.55
N THR C 128 -15.89 58.04 52.41
CA THR C 128 -16.71 58.67 53.44
C THR C 128 -17.02 60.11 53.03
N THR C 129 -18.30 60.47 53.02
CA THR C 129 -18.73 61.86 52.86
C THR C 129 -18.58 62.64 54.18
N LEU C 130 -18.76 63.97 54.10
CA LEU C 130 -18.79 64.82 55.30
C LEU C 130 -20.04 64.59 56.13
N ASP C 131 -21.18 64.41 55.46
CA ASP C 131 -22.33 63.74 56.04
C ASP C 131 -21.99 62.29 56.37
N GLY C 132 -22.53 61.77 57.48
CA GLY C 132 -21.96 60.63 58.19
C GLY C 132 -21.66 59.38 57.38
N TYR C 133 -22.54 59.06 56.43
CA TYR C 133 -22.57 57.73 55.81
C TYR C 133 -21.52 57.54 54.71
N THR C 134 -21.27 56.28 54.37
CA THR C 134 -20.14 55.86 53.53
C THR C 134 -20.62 55.03 52.34
N LEU C 135 -19.87 55.11 51.25
CA LEU C 135 -20.30 54.64 49.93
C LEU C 135 -19.22 53.79 49.28
N ARG C 136 -19.61 52.92 48.35
CA ARG C 136 -18.64 52.08 47.64
C ARG C 136 -18.82 52.19 46.12
N MET C 137 -18.34 53.28 45.54
CA MET C 137 -18.44 53.56 44.10
C MET C 137 -17.61 52.69 43.16
N PHE C 138 -18.14 52.48 41.95
CA PHE C 138 -17.46 51.68 40.92
C PHE C 138 -17.38 52.46 39.61
N CYS C 139 -16.33 52.23 38.83
CA CYS C 139 -16.16 52.93 37.56
C CYS C 139 -15.73 51.98 36.43
N ILE C 140 -16.24 52.19 35.23
CA ILE C 140 -15.84 51.39 34.08
C ILE C 140 -15.38 52.27 32.94
N ALA C 141 -14.16 52.03 32.45
CA ALA C 141 -13.62 52.82 31.36
C ALA C 141 -13.09 51.93 30.25
N PHE C 142 -13.42 52.27 29.01
CA PHE C 142 -12.96 51.48 27.87
C PHE C 142 -12.08 52.32 26.95
N THR C 143 -10.92 51.80 26.58
CA THR C 143 -10.02 52.52 25.69
C THR C 143 -10.68 52.65 24.32
N LYS C 144 -10.45 53.76 23.64
CA LYS C 144 -11.04 54.01 22.33
C LYS C 144 -10.06 54.25 21.20
N ARG C 145 -10.26 53.57 20.07
CA ARG C 145 -9.41 53.77 18.91
C ARG C 145 -9.46 55.23 18.46
N ARG C 146 -8.35 55.71 17.92
CA ARG C 146 -8.28 57.06 17.34
C ARG C 146 -8.96 57.10 15.96
N PRO C 147 -9.19 58.31 15.43
CA PRO C 147 -9.41 58.44 13.98
C PRO C 147 -8.15 58.10 13.17
N GLU C 148 -8.35 57.58 11.96
CA GLU C 148 -7.27 57.19 11.04
C GLU C 148 -6.35 56.08 11.59
N GLN C 149 -6.89 55.22 12.45
CA GLN C 149 -6.10 54.15 13.03
C GLN C 149 -6.39 52.85 12.30
N VAL C 150 -5.34 52.27 11.72
CA VAL C 150 -5.46 51.03 10.97
C VAL C 150 -5.19 49.80 11.81
N LYS C 151 -4.81 49.97 13.07
CA LYS C 151 -4.53 48.82 13.90
C LYS C 151 -5.77 47.98 14.12
N SER C 152 -5.60 46.67 14.02
CA SER C 152 -6.71 45.74 14.19
C SER C 152 -7.35 45.72 15.58
N THR C 153 -6.55 45.83 16.64
CA THR C 153 -7.11 45.77 17.99
C THR C 153 -7.05 47.02 18.86
N CYS C 154 -5.91 47.22 19.53
CA CYS C 154 -5.62 48.31 20.47
C CYS C 154 -5.80 47.82 21.91
N TYR C 155 -4.83 48.09 22.76
CA TYR C 155 -4.88 47.65 24.14
C TYR C 155 -4.05 48.54 25.05
N ALA C 156 -4.29 48.43 26.35
CA ALA C 156 -3.56 49.19 27.33
C ALA C 156 -2.57 48.24 27.97
N GLN C 157 -1.33 48.66 28.14
CA GLN C 157 -0.31 47.80 28.71
C GLN C 157 -0.30 47.76 30.23
N THR C 158 -1.18 46.95 30.80
CA THR C 158 -1.33 46.73 32.24
C THR C 158 -0.77 47.84 33.13
N SER C 159 0.48 48.20 32.89
CA SER C 159 1.11 49.26 33.66
C SER C 159 0.33 50.52 33.41
N GLN C 160 -0.06 50.71 32.15
CA GLN C 160 -0.84 51.88 31.78
C GLN C 160 -2.18 51.81 32.48
N ILE C 161 -2.73 50.61 32.54
CA ILE C 161 -4.01 50.40 33.20
C ILE C 161 -3.95 50.71 34.70
N ARG C 162 -2.87 50.31 35.36
CA ARG C 162 -2.74 50.57 36.78
C ARG C 162 -2.72 52.06 37.05
N ALA C 163 -1.99 52.81 36.23
CA ALA C 163 -1.90 54.25 36.42
C ALA C 163 -3.28 54.87 36.23
N ILE C 164 -4.00 54.41 35.22
CA ILE C 164 -5.33 54.92 34.95
C ILE C 164 -6.28 54.58 36.09
N ARG C 165 -6.17 53.36 36.60
CA ARG C 165 -7.04 52.92 37.68
C ARG C 165 -6.81 53.72 38.95
N LYS C 166 -5.55 53.96 39.30
CA LYS C 166 -5.25 54.72 40.50
C LYS C 166 -5.80 56.12 40.33
N LYS C 167 -5.66 56.65 39.12
CA LYS C 167 -6.16 57.98 38.81
C LYS C 167 -7.66 58.02 38.98
N MET C 168 -8.34 56.96 38.56
CA MET C 168 -9.79 56.93 38.69
C MET C 168 -10.25 56.96 40.14
N MET C 169 -9.62 56.15 40.98
CA MET C 169 -10.00 56.13 42.39
C MET C 169 -9.69 57.45 43.12
N THR C 170 -8.55 58.04 42.83
CA THR C 170 -8.21 59.29 43.48
C THR C 170 -9.21 60.37 43.11
N ILE C 171 -9.55 60.45 41.83
CA ILE C 171 -10.53 61.43 41.39
C ILE C 171 -11.89 61.15 42.01
N MET C 172 -12.28 59.89 42.03
CA MET C 172 -13.57 59.52 42.60
C MET C 172 -13.60 59.80 44.08
N SER C 173 -12.51 59.47 44.77
CA SER C 173 -12.44 59.67 46.20
C SER C 173 -12.50 61.14 46.57
N ALA C 174 -11.81 61.98 45.81
CA ALA C 174 -11.80 63.40 46.10
C ALA C 174 -13.18 64.03 45.97
N GLU C 175 -13.91 63.65 44.93
CA GLU C 175 -15.24 64.19 44.72
C GLU C 175 -16.23 63.81 45.81
N ALA C 176 -16.26 62.54 46.20
CA ALA C 176 -17.18 62.11 47.23
C ALA C 176 -16.88 62.74 48.58
N SER C 177 -15.61 62.82 48.92
CA SER C 177 -15.18 63.39 50.20
C SER C 177 -15.49 64.86 50.39
N LYS C 178 -15.26 65.66 49.35
CA LYS C 178 -15.52 67.09 49.42
C LYS C 178 -16.98 67.47 49.60
N CYS C 179 -17.85 66.75 48.90
CA CYS C 179 -19.28 67.04 48.93
C CYS C 179 -20.12 66.08 49.76
N GLN C 180 -21.13 66.63 50.41
CA GLN C 180 -22.04 65.84 51.24
C GLN C 180 -22.92 65.02 50.32
N LEU C 181 -23.61 64.03 50.87
CA LEU C 181 -24.43 63.14 50.05
C LEU C 181 -25.50 63.87 49.24
N ARG C 182 -26.14 64.87 49.82
CA ARG C 182 -27.15 65.59 49.07
C ARG C 182 -26.47 66.23 47.86
N ASP C 183 -25.31 66.82 48.11
CA ASP C 183 -24.53 67.47 47.04
C ASP C 183 -24.04 66.46 46.01
N LEU C 184 -23.61 65.30 46.50
CA LEU C 184 -23.07 64.25 45.63
C LEU C 184 -24.06 63.70 44.61
N VAL C 185 -25.32 63.55 45.00
CA VAL C 185 -26.32 63.03 44.09
C VAL C 185 -26.45 63.98 42.91
N LYS C 186 -26.34 65.28 43.18
CA LYS C 186 -26.44 66.29 42.14
C LYS C 186 -25.35 66.10 41.10
N LYS C 187 -24.16 65.72 41.55
CA LYS C 187 -23.04 65.51 40.64
C LYS C 187 -23.35 64.37 39.67
N PHE C 188 -24.03 63.35 40.17
CA PHE C 188 -24.41 62.18 39.38
C PHE C 188 -25.37 62.45 38.21
N ILE C 189 -26.32 63.36 38.42
CA ILE C 189 -27.31 63.66 37.39
C ILE C 189 -26.71 64.19 36.09
N PRO C 190 -25.69 65.11 36.21
CA PRO C 190 -25.14 65.59 34.93
C PRO C 190 -24.01 64.69 34.46
N GLU C 191 -23.68 63.69 35.27
CA GLU C 191 -22.60 62.76 34.97
C GLU C 191 -21.28 63.51 34.80
N SER C 192 -21.13 64.55 35.61
CA SER C 192 -19.92 65.37 35.60
C SER C 192 -18.68 64.60 36.02
N ILE C 193 -18.84 63.73 37.01
CA ILE C 193 -17.71 62.94 37.51
C ILE C 193 -17.12 62.05 36.42
N GLY C 194 -17.96 61.46 35.59
CA GLY C 194 -17.44 60.61 34.54
C GLY C 194 -16.59 61.40 33.58
N LYS C 195 -17.04 62.60 33.23
CA LYS C 195 -16.30 63.46 32.31
C LYS C 195 -14.96 63.89 32.87
N ASP C 196 -14.91 64.18 34.15
CA ASP C 196 -13.68 64.64 34.79
C ASP C 196 -12.56 63.62 34.73
N ILE C 197 -12.87 62.36 34.97
CA ILE C 197 -11.85 61.32 34.96
C ILE C 197 -11.22 61.19 33.58
N GLU C 198 -12.05 61.27 32.56
CA GLU C 198 -11.62 61.12 31.16
C GLU C 198 -10.59 62.19 30.75
N ASN C 199 -10.85 63.43 31.13
CA ASN C 199 -9.98 64.56 30.74
C ASN C 199 -8.66 64.62 31.52
N ALA C 200 -8.65 64.07 32.73
CA ALA C 200 -7.40 63.86 33.48
C ALA C 200 -6.52 62.76 32.88
N CYS C 201 -7.15 61.66 32.48
CA CYS C 201 -6.42 60.44 32.07
C CYS C 201 -5.91 60.42 30.63
N LYS C 202 -6.20 61.44 29.83
CA LYS C 202 -5.73 61.40 28.44
C LYS C 202 -4.22 61.28 28.41
N GLY C 203 -3.53 61.99 29.28
CA GLY C 203 -2.08 61.90 29.35
C GLY C 203 -1.50 60.49 29.27
N ILE C 204 -2.24 59.51 29.78
CA ILE C 204 -1.85 58.09 29.69
C ILE C 204 -2.52 57.43 28.49
N PHE C 205 -3.85 57.50 28.43
CA PHE C 205 -4.65 56.80 27.43
C PHE C 205 -6.00 57.50 27.26
N PRO C 206 -6.51 57.63 26.01
CA PRO C 206 -7.69 58.48 25.77
C PRO C 206 -8.98 58.10 26.53
N LEU C 207 -9.34 56.82 26.49
CA LEU C 207 -10.60 56.30 27.07
C LEU C 207 -11.89 56.79 26.39
N GLN C 208 -12.97 56.04 26.62
CA GLN C 208 -14.32 56.48 26.26
C GLN C 208 -15.34 55.99 27.29
N ASN C 209 -16.57 56.52 27.18
CA ASN C 209 -17.68 56.20 28.07
C ASN C 209 -17.44 56.67 29.52
N VAL C 210 -16.65 55.92 30.29
CA VAL C 210 -16.26 56.30 31.65
C VAL C 210 -17.47 56.62 32.55
N PHE C 211 -18.24 55.58 32.87
CA PHE C 211 -19.41 55.71 33.76
C PHE C 211 -19.06 55.37 35.21
N ILE C 212 -19.98 55.74 36.09
CA ILE C 212 -19.86 55.50 37.54
C ILE C 212 -20.58 54.20 37.95
N ARG C 213 -21.51 53.73 37.12
CA ARG C 213 -22.00 52.34 37.14
C ARG C 213 -22.92 52.06 38.33
N LYS C 214 -22.35 51.97 39.53
CA LYS C 214 -23.05 51.45 40.71
C LYS C 214 -22.52 52.11 41.99
N VAL C 215 -23.43 52.35 42.94
CA VAL C 215 -23.09 52.88 44.26
C VAL C 215 -23.90 52.16 45.33
N LYS C 216 -23.28 51.91 46.48
CA LYS C 216 -23.84 51.09 47.55
C LYS C 216 -23.62 51.75 48.91
N MET C 217 -24.70 52.17 49.57
CA MET C 217 -24.61 52.70 50.94
C MET C 217 -24.38 51.59 51.95
N LEU C 218 -23.35 51.75 52.78
CA LEU C 218 -22.93 50.73 53.75
C LEU C 218 -23.35 51.06 55.19
N LYS C 219 -23.85 52.28 55.43
CA LYS C 219 -24.08 52.79 56.79
C LYS C 219 -25.52 53.29 56.96
N LYS C 220 -25.84 54.42 56.33
CA LYS C 220 -26.91 55.34 56.77
C LYS C 220 -26.78 55.77 58.24
N PRO C 221 -26.37 57.03 58.50
CA PRO C 221 -25.65 57.32 59.73
C PRO C 221 -26.56 57.44 60.96
N LYS C 222 -27.46 58.42 60.95
CA LYS C 222 -28.68 58.40 61.79
C LYS C 222 -29.89 58.83 60.96
N PHE C 223 -31.07 58.77 61.56
CA PHE C 223 -32.32 59.14 60.89
C PHE C 223 -32.39 60.63 60.60
N ASP C 224 -32.40 61.45 61.65
CA ASP C 224 -32.39 62.93 61.56
C ASP C 224 -33.54 63.51 60.74
N LEU C 225 -34.65 63.81 61.41
CA LEU C 225 -35.88 64.26 60.76
C LEU C 225 -35.75 65.65 60.14
N THR C 226 -35.13 66.58 60.89
CA THR C 226 -34.98 67.97 60.46
C THR C 226 -34.09 68.16 59.22
N LYS C 227 -33.09 67.28 59.05
CA LYS C 227 -32.21 67.31 57.87
C LYS C 227 -32.92 66.82 56.61
N LEU C 228 -33.79 65.81 56.75
CA LEU C 228 -34.53 65.24 55.63
C LEU C 228 -35.63 66.16 55.07
N MET C 229 -36.22 66.98 55.94
CA MET C 229 -37.26 67.95 55.53
C MET C 229 -36.71 69.11 54.70
N GLU C 230 -35.43 69.43 54.87
CA GLU C 230 -34.74 70.41 54.01
C GLU C 230 -34.62 69.94 52.54
N LEU C 231 -34.47 68.64 52.35
CA LEU C 231 -34.42 68.04 51.01
C LEU C 231 -35.79 68.12 50.30
N HIS C 232 -36.84 67.68 50.99
CA HIS C 232 -38.21 67.76 50.46
C HIS C 232 -38.79 69.16 50.62
N GLY C 233 -38.67 69.96 49.55
CA GLY C 233 -39.10 71.36 49.58
C GLY C 233 -40.59 71.55 49.37
N LEU D 34 3.43 -0.04 -44.30
CA LEU D 34 2.57 0.81 -43.41
C LEU D 34 3.44 1.80 -42.61
N LYS D 35 3.11 3.09 -42.61
CA LYS D 35 2.00 3.67 -43.34
C LYS D 35 2.37 5.14 -43.48
N ASP D 36 1.73 5.88 -44.38
CA ASP D 36 2.08 7.29 -44.54
C ASP D 36 1.24 8.17 -43.61
N TRP D 37 1.79 8.45 -42.44
CA TRP D 37 1.13 9.30 -41.46
C TRP D 37 1.18 10.75 -41.90
N VAL D 38 0.16 11.52 -41.53
CA VAL D 38 0.16 12.93 -41.87
C VAL D 38 0.81 13.62 -40.69
N PRO D 39 2.07 14.16 -40.94
CA PRO D 39 2.69 14.78 -39.77
C PRO D 39 1.94 16.01 -39.24
N ILE D 40 1.90 16.11 -37.92
CA ILE D 40 1.26 17.22 -37.24
C ILE D 40 2.31 17.89 -36.37
N THR D 41 2.35 19.22 -36.41
CA THR D 41 3.31 20.04 -35.66
C THR D 41 4.55 20.29 -36.49
N LYS D 42 5.37 21.24 -36.05
CA LYS D 42 6.59 21.62 -36.77
C LYS D 42 7.58 20.48 -36.88
N LEU D 43 7.78 19.74 -35.80
CA LEU D 43 8.72 18.62 -35.80
C LEU D 43 8.28 17.51 -36.75
N GLY D 44 6.99 17.22 -36.77
CA GLY D 44 6.49 16.17 -37.63
C GLY D 44 6.76 16.47 -39.09
N ARG D 45 6.53 17.71 -39.50
CA ARG D 45 6.77 18.10 -40.89
C ARG D 45 8.24 17.99 -41.29
N LEU D 46 9.12 18.45 -40.42
CA LEU D 46 10.54 18.43 -40.71
C LEU D 46 11.17 17.05 -40.87
N VAL D 47 10.82 16.13 -39.98
CA VAL D 47 11.38 14.79 -40.06
C VAL D 47 10.98 14.01 -41.32
N ARG D 48 9.72 14.10 -41.72
CA ARG D 48 9.29 13.36 -42.90
C ARG D 48 10.03 13.85 -44.14
N ASP D 49 10.20 15.16 -44.24
CA ASP D 49 10.90 15.73 -45.37
C ASP D 49 12.34 15.25 -45.39
N GLY D 50 12.94 15.16 -44.21
CA GLY D 50 14.33 14.72 -44.07
C GLY D 50 15.28 15.90 -43.96
N LYS D 51 14.90 16.88 -43.13
CA LYS D 51 15.67 18.11 -42.93
C LYS D 51 16.55 17.98 -41.69
N ILE D 52 15.93 17.57 -40.58
CA ILE D 52 16.65 17.21 -39.36
C ILE D 52 17.36 15.87 -39.58
N SER D 53 18.64 15.81 -39.21
CA SER D 53 19.52 14.71 -39.59
C SER D 53 19.36 13.52 -38.66
N SER D 54 19.45 13.76 -37.35
CA SER D 54 19.34 12.71 -36.33
C SER D 54 18.95 13.26 -34.96
N ILE D 55 18.53 12.36 -34.07
CA ILE D 55 17.83 12.73 -32.83
C ILE D 55 18.65 13.50 -31.79
N GLU D 56 19.98 13.43 -31.89
CA GLU D 56 20.86 14.28 -31.06
C GLU D 56 20.68 15.79 -31.30
N GLU D 57 20.24 16.17 -32.50
CA GLU D 57 19.84 17.55 -32.80
C GLU D 57 18.56 17.97 -32.05
N ILE D 58 17.60 17.05 -31.95
CA ILE D 58 16.37 17.28 -31.17
C ILE D 58 16.66 17.34 -29.67
N TYR D 59 17.46 16.41 -29.18
CA TYR D 59 17.80 16.34 -27.75
C TYR D 59 18.65 17.53 -27.25
N LEU D 60 19.40 18.17 -28.16
CA LEU D 60 20.20 19.34 -27.81
C LEU D 60 19.33 20.53 -27.41
N PHE D 61 18.36 20.86 -28.27
CA PHE D 61 17.42 21.96 -28.03
C PHE D 61 16.16 21.56 -27.25
N SER D 62 16.06 20.27 -26.90
CA SER D 62 15.22 19.80 -25.80
C SER D 62 13.72 19.87 -26.14
N LEU D 63 13.40 19.47 -27.37
CA LEU D 63 12.07 19.67 -27.95
C LEU D 63 11.22 18.41 -27.76
N PRO D 64 9.95 18.58 -27.33
CA PRO D 64 9.11 17.41 -27.06
C PRO D 64 8.64 16.70 -28.33
N ILE D 65 9.02 15.43 -28.46
CA ILE D 65 8.58 14.58 -29.57
C ILE D 65 7.21 14.00 -29.22
N LYS D 66 6.18 14.45 -29.94
CA LYS D 66 4.78 14.17 -29.58
C LYS D 66 4.18 13.00 -30.35
N GLU D 67 4.60 12.80 -31.60
CA GLU D 67 4.29 11.58 -32.36
C GLU D 67 5.44 10.58 -32.31
N TYR D 68 5.10 9.30 -32.19
CA TYR D 68 6.07 8.20 -32.29
C TYR D 68 6.59 7.96 -33.71
N GLN D 69 5.87 8.47 -34.72
CA GLN D 69 6.28 8.35 -36.12
C GLN D 69 7.58 9.11 -36.46
N ILE D 70 7.89 10.14 -35.66
CA ILE D 70 9.20 10.82 -35.75
C ILE D 70 10.35 9.87 -35.42
N ILE D 71 10.22 9.15 -34.31
CA ILE D 71 11.28 8.26 -33.81
C ILE D 71 11.31 6.91 -34.55
N ASP D 72 10.16 6.49 -35.09
CA ASP D 72 10.09 5.38 -36.06
C ASP D 72 10.95 5.64 -37.33
N HIS D 73 11.03 6.89 -37.76
CA HIS D 73 11.82 7.26 -38.94
C HIS D 73 13.32 7.03 -38.76
N PHE D 74 13.87 7.50 -37.66
CA PHE D 74 15.30 7.36 -37.41
C PHE D 74 15.75 5.91 -37.31
N PHE D 75 15.00 5.09 -36.57
CA PHE D 75 15.37 3.69 -36.42
C PHE D 75 14.75 2.79 -37.49
N GLN D 76 15.17 2.98 -38.74
CA GLN D 76 14.69 2.18 -39.85
C GLN D 76 15.30 0.78 -39.87
N PRO D 77 14.49 -0.25 -40.35
CA PRO D 77 15.13 -1.57 -40.35
C PRO D 77 16.34 -1.65 -41.27
N GLY D 78 17.37 -2.36 -40.83
CA GLY D 78 18.59 -2.51 -41.61
C GLY D 78 19.38 -1.21 -41.59
N ASN D 79 18.71 -0.15 -42.03
CA ASN D 79 19.29 1.18 -42.09
C ASN D 79 19.67 1.78 -40.73
N CYS D 80 18.86 1.50 -39.71
CA CYS D 80 19.07 2.05 -38.38
C CYS D 80 20.41 1.72 -37.71
N ALA D 81 20.87 0.47 -37.79
CA ALA D 81 22.15 0.14 -37.16
C ALA D 81 22.19 0.63 -35.71
N ALA D 82 21.29 0.13 -34.87
CA ALA D 82 20.38 -0.96 -35.21
C ALA D 82 18.93 -0.65 -34.90
N PRO D 83 18.01 -1.49 -35.51
CA PRO D 83 16.61 -1.17 -35.23
C PRO D 83 16.27 -1.24 -33.75
N LEU D 84 15.35 -0.39 -33.32
CA LEU D 84 14.92 -0.35 -31.94
C LEU D 84 14.31 -1.70 -31.57
N LYS D 85 14.61 -2.17 -30.36
CA LYS D 85 14.09 -3.45 -29.90
C LYS D 85 13.17 -3.24 -28.71
N ASP D 86 12.01 -3.90 -28.74
CA ASP D 86 11.03 -3.77 -27.66
C ASP D 86 10.77 -5.09 -26.96
N ASP D 87 10.81 -5.06 -25.63
CA ASP D 87 10.55 -6.24 -24.82
C ASP D 87 9.52 -5.87 -23.77
N VAL D 88 8.60 -6.79 -23.47
CA VAL D 88 7.57 -6.49 -22.48
C VAL D 88 8.03 -6.93 -21.11
N MET D 89 8.35 -5.96 -20.25
CA MET D 89 8.84 -6.26 -18.92
C MET D 89 7.84 -6.97 -18.00
N LYS D 90 6.61 -6.48 -17.95
CA LYS D 90 5.62 -7.10 -17.09
C LYS D 90 4.17 -6.76 -17.43
N ILE D 91 3.26 -7.65 -17.06
CA ILE D 91 1.84 -7.43 -17.27
C ILE D 91 1.19 -7.57 -15.90
N MET D 92 0.47 -6.56 -15.46
CA MET D 92 -0.16 -6.61 -14.16
C MET D 92 -1.66 -6.36 -14.19
N PRO D 93 -2.45 -7.34 -13.62
CA PRO D 93 -3.90 -7.05 -13.66
C PRO D 93 -4.29 -6.09 -12.55
N VAL D 94 -5.03 -5.05 -12.91
CA VAL D 94 -5.48 -4.04 -11.95
C VAL D 94 -7.01 -4.07 -11.90
N GLN D 95 -7.56 -4.04 -10.70
CA GLN D 95 -9.00 -4.09 -10.53
C GLN D 95 -9.57 -2.91 -9.76
N LYS D 96 -10.70 -2.41 -10.24
CA LYS D 96 -11.40 -1.32 -9.58
C LYS D 96 -12.71 -1.91 -9.12
N GLN D 97 -13.01 -1.79 -7.83
CA GLN D 97 -14.24 -2.34 -7.30
C GLN D 97 -15.32 -1.30 -7.37
N THR D 98 -16.26 -1.46 -8.28
CA THR D 98 -17.33 -0.50 -8.40
C THR D 98 -18.71 -1.13 -8.53
N ARG D 99 -19.65 -0.69 -7.69
CA ARG D 99 -21.01 -1.20 -7.76
C ARG D 99 -21.04 -2.72 -7.69
N ALA D 100 -21.74 -3.36 -8.64
CA ALA D 100 -21.83 -4.81 -8.69
C ALA D 100 -20.79 -5.33 -9.66
N GLY D 101 -20.01 -6.30 -9.20
CA GLY D 101 -18.96 -6.88 -10.01
C GLY D 101 -17.69 -6.07 -9.89
N GLN D 102 -16.63 -6.53 -10.53
CA GLN D 102 -15.35 -5.85 -10.50
C GLN D 102 -14.83 -5.71 -11.91
N ARG D 103 -14.20 -4.59 -12.20
CA ARG D 103 -13.67 -4.37 -13.54
C ARG D 103 -12.16 -4.45 -13.50
N THR D 104 -11.59 -5.29 -14.36
CA THR D 104 -10.15 -5.47 -14.39
C THR D 104 -9.53 -5.00 -15.69
N ARG D 105 -8.47 -4.23 -15.58
CA ARG D 105 -7.72 -3.69 -16.70
C ARG D 105 -6.31 -4.20 -16.56
N PHE D 106 -5.57 -4.28 -17.65
CA PHE D 106 -4.20 -4.78 -17.58
C PHE D 106 -3.17 -3.69 -17.82
N LYS D 107 -2.22 -3.54 -16.89
CA LYS D 107 -1.18 -2.53 -17.03
C LYS D 107 0.10 -3.18 -17.54
N ALA D 108 0.61 -2.70 -18.68
CA ALA D 108 1.75 -3.32 -19.37
C ALA D 108 2.96 -2.39 -19.32
N PHE D 109 3.99 -2.80 -18.58
CA PHE D 109 5.29 -2.13 -18.58
C PHE D 109 6.13 -2.63 -19.75
N VAL D 110 6.62 -1.71 -20.58
CA VAL D 110 7.49 -2.04 -21.72
C VAL D 110 8.68 -1.09 -21.77
N ALA D 111 9.89 -1.65 -21.70
CA ALA D 111 11.12 -0.94 -22.04
C ALA D 111 11.52 -1.19 -23.49
N VAL D 112 12.22 -0.23 -24.08
CA VAL D 112 12.63 -0.37 -25.47
C VAL D 112 13.94 0.34 -25.71
N GLY D 113 14.85 -0.30 -26.42
CA GLY D 113 16.11 0.34 -26.69
C GLY D 113 16.90 -0.27 -27.82
N ASP D 114 17.84 0.51 -28.33
CA ASP D 114 18.73 0.04 -29.36
C ASP D 114 20.04 0.14 -28.61
N SER D 115 20.82 -0.92 -28.60
CA SER D 115 22.08 -0.84 -27.91
C SER D 115 22.89 0.24 -28.62
N ASN D 116 23.51 1.09 -27.82
CA ASN D 116 24.34 2.21 -28.27
C ASN D 116 23.87 3.55 -27.72
N GLY D 117 23.47 3.56 -26.45
CA GLY D 117 23.03 4.77 -25.78
C GLY D 117 21.60 5.26 -25.87
N HIS D 118 20.72 4.51 -26.53
CA HIS D 118 19.33 4.95 -26.61
C HIS D 118 18.41 3.97 -25.91
N CYS D 119 17.62 4.49 -24.96
CA CYS D 119 16.70 3.67 -24.19
C CYS D 119 15.41 4.43 -23.91
N GLY D 120 14.38 3.69 -23.56
CA GLY D 120 13.06 4.27 -23.26
C GLY D 120 12.25 3.39 -22.32
N LEU D 121 11.23 3.98 -21.71
CA LEU D 121 10.42 3.32 -20.69
C LEU D 121 9.00 3.88 -20.71
N GLY D 122 8.02 2.99 -20.85
CA GLY D 122 6.62 3.37 -21.10
C GLY D 122 5.63 2.41 -20.47
N VAL D 123 4.49 2.97 -20.04
CA VAL D 123 3.41 2.21 -19.40
C VAL D 123 2.06 2.62 -20.00
N LYS D 124 1.16 1.65 -20.17
CA LYS D 124 -0.26 1.92 -20.40
C LYS D 124 -1.14 0.81 -19.85
N CYS D 125 -2.38 1.17 -19.50
CA CYS D 125 -3.41 0.23 -19.07
C CYS D 125 -4.60 0.22 -20.03
N ALA D 126 -5.22 -0.95 -20.19
CA ALA D 126 -6.36 -1.13 -21.08
C ALA D 126 -7.14 -2.40 -20.74
N LYS D 127 -8.34 -2.52 -21.30
CA LYS D 127 -9.27 -3.60 -20.95
C LYS D 127 -8.82 -4.98 -21.45
N GLU D 128 -8.26 -5.00 -22.67
CA GLU D 128 -7.58 -6.18 -23.21
C GLU D 128 -6.07 -6.03 -23.14
N VAL D 129 -5.36 -7.15 -23.27
CA VAL D 129 -3.92 -7.23 -22.97
C VAL D 129 -3.10 -6.68 -24.13
N ALA D 130 -3.42 -7.12 -25.35
CA ALA D 130 -2.69 -6.70 -26.55
C ALA D 130 -2.86 -5.21 -26.88
N THR D 131 -4.04 -4.66 -26.56
CA THR D 131 -4.32 -3.23 -26.74
C THR D 131 -3.52 -2.33 -25.78
N ALA D 132 -3.17 -2.85 -24.61
CA ALA D 132 -2.26 -2.18 -23.68
C ALA D 132 -0.82 -2.11 -24.20
N ILE D 133 -0.35 -3.20 -24.79
CA ILE D 133 1.06 -3.34 -25.19
C ILE D 133 1.38 -2.49 -26.43
N ARG D 134 0.42 -2.39 -27.36
CA ARG D 134 0.48 -1.42 -28.45
C ARG D 134 0.80 -0.01 -27.95
N GLY D 135 -0.05 0.50 -27.06
CA GLY D 135 0.09 1.85 -26.52
C GLY D 135 1.25 2.03 -25.56
N ALA D 136 1.65 0.95 -24.88
CA ALA D 136 2.85 0.93 -24.03
C ALA D 136 4.13 1.12 -24.83
N ILE D 137 4.22 0.46 -25.98
CA ILE D 137 5.36 0.62 -26.90
C ILE D 137 5.41 2.03 -27.51
N ILE D 138 4.24 2.59 -27.82
CA ILE D 138 4.15 3.98 -28.30
C ILE D 138 4.64 4.97 -27.23
N ALA D 139 4.19 4.77 -26.00
CA ALA D 139 4.63 5.61 -24.87
C ALA D 139 6.12 5.43 -24.53
N ALA D 140 6.64 4.22 -24.72
CA ALA D 140 8.06 3.93 -24.53
C ALA D 140 8.95 4.67 -25.53
N LYS D 141 8.52 4.68 -26.79
CA LYS D 141 9.23 5.42 -27.85
C LYS D 141 9.19 6.94 -27.64
N LEU D 142 8.05 7.46 -27.20
CA LEU D 142 7.91 8.89 -26.90
C LEU D 142 8.79 9.36 -25.74
N SER D 143 8.97 8.51 -24.73
CA SER D 143 9.87 8.77 -23.61
C SER D 143 11.24 8.12 -23.84
N LEU D 144 11.88 8.47 -24.95
CA LEU D 144 13.19 7.91 -25.33
C LEU D 144 14.27 8.93 -25.00
N VAL D 145 15.29 8.48 -24.27
CA VAL D 145 16.25 9.35 -23.60
C VAL D 145 17.66 8.88 -23.93
N PRO D 146 18.56 9.81 -24.34
CA PRO D 146 19.95 9.43 -24.58
C PRO D 146 20.73 9.24 -23.29
N VAL D 147 21.67 8.29 -23.30
CA VAL D 147 22.47 7.91 -22.12
C VAL D 147 23.95 8.05 -22.48
N ARG D 148 24.64 8.98 -21.83
CA ARG D 148 26.10 9.07 -21.97
C ARG D 148 26.76 7.95 -21.18
N ARG D 149 27.93 7.53 -21.63
CA ARG D 149 28.64 6.39 -21.06
C ARG D 149 30.15 6.61 -21.09
N GLY D 150 30.84 6.05 -20.10
CA GLY D 150 32.21 6.44 -19.77
C GLY D 150 33.18 5.28 -19.79
N TYR D 151 34.41 5.57 -19.38
CA TYR D 151 35.41 4.56 -19.04
C TYR D 151 35.72 4.65 -17.55
N TRP D 152 36.13 3.54 -16.97
CA TRP D 152 36.26 3.42 -15.51
C TRP D 152 37.62 3.91 -14.98
N GLY D 153 38.67 3.81 -15.80
CA GLY D 153 39.99 4.37 -15.46
C GLY D 153 40.78 4.75 -16.71
N ASN D 154 41.48 3.77 -17.28
CA ASN D 154 42.05 3.89 -18.62
C ASN D 154 40.93 3.85 -19.67
N LYS D 155 41.13 4.58 -20.76
CA LYS D 155 40.05 4.90 -21.71
C LYS D 155 40.48 4.61 -23.15
N ILE D 156 40.35 3.34 -23.53
CA ILE D 156 40.66 2.87 -24.89
C ILE D 156 39.47 2.11 -25.45
N GLY D 157 39.02 2.50 -26.63
CA GLY D 157 38.25 1.62 -27.52
C GLY D 157 36.78 1.50 -27.12
N GLU D 158 36.06 2.61 -27.24
CA GLU D 158 34.59 2.68 -27.09
C GLU D 158 34.10 2.50 -25.65
N PRO D 159 33.27 3.44 -25.15
CA PRO D 159 32.85 3.41 -23.73
C PRO D 159 31.86 2.30 -23.41
N HIS D 160 31.84 1.89 -22.14
CA HIS D 160 31.30 0.58 -21.73
C HIS D 160 30.58 0.55 -20.37
N THR D 161 30.27 1.72 -19.80
CA THR D 161 29.92 1.84 -18.38
C THR D 161 29.08 3.09 -18.11
N VAL D 162 28.46 3.12 -16.94
CA VAL D 162 27.93 4.36 -16.37
C VAL D 162 29.16 5.20 -15.95
N PRO D 163 29.27 6.45 -16.43
CA PRO D 163 30.51 7.23 -16.32
C PRO D 163 30.90 7.66 -14.90
N MET D 164 29.93 7.65 -13.97
CA MET D 164 30.18 7.89 -12.54
C MET D 164 29.19 7.10 -11.68
N LYS D 165 29.29 7.26 -10.36
CA LYS D 165 28.25 6.78 -9.45
C LYS D 165 26.98 7.63 -9.60
N VAL D 166 25.98 7.06 -10.26
CA VAL D 166 24.71 7.74 -10.55
C VAL D 166 23.58 7.03 -9.81
N SER D 167 22.89 7.78 -8.94
CA SER D 167 21.68 7.29 -8.28
C SER D 167 20.42 7.70 -9.03
N GLY D 168 19.38 6.87 -8.93
CA GLY D 168 18.01 7.25 -9.28
C GLY D 168 17.01 6.71 -8.28
N ARG D 169 15.96 7.49 -8.01
CA ARG D 169 14.89 7.10 -7.09
C ARG D 169 13.53 7.14 -7.78
N CYS D 170 12.63 6.28 -7.33
CA CYS D 170 11.20 6.40 -7.63
C CYS D 170 10.36 5.67 -6.59
N GLY D 171 9.79 6.44 -5.66
CA GLY D 171 8.73 5.95 -4.78
C GLY D 171 9.20 4.89 -3.80
N SER D 172 10.19 5.25 -3.00
CA SER D 172 10.85 4.34 -2.04
C SER D 172 11.62 3.18 -2.69
N VAL D 173 12.28 3.47 -3.81
CA VAL D 173 13.21 2.51 -4.44
C VAL D 173 14.45 3.27 -4.90
N ARG D 174 15.48 3.28 -4.06
CA ARG D 174 16.77 3.87 -4.41
C ARG D 174 17.56 2.84 -5.21
N VAL D 175 18.13 3.28 -6.34
CA VAL D 175 19.01 2.43 -7.16
C VAL D 175 20.26 3.21 -7.54
N ARG D 176 21.41 2.54 -7.44
CA ARG D 176 22.73 3.16 -7.54
C ARG D 176 23.57 2.36 -8.52
N LEU D 177 23.94 2.98 -9.63
CA LEU D 177 24.76 2.34 -10.67
C LEU D 177 26.18 2.83 -10.57
N ILE D 178 27.14 1.90 -10.53
CA ILE D 178 28.55 2.21 -10.26
C ILE D 178 29.40 1.67 -11.42
N PRO D 179 30.43 2.42 -11.86
CA PRO D 179 31.31 1.91 -12.92
C PRO D 179 32.12 0.69 -12.48
N ALA D 180 32.25 -0.25 -13.41
CA ALA D 180 33.00 -1.49 -13.17
C ALA D 180 34.07 -1.62 -14.25
N PRO D 181 35.13 -2.47 -13.95
CA PRO D 181 36.14 -2.58 -15.01
C PRO D 181 35.55 -3.34 -16.19
N ARG D 182 36.21 -3.26 -17.33
CA ARG D 182 35.74 -3.93 -18.54
C ARG D 182 35.68 -5.44 -18.37
N GLY D 183 34.63 -6.03 -18.91
CA GLY D 183 34.42 -7.47 -18.84
C GLY D 183 33.74 -7.90 -17.56
N THR D 184 33.44 -6.93 -16.70
CA THR D 184 32.78 -7.19 -15.44
C THR D 184 31.38 -7.74 -15.70
N HIS D 185 30.76 -7.23 -16.75
CA HIS D 185 29.40 -7.60 -17.14
C HIS D 185 28.47 -6.76 -16.28
N ILE D 186 27.21 -7.13 -16.22
CA ILE D 186 26.27 -6.37 -15.41
C ILE D 186 25.91 -7.12 -14.14
N VAL D 187 26.10 -6.47 -13.01
CA VAL D 187 25.77 -7.08 -11.73
C VAL D 187 24.51 -6.42 -11.24
N GLY D 188 23.45 -7.21 -11.08
CA GLY D 188 22.19 -6.66 -10.62
C GLY D 188 21.06 -7.65 -10.74
N ALA D 189 19.86 -7.18 -10.51
CA ALA D 189 18.67 -8.01 -10.59
C ALA D 189 18.44 -8.36 -12.04
N PRO D 190 17.67 -9.50 -12.27
CA PRO D 190 17.48 -9.80 -13.70
C PRO D 190 16.80 -8.64 -14.40
N THR D 191 15.86 -7.97 -13.73
CA THR D 191 15.19 -6.84 -14.33
C THR D 191 16.23 -5.77 -14.65
N THR D 192 17.19 -5.61 -13.75
CA THR D 192 18.28 -4.64 -13.93
C THR D 192 19.09 -4.89 -15.20
N LYS D 193 19.42 -6.15 -15.47
CA LYS D 193 20.23 -6.54 -16.64
C LYS D 193 19.59 -6.16 -17.98
N LYS D 194 18.26 -6.25 -18.06
CA LYS D 194 17.55 -6.00 -19.32
C LYS D 194 17.62 -4.54 -19.74
N ILE D 195 17.22 -3.64 -18.85
CA ILE D 195 17.05 -2.22 -19.21
C ILE D 195 18.33 -1.38 -19.11
N LEU D 196 19.37 -1.92 -18.47
CA LEU D 196 20.75 -1.50 -18.75
C LEU D 196 21.29 -2.12 -20.04
N GLY D 197 20.90 -3.36 -20.31
CA GLY D 197 21.14 -4.01 -21.61
C GLY D 197 20.60 -3.26 -22.81
N PHE D 198 19.39 -2.72 -22.71
CA PHE D 198 18.77 -1.93 -23.79
C PHE D 198 19.39 -0.54 -23.97
N ALA D 199 20.02 0.00 -22.93
CA ALA D 199 20.88 1.18 -23.07
C ALA D 199 22.13 0.88 -23.89
N GLY D 200 22.76 -0.27 -23.62
CA GLY D 200 24.09 -0.61 -24.15
C GLY D 200 25.21 -0.60 -23.12
N ILE D 201 24.88 -0.40 -21.85
CA ILE D 201 25.86 -0.42 -20.77
C ILE D 201 26.28 -1.86 -20.50
N LYS D 202 27.55 -2.16 -20.76
CA LYS D 202 28.07 -3.53 -20.69
C LYS D 202 28.42 -3.96 -19.26
N ASP D 203 28.84 -3.00 -18.42
CA ASP D 203 29.39 -3.30 -17.09
C ASP D 203 28.78 -2.39 -16.03
N CYS D 204 28.55 -2.94 -14.84
CA CYS D 204 27.92 -2.20 -13.74
C CYS D 204 28.13 -2.91 -12.39
N PHE D 205 28.00 -2.14 -11.31
CA PHE D 205 27.65 -2.68 -9.99
C PHE D 205 26.37 -2.01 -9.48
N SER D 206 25.27 -2.79 -9.45
CA SER D 206 24.00 -2.32 -8.89
C SER D 206 23.99 -2.44 -7.37
N ASN D 207 23.47 -1.40 -6.71
CA ASN D 207 22.83 -1.54 -5.40
C ASN D 207 21.35 -1.18 -5.50
N SER D 208 20.55 -1.69 -4.56
CA SER D 208 19.11 -1.45 -4.56
C SER D 208 18.52 -1.52 -3.14
N LYS D 209 18.36 -0.35 -2.53
CA LYS D 209 17.56 -0.19 -1.32
C LYS D 209 16.07 -0.15 -1.66
N GLY D 210 15.23 -0.45 -0.67
CA GLY D 210 13.78 -0.27 -0.79
C GLY D 210 13.11 -1.48 -1.42
N SER D 211 11.78 -1.40 -1.57
CA SER D 211 11.00 -2.52 -2.09
C SER D 211 11.17 -2.64 -3.61
N THR D 212 12.11 -3.49 -4.01
CA THR D 212 12.34 -3.82 -5.41
C THR D 212 11.29 -4.78 -5.99
N LYS D 213 10.45 -5.36 -5.13
CA LYS D 213 9.29 -6.17 -5.58
C LYS D 213 8.35 -5.44 -6.54
N THR D 214 8.07 -4.17 -6.25
CA THR D 214 7.30 -3.33 -7.17
C THR D 214 8.13 -2.96 -8.39
N ARG D 215 7.96 -3.71 -9.47
CA ARG D 215 8.74 -3.55 -10.70
C ARG D 215 8.42 -2.27 -11.46
N GLY D 216 7.20 -1.76 -11.30
CA GLY D 216 6.82 -0.46 -11.85
C GLY D 216 7.66 0.69 -11.34
N ASN D 217 7.91 0.71 -10.03
CA ASN D 217 8.81 1.69 -9.42
C ASN D 217 10.29 1.43 -9.71
N PHE D 218 10.68 0.16 -9.78
CA PHE D 218 12.08 -0.22 -9.97
C PHE D 218 12.63 0.15 -11.36
N MET D 219 11.82 -0.09 -12.39
CA MET D 219 12.17 0.32 -13.76
C MET D 219 12.28 1.84 -13.90
N LYS D 220 11.32 2.55 -13.31
CA LYS D 220 11.37 4.03 -13.27
C LYS D 220 12.58 4.56 -12.50
N ALA D 221 12.97 3.88 -11.43
CA ALA D 221 14.16 4.23 -10.65
C ALA D 221 15.45 4.02 -11.45
N LEU D 222 15.56 2.86 -12.09
CA LEU D 222 16.69 2.57 -13.00
C LEU D 222 16.72 3.51 -14.22
N PHE D 223 15.55 3.82 -14.77
CA PHE D 223 15.45 4.67 -15.95
C PHE D 223 15.84 6.12 -15.65
N ASP D 224 15.33 6.66 -14.54
CA ASP D 224 15.64 8.03 -14.11
C ASP D 224 17.05 8.20 -13.54
N ALA D 225 17.74 7.10 -13.23
CA ALA D 225 19.19 7.11 -13.05
C ALA D 225 19.92 7.40 -14.36
N LEU D 226 19.58 6.64 -15.41
CA LEU D 226 20.22 6.78 -16.73
C LEU D 226 19.92 8.12 -17.41
N SER D 227 18.73 8.67 -17.15
CA SER D 227 18.37 10.01 -17.63
C SER D 227 19.26 11.11 -17.07
N GLN D 228 19.72 10.96 -15.82
CA GLN D 228 20.56 11.97 -15.15
C GLN D 228 22.05 11.94 -15.53
N THR D 229 22.47 11.01 -16.38
CA THR D 229 23.89 10.87 -16.74
C THR D 229 24.42 12.08 -17.50
N TYR D 230 23.67 12.53 -18.52
CA TYR D 230 23.98 13.76 -19.25
C TYR D 230 23.86 15.03 -18.40
N GLY D 231 22.89 15.04 -17.48
CA GLY D 231 22.67 16.17 -16.58
C GLY D 231 23.82 16.50 -15.64
N TYR D 232 24.59 15.47 -15.26
CA TYR D 232 25.71 15.64 -14.33
C TYR D 232 26.89 16.32 -15.03
N LEU D 233 27.45 17.34 -14.38
CA LEU D 233 28.49 18.19 -14.95
C LEU D 233 29.87 17.69 -14.53
N THR D 234 30.73 17.42 -15.51
CA THR D 234 32.13 17.04 -15.28
C THR D 234 33.07 18.21 -15.63
N PRO D 235 34.37 18.08 -15.31
CA PRO D 235 35.37 18.99 -15.88
C PRO D 235 35.63 18.86 -17.39
N GLU D 236 35.17 17.77 -18.02
CA GLU D 236 35.14 17.65 -19.49
C GLU D 236 34.20 18.65 -20.16
N LEU D 237 33.14 19.06 -19.46
CA LEU D 237 32.13 19.98 -19.99
C LEU D 237 32.13 21.35 -19.29
N TRP D 238 33.33 21.84 -18.93
CA TRP D 238 33.49 23.21 -18.41
C TRP D 238 33.58 24.27 -19.50
N THR D 239 33.90 23.88 -20.73
CA THR D 239 34.05 24.82 -21.84
C THR D 239 32.71 25.44 -22.23
N PRO D 240 32.66 26.76 -22.45
CA PRO D 240 31.38 27.44 -22.72
C PRO D 240 30.82 27.10 -24.11
N THR D 241 29.49 27.08 -24.21
CA THR D 241 28.81 26.41 -25.32
C THR D 241 28.84 27.25 -26.60
N VAL D 242 28.70 26.56 -27.73
CA VAL D 242 28.75 27.19 -29.06
C VAL D 242 27.50 28.02 -29.39
N TYR D 243 26.33 27.54 -28.96
CA TYR D 243 25.02 28.05 -29.41
C TYR D 243 24.84 28.06 -30.93
N THR D 244 24.52 26.89 -31.48
CA THR D 244 24.01 26.77 -32.84
C THR D 244 22.55 27.24 -32.93
N LYS D 245 22.09 27.48 -34.16
CA LYS D 245 20.67 27.72 -34.43
C LYS D 245 19.84 26.45 -34.21
N SER D 246 18.59 26.65 -33.79
CA SER D 246 17.64 25.54 -33.59
C SER D 246 17.21 24.95 -34.94
N PRO D 247 16.71 23.69 -34.94
CA PRO D 247 15.93 23.21 -36.10
C PRO D 247 14.63 23.97 -36.36
N TYR D 248 14.07 24.57 -35.31
CA TYR D 248 12.94 25.49 -35.44
C TYR D 248 13.31 26.81 -36.14
N GLN D 249 14.52 27.29 -35.89
CA GLN D 249 15.07 28.50 -36.57
C GLN D 249 15.34 28.25 -38.05
N GLU D 250 16.26 27.34 -38.33
CA GLU D 250 16.88 27.22 -39.67
C GLU D 250 15.92 26.72 -40.74
N TRP D 251 14.94 25.91 -40.35
CA TRP D 251 13.85 25.48 -41.24
C TRP D 251 12.53 26.19 -40.90
N SER D 252 12.59 27.50 -40.69
CA SER D 252 11.40 28.32 -40.45
C SER D 252 10.60 28.57 -41.73
N ASP D 253 11.31 28.76 -42.85
CA ASP D 253 10.69 29.17 -44.11
C ASP D 253 9.90 28.03 -44.78
N TYR D 254 10.30 26.79 -44.52
CA TYR D 254 9.47 25.62 -44.86
C TYR D 254 8.18 25.57 -44.03
N LEU D 255 8.30 25.84 -42.73
CA LEU D 255 7.16 25.81 -41.81
C LEU D 255 6.20 27.01 -41.94
N ALA D 256 6.57 28.02 -42.73
CA ALA D 256 5.62 29.04 -43.18
C ALA D 256 4.47 28.45 -44.00
N ARG D 257 4.82 27.68 -45.02
CA ARG D 257 3.84 27.04 -45.91
C ARG D 257 3.37 25.70 -45.35
N THR D 258 2.09 25.39 -45.55
CA THR D 258 1.49 24.16 -45.04
C THR D 258 1.88 22.95 -45.88
N ASN E 6 -61.03 -23.03 -51.01
CA ASN E 6 -60.01 -21.98 -50.72
C ASN E 6 -59.68 -21.91 -49.23
N THR E 7 -58.90 -20.91 -48.83
CA THR E 7 -58.84 -20.45 -47.43
C THR E 7 -58.97 -18.93 -47.36
N CYS E 8 -59.35 -18.44 -46.17
CA CYS E 8 -59.55 -17.01 -45.95
C CYS E 8 -58.23 -16.25 -45.90
N LYS E 9 -58.31 -14.93 -46.14
CA LYS E 9 -57.12 -14.11 -46.43
C LYS E 9 -56.18 -13.98 -45.22
N LYS E 10 -56.76 -13.85 -44.02
CA LYS E 10 -56.00 -13.91 -42.77
C LYS E 10 -55.26 -15.24 -42.55
N ARG E 11 -55.91 -16.35 -42.88
CA ARG E 11 -55.27 -17.68 -42.85
C ARG E 11 -54.26 -17.88 -43.99
N LYS E 12 -54.50 -17.23 -45.13
CA LYS E 12 -53.64 -17.34 -46.31
C LYS E 12 -52.28 -16.65 -46.13
N PHE E 13 -52.27 -15.46 -45.53
CA PHE E 13 -51.03 -14.77 -45.17
C PHE E 13 -50.25 -15.44 -44.03
N VAL E 14 -50.97 -16.15 -43.15
CA VAL E 14 -50.35 -17.04 -42.16
C VAL E 14 -49.71 -18.26 -42.83
N LYS E 15 -50.44 -18.90 -43.75
CA LYS E 15 -49.95 -20.09 -44.47
C LYS E 15 -48.80 -19.75 -45.42
N ASP E 16 -48.89 -18.61 -46.10
CA ASP E 16 -47.81 -18.09 -46.93
C ASP E 16 -46.66 -17.49 -46.12
N GLY E 17 -46.97 -16.95 -44.93
CA GLY E 17 -45.97 -16.35 -44.06
C GLY E 17 -45.05 -17.35 -43.38
N VAL E 18 -45.65 -18.40 -42.82
CA VAL E 18 -44.87 -19.51 -42.23
C VAL E 18 -44.05 -20.31 -43.25
N PHE E 19 -44.52 -20.36 -44.51
CA PHE E 19 -43.73 -20.92 -45.61
C PHE E 19 -42.39 -20.19 -45.82
N GLN E 20 -42.40 -18.87 -45.64
CA GLN E 20 -41.16 -18.07 -45.67
C GLN E 20 -40.19 -18.46 -44.54
N ALA E 21 -40.73 -18.64 -43.33
CA ALA E 21 -39.92 -18.98 -42.15
C ALA E 21 -39.38 -20.41 -42.19
N GLU E 22 -40.22 -21.36 -42.62
CA GLU E 22 -39.82 -22.76 -42.77
C GLU E 22 -38.81 -22.96 -43.90
N LEU E 23 -38.93 -22.16 -44.95
CA LEU E 23 -37.95 -22.11 -46.04
C LEU E 23 -36.59 -21.54 -45.59
N ASN E 24 -36.61 -20.47 -44.82
CA ASN E 24 -35.41 -19.66 -44.55
C ASN E 24 -34.41 -20.36 -43.62
N GLU E 25 -34.92 -21.01 -42.57
CA GLU E 25 -34.07 -21.75 -41.62
C GLU E 25 -33.48 -23.03 -42.22
N PHE E 26 -34.20 -23.65 -43.17
CA PHE E 26 -33.67 -24.74 -43.98
C PHE E 26 -32.48 -24.28 -44.85
N LEU E 27 -32.68 -23.18 -45.58
CA LEU E 27 -31.64 -22.64 -46.46
C LEU E 27 -30.49 -21.94 -45.72
N SER E 28 -30.64 -21.69 -44.43
CA SER E 28 -29.51 -21.37 -43.55
C SER E 28 -28.56 -22.56 -43.37
N CYS E 29 -29.12 -23.73 -43.09
CA CYS E 29 -28.34 -24.89 -42.62
C CYS E 29 -27.64 -25.63 -43.77
N THR E 30 -28.32 -25.77 -44.90
CA THR E 30 -27.72 -26.34 -46.12
C THR E 30 -26.64 -25.45 -46.72
N LEU E 31 -26.89 -24.14 -46.75
CA LEU E 31 -25.92 -23.15 -47.26
C LEU E 31 -25.15 -22.50 -46.11
N SER E 32 -24.57 -23.33 -45.24
CA SER E 32 -23.83 -22.87 -44.08
C SER E 32 -22.38 -22.57 -44.47
N GLU E 33 -21.71 -23.58 -45.03
CA GLU E 33 -20.35 -23.43 -45.56
C GLU E 33 -20.32 -22.60 -46.85
N ASP E 34 -21.44 -22.56 -47.57
CA ASP E 34 -21.65 -21.63 -48.69
C ASP E 34 -21.67 -20.17 -48.22
N GLY E 35 -22.36 -19.91 -47.11
CA GLY E 35 -22.31 -18.63 -46.43
C GLY E 35 -23.22 -17.59 -47.08
N TYR E 36 -24.52 -17.88 -47.09
CA TYR E 36 -25.51 -17.06 -47.81
C TYR E 36 -25.87 -15.79 -47.04
N SER E 37 -26.59 -14.89 -47.73
CA SER E 37 -27.04 -13.62 -47.15
C SER E 37 -28.49 -13.74 -46.64
N GLY E 38 -29.39 -14.09 -47.54
CA GLY E 38 -30.83 -14.15 -47.23
C GLY E 38 -31.66 -14.77 -48.35
N VAL E 39 -32.98 -14.64 -48.23
CA VAL E 39 -33.93 -15.16 -49.23
C VAL E 39 -35.03 -14.15 -49.55
N GLU E 40 -35.71 -14.39 -50.66
CA GLU E 40 -36.96 -13.68 -50.99
C GLU E 40 -37.81 -14.50 -51.96
N VAL E 41 -39.10 -14.21 -52.01
CA VAL E 41 -40.05 -14.88 -52.92
C VAL E 41 -40.82 -13.85 -53.76
N ARG E 42 -41.12 -14.21 -55.01
CA ARG E 42 -41.98 -13.43 -55.88
C ARG E 42 -43.02 -14.35 -56.52
N VAL E 43 -44.19 -14.43 -55.88
CA VAL E 43 -45.31 -15.22 -56.42
C VAL E 43 -45.93 -14.55 -57.65
N THR E 44 -46.13 -15.35 -58.70
CA THR E 44 -46.98 -14.98 -59.84
C THR E 44 -47.97 -16.13 -60.09
N PRO E 45 -49.06 -15.87 -60.86
CA PRO E 45 -50.04 -16.94 -61.10
C PRO E 45 -49.49 -18.15 -61.87
N ILE E 46 -49.40 -19.28 -61.17
CA ILE E 46 -48.90 -20.55 -61.73
C ILE E 46 -47.42 -20.48 -62.19
N ARG E 47 -46.61 -19.68 -61.49
CA ARG E 47 -45.15 -19.70 -61.66
C ARG E 47 -44.45 -19.04 -60.45
N THR E 48 -44.35 -19.78 -59.35
CA THR E 48 -43.87 -19.24 -58.07
C THR E 48 -42.33 -19.13 -58.08
N GLU E 49 -41.83 -17.94 -58.44
CA GLU E 49 -40.40 -17.67 -58.45
C GLU E 49 -39.86 -17.47 -57.03
N ILE E 50 -38.56 -17.71 -56.86
CA ILE E 50 -37.91 -17.78 -55.54
C ILE E 50 -36.43 -17.41 -55.66
N ILE E 51 -36.05 -16.27 -55.08
CA ILE E 51 -34.76 -15.62 -55.37
C ILE E 51 -33.82 -15.79 -54.16
N ILE E 52 -32.79 -16.62 -54.34
CA ILE E 52 -31.74 -16.81 -53.33
C ILE E 52 -30.62 -15.80 -53.59
N ARG E 53 -30.41 -14.91 -52.62
CA ARG E 53 -29.19 -14.10 -52.56
C ARG E 53 -28.04 -14.88 -51.91
N ALA E 54 -26.81 -14.47 -52.21
CA ALA E 54 -25.61 -15.13 -51.70
C ALA E 54 -24.37 -14.26 -51.80
N THR E 55 -23.38 -14.55 -50.96
CA THR E 55 -22.06 -13.90 -51.02
C THR E 55 -21.25 -14.41 -52.21
N ARG E 56 -21.26 -15.73 -52.41
CA ARG E 56 -20.62 -16.37 -53.57
C ARG E 56 -21.59 -17.31 -54.28
N THR E 57 -21.54 -17.31 -55.61
CA THR E 57 -22.46 -18.08 -56.46
C THR E 57 -21.91 -19.45 -56.90
N ARG E 58 -20.65 -19.74 -56.58
CA ARG E 58 -19.98 -20.94 -57.11
C ARG E 58 -20.49 -22.23 -56.48
N GLU E 59 -20.67 -22.21 -55.15
CA GLU E 59 -21.11 -23.39 -54.41
C GLU E 59 -22.59 -23.72 -54.65
N VAL E 60 -23.44 -22.69 -54.73
CA VAL E 60 -24.90 -22.89 -54.81
C VAL E 60 -25.37 -23.46 -56.16
N LEU E 61 -24.70 -23.09 -57.25
CA LEU E 61 -24.88 -23.78 -58.55
C LEU E 61 -23.99 -25.03 -58.67
N GLY E 62 -22.76 -24.94 -58.20
CA GLY E 62 -21.86 -26.10 -58.11
C GLY E 62 -21.28 -26.50 -59.45
N ASP E 63 -22.01 -27.36 -60.16
CA ASP E 63 -21.59 -27.89 -61.47
C ASP E 63 -22.80 -28.05 -62.40
N LYS E 64 -22.93 -27.12 -63.35
CA LYS E 64 -24.05 -27.08 -64.31
C LYS E 64 -25.44 -27.04 -63.65
N GLY E 65 -25.54 -26.37 -62.49
CA GLY E 65 -26.75 -26.35 -61.69
C GLY E 65 -27.09 -27.71 -61.09
N ARG E 66 -26.16 -28.25 -60.31
CA ARG E 66 -26.40 -29.46 -59.51
C ARG E 66 -27.29 -29.10 -58.30
N ARG E 67 -26.79 -28.19 -57.47
CA ARG E 67 -27.41 -27.87 -56.18
C ARG E 67 -28.52 -26.80 -56.27
N ILE E 68 -28.66 -26.15 -57.42
CA ILE E 68 -29.91 -25.47 -57.79
C ILE E 68 -31.02 -26.50 -58.01
N ARG E 69 -30.76 -27.46 -58.91
CA ARG E 69 -31.77 -28.43 -59.34
C ARG E 69 -32.06 -29.51 -58.29
N GLU E 70 -31.21 -29.64 -57.27
CA GLU E 70 -31.62 -30.21 -55.98
C GLU E 70 -32.72 -29.38 -55.34
N LEU E 71 -32.42 -28.11 -55.05
CA LEU E 71 -33.30 -27.26 -54.24
C LEU E 71 -34.58 -26.81 -54.96
N THR E 72 -34.65 -26.97 -56.28
CA THR E 72 -35.94 -26.93 -56.99
C THR E 72 -36.78 -28.18 -56.68
N SER E 73 -36.15 -29.35 -56.71
CA SER E 73 -36.80 -30.62 -56.39
C SER E 73 -37.17 -30.74 -54.90
N VAL E 74 -36.27 -30.32 -54.02
CA VAL E 74 -36.43 -30.52 -52.57
C VAL E 74 -37.63 -29.76 -52.00
N VAL E 75 -37.91 -28.57 -52.55
CA VAL E 75 -39.07 -27.76 -52.15
C VAL E 75 -40.38 -28.41 -52.62
N GLN E 76 -40.45 -28.75 -53.90
CA GLN E 76 -41.69 -29.28 -54.51
C GLN E 76 -42.05 -30.71 -54.08
N LYS E 77 -41.09 -31.46 -53.53
CA LYS E 77 -41.38 -32.74 -52.84
C LYS E 77 -42.12 -32.51 -51.52
N ARG E 78 -41.64 -31.54 -50.74
CA ARG E 78 -42.18 -31.25 -49.40
C ARG E 78 -43.58 -30.63 -49.48
N PHE E 79 -43.64 -29.38 -49.95
CA PHE E 79 -44.82 -28.53 -49.74
C PHE E 79 -45.97 -28.79 -50.72
N GLY E 80 -45.73 -29.63 -51.73
CA GLY E 80 -46.79 -30.16 -52.59
C GLY E 80 -47.11 -29.24 -53.76
N PHE E 81 -46.06 -28.81 -54.46
CA PHE E 81 -46.19 -28.05 -55.71
C PHE E 81 -46.18 -28.99 -56.91
N ALA E 82 -46.55 -28.46 -58.07
CA ALA E 82 -46.35 -29.14 -59.36
C ALA E 82 -44.86 -29.14 -59.73
N PRO E 83 -44.44 -30.05 -60.65
CA PRO E 83 -43.08 -29.98 -61.18
C PRO E 83 -42.84 -28.76 -62.08
N ASP E 84 -41.70 -28.11 -61.89
CA ASP E 84 -41.33 -26.87 -62.60
C ASP E 84 -42.18 -25.63 -62.26
N SER E 85 -42.93 -25.67 -61.16
CA SER E 85 -43.71 -24.53 -60.69
C SER E 85 -42.85 -23.64 -59.82
N VAL E 86 -42.21 -24.23 -58.81
CA VAL E 86 -41.09 -23.62 -58.09
C VAL E 86 -39.79 -23.75 -58.89
N GLU E 87 -38.95 -22.72 -58.81
CA GLU E 87 -37.71 -22.66 -59.59
C GLU E 87 -36.77 -21.57 -59.08
N LEU E 88 -35.52 -21.94 -58.78
CA LEU E 88 -34.62 -21.12 -57.97
C LEU E 88 -33.58 -20.42 -58.85
N PHE E 89 -33.25 -19.17 -58.49
CA PHE E 89 -32.25 -18.36 -59.18
C PHE E 89 -31.28 -17.79 -58.15
N ALA E 90 -30.00 -18.12 -58.29
CA ALA E 90 -28.94 -17.53 -57.46
C ALA E 90 -28.68 -16.07 -57.83
N GLU E 91 -28.16 -15.31 -56.86
CA GLU E 91 -27.96 -13.86 -57.02
C GLU E 91 -26.79 -13.39 -56.14
N ARG E 92 -26.03 -12.42 -56.66
CA ARG E 92 -24.93 -11.79 -55.92
C ARG E 92 -25.41 -10.49 -55.26
N VAL E 93 -25.10 -10.32 -53.98
CA VAL E 93 -25.32 -9.06 -53.27
C VAL E 93 -24.13 -8.14 -53.51
N GLU E 94 -24.39 -6.94 -54.04
CA GLU E 94 -23.40 -5.86 -54.07
C GLU E 94 -23.15 -5.31 -52.66
N ASN E 95 -21.88 -4.97 -52.38
CA ASN E 95 -21.42 -4.59 -51.04
C ASN E 95 -21.68 -5.70 -50.00
N ARG E 96 -20.94 -6.80 -50.15
CA ARG E 96 -21.28 -8.08 -49.51
C ARG E 96 -20.96 -8.16 -48.01
N GLY E 97 -20.10 -7.26 -47.51
CA GLY E 97 -19.69 -7.26 -46.11
C GLY E 97 -20.76 -6.90 -45.08
N LEU E 98 -21.76 -6.12 -45.51
CA LEU E 98 -22.73 -5.52 -44.57
C LEU E 98 -23.74 -6.50 -43.96
N CYS E 99 -23.94 -7.66 -44.61
CA CYS E 99 -24.89 -8.66 -44.12
C CYS E 99 -24.33 -9.39 -42.89
N ALA E 100 -25.17 -9.51 -41.85
CA ALA E 100 -24.73 -9.98 -40.53
C ALA E 100 -24.69 -11.51 -40.43
N MET E 101 -25.67 -12.18 -41.03
CA MET E 101 -25.72 -13.65 -41.05
C MET E 101 -24.58 -14.30 -41.85
N ALA E 102 -23.99 -13.57 -42.79
CA ALA E 102 -22.74 -13.97 -43.44
C ALA E 102 -21.56 -14.06 -42.48
N GLN E 103 -21.40 -13.03 -41.64
CA GLN E 103 -20.21 -12.86 -40.81
C GLN E 103 -20.22 -13.76 -39.57
N ALA E 104 -21.41 -13.98 -39.00
CA ALA E 104 -21.61 -14.98 -37.95
C ALA E 104 -21.29 -16.40 -38.42
N GLU E 105 -21.71 -16.72 -39.65
CA GLU E 105 -21.42 -18.02 -40.27
C GLU E 105 -19.94 -18.13 -40.70
N SER E 106 -19.33 -17.01 -41.08
CA SER E 106 -17.88 -16.94 -41.33
C SER E 106 -17.05 -17.14 -40.06
N LEU E 107 -17.45 -16.46 -38.97
CA LEU E 107 -16.78 -16.59 -37.67
C LEU E 107 -16.99 -17.95 -36.99
N ARG E 108 -18.05 -18.68 -37.39
CA ARG E 108 -18.29 -20.05 -36.94
C ARG E 108 -17.15 -21.00 -37.33
N TYR E 109 -16.83 -21.05 -38.62
CA TYR E 109 -15.86 -22.01 -39.16
C TYR E 109 -14.40 -21.67 -38.85
N LYS E 110 -14.12 -20.43 -38.46
CA LYS E 110 -12.81 -20.06 -37.90
C LYS E 110 -12.61 -20.66 -36.50
N LEU E 111 -13.63 -20.55 -35.65
CA LEU E 111 -13.62 -21.17 -34.31
C LEU E 111 -13.74 -22.69 -34.35
N LEU E 112 -14.59 -23.19 -35.24
CA LEU E 112 -14.87 -24.63 -35.35
C LEU E 112 -13.67 -25.43 -35.89
N LYS E 113 -12.90 -24.82 -36.79
CA LYS E 113 -11.65 -25.41 -37.29
C LYS E 113 -10.59 -25.47 -36.19
N GLY E 114 -10.33 -24.32 -35.56
CA GLY E 114 -9.52 -24.24 -34.35
C GLY E 114 -8.50 -23.12 -34.41
N LEU E 115 -8.99 -21.88 -34.33
CA LEU E 115 -8.17 -20.70 -34.06
C LEU E 115 -8.43 -20.18 -32.65
N ALA E 116 -7.54 -19.30 -32.19
CA ALA E 116 -7.78 -18.51 -30.97
C ALA E 116 -8.91 -17.50 -31.19
N VAL E 117 -9.62 -17.17 -30.12
CA VAL E 117 -10.83 -16.34 -30.19
C VAL E 117 -10.49 -14.86 -30.39
N ARG E 118 -9.33 -14.43 -29.87
CA ARG E 118 -8.83 -13.07 -30.08
C ARG E 118 -8.54 -12.77 -31.56
N ARG E 119 -7.80 -13.67 -32.21
CA ARG E 119 -7.30 -13.43 -33.56
C ARG E 119 -8.40 -13.49 -34.63
N ALA E 120 -9.35 -14.42 -34.46
CA ALA E 120 -10.44 -14.61 -35.42
C ALA E 120 -11.43 -13.44 -35.44
N CYS E 121 -11.79 -12.94 -34.26
CA CYS E 121 -12.86 -11.94 -34.13
C CYS E 121 -12.47 -10.55 -34.63
N TYR E 122 -11.19 -10.18 -34.46
CA TYR E 122 -10.64 -8.97 -35.10
C TYR E 122 -10.66 -9.04 -36.62
N GLY E 123 -10.33 -10.20 -37.17
CA GLY E 123 -10.35 -10.42 -38.63
C GLY E 123 -11.73 -10.28 -39.27
N VAL E 124 -12.75 -10.76 -38.57
CA VAL E 124 -14.15 -10.57 -38.97
C VAL E 124 -14.60 -9.11 -38.78
N LEU E 125 -14.17 -8.49 -37.67
CA LEU E 125 -14.43 -7.07 -37.41
C LEU E 125 -13.70 -6.13 -38.38
N ARG E 126 -12.54 -6.55 -38.88
CA ARG E 126 -11.76 -5.76 -39.85
C ARG E 126 -12.42 -5.71 -41.25
N HIS E 127 -13.01 -6.81 -41.67
CA HIS E 127 -13.63 -6.91 -43.01
C HIS E 127 -14.84 -5.99 -43.15
N ILE E 128 -15.76 -6.10 -42.19
CA ILE E 128 -16.97 -5.26 -42.16
C ILE E 128 -16.72 -3.76 -41.99
N MET E 129 -15.63 -3.41 -41.28
CA MET E 129 -15.18 -2.02 -41.17
C MET E 129 -14.56 -1.50 -42.48
N GLU E 130 -13.78 -2.35 -43.14
CA GLU E 130 -13.19 -2.05 -44.45
C GLU E 130 -14.24 -1.98 -45.57
N SER E 131 -15.29 -2.80 -45.48
CA SER E 131 -16.34 -2.87 -46.50
C SER E 131 -17.20 -1.61 -46.62
N GLY E 132 -17.24 -0.80 -45.55
CA GLY E 132 -17.99 0.46 -45.53
C GLY E 132 -19.28 0.41 -44.74
N ALA E 133 -19.31 -0.42 -43.69
CA ALA E 133 -20.26 -0.25 -42.58
C ALA E 133 -19.83 0.92 -41.69
N LYS E 134 -20.83 1.59 -41.10
CA LYS E 134 -20.60 2.77 -40.25
C LYS E 134 -20.05 2.37 -38.87
N GLY E 135 -20.55 1.26 -38.34
CA GLY E 135 -20.05 0.69 -37.08
C GLY E 135 -20.58 -0.71 -36.83
N CYS E 136 -20.06 -1.35 -35.79
CA CYS E 136 -20.31 -2.78 -35.55
C CYS E 136 -19.95 -3.22 -34.13
N GLU E 137 -20.43 -4.41 -33.75
CA GLU E 137 -19.85 -5.17 -32.65
C GLU E 137 -19.96 -6.68 -32.86
N VAL E 138 -19.11 -7.43 -32.16
CA VAL E 138 -19.08 -8.90 -32.20
C VAL E 138 -18.85 -9.44 -30.79
N VAL E 139 -19.87 -10.06 -30.22
CA VAL E 139 -19.79 -10.69 -28.89
C VAL E 139 -19.54 -12.19 -29.05
N VAL E 140 -18.78 -12.77 -28.11
CA VAL E 140 -18.60 -14.22 -28.01
C VAL E 140 -18.80 -14.66 -26.56
N SER E 141 -20.00 -15.13 -26.25
CA SER E 141 -20.32 -15.69 -24.93
C SER E 141 -19.81 -17.13 -24.80
N GLY E 142 -19.94 -17.68 -23.60
CA GLY E 142 -19.58 -19.08 -23.32
C GLY E 142 -18.17 -19.22 -22.76
N LYS E 143 -17.83 -20.43 -22.34
CA LYS E 143 -16.57 -20.70 -21.64
C LYS E 143 -15.38 -20.63 -22.59
N LEU E 144 -14.26 -20.10 -22.08
CA LEU E 144 -13.11 -19.75 -22.92
C LEU E 144 -11.85 -19.56 -22.07
N ARG E 145 -10.92 -20.51 -22.17
CA ARG E 145 -9.74 -20.60 -21.30
C ARG E 145 -10.08 -20.71 -19.80
N ALA E 146 -11.21 -21.36 -19.50
CA ALA E 146 -11.80 -21.34 -18.15
C ALA E 146 -12.97 -22.32 -18.05
N GLN E 147 -13.27 -22.73 -16.81
CA GLN E 147 -14.44 -23.58 -16.53
C GLN E 147 -15.71 -22.75 -16.27
N ARG E 148 -15.56 -21.61 -15.59
CA ARG E 148 -16.63 -20.61 -15.51
C ARG E 148 -16.73 -19.83 -16.83
N ALA E 149 -17.95 -19.48 -17.22
CA ALA E 149 -18.20 -18.74 -18.46
C ALA E 149 -17.79 -17.27 -18.35
N LYS E 150 -17.38 -16.70 -19.48
CA LYS E 150 -16.79 -15.36 -19.51
C LYS E 150 -16.88 -14.76 -20.92
N SER E 151 -17.86 -13.87 -21.12
CA SER E 151 -18.21 -13.38 -22.45
C SER E 151 -17.29 -12.24 -22.88
N MET E 152 -16.44 -12.50 -23.87
CA MET E 152 -15.60 -11.47 -24.47
C MET E 152 -16.42 -10.64 -25.46
N LYS E 153 -16.12 -9.34 -25.51
CA LYS E 153 -16.85 -8.38 -26.34
C LYS E 153 -15.86 -7.57 -27.18
N PHE E 154 -16.22 -7.34 -28.45
CA PHE E 154 -15.42 -6.55 -29.39
C PHE E 154 -16.31 -5.53 -30.10
N LYS E 155 -15.80 -4.31 -30.24
CA LYS E 155 -16.61 -3.18 -30.72
C LYS E 155 -15.73 -2.12 -31.35
N ASP E 156 -16.11 -1.65 -32.54
CA ASP E 156 -15.50 -0.46 -33.16
C ASP E 156 -16.49 0.21 -34.11
N GLY E 157 -16.58 1.54 -34.02
CA GLY E 157 -17.64 2.30 -34.69
C GLY E 157 -18.94 2.30 -33.92
N TYR E 158 -19.70 3.38 -34.05
CA TYR E 158 -20.88 3.61 -33.21
C TYR E 158 -22.08 2.76 -33.66
N LEU E 159 -22.92 2.41 -32.70
CA LEU E 159 -24.00 1.44 -32.90
C LEU E 159 -25.17 1.72 -31.96
N ILE E 160 -26.28 2.19 -32.52
CA ILE E 160 -27.50 2.47 -31.75
C ILE E 160 -28.20 1.19 -31.30
N SER E 161 -28.95 1.29 -30.20
CA SER E 161 -29.61 0.14 -29.56
C SER E 161 -31.14 0.20 -29.57
N THR E 162 -31.72 1.36 -29.84
CA THR E 162 -33.07 1.71 -29.37
C THR E 162 -33.94 2.29 -30.48
N GLY E 163 -35.26 2.22 -30.28
CA GLY E 163 -36.23 2.83 -31.18
C GLY E 163 -36.57 1.96 -32.38
N GLU E 164 -37.47 2.48 -33.22
CA GLU E 164 -37.71 1.92 -34.55
C GLU E 164 -36.53 2.08 -35.52
N PRO E 165 -35.76 3.19 -35.40
CA PRO E 165 -34.51 3.30 -36.18
C PRO E 165 -33.43 2.26 -35.89
N SER E 166 -33.52 1.56 -34.75
CA SER E 166 -32.71 0.35 -34.54
C SER E 166 -32.94 -0.68 -35.65
N LYS E 167 -34.18 -1.13 -35.80
CA LYS E 167 -34.50 -2.31 -36.61
C LYS E 167 -34.11 -2.18 -38.09
N MET E 168 -34.20 -0.97 -38.64
CA MET E 168 -33.84 -0.71 -40.03
C MET E 168 -32.31 -0.60 -40.19
N PHE E 169 -31.71 0.33 -39.46
CA PHE E 169 -30.33 0.74 -39.71
C PHE E 169 -29.26 -0.21 -39.14
N VAL E 170 -29.64 -1.07 -38.18
CA VAL E 170 -28.80 -2.22 -37.81
C VAL E 170 -29.16 -3.46 -38.64
N ASP E 171 -28.24 -4.42 -38.67
CA ASP E 171 -28.55 -5.80 -39.05
C ASP E 171 -27.85 -6.75 -38.09
N GLN E 172 -28.59 -7.72 -37.57
CA GLN E 172 -28.23 -8.46 -36.36
C GLN E 172 -28.47 -9.95 -36.55
N ALA E 173 -27.57 -10.76 -35.98
CA ALA E 173 -27.53 -12.20 -36.24
C ALA E 173 -26.93 -12.96 -35.07
N ILE E 174 -27.30 -14.24 -34.97
CA ILE E 174 -26.86 -15.11 -33.87
C ILE E 174 -26.75 -16.56 -34.35
N ARG E 175 -25.68 -17.23 -33.93
CA ARG E 175 -25.47 -18.66 -34.21
C ARG E 175 -24.91 -19.38 -32.99
N SER E 176 -25.05 -20.70 -32.99
CA SER E 176 -24.28 -21.57 -32.10
C SER E 176 -23.00 -22.04 -32.76
N VAL E 177 -22.04 -22.47 -31.95
CA VAL E 177 -20.87 -23.21 -32.44
C VAL E 177 -20.31 -24.12 -31.34
N GLN E 178 -19.93 -25.33 -31.72
CA GLN E 178 -19.81 -26.46 -30.79
C GLN E 178 -18.34 -26.87 -30.64
N LEU E 179 -17.88 -26.96 -29.39
CA LEU E 179 -16.48 -27.26 -29.05
C LEU E 179 -16.39 -28.50 -28.18
N ARG E 180 -15.16 -28.91 -27.84
CA ARG E 180 -14.90 -30.07 -26.98
C ARG E 180 -15.55 -29.95 -25.58
N GLN E 181 -15.44 -28.77 -24.98
CA GLN E 181 -15.86 -28.54 -23.59
C GLN E 181 -17.30 -28.02 -23.48
N GLY E 182 -17.79 -27.36 -24.52
CA GLY E 182 -19.22 -27.01 -24.59
C GLY E 182 -19.60 -26.21 -25.83
N VAL E 183 -20.69 -25.47 -25.72
CA VAL E 183 -21.17 -24.57 -26.78
C VAL E 183 -20.72 -23.13 -26.49
N LEU E 184 -20.20 -22.46 -27.52
CA LEU E 184 -20.04 -21.00 -27.52
C LEU E 184 -21.24 -20.32 -28.17
N GLY E 185 -21.57 -19.12 -27.71
CA GLY E 185 -22.37 -18.16 -28.47
C GLY E 185 -21.53 -17.39 -29.47
N VAL E 186 -22.21 -16.74 -30.42
CA VAL E 186 -21.59 -15.70 -31.24
C VAL E 186 -22.65 -14.74 -31.81
N ARG E 187 -22.64 -13.50 -31.32
CA ARG E 187 -23.42 -12.41 -31.90
C ARG E 187 -22.59 -11.66 -32.94
N VAL E 188 -23.26 -11.14 -33.97
CA VAL E 188 -22.76 -10.02 -34.76
C VAL E 188 -23.87 -8.96 -34.87
N LYS E 189 -23.45 -7.70 -34.94
CA LYS E 189 -24.37 -6.57 -35.08
C LYS E 189 -23.66 -5.47 -35.88
N ILE E 190 -24.30 -5.01 -36.96
CA ILE E 190 -23.66 -4.14 -37.95
C ILE E 190 -24.57 -2.95 -38.26
N MET E 191 -24.13 -1.75 -37.89
CA MET E 191 -24.78 -0.50 -38.32
C MET E 191 -24.49 -0.24 -39.80
N LEU E 192 -25.54 0.18 -40.54
CA LEU E 192 -25.45 0.44 -41.98
C LEU E 192 -25.31 1.96 -42.25
N PRO E 193 -25.05 2.34 -43.52
CA PRO E 193 -25.24 3.74 -43.95
C PRO E 193 -26.70 4.20 -43.90
N PRO E 205 -31.31 8.65 -44.69
CA PRO E 205 -32.31 9.51 -44.06
C PRO E 205 -32.57 9.13 -42.60
N LEU E 206 -31.66 9.53 -41.72
CA LEU E 206 -31.77 9.23 -40.27
C LEU E 206 -32.78 10.17 -39.60
N PRO E 207 -33.24 9.82 -38.37
CA PRO E 207 -34.02 10.76 -37.57
C PRO E 207 -33.18 11.91 -36.98
N ASP E 208 -32.06 11.57 -36.35
CA ASP E 208 -31.33 12.50 -35.48
C ASP E 208 -30.56 13.59 -36.24
N THR E 209 -29.89 13.21 -37.33
CA THR E 209 -28.98 14.12 -38.05
C THR E 209 -29.74 15.13 -38.92
N ILE E 210 -29.23 16.35 -38.98
CA ILE E 210 -29.78 17.43 -39.82
C ILE E 210 -28.64 18.07 -40.61
N ILE E 211 -28.65 17.88 -41.94
CA ILE E 211 -27.66 18.46 -42.84
C ILE E 211 -28.22 19.76 -43.44
N VAL E 212 -27.69 20.90 -42.99
CA VAL E 212 -28.13 22.23 -43.44
C VAL E 212 -27.28 22.70 -44.62
N MET E 213 -27.93 23.34 -45.59
CA MET E 213 -27.24 23.83 -46.80
C MET E 213 -26.48 25.12 -46.54
N ASP E 214 -25.55 25.45 -47.44
CA ASP E 214 -24.93 26.77 -47.50
C ASP E 214 -25.60 27.62 -48.60
N PRO E 215 -25.86 28.91 -48.32
CA PRO E 215 -26.62 29.76 -49.25
C PRO E 215 -25.83 30.24 -50.48
N LYS E 216 -24.52 30.51 -50.29
CA LYS E 216 -23.75 31.42 -51.15
C LYS E 216 -24.36 32.82 -51.21
N ALA F 2 58.59 -30.02 27.60
CA ALA F 2 58.70 -29.86 29.08
C ALA F 2 59.79 -30.76 29.67
N ARG F 3 60.08 -30.54 30.95
CA ARG F 3 60.80 -31.51 31.81
C ARG F 3 62.27 -31.76 31.46
N GLY F 4 62.83 -31.04 30.48
CA GLY F 4 64.11 -31.41 29.88
C GLY F 4 64.23 -31.03 28.41
N PRO F 5 65.42 -31.26 27.82
CA PRO F 5 65.70 -30.81 26.45
C PRO F 5 65.09 -31.73 25.41
N ARG F 6 64.62 -31.15 24.30
CA ARG F 6 63.93 -31.89 23.24
C ARG F 6 64.94 -32.50 22.27
N LYS F 7 64.90 -33.83 22.13
CA LYS F 7 65.87 -34.58 21.33
C LYS F 7 65.52 -34.61 19.85
N HIS F 8 64.23 -34.53 19.51
CA HIS F 8 63.78 -34.39 18.12
C HIS F 8 63.61 -32.93 17.72
N LEU F 9 63.87 -32.65 16.44
CA LEU F 9 63.31 -31.49 15.75
C LEU F 9 62.51 -31.99 14.55
N LYS F 10 61.50 -31.21 14.17
CA LYS F 10 60.57 -31.57 13.11
C LYS F 10 60.94 -30.86 11.81
N ARG F 11 60.64 -31.48 10.67
CA ARG F 11 60.55 -30.77 9.39
C ARG F 11 59.44 -29.74 9.47
N ILE F 12 59.57 -28.69 8.66
CA ILE F 12 58.72 -27.50 8.71
C ILE F 12 59.10 -26.57 9.89
N ALA F 13 59.06 -27.09 11.11
CA ALA F 13 59.68 -26.41 12.26
C ALA F 13 61.21 -26.28 12.22
N ALA F 14 61.86 -26.93 11.25
CA ALA F 14 63.24 -26.60 10.86
C ALA F 14 63.38 -25.16 10.32
N PRO F 15 64.63 -24.64 10.27
CA PRO F 15 64.91 -23.42 9.49
C PRO F 15 64.60 -23.55 8.00
N HIS F 16 64.13 -22.46 7.40
CA HIS F 16 63.80 -22.44 5.97
C HIS F 16 65.04 -22.43 5.08
N HIS F 17 66.12 -21.81 5.55
CA HIS F 17 67.34 -21.63 4.75
C HIS F 17 68.19 -22.89 4.55
N TRP F 18 67.87 -23.98 5.24
CA TRP F 18 68.33 -25.33 4.84
C TRP F 18 67.71 -25.77 3.52
N MET F 19 66.43 -25.45 3.34
CA MET F 19 65.63 -25.87 2.19
C MET F 19 65.46 -27.39 2.14
N LEU F 20 65.07 -27.95 3.28
CA LEU F 20 64.49 -29.30 3.34
C LEU F 20 63.04 -29.26 2.89
N ASP F 21 62.64 -30.25 2.11
CA ASP F 21 61.32 -30.28 1.49
C ASP F 21 60.23 -30.73 2.47
N LYS F 22 58.98 -30.57 2.04
CA LYS F 22 57.81 -30.78 2.90
C LYS F 22 57.48 -32.27 3.05
N LEU F 23 57.45 -32.96 1.92
CA LEU F 23 57.29 -34.43 1.90
C LEU F 23 58.62 -35.14 2.18
N THR F 24 58.62 -36.47 2.09
CA THR F 24 59.84 -37.30 2.09
C THR F 24 60.55 -37.25 3.44
N GLY F 25 59.78 -37.48 4.50
CA GLY F 25 60.24 -37.32 5.87
C GLY F 25 59.24 -36.54 6.71
N HIS F 26 59.03 -36.99 7.95
CA HIS F 26 58.28 -36.25 8.96
C HIS F 26 59.20 -35.40 9.84
N TYR F 27 60.39 -35.91 10.12
CA TYR F 27 61.38 -35.23 10.94
C TYR F 27 62.55 -34.73 10.12
N ALA F 28 63.33 -33.82 10.70
CA ALA F 28 64.50 -33.27 10.04
C ALA F 28 65.69 -33.44 10.97
N PRO F 29 66.94 -33.49 10.37
CA PRO F 29 68.05 -33.68 11.32
C PRO F 29 68.18 -32.51 12.28
N ARG F 30 68.53 -32.80 13.52
CA ARG F 30 68.68 -31.76 14.54
C ARG F 30 70.14 -31.58 14.89
N PRO F 31 70.64 -30.31 14.75
CA PRO F 31 72.09 -30.18 15.08
C PRO F 31 72.41 -30.34 16.55
N PRO F 33 74.40 -29.62 20.00
CA PRO F 33 74.94 -28.30 20.36
C PRO F 33 76.42 -28.25 20.00
N GLY F 34 76.84 -27.20 19.32
CA GLY F 34 78.22 -27.03 18.91
C GLY F 34 78.51 -25.58 18.64
N PRO F 35 79.79 -25.22 18.62
CA PRO F 35 80.17 -23.83 18.37
C PRO F 35 79.01 -22.87 18.10
N HIS F 36 78.09 -23.27 17.23
CA HIS F 36 77.09 -22.36 16.65
C HIS F 36 75.68 -22.66 17.13
N LYS F 37 74.79 -21.71 16.90
CA LYS F 37 73.37 -21.82 17.28
C LYS F 37 72.60 -22.72 16.32
N LEU F 38 71.38 -23.07 16.69
CA LEU F 38 70.53 -23.97 15.88
C LEU F 38 70.09 -23.31 14.57
N ARG F 39 69.61 -22.07 14.66
CA ARG F 39 69.10 -21.32 13.50
C ARG F 39 70.15 -20.42 12.84
N GLU F 40 71.33 -20.28 13.44
CA GLU F 40 72.51 -19.71 12.77
C GLU F 40 73.58 -20.78 12.52
N SER F 41 73.15 -21.93 12.00
CA SER F 41 74.06 -22.97 11.54
C SER F 41 73.38 -23.91 10.56
N ALA F 42 74.15 -24.85 10.03
CA ALA F 42 73.64 -25.91 9.17
C ALA F 42 74.37 -27.22 9.51
N PRO F 43 73.63 -28.32 9.74
CA PRO F 43 74.27 -29.57 10.14
C PRO F 43 75.01 -30.25 8.99
N LEU F 44 75.93 -31.15 9.33
CA LEU F 44 76.85 -31.72 8.36
C LEU F 44 76.19 -32.76 7.43
N VAL F 45 75.03 -33.28 7.82
CA VAL F 45 74.23 -34.15 6.92
C VAL F 45 73.73 -33.43 5.67
N VAL F 46 73.16 -32.24 5.84
CA VAL F 46 72.46 -31.55 4.73
C VAL F 46 73.40 -30.79 3.79
N LEU F 47 74.66 -30.62 4.20
CA LEU F 47 75.75 -30.37 3.25
C LEU F 47 75.96 -31.55 2.31
N LEU F 48 76.13 -32.73 2.88
CA LEU F 48 76.59 -33.90 2.12
C LEU F 48 75.51 -34.44 1.16
N ARG F 49 74.26 -34.45 1.61
CA ARG F 49 73.14 -34.95 0.79
C ARG F 49 72.39 -33.86 0.01
N ASN F 50 72.14 -32.71 0.63
CA ASN F 50 71.23 -31.68 0.09
C ASN F 50 71.92 -30.41 -0.43
N ARG F 51 73.27 -30.38 -0.44
CA ARG F 51 74.02 -29.36 -1.16
C ARG F 51 75.05 -29.98 -2.10
N LEU F 52 76.03 -30.67 -1.53
CA LEU F 52 77.16 -31.22 -2.29
C LEU F 52 76.80 -32.49 -3.08
N ARG F 53 75.70 -33.15 -2.70
CA ARG F 53 75.14 -34.30 -3.44
C ARG F 53 76.09 -35.50 -3.50
N TYR F 54 76.88 -35.71 -2.45
CA TYR F 54 77.69 -36.93 -2.31
C TYR F 54 76.82 -38.08 -1.84
N ALA F 55 76.17 -37.91 -0.70
CA ALA F 55 75.22 -38.88 -0.17
C ALA F 55 73.89 -38.81 -0.90
N LEU F 56 73.17 -39.94 -0.92
CA LEU F 56 71.73 -39.95 -1.16
C LEU F 56 70.98 -39.87 0.16
N THR F 57 71.29 -40.80 1.06
CA THR F 57 70.47 -41.06 2.26
C THR F 57 71.19 -40.63 3.54
N TYR F 58 70.44 -40.63 4.63
CA TYR F 58 70.95 -40.43 5.99
C TYR F 58 71.90 -41.55 6.43
N ARG F 59 71.64 -42.78 5.97
CA ARG F 59 72.55 -43.91 6.18
C ARG F 59 73.93 -43.68 5.59
N GLU F 60 73.98 -43.17 4.36
CA GLU F 60 75.24 -42.99 3.63
C GLU F 60 76.16 -41.92 4.22
N VAL F 61 75.60 -40.95 4.95
CA VAL F 61 76.40 -39.92 5.63
C VAL F 61 77.20 -40.50 6.80
N MET F 62 76.61 -41.47 7.52
CA MET F 62 77.35 -42.24 8.53
C MET F 62 78.51 -43.02 7.92
N MET F 63 78.29 -43.61 6.75
CA MET F 63 79.32 -44.36 6.02
C MET F 63 80.45 -43.47 5.48
N ILE F 64 80.15 -42.20 5.21
CA ILE F 64 81.18 -41.21 4.84
C ILE F 64 81.95 -40.75 6.07
N VAL F 65 81.22 -40.27 7.08
CA VAL F 65 81.83 -39.56 8.22
C VAL F 65 82.67 -40.48 9.15
N MET F 66 82.30 -41.75 9.24
CA MET F 66 83.03 -42.73 10.06
C MET F 66 84.22 -43.39 9.33
N GLN F 67 84.50 -42.96 8.11
CA GLN F 67 85.83 -43.15 7.50
C GLN F 67 86.91 -42.28 8.16
N ARG F 68 86.51 -41.18 8.81
CA ARG F 68 87.38 -40.05 9.16
C ARG F 68 88.01 -39.40 7.93
N LEU F 69 87.15 -39.05 6.97
CA LEU F 69 87.53 -38.26 5.80
C LEU F 69 87.22 -36.77 5.99
N ILE F 70 86.06 -36.47 6.58
CA ILE F 70 85.67 -35.07 6.82
C ILE F 70 86.45 -34.51 8.01
N LYS F 71 86.99 -33.31 7.82
CA LYS F 71 87.51 -32.48 8.91
C LYS F 71 86.81 -31.13 8.91
N VAL F 72 86.81 -30.47 10.07
CA VAL F 72 86.55 -29.02 10.15
C VAL F 72 87.60 -28.35 11.04
N ASP F 73 88.14 -27.23 10.56
CA ASP F 73 89.16 -26.45 11.27
C ASP F 73 90.45 -27.25 11.57
N ASN F 74 90.85 -28.08 10.61
CA ASN F 74 91.89 -29.11 10.81
C ASN F 74 91.64 -30.00 12.02
N LYS F 75 90.44 -30.55 12.11
CA LYS F 75 90.05 -31.48 13.18
C LYS F 75 88.90 -32.38 12.71
N VAL F 76 89.03 -33.68 12.99
CA VAL F 76 88.08 -34.68 12.51
C VAL F 76 86.85 -34.70 13.42
N ARG F 77 85.67 -34.43 12.85
CA ARG F 77 84.40 -34.49 13.57
C ARG F 77 83.59 -35.69 13.09
N THR F 78 83.40 -36.67 13.97
CA THR F 78 82.74 -37.93 13.63
C THR F 78 81.21 -37.86 13.66
N ASP F 79 80.66 -36.93 14.44
CA ASP F 79 79.20 -36.76 14.55
C ASP F 79 78.61 -36.20 13.25
N GLN F 80 77.61 -36.90 12.71
CA GLN F 80 76.94 -36.49 11.47
C GLN F 80 76.10 -35.21 11.61
N CYS F 81 75.59 -34.95 12.82
CA CYS F 81 74.76 -33.78 13.09
C CYS F 81 75.53 -32.68 13.82
N TYR F 82 76.76 -32.41 13.36
CA TYR F 82 77.61 -31.39 13.95
C TYR F 82 77.25 -30.03 13.33
N PRO F 83 77.00 -29.00 14.16
CA PRO F 83 76.64 -27.69 13.63
C PRO F 83 77.84 -26.95 13.03
N ALA F 84 77.94 -27.00 11.71
CA ALA F 84 78.98 -26.30 10.96
C ALA F 84 78.41 -24.99 10.40
N GLY F 85 78.87 -23.86 10.93
CA GLY F 85 78.17 -22.58 10.82
C GLY F 85 78.85 -21.61 9.86
N PHE F 86 78.77 -20.32 10.17
CA PHE F 86 79.36 -19.27 9.35
C PHE F 86 80.88 -19.24 9.51
N MET F 87 81.59 -19.13 8.39
CA MET F 87 83.06 -19.02 8.37
C MET F 87 83.79 -20.18 9.08
N ASP F 88 83.29 -21.39 8.89
CA ASP F 88 84.05 -22.62 9.18
C ASP F 88 84.59 -23.20 7.89
N VAL F 89 85.83 -23.68 7.93
CA VAL F 89 86.42 -24.43 6.82
C VAL F 89 86.04 -25.91 6.96
N ILE F 90 85.74 -26.53 5.82
CA ILE F 90 85.62 -28.00 5.72
C ILE F 90 86.71 -28.49 4.75
N SER F 91 87.30 -29.64 5.07
CA SER F 91 88.43 -30.19 4.33
C SER F 91 88.26 -31.70 4.12
N ILE F 92 88.10 -32.10 2.87
CA ILE F 92 88.10 -33.53 2.48
C ILE F 92 89.42 -33.85 1.79
N GLU F 93 90.09 -34.91 2.25
CA GLU F 93 91.44 -35.26 1.78
C GLU F 93 91.39 -35.95 0.40
N LYS F 94 90.45 -36.87 0.23
CA LYS F 94 90.11 -37.38 -1.10
C LYS F 94 89.32 -36.33 -1.88
N THR F 95 89.65 -36.17 -3.16
CA THR F 95 89.36 -34.97 -3.99
C THR F 95 90.27 -33.74 -3.76
N LYS F 96 90.77 -33.56 -2.55
CA LYS F 96 91.68 -32.46 -2.20
C LYS F 96 91.05 -31.08 -2.39
N GLU F 97 89.76 -30.98 -2.05
CA GLU F 97 88.99 -29.75 -2.20
C GLU F 97 88.43 -29.29 -0.85
N ASN F 98 88.35 -27.98 -0.66
CA ASN F 98 87.99 -27.38 0.63
C ASN F 98 86.83 -26.41 0.46
N PHE F 99 85.97 -26.35 1.48
CA PHE F 99 84.72 -25.57 1.43
C PHE F 99 84.63 -24.66 2.65
N ARG F 100 84.69 -23.35 2.40
CA ARG F 100 84.38 -22.35 3.42
C ARG F 100 82.92 -21.93 3.30
N MET F 101 82.15 -22.11 4.38
CA MET F 101 80.73 -21.78 4.36
C MET F 101 80.51 -20.28 4.53
N LEU F 102 79.94 -19.65 3.50
CA LEU F 102 79.51 -18.26 3.53
C LEU F 102 78.00 -18.18 3.34
N PHE F 103 77.45 -17.00 3.55
CA PHE F 103 76.04 -16.73 3.25
C PHE F 103 75.89 -16.30 1.79
N ASP F 104 74.99 -16.98 1.08
CA ASP F 104 74.57 -16.57 -0.26
C ASP F 104 73.70 -15.32 -0.19
N THR F 105 73.65 -14.57 -1.29
CA THR F 105 72.92 -13.30 -1.36
C THR F 105 71.41 -13.41 -1.09
N LYS F 106 70.81 -14.56 -1.42
CA LYS F 106 69.39 -14.81 -1.18
C LYS F 106 69.07 -15.05 0.31
N GLY F 107 70.06 -15.47 1.09
CA GLY F 107 69.87 -15.86 2.49
C GLY F 107 69.84 -17.37 2.65
N ARG F 108 70.90 -18.02 2.19
CA ARG F 108 71.08 -19.46 2.31
C ARG F 108 72.54 -19.75 2.67
N PHE F 109 72.79 -20.92 3.24
CA PHE F 109 74.16 -21.46 3.33
C PHE F 109 74.56 -22.06 1.99
N VAL F 110 75.82 -21.83 1.60
CA VAL F 110 76.41 -22.47 0.42
C VAL F 110 77.91 -22.73 0.69
N PRO F 111 78.40 -23.95 0.39
CA PRO F 111 79.82 -24.22 0.53
C PRO F 111 80.63 -23.63 -0.63
N HIS F 112 81.28 -22.49 -0.37
CA HIS F 112 82.10 -21.81 -1.36
C HIS F 112 83.45 -22.53 -1.50
N PRO F 113 83.78 -23.03 -2.71
CA PRO F 113 85.06 -23.73 -2.91
C PRO F 113 86.23 -22.76 -3.01
N ILE F 114 87.36 -23.12 -2.40
CA ILE F 114 88.48 -22.21 -2.20
C ILE F 114 89.82 -22.90 -2.47
N ARG F 115 90.89 -22.11 -2.50
CA ARG F 115 92.24 -22.60 -2.76
C ARG F 115 92.83 -23.28 -1.52
N GLU F 116 93.89 -24.05 -1.71
CA GLU F 116 94.50 -24.85 -0.62
C GLU F 116 95.23 -24.00 0.41
N GLU F 117 95.93 -22.95 -0.04
CA GLU F 117 96.63 -22.02 0.85
C GLU F 117 95.66 -21.11 1.63
N GLU F 118 94.58 -20.69 0.97
CA GLU F 118 93.52 -19.90 1.61
C GLU F 118 92.76 -20.68 2.69
N ALA F 119 92.62 -22.00 2.51
CA ALA F 119 91.84 -22.84 3.41
C ALA F 119 92.51 -23.13 4.77
N SER F 120 93.76 -22.70 4.95
CA SER F 120 94.38 -22.66 6.28
C SER F 120 93.61 -21.77 7.25
N TYR F 121 93.54 -20.47 6.93
CA TYR F 121 93.04 -19.46 7.87
C TYR F 121 91.51 -19.40 7.91
N LYS F 122 90.97 -18.79 8.98
CA LYS F 122 89.59 -18.31 9.00
C LYS F 122 89.39 -17.18 10.01
N LEU F 123 88.29 -16.45 9.85
CA LEU F 123 87.99 -15.26 10.64
C LEU F 123 87.04 -15.61 11.79
N CYS F 124 87.22 -14.94 12.93
CA CYS F 124 86.30 -15.02 14.06
C CYS F 124 86.09 -13.64 14.67
N ARG F 125 84.86 -13.12 14.53
CA ARG F 125 84.48 -11.86 15.19
C ARG F 125 84.28 -12.08 16.69
N VAL F 126 84.91 -11.21 17.48
CA VAL F 126 84.96 -11.41 18.94
C VAL F 126 83.68 -10.86 19.60
N LYS F 127 83.07 -11.69 20.44
CA LYS F 127 81.82 -11.34 21.11
C LYS F 127 82.09 -10.33 22.23
N LYS F 128 83.08 -10.64 23.06
CA LYS F 128 83.61 -9.70 24.04
C LYS F 128 85.03 -10.09 24.45
N VAL F 129 85.65 -9.25 25.29
CA VAL F 129 86.97 -9.53 25.85
C VAL F 129 86.89 -9.44 27.38
N VAL F 130 87.59 -10.35 28.05
CA VAL F 130 87.35 -10.66 29.46
C VAL F 130 88.62 -11.23 30.12
N VAL F 131 88.79 -10.93 31.40
CA VAL F 131 89.99 -11.33 32.14
C VAL F 131 89.74 -12.67 32.84
N GLY F 132 90.59 -13.65 32.56
CA GLY F 132 90.55 -14.96 33.23
C GLY F 132 91.43 -15.00 34.48
N PRO F 133 91.68 -16.21 35.02
CA PRO F 133 92.44 -16.34 36.25
C PRO F 133 93.95 -16.07 36.08
N LYS F 134 94.61 -15.81 37.20
CA LYS F 134 95.98 -15.23 37.23
C LYS F 134 96.08 -13.86 36.54
N GLY F 135 94.98 -13.12 36.48
CA GLY F 135 94.91 -11.83 35.78
C GLY F 135 95.33 -11.82 34.32
N VAL F 136 95.09 -12.91 33.60
CA VAL F 136 95.38 -12.99 32.16
C VAL F 136 94.15 -12.54 31.34
N PRO F 137 94.37 -11.75 30.28
CA PRO F 137 93.27 -11.39 29.37
C PRO F 137 92.92 -12.52 28.39
N ALA F 138 91.76 -12.40 27.77
CA ALA F 138 91.22 -13.46 26.90
C ALA F 138 90.06 -12.97 26.04
N LEU F 139 90.18 -13.13 24.72
CA LEU F 139 89.04 -12.97 23.81
C LEU F 139 88.06 -14.12 23.97
N ILE F 140 86.81 -13.88 23.57
CA ILE F 140 85.89 -14.96 23.17
C ILE F 140 85.19 -14.60 21.85
N THR F 141 84.87 -15.62 21.06
CA THR F 141 84.46 -15.44 19.66
C THR F 141 82.97 -15.72 19.48
N HIS F 142 82.48 -15.49 18.26
CA HIS F 142 81.18 -16.04 17.82
C HIS F 142 81.21 -17.57 17.71
N ASP F 143 82.38 -18.11 17.36
CA ASP F 143 82.58 -19.56 17.26
C ASP F 143 82.57 -20.26 18.63
N GLY F 144 82.86 -19.53 19.70
CA GLY F 144 83.00 -20.10 21.04
C GLY F 144 84.38 -20.69 21.30
N ARG F 145 85.37 -20.26 20.51
CA ARG F 145 86.77 -20.34 20.91
C ARG F 145 87.08 -19.26 21.95
N THR F 146 88.25 -19.39 22.58
CA THR F 146 88.74 -18.40 23.53
C THR F 146 90.25 -18.23 23.40
N MET F 147 90.65 -17.35 22.49
CA MET F 147 92.05 -16.98 22.30
C MET F 147 92.50 -16.12 23.47
N ARG F 148 93.74 -16.34 23.92
CA ARG F 148 94.26 -15.71 25.14
C ARG F 148 95.69 -15.20 24.93
N TYR F 149 96.03 -14.16 25.68
CA TYR F 149 97.08 -13.20 25.30
C TYR F 149 96.90 -12.65 23.87
N PRO F 150 95.96 -11.71 23.69
CA PRO F 150 95.85 -10.91 22.46
C PRO F 150 96.80 -9.70 22.47
N HIS F 151 96.61 -8.78 21.53
CA HIS F 151 97.00 -7.38 21.71
C HIS F 151 96.02 -6.67 22.65
N PRO F 152 96.48 -5.64 23.39
CA PRO F 152 95.58 -4.64 23.98
C PRO F 152 94.77 -3.84 22.95
N SER F 153 95.32 -3.67 21.74
CA SER F 153 94.60 -3.12 20.57
C SER F 153 93.17 -3.66 20.36
N ILE F 154 93.00 -4.97 20.50
CA ILE F 154 91.78 -5.65 20.02
C ILE F 154 90.61 -5.39 20.97
N LYS F 155 89.52 -4.88 20.41
CA LYS F 155 88.32 -4.49 21.15
C LYS F 155 87.18 -5.47 20.82
N ALA F 156 85.97 -5.18 21.31
CA ALA F 156 84.78 -5.95 20.94
C ALA F 156 84.31 -5.67 19.51
N HIS F 157 83.54 -6.60 18.96
CA HIS F 157 82.85 -6.46 17.66
C HIS F 157 83.80 -6.28 16.47
N ASP F 158 84.87 -7.07 16.43
CA ASP F 158 85.81 -7.06 15.30
C ASP F 158 86.53 -8.40 15.11
N CYS F 159 87.00 -8.65 13.89
CA CYS F 159 87.40 -9.97 13.44
C CYS F 159 88.91 -10.18 13.59
N ILE F 160 89.29 -11.45 13.75
CA ILE F 160 90.70 -11.86 13.84
C ILE F 160 90.92 -13.07 12.94
N ARG F 161 91.90 -12.98 12.05
CA ARG F 161 92.38 -14.13 11.27
C ARG F 161 93.12 -15.13 12.19
N LEU F 162 92.50 -16.29 12.40
CA LEU F 162 93.16 -17.43 13.07
C LEU F 162 94.04 -18.21 12.10
N ASP F 163 95.02 -18.91 12.65
CA ASP F 163 96.01 -19.66 11.86
C ASP F 163 95.61 -21.12 11.62
N LEU F 164 94.98 -21.73 12.63
CA LEU F 164 94.39 -23.08 12.55
C LEU F 164 95.39 -24.25 12.51
N ASN F 165 96.36 -24.18 11.59
CA ASN F 165 97.56 -25.02 11.64
C ASN F 165 98.29 -24.94 12.98
N THR F 166 98.49 -23.71 13.45
CA THR F 166 98.73 -23.43 14.88
C THR F 166 97.50 -22.78 15.50
N GLY F 167 97.49 -22.71 16.84
CA GLY F 167 96.38 -22.10 17.58
C GLY F 167 96.26 -20.59 17.47
N LYS F 168 97.37 -19.91 17.22
CA LYS F 168 97.50 -18.48 17.54
C LYS F 168 96.83 -17.58 16.51
N ILE F 169 96.60 -16.33 16.90
CA ILE F 169 96.15 -15.27 15.99
C ILE F 169 97.31 -14.78 15.10
N VAL F 170 96.96 -14.13 14.00
CA VAL F 170 97.94 -13.57 13.05
C VAL F 170 97.62 -12.10 12.76
N ASP F 171 96.50 -11.87 12.07
CA ASP F 171 96.10 -10.54 11.58
C ASP F 171 94.82 -10.11 12.29
N THR F 172 94.86 -8.94 12.93
CA THR F 172 93.67 -8.32 13.49
C THR F 172 92.88 -7.56 12.41
N LEU F 173 91.70 -7.10 12.78
CA LEU F 173 91.02 -6.00 12.09
C LEU F 173 90.29 -5.12 13.10
N LYS F 174 90.07 -3.86 12.73
CA LYS F 174 89.31 -2.90 13.55
C LYS F 174 87.90 -2.69 13.01
N PHE F 175 87.02 -2.21 13.88
CA PHE F 175 85.63 -1.92 13.55
C PHE F 175 85.40 -0.41 13.50
N GLU F 176 85.42 0.14 12.29
CA GLU F 176 85.36 1.59 12.07
C GLU F 176 84.68 1.91 10.73
N ALA F 177 84.47 3.20 10.48
CA ALA F 177 83.94 3.67 9.19
C ALA F 177 84.96 3.44 8.07
N GLY F 178 84.48 2.96 6.92
CA GLY F 178 85.34 2.52 5.84
C GLY F 178 86.06 1.22 6.14
N ASN F 179 85.30 0.20 6.52
CA ASN F 179 85.78 -1.20 6.58
C ASN F 179 84.69 -2.16 6.09
N MET F 180 85.09 -3.13 5.27
CA MET F 180 84.15 -4.03 4.61
C MET F 180 83.49 -4.97 5.62
N ALA F 181 82.19 -5.23 5.45
CA ALA F 181 81.37 -5.87 6.48
C ALA F 181 80.20 -6.66 5.88
N MET F 182 80.23 -7.98 6.06
CA MET F 182 79.11 -8.86 5.70
C MET F 182 78.06 -8.89 6.81
N VAL F 183 76.82 -9.17 6.42
CA VAL F 183 75.71 -9.39 7.35
C VAL F 183 75.45 -10.89 7.49
N THR F 184 75.30 -11.36 8.73
CA THR F 184 75.15 -12.79 9.05
C THR F 184 73.72 -13.22 9.42
N GLY F 185 72.84 -12.26 9.71
CA GLY F 185 71.47 -12.55 10.11
C GLY F 185 70.48 -11.44 9.82
N GLY F 186 69.20 -11.77 9.93
CA GLY F 186 68.11 -10.81 9.70
C GLY F 186 67.72 -10.69 8.24
N HIS F 187 67.11 -9.56 7.91
CA HIS F 187 66.53 -9.33 6.58
C HIS F 187 67.61 -9.11 5.51
N ASN F 188 68.68 -8.41 5.87
CA ASN F 188 69.75 -8.04 4.93
C ASN F 188 70.95 -9.00 4.92
N VAL F 189 70.71 -10.25 5.28
CA VAL F 189 71.76 -11.26 5.34
C VAL F 189 72.37 -11.51 3.97
N GLY F 190 73.66 -11.78 3.93
CA GLY F 190 74.34 -12.05 2.69
C GLY F 190 74.70 -10.82 1.88
N ARG F 191 74.61 -9.66 2.52
CA ARG F 191 74.94 -8.41 1.85
C ARG F 191 76.22 -7.82 2.43
N VAL F 192 77.15 -7.44 1.56
CA VAL F 192 78.41 -6.88 2.00
C VAL F 192 78.56 -5.43 1.56
N GLY F 193 78.89 -4.55 2.49
CA GLY F 193 79.07 -3.15 2.19
C GLY F 193 79.98 -2.43 3.17
N VAL F 194 80.50 -1.28 2.76
CA VAL F 194 81.36 -0.50 3.64
C VAL F 194 80.48 0.08 4.74
N ILE F 195 81.07 0.42 5.87
CA ILE F 195 80.28 0.97 6.97
C ILE F 195 80.32 2.48 6.97
N VAL F 196 79.14 3.09 6.82
CA VAL F 196 79.03 4.54 6.81
C VAL F 196 79.06 5.05 8.25
N HIS F 197 78.09 4.60 9.05
CA HIS F 197 77.83 5.18 10.37
C HIS F 197 77.11 4.17 11.28
N ARG F 198 77.32 4.32 12.60
CA ARG F 198 76.55 3.59 13.61
C ARG F 198 75.93 4.57 14.63
N GLU F 199 74.67 4.32 14.98
CA GLU F 199 73.99 5.03 16.06
C GLU F 199 74.14 4.27 17.37
N ARG F 200 74.23 5.01 18.47
CA ARG F 200 74.56 4.43 19.78
C ARG F 200 73.31 3.90 20.47
N HIS F 201 72.37 4.79 20.77
CA HIS F 201 71.16 4.47 21.56
C HIS F 201 71.49 3.85 22.92
N LEU F 202 71.85 4.71 23.88
CA LEU F 202 72.52 4.27 25.11
C LEU F 202 71.53 3.56 26.04
N GLY F 203 71.45 2.25 25.92
CA GLY F 203 70.45 1.45 26.62
C GLY F 203 70.34 0.05 26.06
N GLY F 204 70.07 -0.03 24.75
CA GLY F 204 70.00 -1.31 24.05
C GLY F 204 69.96 -1.18 22.54
N PHE F 205 70.56 -2.16 21.85
CA PHE F 205 70.51 -2.30 20.40
C PHE F 205 71.10 -1.11 19.63
N ASP F 206 72.42 -1.14 19.44
CA ASP F 206 73.10 -0.29 18.48
C ASP F 206 72.80 -0.80 17.06
N ILE F 207 72.54 0.13 16.13
CA ILE F 207 72.33 -0.20 14.72
C ILE F 207 73.32 0.52 13.81
N ILE F 208 73.59 -0.07 12.66
CA ILE F 208 74.60 0.41 11.71
C ILE F 208 73.93 0.57 10.35
N HIS F 209 73.97 1.78 9.79
CA HIS F 209 73.71 2.00 8.36
C HIS F 209 74.99 1.76 7.57
N LEU F 210 74.87 1.10 6.41
CA LEU F 210 76.02 0.84 5.54
C LEU F 210 75.66 0.63 4.07
N ARG F 211 76.65 0.81 3.19
CA ARG F 211 76.43 1.20 1.80
C ARG F 211 77.00 0.16 0.83
N ASP F 212 76.13 -0.43 0.02
CA ASP F 212 76.53 -1.45 -0.97
C ASP F 212 77.36 -0.81 -2.09
N ALA F 213 78.16 -1.63 -2.78
CA ALA F 213 79.03 -1.16 -3.86
C ALA F 213 78.31 -0.64 -5.12
N LYS F 214 77.00 -0.86 -5.22
CA LYS F 214 76.12 -0.14 -6.16
C LYS F 214 75.34 1.03 -5.50
N ASN F 215 75.86 1.57 -4.40
CA ASN F 215 75.26 2.72 -3.69
C ASN F 215 73.81 2.52 -3.24
N ASN F 216 73.52 1.32 -2.73
CA ASN F 216 72.29 1.05 -1.98
C ASN F 216 72.57 1.07 -0.48
N GLU F 217 71.74 1.81 0.26
CA GLU F 217 71.94 2.02 1.70
C GLU F 217 70.94 1.18 2.49
N PHE F 218 71.42 0.52 3.55
CA PHE F 218 70.60 -0.40 4.34
C PHE F 218 71.19 -0.62 5.74
N ALA F 219 70.34 -1.04 6.67
CA ALA F 219 70.67 -1.07 8.10
C ALA F 219 70.57 -2.48 8.69
N THR F 220 71.32 -2.72 9.76
CA THR F 220 71.17 -3.92 10.61
C THR F 220 71.67 -3.65 12.03
N ARG F 221 71.30 -4.53 12.95
CA ARG F 221 71.89 -4.54 14.31
C ARG F 221 73.32 -5.04 14.30
N ILE F 222 74.09 -4.66 15.31
CA ILE F 222 75.54 -4.96 15.37
C ILE F 222 75.86 -6.44 15.56
N SER F 223 74.96 -7.19 16.19
CA SER F 223 75.08 -8.65 16.31
C SER F 223 75.14 -9.35 14.95
N ASN F 224 74.34 -8.87 14.00
CA ASN F 224 74.34 -9.41 12.65
C ASN F 224 75.57 -9.03 11.82
N VAL F 225 76.10 -7.82 12.03
CA VAL F 225 77.21 -7.31 11.21
C VAL F 225 78.52 -7.99 11.57
N PHE F 226 79.31 -8.31 10.54
CA PHE F 226 80.52 -9.11 10.65
C PHE F 226 81.58 -8.52 9.72
N VAL F 227 82.58 -7.86 10.29
CA VAL F 227 83.63 -7.21 9.49
C VAL F 227 84.52 -8.24 8.76
N ILE F 228 84.61 -8.09 7.45
CA ILE F 228 85.52 -8.89 6.62
C ILE F 228 86.91 -8.29 6.66
N GLY F 229 87.06 -7.07 6.13
CA GLY F 229 88.36 -6.51 5.78
C GLY F 229 88.38 -5.00 5.74
N LYS F 230 89.38 -4.44 5.05
CA LYS F 230 89.60 -2.99 5.02
C LYS F 230 88.60 -2.26 4.11
N GLY F 231 88.67 -0.93 4.09
CA GLY F 231 87.83 -0.10 3.22
C GLY F 231 88.12 -0.34 1.74
N GLU F 232 87.23 -1.09 1.09
CA GLU F 232 87.56 -1.86 -0.13
C GLU F 232 88.65 -2.91 0.09
N LYS F 233 88.65 -3.93 -0.78
CA LYS F 233 89.39 -5.18 -0.55
C LYS F 233 88.80 -5.99 0.62
N ALA F 234 89.33 -7.20 0.81
CA ALA F 234 88.78 -8.14 1.80
C ALA F 234 89.80 -9.25 2.06
N TRP F 235 89.87 -9.71 3.31
CA TRP F 235 90.75 -10.85 3.66
C TRP F 235 90.33 -12.14 2.94
N ILE F 236 89.02 -12.35 2.80
CA ILE F 236 88.47 -13.62 2.26
C ILE F 236 88.07 -13.51 0.79
N SER F 237 87.89 -14.67 0.16
CA SER F 237 87.19 -14.78 -1.12
C SER F 237 85.69 -14.78 -0.91
N LEU F 238 84.95 -14.10 -1.80
CA LEU F 238 83.50 -13.95 -1.70
C LEU F 238 82.79 -14.91 -2.67
N PRO F 239 81.49 -15.19 -2.41
CA PRO F 239 80.71 -16.04 -3.32
C PRO F 239 80.30 -15.34 -4.63
N LYS F 240 79.46 -15.99 -5.42
CA LYS F 240 78.84 -15.39 -6.62
C LYS F 240 78.07 -14.11 -6.26
N GLU F 241 78.26 -13.08 -7.08
CA GLU F 241 77.64 -11.75 -6.91
C GLU F 241 78.27 -10.85 -5.82
N LYS F 242 79.13 -11.41 -4.97
CA LYS F 242 79.88 -10.65 -3.95
C LYS F 242 79.01 -9.90 -2.94
N GLY F 243 77.79 -10.39 -2.70
CA GLY F 243 76.85 -9.74 -1.79
C GLY F 243 76.37 -8.38 -2.24
N ILE F 244 75.93 -8.29 -3.50
CA ILE F 244 75.22 -7.11 -4.00
C ILE F 244 73.74 -7.19 -3.65
N ARG F 245 73.12 -8.33 -3.96
CA ARG F 245 71.65 -8.50 -3.91
C ARG F 245 70.93 -7.55 -4.87
N LEU F 246 70.96 -7.92 -6.15
CA LEU F 246 70.18 -7.22 -7.18
C LEU F 246 68.68 -7.42 -7.01
N SER F 247 67.89 -6.57 -7.67
CA SER F 247 66.47 -6.38 -7.36
C SER F 247 65.60 -7.55 -7.82
N ILE F 248 64.31 -7.46 -7.52
CA ILE F 248 63.35 -8.55 -7.79
C ILE F 248 63.12 -8.72 -9.29
N MET F 249 62.92 -7.61 -10.00
CA MET F 249 62.76 -7.64 -11.47
C MET F 249 64.07 -7.99 -12.20
N GLU F 250 65.20 -7.59 -11.62
CA GLU F 250 66.53 -7.99 -12.13
C GLU F 250 66.79 -9.49 -11.96
N ASN F 251 66.46 -10.02 -10.78
CA ASN F 251 66.59 -11.46 -10.50
C ASN F 251 65.64 -12.33 -11.32
N ARG F 252 64.49 -11.78 -11.69
CA ARG F 252 63.62 -12.39 -12.71
C ARG F 252 64.29 -12.41 -14.08
N GLN F 253 64.77 -11.25 -14.54
CA GLN F 253 65.30 -11.10 -15.90
C GLN F 253 66.54 -11.96 -16.17
N VAL F 254 67.47 -11.98 -15.21
CA VAL F 254 68.67 -12.82 -15.30
C VAL F 254 68.38 -14.32 -15.30
N LEU F 255 67.32 -14.73 -14.58
CA LEU F 255 66.99 -16.15 -14.41
C LEU F 255 66.35 -16.76 -15.65
N LEU F 256 65.36 -16.07 -16.22
CA LEU F 256 64.68 -16.57 -17.43
C LEU F 256 65.52 -16.41 -18.71
N LYS F 257 66.42 -15.42 -18.73
CA LYS F 257 67.45 -15.31 -19.77
C LYS F 257 68.45 -16.47 -19.74
N LYS F 258 68.72 -17.02 -18.56
CA LYS F 258 69.53 -18.22 -18.41
C LYS F 258 68.86 -19.47 -18.98
N GLN F 259 67.59 -19.67 -18.64
CA GLN F 259 66.90 -20.96 -18.89
C GLN F 259 66.61 -21.26 -20.36
N GLN F 260 66.52 -20.22 -21.20
CA GLN F 260 66.42 -20.39 -22.65
C GLN F 260 67.70 -20.90 -23.34
N MET F 261 68.84 -20.80 -22.64
CA MET F 261 70.14 -21.36 -23.09
C MET F 261 70.68 -20.61 -24.31
N GLU G 4 -83.29 32.57 -16.96
CA GLU G 4 -84.17 31.51 -16.48
C GLU G 4 -83.38 30.57 -15.57
N ALA G 5 -83.11 29.35 -16.05
CA ALA G 5 -82.35 28.38 -15.28
C ALA G 5 -83.01 28.00 -13.96
N LYS G 6 -83.57 26.80 -13.91
CA LYS G 6 -84.21 26.30 -12.70
C LYS G 6 -83.83 24.84 -12.49
N LEU G 7 -83.80 24.39 -11.23
CA LEU G 7 -83.42 23.01 -10.95
C LEU G 7 -84.68 22.15 -10.99
N PHE G 8 -84.75 21.29 -12.00
CA PHE G 8 -85.90 20.41 -12.18
C PHE G 8 -87.06 21.21 -12.77
N GLY G 9 -86.80 22.48 -13.05
CA GLY G 9 -87.78 23.39 -13.62
C GLY G 9 -88.74 23.95 -12.59
N ARG G 10 -88.65 23.43 -11.37
CA ARG G 10 -89.53 23.86 -10.29
C ARG G 10 -88.90 24.88 -9.36
N TRP G 11 -87.62 25.16 -9.59
CA TRP G 11 -86.91 26.12 -8.75
C TRP G 11 -86.09 27.08 -9.60
N SER G 12 -85.91 28.29 -9.10
CA SER G 12 -85.14 29.28 -9.85
C SER G 12 -83.84 29.67 -9.15
N TYR G 13 -82.74 29.56 -9.88
CA TYR G 13 -81.43 29.91 -9.38
C TYR G 13 -81.44 31.40 -9.09
N ASP G 14 -82.14 32.14 -9.95
CA ASP G 14 -82.22 33.58 -9.80
C ASP G 14 -82.83 33.85 -8.43
N ASP G 15 -82.27 34.84 -7.75
CA ASP G 15 -82.69 35.23 -6.41
C ASP G 15 -81.99 34.36 -5.38
N VAL G 16 -82.25 34.62 -4.09
CA VAL G 16 -81.65 33.90 -2.97
C VAL G 16 -80.28 34.51 -2.70
N ASN G 17 -79.60 34.04 -1.66
CA ASN G 17 -78.28 34.57 -1.35
C ASN G 17 -77.39 33.67 -0.50
N VAL G 18 -76.09 33.94 -0.56
CA VAL G 18 -75.12 33.20 0.21
C VAL G 18 -75.41 33.56 1.66
N SER G 19 -75.19 32.63 2.58
CA SER G 19 -75.50 32.92 3.99
C SER G 19 -74.45 33.84 4.60
N ASP G 20 -73.20 33.39 4.65
CA ASP G 20 -72.18 34.20 5.31
C ASP G 20 -70.87 34.42 4.58
N LEU G 21 -70.14 35.45 5.04
CA LEU G 21 -68.85 35.79 4.48
C LEU G 21 -67.97 34.58 4.67
N SER G 22 -67.14 34.32 3.66
CA SER G 22 -66.23 33.19 3.60
C SER G 22 -67.08 32.11 2.94
N LEU G 23 -66.46 31.16 2.28
CA LEU G 23 -67.23 30.14 1.61
C LEU G 23 -68.09 30.87 0.58
N VAL G 24 -67.63 32.03 0.14
CA VAL G 24 -68.35 32.83 -0.83
C VAL G 24 -67.46 32.95 -2.05
N ASP G 25 -68.03 32.59 -3.19
CA ASP G 25 -67.38 32.59 -4.50
C ASP G 25 -66.77 31.20 -4.66
N TYR G 26 -66.50 30.53 -3.54
CA TYR G 26 -66.01 29.16 -3.57
C TYR G 26 -67.20 28.35 -4.04
N ILE G 27 -68.37 28.72 -3.54
CA ILE G 27 -69.62 28.09 -3.94
C ILE G 27 -69.79 28.62 -5.35
N ALA G 28 -70.45 27.85 -6.20
CA ALA G 28 -70.62 28.26 -7.60
C ALA G 28 -71.95 28.85 -8.06
N VAL G 29 -72.85 29.25 -7.18
CA VAL G 29 -74.11 29.76 -7.76
C VAL G 29 -73.88 31.07 -8.50
N LYS G 30 -74.70 31.32 -9.53
CA LYS G 30 -74.54 32.46 -10.46
C LYS G 30 -73.21 32.42 -11.22
N ALA G 33 -75.32 30.83 -15.96
CA ALA G 33 -75.48 31.14 -14.52
C ALA G 33 -75.66 29.86 -13.70
N CYS G 34 -76.48 28.93 -14.21
CA CYS G 34 -76.93 27.77 -13.44
C CYS G 34 -77.66 26.75 -14.32
N VAL G 35 -77.62 25.47 -13.98
CA VAL G 35 -78.23 24.48 -14.85
C VAL G 35 -79.40 23.66 -14.33
N PHE G 36 -80.46 23.59 -15.12
CA PHE G 36 -81.61 22.78 -14.74
C PHE G 36 -81.05 21.38 -14.76
N VAL G 37 -81.32 20.63 -13.69
CA VAL G 37 -80.85 19.25 -13.54
C VAL G 37 -79.50 19.37 -12.83
N PRO G 38 -79.32 18.55 -11.73
CA PRO G 38 -78.01 18.72 -11.07
C PRO G 38 -76.84 18.31 -11.95
N HIS G 39 -77.05 17.24 -12.70
CA HIS G 39 -76.02 16.65 -13.56
C HIS G 39 -75.39 17.43 -14.74
N THR G 40 -74.07 17.27 -14.80
CA THR G 40 -73.15 17.74 -15.84
C THR G 40 -71.90 16.87 -15.92
N ALA G 41 -71.76 16.14 -17.03
CA ALA G 41 -70.49 15.55 -17.42
C ALA G 41 -69.62 16.61 -18.11
N GLY G 42 -68.64 17.13 -17.37
CA GLY G 42 -67.66 18.08 -17.92
C GLY G 42 -66.31 17.99 -17.20
N ARG G 43 -65.30 18.61 -17.80
CA ARG G 43 -63.94 18.56 -17.27
C ARG G 43 -63.77 19.54 -16.11
N TYR G 44 -63.62 19.02 -14.90
CA TYR G 44 -63.46 19.84 -13.68
C TYR G 44 -62.21 19.50 -12.84
N GLN G 45 -61.33 18.64 -13.34
CA GLN G 45 -60.18 18.15 -12.58
C GLN G 45 -58.92 18.13 -13.44
N LYS G 46 -58.57 19.29 -14.00
CA LYS G 46 -57.28 19.52 -14.65
C LYS G 46 -56.48 20.60 -13.93
N LYS G 47 -57.10 21.76 -13.70
CA LYS G 47 -56.66 22.72 -12.69
C LYS G 47 -57.15 22.30 -11.30
N ARG G 48 -56.62 22.96 -10.26
CA ARG G 48 -56.94 22.64 -8.87
C ARG G 48 -57.97 23.59 -8.20
N PHE G 49 -58.53 24.54 -8.97
CA PHE G 49 -59.71 25.30 -8.54
C PHE G 49 -60.79 25.38 -9.64
N ARG G 50 -60.85 24.37 -10.52
CA ARG G 50 -62.09 24.05 -11.25
C ARG G 50 -63.12 23.32 -10.38
N LYS G 51 -62.70 22.78 -9.24
CA LYS G 51 -63.61 22.07 -8.32
C LYS G 51 -64.71 22.96 -7.72
N ALA G 52 -64.43 24.25 -7.56
CA ALA G 52 -65.44 25.24 -7.18
C ALA G 52 -65.90 26.12 -8.36
N MET G 53 -66.02 25.52 -9.55
CA MET G 53 -66.87 26.03 -10.63
C MET G 53 -68.21 25.29 -10.72
N CYS G 54 -68.23 24.01 -10.34
CA CYS G 54 -69.46 23.22 -10.29
C CYS G 54 -70.47 23.80 -9.30
N PRO G 55 -71.78 23.79 -9.65
CA PRO G 55 -72.80 24.10 -8.65
C PRO G 55 -72.94 22.97 -7.64
N ILE G 56 -73.17 23.31 -6.38
CA ILE G 56 -72.98 22.36 -5.27
C ILE G 56 -74.05 21.25 -5.27
N VAL G 57 -75.18 21.48 -5.94
CA VAL G 57 -76.16 20.41 -6.19
C VAL G 57 -75.57 19.30 -7.08
N GLU G 58 -74.74 19.67 -8.04
CA GLU G 58 -73.96 18.68 -8.83
C GLU G 58 -72.93 17.95 -7.98
N ARG G 59 -72.25 18.68 -7.09
CA ARG G 59 -71.28 18.09 -6.16
C ARG G 59 -71.91 17.21 -5.07
N LEU G 60 -73.18 17.46 -4.75
CA LEU G 60 -73.96 16.59 -3.86
C LEU G 60 -74.29 15.25 -4.52
N VAL G 61 -74.88 15.30 -5.72
CA VAL G 61 -75.24 14.08 -6.47
C VAL G 61 -74.00 13.27 -6.90
N ASN G 62 -72.91 13.98 -7.16
CA ASN G 62 -71.65 13.35 -7.54
C ASN G 62 -71.00 12.56 -6.39
N SER G 63 -71.04 13.14 -5.19
CA SER G 63 -70.44 12.54 -4.00
C SER G 63 -71.40 11.69 -3.20
N MET G 64 -72.62 11.56 -3.71
CA MET G 64 -73.63 10.77 -3.02
C MET G 64 -73.55 9.29 -3.37
N MET G 65 -72.65 8.94 -4.29
CA MET G 65 -72.52 7.55 -4.71
C MET G 65 -71.42 6.84 -3.94
N MET G 66 -71.83 5.97 -3.03
CA MET G 66 -70.90 5.18 -2.25
C MET G 66 -71.59 3.94 -1.70
N HIS G 67 -70.84 2.89 -1.39
CA HIS G 67 -69.39 2.88 -1.56
C HIS G 67 -69.06 2.18 -2.88
N GLY G 68 -68.43 1.02 -2.82
CA GLY G 68 -68.10 0.32 -4.05
C GLY G 68 -69.35 -0.09 -4.80
N ARG G 69 -70.33 -0.59 -4.06
CA ARG G 69 -71.60 -1.04 -4.65
C ARG G 69 -72.45 0.04 -5.29
N ASN G 70 -72.53 1.19 -4.65
CA ASN G 70 -73.36 2.30 -5.14
C ASN G 70 -72.70 3.34 -6.04
N ASN G 71 -71.40 3.20 -6.30
CA ASN G 71 -70.70 4.17 -7.15
C ASN G 71 -71.22 4.15 -8.58
N GLY G 72 -71.18 5.31 -9.24
CA GLY G 72 -71.71 5.41 -10.60
C GLY G 72 -73.20 5.61 -10.49
N LYS G 73 -73.94 5.35 -11.56
CA LYS G 73 -75.39 5.52 -11.49
C LYS G 73 -75.80 6.93 -11.06
N LYS G 74 -75.26 7.95 -11.71
CA LYS G 74 -75.61 9.31 -11.34
C LYS G 74 -77.11 9.49 -11.51
N THR G 75 -77.65 9.00 -12.61
CA THR G 75 -79.10 9.05 -12.84
C THR G 75 -79.94 8.64 -11.61
N LEU G 76 -79.44 7.67 -10.85
CA LEU G 76 -80.07 7.23 -9.60
C LEU G 76 -79.97 8.28 -8.49
N SER G 77 -78.79 8.89 -8.35
CA SER G 77 -78.58 9.95 -7.36
C SER G 77 -79.30 11.28 -7.68
N VAL G 78 -79.61 11.50 -8.97
CA VAL G 78 -80.47 12.62 -9.38
C VAL G 78 -81.89 12.47 -8.82
N ARG G 79 -82.44 11.26 -8.89
CA ARG G 79 -83.81 10.98 -8.41
C ARG G 79 -83.97 11.26 -6.92
N ILE G 80 -83.09 10.68 -6.11
CA ILE G 80 -83.20 10.75 -4.65
C ILE G 80 -82.92 12.15 -4.07
N VAL G 81 -82.12 12.94 -4.79
CA VAL G 81 -81.95 14.37 -4.50
C VAL G 81 -83.16 15.19 -4.98
N ARG G 82 -83.71 14.85 -6.14
CA ARG G 82 -84.97 15.45 -6.63
C ARG G 82 -86.15 15.24 -5.67
N HIS G 83 -86.19 14.09 -5.01
CA HIS G 83 -87.15 13.84 -3.92
C HIS G 83 -86.79 14.58 -2.63
N ALA G 84 -85.49 14.66 -2.32
CA ALA G 84 -85.01 15.35 -1.11
C ALA G 84 -85.30 16.85 -1.10
N PHE G 85 -85.06 17.52 -2.24
CA PHE G 85 -85.40 18.94 -2.39
C PHE G 85 -86.92 19.21 -2.34
N GLU G 86 -87.72 18.22 -2.73
CA GLU G 86 -89.19 18.29 -2.59
C GLU G 86 -89.64 18.19 -1.12
N ILE G 87 -88.98 17.34 -0.33
CA ILE G 87 -89.29 17.17 1.09
C ILE G 87 -88.84 18.39 1.93
N ILE G 88 -87.72 18.98 1.55
CA ILE G 88 -87.19 20.13 2.26
C ILE G 88 -88.21 21.24 2.11
N HIS G 89 -88.77 21.33 0.91
CA HIS G 89 -89.79 22.30 0.57
C HIS G 89 -91.02 22.06 1.43
N LEU G 90 -91.33 20.79 1.67
CA LEU G 90 -92.51 20.42 2.45
C LEU G 90 -92.48 20.96 3.88
N MET G 91 -91.32 20.94 4.51
CA MET G 91 -91.20 21.43 5.89
C MET G 91 -90.40 22.74 5.90
N THR G 92 -90.90 23.75 6.59
CA THR G 92 -90.19 25.02 6.64
C THR G 92 -89.99 25.47 5.20
N ASP G 93 -91.07 25.39 4.42
CA ASP G 93 -91.04 25.73 3.02
C ASP G 93 -90.59 27.15 2.71
N LYS G 94 -89.68 27.24 1.75
CA LYS G 94 -89.12 28.49 1.26
C LYS G 94 -88.39 28.10 -0.02
N ASN G 95 -87.08 27.93 0.09
CA ASN G 95 -86.26 27.50 -1.04
C ASN G 95 -85.43 26.30 -0.64
N PRO G 96 -85.50 25.20 -1.48
CA PRO G 96 -84.67 24.06 -1.05
C PRO G 96 -83.21 24.49 -1.10
N ILE G 97 -82.83 25.24 -2.14
CA ILE G 97 -81.46 25.69 -2.29
C ILE G 97 -80.99 26.61 -1.16
N GLN G 98 -81.82 27.56 -0.73
CA GLN G 98 -81.40 28.43 0.38
C GLN G 98 -81.20 27.68 1.70
N VAL G 99 -82.01 26.64 1.93
CA VAL G 99 -81.85 25.75 3.09
C VAL G 99 -80.61 24.86 2.92
N PHE G 100 -80.38 24.36 1.71
CA PHE G 100 -79.20 23.55 1.38
C PHE G 100 -77.89 24.35 1.45
N VAL G 101 -77.91 25.59 0.98
CA VAL G 101 -76.74 26.48 1.03
C VAL G 101 -76.42 26.90 2.47
N ASN G 102 -77.46 27.13 3.28
CA ASN G 102 -77.29 27.37 4.72
C ASN G 102 -76.84 26.14 5.52
N ALA G 103 -77.17 24.94 5.01
CA ALA G 103 -76.68 23.68 5.59
C ALA G 103 -75.18 23.48 5.39
N VAL G 104 -74.73 23.56 4.13
CA VAL G 104 -73.30 23.39 3.79
C VAL G 104 -72.42 24.56 4.24
N GLU G 105 -73.03 25.70 4.57
CA GLU G 105 -72.38 26.76 5.35
C GLU G 105 -71.94 26.25 6.73
N ASN G 106 -72.91 25.73 7.49
CA ASN G 106 -72.67 25.32 8.88
C ASN G 106 -72.11 23.90 9.06
N GLY G 107 -72.08 23.12 7.97
CA GLY G 107 -71.82 21.67 8.07
C GLY G 107 -70.38 21.32 8.39
N GLY G 108 -69.46 21.89 7.62
CA GLY G 108 -68.04 21.52 7.70
C GLY G 108 -67.33 22.11 8.91
N PRO G 109 -66.16 21.55 9.29
CA PRO G 109 -65.44 21.99 10.48
C PRO G 109 -64.64 23.28 10.27
N ARG G 110 -64.41 24.00 11.36
CA ARG G 110 -63.70 25.29 11.32
C ARG G 110 -62.18 25.10 11.40
N GLU G 111 -61.74 24.27 12.35
CA GLU G 111 -60.31 24.02 12.61
C GLU G 111 -59.99 22.53 12.60
N ASP G 112 -58.70 22.21 12.61
CA ASP G 112 -58.21 20.84 12.39
C ASP G 112 -56.81 20.63 13.01
N SER G 113 -56.54 19.38 13.41
CA SER G 113 -55.26 19.02 14.04
C SER G 113 -54.31 18.36 13.04
N THR G 114 -53.24 19.08 12.67
CA THR G 114 -52.14 18.52 11.87
C THR G 114 -51.00 18.02 12.77
N ARG G 115 -50.20 17.11 12.22
CA ARG G 115 -49.07 16.50 12.93
C ARG G 115 -47.76 17.21 12.58
N ILE G 116 -47.34 18.13 13.45
CA ILE G 116 -46.01 18.76 13.37
C ILE G 116 -45.30 18.58 14.72
N GLY G 117 -44.18 17.84 14.71
CA GLY G 117 -43.52 17.39 15.93
C GLY G 117 -42.21 18.09 16.29
N SER G 118 -41.67 18.87 15.35
CA SER G 118 -40.27 19.35 15.40
C SER G 118 -39.25 18.20 15.53
N ALA G 119 -39.34 17.24 14.62
CA ALA G 119 -38.40 16.10 14.50
C ALA G 119 -38.56 15.07 15.63
N GLY G 120 -38.94 13.84 15.26
CA GLY G 120 -38.96 12.69 16.17
C GLY G 120 -40.37 12.24 16.52
N VAL G 121 -41.15 13.17 17.07
CA VAL G 121 -42.46 12.86 17.66
C VAL G 121 -43.57 13.11 16.63
N VAL G 122 -44.69 12.40 16.78
CA VAL G 122 -45.94 12.72 16.07
C VAL G 122 -46.87 13.50 17.02
N ARG G 123 -46.70 14.83 17.02
CA ARG G 123 -47.36 15.73 17.97
C ARG G 123 -48.36 16.65 17.25
N ARG G 124 -49.53 16.83 17.85
CA ARG G 124 -50.63 17.58 17.21
C ARG G 124 -50.45 19.09 17.37
N GLN G 125 -51.12 19.85 16.50
CA GLN G 125 -51.07 21.32 16.52
C GLN G 125 -52.29 21.93 15.83
N ALA G 126 -52.76 23.06 16.35
CA ALA G 126 -54.01 23.68 15.89
C ALA G 126 -53.82 24.43 14.58
N VAL G 127 -54.67 24.11 13.59
CA VAL G 127 -54.63 24.74 12.26
C VAL G 127 -56.07 24.99 11.79
N ASP G 128 -56.34 26.21 11.33
CA ASP G 128 -57.64 26.54 10.74
C ASP G 128 -57.82 25.95 9.34
N VAL G 129 -59.06 25.68 8.97
CA VAL G 129 -59.39 25.00 7.71
C VAL G 129 -59.66 26.04 6.62
N SER G 130 -59.26 25.73 5.38
CA SER G 130 -59.50 26.60 4.23
C SER G 130 -60.99 26.70 3.87
N PRO G 131 -61.37 27.71 3.06
CA PRO G 131 -62.75 27.78 2.58
C PRO G 131 -63.18 26.66 1.62
N LEU G 132 -62.25 26.16 0.79
CA LEU G 132 -62.55 25.07 -0.14
C LEU G 132 -62.76 23.74 0.61
N ARG G 133 -61.84 23.41 1.51
CA ARG G 133 -61.95 22.17 2.31
C ARG G 133 -63.19 22.15 3.22
N ARG G 134 -63.59 23.31 3.73
CA ARG G 134 -64.81 23.41 4.53
C ARG G 134 -66.09 23.15 3.73
N VAL G 135 -66.07 23.47 2.43
CA VAL G 135 -67.13 23.05 1.49
C VAL G 135 -67.00 21.56 1.12
N ASN G 136 -65.76 21.09 0.92
CA ASN G 136 -65.49 19.66 0.65
C ASN G 136 -65.98 18.77 1.79
N GLN G 137 -65.60 19.13 3.02
CA GLN G 137 -66.01 18.39 4.22
C GLN G 137 -67.49 18.50 4.53
N ALA G 138 -68.11 19.62 4.17
CA ALA G 138 -69.55 19.85 4.42
C ALA G 138 -70.43 18.85 3.69
N ILE G 139 -70.18 18.66 2.39
CA ILE G 139 -71.05 17.84 1.54
C ILE G 139 -70.79 16.35 1.80
N TYR G 140 -69.54 16.01 2.10
CA TYR G 140 -69.17 14.67 2.57
C TYR G 140 -69.88 14.29 3.88
N LEU G 141 -69.83 15.17 4.87
CA LEU G 141 -70.42 14.91 6.19
C LEU G 141 -71.96 14.90 6.18
N ILE G 142 -72.56 15.72 5.32
CA ILE G 142 -74.01 15.66 5.03
C ILE G 142 -74.43 14.25 4.60
N CYS G 143 -73.73 13.68 3.63
CA CYS G 143 -74.12 12.40 3.03
C CYS G 143 -73.88 11.21 3.95
N THR G 144 -72.71 11.17 4.59
CA THR G 144 -72.32 10.04 5.44
C THR G 144 -73.18 9.88 6.71
N GLY G 145 -73.80 10.96 7.15
CA GLY G 145 -74.94 10.89 8.07
C GLY G 145 -76.18 10.26 7.47
N ALA G 146 -76.57 10.74 6.29
CA ALA G 146 -77.77 10.27 5.59
C ALA G 146 -77.68 8.81 5.13
N ARG G 147 -76.50 8.39 4.70
CA ARG G 147 -76.27 7.00 4.29
C ARG G 147 -76.27 6.04 5.48
N LEU G 148 -75.55 6.42 6.55
CA LEU G 148 -75.50 5.64 7.78
C LEU G 148 -76.84 5.59 8.52
N ALA G 149 -77.62 6.66 8.40
CA ALA G 149 -78.93 6.73 9.04
C ALA G 149 -79.89 5.71 8.45
N ALA G 150 -79.85 5.57 7.12
CA ALA G 150 -80.74 4.65 6.40
C ALA G 150 -80.12 3.33 5.97
N PHE G 151 -78.90 3.03 6.42
CA PHE G 151 -78.25 1.79 6.00
C PHE G 151 -78.97 0.50 6.41
N ARG G 152 -79.46 0.43 7.64
CA ARG G 152 -80.15 -0.78 8.06
C ARG G 152 -81.64 -0.53 8.25
N ASN G 153 -81.99 0.73 8.51
CA ASN G 153 -83.39 1.11 8.72
C ASN G 153 -84.18 1.09 7.42
N ILE G 154 -85.46 0.74 7.51
CA ILE G 154 -86.30 0.71 6.32
C ILE G 154 -86.82 2.12 6.06
N LYS G 155 -85.90 3.03 5.85
CA LYS G 155 -86.19 4.43 5.58
C LYS G 155 -85.48 4.76 4.28
N THR G 156 -86.18 5.38 3.35
CA THR G 156 -85.58 5.73 2.07
C THR G 156 -84.46 6.72 2.28
N ILE G 157 -83.42 6.61 1.45
CA ILE G 157 -82.26 7.48 1.54
C ILE G 157 -82.70 8.92 1.31
N ALA G 158 -83.68 9.11 0.43
CA ALA G 158 -84.15 10.46 0.16
C ALA G 158 -84.65 11.04 1.47
N GLU G 159 -85.32 10.22 2.27
CA GLU G 159 -85.82 10.69 3.56
C GLU G 159 -84.66 11.09 4.45
N CYS G 160 -83.61 10.28 4.48
CA CYS G 160 -82.46 10.58 5.31
C CYS G 160 -81.80 11.87 4.86
N LEU G 161 -81.64 12.02 3.55
CA LEU G 161 -81.01 13.22 3.02
C LEU G 161 -81.81 14.48 3.30
N ALA G 162 -83.13 14.39 3.13
CA ALA G 162 -83.98 15.55 3.39
C ALA G 162 -83.90 15.91 4.85
N ASP G 163 -83.96 14.90 5.71
CA ASP G 163 -83.89 15.09 7.14
C ASP G 163 -82.52 15.63 7.57
N GLU G 164 -81.47 15.06 6.99
CA GLU G 164 -80.12 15.47 7.34
C GLU G 164 -79.84 16.93 6.97
N ILE G 165 -80.30 17.34 5.80
CA ILE G 165 -80.07 18.72 5.36
C ILE G 165 -80.79 19.73 6.24
N MET G 166 -82.04 19.46 6.60
CA MET G 166 -82.79 20.38 7.43
C MET G 166 -82.16 20.49 8.81
N ASN G 167 -81.71 19.36 9.33
CA ASN G 167 -81.07 19.31 10.65
C ASN G 167 -79.77 20.12 10.67
N CYS G 168 -78.99 20.02 9.60
CA CYS G 168 -77.71 20.74 9.50
C CYS G 168 -77.93 22.25 9.51
N ALA G 169 -78.98 22.70 8.83
CA ALA G 169 -79.28 24.12 8.81
C ALA G 169 -79.57 24.49 10.25
N LYS G 170 -80.26 23.58 10.93
CA LYS G 170 -80.61 23.73 12.34
C LYS G 170 -79.43 23.44 13.26
N GLU G 171 -79.55 23.86 14.51
CA GLU G 171 -78.51 23.68 15.51
C GLU G 171 -78.84 22.51 16.45
N SER G 172 -79.70 21.61 15.98
CA SER G 172 -80.13 20.48 16.80
C SER G 172 -78.96 19.61 17.25
N SER G 173 -78.02 19.37 16.35
CA SER G 173 -76.84 18.56 16.67
C SER G 173 -77.13 17.07 16.62
N ASN G 174 -78.36 16.73 16.24
CA ASN G 174 -78.75 15.33 16.12
C ASN G 174 -77.97 14.70 15.00
N ALA G 175 -77.77 15.49 13.95
CA ALA G 175 -77.07 15.08 12.73
C ALA G 175 -75.72 14.46 13.04
N TYR G 176 -75.27 13.59 12.12
CA TYR G 176 -73.90 13.06 12.14
C TYR G 176 -72.87 14.13 11.78
N ALA G 177 -73.23 15.05 10.89
CA ALA G 177 -72.31 16.09 10.41
C ALA G 177 -71.98 17.12 11.48
N ILE G 178 -73.03 17.64 12.12
CA ILE G 178 -72.88 18.71 13.12
C ILE G 178 -72.27 18.20 14.44
N LYS G 179 -72.44 16.90 14.72
CA LYS G 179 -71.68 16.22 15.76
C LYS G 179 -70.18 16.14 15.42
N LYS G 180 -69.87 15.69 14.20
CA LYS G 180 -68.48 15.51 13.76
C LYS G 180 -67.75 16.83 13.48
N LYS G 181 -68.48 17.94 13.37
CA LYS G 181 -67.91 19.27 13.54
C LYS G 181 -67.38 19.47 14.96
N ASP G 182 -68.27 19.30 15.94
CA ASP G 182 -67.94 19.55 17.36
C ASP G 182 -67.02 18.50 17.97
N GLU G 183 -66.99 17.29 17.40
CA GLU G 183 -66.03 16.25 17.80
C GLU G 183 -64.59 16.61 17.42
N ILE G 184 -64.41 17.25 16.26
CA ILE G 184 -63.11 17.80 15.86
C ILE G 184 -62.76 19.06 16.66
N GLU G 185 -63.73 19.94 16.87
CA GLU G 185 -63.54 21.16 17.66
C GLU G 185 -63.41 20.92 19.17
N ARG G 186 -63.77 19.73 19.63
CA ARG G 186 -63.41 19.25 20.97
C ARG G 186 -61.89 19.10 21.13
N VAL G 187 -61.28 18.33 20.23
CA VAL G 187 -59.82 18.09 20.26
C VAL G 187 -58.99 19.29 19.77
N ALA G 188 -59.52 20.05 18.80
CA ALA G 188 -58.83 21.23 18.25
C ALA G 188 -58.72 22.39 19.25
N LYS G 189 -59.66 22.48 20.19
CA LYS G 189 -59.52 23.36 21.37
C LYS G 189 -58.36 22.94 22.27
N ALA G 190 -58.28 21.64 22.56
CA ALA G 190 -57.24 21.10 23.46
C ALA G 190 -55.82 21.17 22.88
N ASN G 191 -55.70 21.00 21.57
CA ASN G 191 -54.40 21.04 20.87
C ASN G 191 -53.81 22.44 20.68
N ARG G 192 -54.57 23.49 20.99
CA ARG G 192 -54.01 24.83 21.18
C ARG G 192 -53.03 24.85 22.35
N MET H 1 60.72 -75.77 61.25
CA MET H 1 60.43 -77.21 60.95
C MET H 1 61.60 -77.86 60.22
N LYS H 2 61.94 -77.33 59.04
CA LYS H 2 62.95 -77.91 58.16
C LYS H 2 64.26 -77.14 58.29
N LEU H 3 65.18 -77.66 59.11
CA LEU H 3 66.42 -76.97 59.44
C LEU H 3 67.46 -77.15 58.33
N ASN H 4 67.92 -76.02 57.77
CA ASN H 4 68.95 -76.02 56.73
C ASN H 4 70.34 -75.78 57.34
N LEU H 5 71.11 -76.86 57.51
CA LEU H 5 72.36 -76.84 58.26
C LEU H 5 73.55 -76.58 57.33
N ALA H 6 74.28 -75.49 57.58
CA ALA H 6 75.37 -75.04 56.71
C ALA H 6 76.73 -75.23 57.39
N ASN H 7 77.62 -75.97 56.73
CA ASN H 7 79.06 -75.91 57.00
C ASN H 7 79.70 -74.80 56.16
N PRO H 8 80.31 -73.78 56.81
CA PRO H 8 81.01 -72.74 56.04
C PRO H 8 82.35 -73.19 55.49
N GLN H 9 83.16 -73.86 56.32
CA GLN H 9 84.57 -74.07 56.03
C GLN H 9 84.80 -75.16 54.99
N ALA H 10 84.04 -76.25 55.10
CA ALA H 10 84.01 -77.30 54.09
C ALA H 10 83.32 -76.85 52.79
N GLY H 11 82.23 -76.10 52.92
CA GLY H 11 81.35 -75.77 51.79
C GLY H 11 80.41 -76.91 51.47
N MET H 12 79.69 -77.38 52.50
CA MET H 12 78.70 -78.45 52.37
C MET H 12 77.45 -78.10 53.18
N GLN H 13 76.29 -78.59 52.75
CA GLN H 13 75.04 -78.41 53.50
C GLN H 13 73.94 -79.39 53.06
N LYS H 14 73.03 -79.69 53.98
CA LYS H 14 71.88 -80.55 53.70
C LYS H 14 70.73 -80.26 54.68
N THR H 15 69.50 -80.26 54.15
CA THR H 15 68.30 -80.06 54.97
C THR H 15 67.98 -81.30 55.81
N VAL H 16 67.28 -81.09 56.93
CA VAL H 16 66.72 -82.17 57.74
C VAL H 16 65.32 -81.79 58.25
N GLU H 17 64.41 -82.78 58.24
CA GLU H 17 63.08 -82.61 58.85
C GLU H 17 63.15 -82.89 60.36
N VAL H 18 62.38 -82.13 61.12
CA VAL H 18 62.32 -82.26 62.58
C VAL H 18 61.00 -82.93 62.98
N ASP H 19 61.09 -84.18 63.41
CA ASP H 19 60.04 -84.82 64.21
C ASP H 19 59.92 -84.18 65.61
N ASP H 20 58.72 -84.27 66.18
CA ASP H 20 58.40 -83.75 67.52
C ASP H 20 58.44 -82.22 67.65
N GLU H 21 57.90 -81.73 68.76
CA GLU H 21 57.99 -80.32 69.13
C GLU H 21 59.31 -79.98 69.81
N LYS H 22 59.80 -80.89 70.67
CA LYS H 22 60.76 -80.55 71.73
C LYS H 22 62.17 -80.26 71.23
N LYS H 23 62.52 -80.78 70.06
CA LYS H 23 63.82 -80.47 69.41
C LYS H 23 63.94 -79.01 68.93
N LEU H 24 62.79 -78.38 68.64
CA LEU H 24 62.76 -76.96 68.26
C LEU H 24 62.78 -75.96 69.43
N LEU H 25 62.58 -76.45 70.66
CA LEU H 25 62.24 -75.59 71.81
C LEU H 25 63.39 -74.74 72.38
N PRO H 26 64.66 -75.20 72.22
CA PRO H 26 65.80 -74.30 72.44
C PRO H 26 65.85 -73.07 71.51
N PHE H 27 65.41 -73.23 70.27
CA PHE H 27 65.52 -72.16 69.26
C PHE H 27 64.52 -71.02 69.42
N PHE H 28 63.40 -71.25 70.11
CA PHE H 28 62.33 -70.25 70.23
C PHE H 28 62.72 -69.15 71.22
N GLU H 29 62.29 -67.92 70.91
CA GLU H 29 62.75 -66.71 71.59
C GLU H 29 64.28 -66.55 71.56
N LYS H 30 64.84 -66.65 70.36
CA LYS H 30 66.27 -66.39 70.12
C LYS H 30 66.42 -65.45 68.91
N ARG H 31 67.47 -64.63 68.94
CA ARG H 31 67.77 -63.71 67.86
C ARG H 31 68.49 -64.41 66.71
N MET H 32 68.72 -63.69 65.62
CA MET H 32 69.77 -64.04 64.66
C MET H 32 71.15 -63.75 65.25
N GLY H 33 72.13 -64.55 64.84
CA GLY H 33 73.50 -64.42 65.33
C GLY H 33 73.67 -64.82 66.79
N ALA H 34 72.98 -65.88 67.20
CA ALA H 34 73.05 -66.42 68.56
C ALA H 34 73.54 -67.85 68.50
N GLU H 35 74.55 -68.18 69.31
CA GLU H 35 75.20 -69.49 69.28
C GLU H 35 74.38 -70.50 70.08
N VAL H 36 73.46 -71.19 69.41
CA VAL H 36 72.55 -72.14 70.04
C VAL H 36 73.20 -73.53 70.07
N ALA H 37 72.99 -74.25 71.16
CA ALA H 37 73.54 -75.60 71.33
C ALA H 37 72.77 -76.61 70.47
N GLY H 38 73.48 -77.29 69.57
CA GLY H 38 72.90 -78.31 68.69
C GLY H 38 73.15 -79.75 69.14
N ASP H 39 73.21 -79.98 70.44
CA ASP H 39 73.15 -81.33 71.01
C ASP H 39 71.73 -81.92 70.89
N SER H 40 70.73 -81.09 71.20
CA SER H 40 69.35 -81.56 71.38
C SER H 40 68.48 -81.51 70.11
N ILE H 41 69.08 -81.26 68.95
CA ILE H 41 68.36 -81.33 67.66
C ILE H 41 68.19 -82.78 67.14
N GLY H 42 69.19 -83.63 67.41
CA GLY H 42 69.09 -85.04 67.06
C GLY H 42 70.16 -85.92 67.73
N ASP H 43 70.21 -87.17 67.30
CA ASP H 43 71.07 -88.19 67.93
C ASP H 43 72.51 -88.04 67.48
N GLU H 44 72.73 -88.03 66.17
CA GLU H 44 74.06 -87.89 65.57
C GLU H 44 74.71 -86.52 65.85
N PHE H 45 73.89 -85.48 65.97
CA PHE H 45 74.37 -84.14 66.31
C PHE H 45 74.69 -84.07 67.81
N LYS H 46 75.96 -84.24 68.16
CA LYS H 46 76.40 -84.31 69.56
C LYS H 46 77.63 -83.43 69.76
N GLY H 47 77.56 -82.50 70.72
CA GLY H 47 78.63 -81.54 70.98
C GLY H 47 78.86 -80.52 69.88
N TYR H 48 77.80 -80.18 69.15
CA TYR H 48 77.82 -79.12 68.14
C TYR H 48 77.34 -77.80 68.74
N ILE H 49 77.65 -76.71 68.05
CA ILE H 49 77.09 -75.38 68.36
C ILE H 49 76.87 -74.59 67.07
N PHE H 50 75.68 -74.00 66.95
CA PHE H 50 75.20 -73.41 65.70
C PHE H 50 74.85 -71.94 65.92
N ARG H 51 75.49 -71.05 65.14
CA ARG H 51 74.95 -69.73 64.85
C ARG H 51 73.69 -69.85 64.00
N ILE H 52 72.75 -68.92 64.17
CA ILE H 52 71.48 -68.92 63.43
C ILE H 52 71.40 -67.67 62.54
N SER H 53 71.24 -67.90 61.23
CA SER H 53 71.56 -66.89 60.22
C SER H 53 70.31 -66.21 59.68
N GLY H 54 69.31 -67.01 59.31
CA GLY H 54 68.02 -66.48 58.86
C GLY H 54 66.93 -67.54 58.81
N GLY H 55 65.98 -67.36 57.91
CA GLY H 55 64.88 -68.30 57.75
C GLY H 55 63.75 -67.75 56.90
N ASN H 56 62.71 -68.56 56.72
CA ASN H 56 61.52 -68.17 55.95
C ASN H 56 60.30 -68.76 56.65
N ASP H 57 59.15 -68.13 56.53
CA ASP H 57 57.96 -68.66 57.20
C ASP H 57 56.77 -68.96 56.29
N LYS H 58 56.28 -70.19 56.34
CA LYS H 58 55.14 -70.64 55.56
C LYS H 58 54.89 -69.75 54.35
N GLN H 59 54.79 -68.46 54.61
CA GLN H 59 54.56 -67.46 53.56
C GLN H 59 55.73 -67.46 52.59
N GLY H 60 56.92 -67.73 53.12
CA GLY H 60 58.13 -67.74 52.32
C GLY H 60 58.89 -66.44 52.45
CA PRO H 62 62.62 -64.05 54.68
C PRO H 62 62.92 -63.01 55.75
N MET H 63 63.11 -63.46 56.98
CA MET H 63 63.40 -62.57 58.09
C MET H 63 64.76 -61.91 57.93
N MET H 64 64.86 -60.64 58.33
CA MET H 64 66.10 -59.89 58.24
C MET H 64 66.51 -59.39 59.61
N GLN H 65 67.80 -59.48 59.92
CA GLN H 65 68.29 -59.08 61.24
C GLN H 65 68.08 -57.62 61.59
N GLY H 66 67.71 -57.40 62.85
CA GLY H 66 67.48 -56.09 63.41
C GLY H 66 66.03 -55.62 63.34
N VAL H 67 65.20 -56.29 62.56
CA VAL H 67 63.80 -55.88 62.48
C VAL H 67 63.11 -56.06 63.81
N LEU H 68 63.36 -57.20 64.45
CA LEU H 68 62.77 -57.53 65.74
C LEU H 68 61.33 -57.99 65.55
N VAL H 69 60.69 -58.34 66.65
CA VAL H 69 59.28 -58.79 66.64
C VAL H 69 59.18 -60.28 66.30
N ASN H 70 58.02 -60.87 66.58
CA ASN H 70 57.80 -62.28 66.30
C ASN H 70 56.85 -62.55 65.13
N HIS H 71 56.46 -61.49 64.43
CA HIS H 71 55.53 -61.63 63.31
C HIS H 71 55.93 -60.85 62.06
N ARG H 72 55.34 -61.23 60.93
CA ARG H 72 55.61 -60.61 59.65
C ARG H 72 55.21 -59.13 59.64
N VAL H 73 56.01 -58.31 58.99
CA VAL H 73 55.76 -56.87 58.92
C VAL H 73 55.99 -56.29 57.52
N ARG H 74 55.42 -55.12 57.27
CA ARG H 74 55.58 -54.45 55.99
C ARG H 74 56.55 -53.29 56.14
N LEU H 75 57.53 -53.21 55.24
CA LEU H 75 58.52 -52.16 55.29
C LEU H 75 58.78 -51.49 53.95
N LEU H 76 59.27 -50.26 53.99
CA LEU H 76 59.60 -49.50 52.80
C LEU H 76 61.10 -49.73 52.69
N PHE H 77 61.57 -50.16 51.53
CA PHE H 77 63.00 -50.47 51.41
C PHE H 77 63.77 -49.39 50.65
N ARG H 78 64.89 -48.96 51.22
CA ARG H 78 65.90 -48.16 50.53
C ARG H 78 66.78 -49.04 49.63
N LYS H 79 67.71 -48.40 48.91
CA LYS H 79 68.82 -49.10 48.26
C LYS H 79 69.78 -49.67 49.31
N GLY H 80 70.33 -50.84 49.03
CA GLY H 80 71.28 -51.50 49.91
C GLY H 80 70.69 -52.09 51.18
N MET H 81 69.40 -52.43 51.13
CA MET H 81 68.76 -53.29 52.14
C MET H 81 68.83 -54.74 51.70
N LYS H 82 68.45 -55.64 52.60
CA LYS H 82 68.29 -57.07 52.28
C LYS H 82 66.84 -57.35 51.85
N CYS H 83 66.65 -58.48 51.16
CA CYS H 83 65.34 -58.95 50.69
C CYS H 83 64.69 -58.01 49.67
N TYR H 84 65.51 -57.39 48.82
CA TYR H 84 65.03 -56.45 47.80
C TYR H 84 66.10 -56.20 46.75
N ARG H 85 65.85 -56.67 45.53
CA ARG H 85 66.57 -56.23 44.33
C ARG H 85 65.81 -55.08 43.67
N GLN H 86 66.51 -53.99 43.37
CA GLN H 86 65.94 -52.87 42.63
C GLN H 86 65.70 -53.24 41.16
N ARG H 87 64.57 -52.79 40.62
CA ARG H 87 64.33 -52.81 39.18
C ARG H 87 64.87 -51.54 38.52
N ARG H 88 64.53 -50.39 39.11
CA ARG H 88 64.98 -49.08 38.63
C ARG H 88 65.86 -48.40 39.69
N THR H 89 66.71 -47.48 39.24
CA THR H 89 67.50 -46.64 40.15
C THR H 89 66.61 -45.63 40.87
N GLY H 90 66.78 -45.55 42.19
CA GLY H 90 65.93 -44.70 43.04
C GLY H 90 64.60 -45.29 43.48
N GLU H 91 64.31 -46.53 43.07
CA GLU H 91 63.03 -47.16 43.37
C GLU H 91 63.05 -47.69 44.80
N LYS H 92 62.16 -47.16 45.63
CA LYS H 92 61.79 -47.78 46.90
C LYS H 92 60.50 -48.56 46.72
N LYS H 93 60.26 -49.54 47.58
CA LYS H 93 59.07 -50.41 47.49
C LYS H 93 58.70 -51.02 48.84
N ARG H 94 57.40 -51.19 49.07
CA ARG H 94 56.87 -51.79 50.30
C ARG H 94 56.67 -53.29 50.13
N LYS H 95 57.03 -54.06 51.16
CA LYS H 95 57.30 -55.49 51.04
C LYS H 95 57.19 -56.17 52.40
N SER H 96 56.52 -57.32 52.45
CA SER H 96 56.28 -58.04 53.70
C SER H 96 57.48 -58.90 54.11
N VAL H 97 57.77 -58.93 55.41
CA VAL H 97 59.02 -59.50 55.95
C VAL H 97 58.80 -60.04 57.37
N ARG H 98 59.39 -61.20 57.67
CA ARG H 98 59.32 -61.81 59.00
C ARG H 98 60.24 -61.11 60.00
N GLY H 99 59.84 -61.11 61.27
CA GLY H 99 60.70 -60.72 62.39
C GLY H 99 61.98 -61.51 62.56
N SER H 100 62.94 -60.90 63.26
CA SER H 100 64.25 -61.51 63.50
C SER H 100 64.21 -62.57 64.61
N ILE H 101 63.41 -62.30 65.64
CA ILE H 101 63.26 -63.22 66.78
C ILE H 101 62.42 -64.43 66.36
N VAL H 102 62.88 -65.62 66.73
CA VAL H 102 62.36 -66.88 66.19
C VAL H 102 61.11 -67.31 66.95
N GLY H 103 60.15 -67.89 66.22
CA GLY H 103 58.98 -68.56 66.79
C GLY H 103 58.71 -69.89 66.13
N PRO H 104 57.58 -70.54 66.47
CA PRO H 104 57.26 -71.87 65.95
C PRO H 104 56.82 -71.87 64.48
N ASP H 105 56.01 -70.90 64.09
CA ASP H 105 55.11 -71.05 62.94
C ASP H 105 55.81 -70.89 61.57
N LEU H 106 57.02 -70.35 61.57
CA LEU H 106 57.86 -70.30 60.36
C LEU H 106 58.32 -71.68 59.89
N ALA H 107 58.67 -71.76 58.60
CA ALA H 107 58.92 -73.05 57.93
C ALA H 107 60.36 -73.52 58.12
N VAL H 108 61.31 -72.64 57.80
CA VAL H 108 62.73 -73.00 57.70
C VAL H 108 63.57 -72.09 58.61
N LEU H 109 64.49 -72.70 59.36
CA LEU H 109 65.65 -72.00 59.91
C LEU H 109 66.92 -72.37 59.15
N ASN H 110 67.68 -71.35 58.75
CA ASN H 110 69.03 -71.55 58.22
C ASN H 110 70.07 -71.39 59.33
N LEU H 111 70.94 -72.39 59.48
CA LEU H 111 71.90 -72.45 60.59
C LEU H 111 73.33 -72.62 60.07
N VAL H 112 74.28 -72.02 60.78
CA VAL H 112 75.70 -72.03 60.39
C VAL H 112 76.54 -72.49 61.58
N LEU H 113 77.26 -73.61 61.43
CA LEU H 113 77.99 -74.22 62.53
C LEU H 113 79.30 -73.48 62.81
N VAL H 114 79.62 -73.33 64.10
CA VAL H 114 80.87 -72.69 64.54
C VAL H 114 81.91 -73.76 64.86
N LYS H 115 81.56 -74.65 65.79
CA LYS H 115 82.46 -75.70 66.29
C LYS H 115 81.76 -77.05 66.25
N LYS H 116 82.21 -77.92 65.34
CA LYS H 116 81.74 -79.31 65.29
C LYS H 116 82.30 -80.14 66.45
N GLY H 117 81.55 -81.17 66.83
CA GLY H 117 81.89 -82.04 67.96
C GLY H 117 82.82 -83.17 67.58
N PRO H 118 82.75 -84.31 68.31
CA PRO H 118 83.46 -85.52 67.87
C PRO H 118 82.85 -86.19 66.64
N GLU H 119 81.53 -86.25 66.56
CA GLU H 119 80.83 -87.14 65.64
C GLU H 119 80.78 -86.56 64.22
N THR H 120 80.54 -87.44 63.25
CA THR H 120 80.51 -87.07 61.83
C THR H 120 79.07 -87.01 61.30
N ILE H 121 78.80 -86.01 60.48
CA ILE H 121 77.54 -85.89 59.73
C ILE H 121 77.76 -86.43 58.32
N PRO H 122 76.80 -87.21 57.76
CA PRO H 122 76.99 -87.73 56.40
C PRO H 122 76.92 -86.65 55.30
N GLY H 123 76.05 -85.67 55.45
CA GLY H 123 76.00 -84.50 54.56
C GLY H 123 77.20 -83.58 54.67
N LEU H 124 77.46 -83.11 55.89
CA LEU H 124 78.28 -81.90 56.09
C LEU H 124 79.78 -82.24 56.17
N THR H 125 80.13 -83.13 57.11
CA THR H 125 81.53 -83.28 57.55
C THR H 125 82.41 -84.07 56.56
N ASP H 126 81.80 -84.96 55.78
CA ASP H 126 82.55 -85.99 55.04
C ASP H 126 83.50 -85.45 53.95
N ALA H 127 83.08 -84.40 53.25
CA ALA H 127 83.74 -83.93 52.02
C ALA H 127 84.15 -82.47 52.13
N GLU H 128 84.86 -81.99 51.11
CA GLU H 128 85.22 -80.58 50.99
C GLU H 128 85.21 -80.17 49.51
N ARG H 129 84.27 -79.30 49.14
CA ARG H 129 84.25 -78.68 47.82
C ARG H 129 85.28 -77.54 47.77
N PRO H 130 86.24 -77.61 46.82
CA PRO H 130 87.27 -76.57 46.74
C PRO H 130 86.76 -75.28 46.12
N ARG H 131 87.47 -74.17 46.40
CA ARG H 131 87.07 -72.85 45.90
C ARG H 131 87.35 -72.74 44.40
N ARG H 132 86.45 -72.07 43.70
CA ARG H 132 86.47 -72.06 42.23
C ARG H 132 87.51 -71.11 41.69
N LEU H 133 87.41 -69.84 42.10
CA LEU H 133 88.31 -68.78 41.65
C LEU H 133 89.36 -68.51 42.70
N GLY H 134 90.63 -68.57 42.31
CA GLY H 134 91.72 -67.93 43.03
C GLY H 134 91.74 -66.43 42.80
N PRO H 135 92.55 -65.69 43.58
CA PRO H 135 92.43 -64.23 43.60
C PRO H 135 92.93 -63.58 42.32
N LYS H 136 92.15 -62.64 41.78
CA LYS H 136 92.50 -61.98 40.51
C LYS H 136 93.55 -60.90 40.72
N ARG H 137 93.20 -59.88 41.52
CA ARG H 137 94.08 -58.71 41.70
C ARG H 137 95.29 -59.03 42.57
N ALA H 138 96.31 -58.18 42.48
CA ALA H 138 97.70 -58.58 42.67
C ALA H 138 98.06 -58.80 44.14
N ASN H 139 97.72 -57.82 44.99
CA ASN H 139 97.99 -57.91 46.43
C ASN H 139 97.05 -58.86 47.19
N ASN H 140 95.94 -59.26 46.57
CA ASN H 140 95.13 -60.37 47.07
C ASN H 140 95.80 -61.73 46.88
N ILE H 141 96.56 -61.89 45.80
CA ILE H 141 97.42 -63.06 45.59
C ILE H 141 98.61 -63.05 46.57
N ARG H 142 99.17 -61.87 46.82
CA ARG H 142 100.31 -61.71 47.74
C ARG H 142 99.96 -62.13 49.18
N LYS H 143 98.80 -61.67 49.65
CA LYS H 143 98.33 -61.97 51.01
C LYS H 143 97.86 -63.42 51.21
N LEU H 144 97.56 -64.12 50.13
CA LEU H 144 97.17 -65.54 50.19
C LEU H 144 98.34 -66.42 50.66
N PHE H 145 99.44 -66.39 49.90
CA PHE H 145 100.61 -67.24 50.17
C PHE H 145 101.73 -66.55 50.97
N ASN H 146 101.58 -65.25 51.25
CA ASN H 146 102.62 -64.42 51.90
C ASN H 146 103.93 -64.33 51.11
N LEU H 147 104.05 -63.29 50.29
CA LEU H 147 105.12 -63.16 49.29
C LEU H 147 106.15 -62.05 49.61
N SER H 148 105.90 -61.28 50.66
CA SER H 148 106.36 -59.87 50.75
C SER H 148 105.80 -59.06 49.57
N LYS H 149 106.64 -58.25 48.89
CA LYS H 149 106.37 -57.83 47.51
C LYS H 149 107.36 -58.39 46.46
N ASP H 150 108.59 -58.69 46.87
CA ASP H 150 109.69 -58.89 45.92
C ASP H 150 109.74 -60.31 45.32
N GLN H 151 108.91 -61.22 45.82
CA GLN H 151 108.75 -62.56 45.22
C GLN H 151 108.16 -62.53 43.81
N ASP H 152 107.33 -61.53 43.50
CA ASP H 152 106.66 -61.38 42.20
C ASP H 152 105.49 -62.35 42.01
N VAL H 153 104.49 -61.93 41.24
CA VAL H 153 103.22 -62.66 41.13
C VAL H 153 103.37 -63.67 39.99
N ARG H 154 102.45 -63.72 39.01
CA ARG H 154 102.66 -64.40 37.72
C ARG H 154 102.74 -65.94 37.83
N LYS H 155 103.78 -66.45 38.47
CA LYS H 155 103.99 -67.89 38.66
C LYS H 155 103.09 -68.47 39.76
N TYR H 156 102.66 -67.62 40.71
CA TYR H 156 101.71 -68.02 41.76
C TYR H 156 100.23 -67.79 41.38
N VAL H 157 99.96 -67.62 40.09
CA VAL H 157 98.61 -67.79 39.53
C VAL H 157 98.02 -69.19 39.77
N VAL H 158 96.70 -69.27 39.88
CA VAL H 158 95.96 -70.54 39.92
C VAL H 158 95.37 -70.84 38.54
N ARG H 159 95.78 -71.97 37.94
CA ARG H 159 95.25 -72.44 36.66
C ARG H 159 94.81 -73.89 36.75
N ARG H 160 93.50 -74.10 36.85
CA ARG H 160 92.86 -75.34 36.38
C ARG H 160 92.96 -75.46 34.86
N GLN H 161 93.04 -76.71 34.38
CA GLN H 161 92.89 -77.02 32.95
C GLN H 161 91.58 -77.78 32.71
N ILE H 162 90.92 -77.47 31.60
CA ILE H 162 89.59 -78.02 31.29
C ILE H 162 89.68 -79.45 30.74
N GLU H 163 88.55 -80.14 30.75
CA GLU H 163 88.45 -81.50 30.20
C GLU H 163 88.52 -81.52 28.67
N GLY H 164 88.91 -82.67 28.12
CA GLY H 164 88.92 -82.88 26.68
C GLY H 164 90.07 -82.19 25.99
N LYS H 165 89.80 -81.03 25.39
CA LYS H 165 90.81 -80.27 24.64
C LYS H 165 91.81 -79.59 25.58
N LYS H 166 93.07 -79.55 25.15
CA LYS H 166 94.17 -79.02 25.97
C LYS H 166 94.15 -77.49 26.05
N LYS H 167 93.88 -76.96 27.23
CA LYS H 167 93.62 -75.53 27.43
C LYS H 167 93.63 -75.18 28.93
N THR H 168 94.38 -74.15 29.30
CA THR H 168 94.27 -73.53 30.63
C THR H 168 93.57 -72.17 30.55
N LYS H 169 93.12 -71.69 31.69
CA LYS H 169 92.43 -70.40 31.81
C LYS H 169 92.86 -69.66 33.07
N ALA H 170 93.06 -68.35 32.94
CA ALA H 170 93.84 -67.56 33.93
C ALA H 170 93.30 -66.13 34.08
N PRO H 171 93.50 -65.51 35.26
CA PRO H 171 92.62 -64.43 35.73
C PRO H 171 92.87 -63.04 35.12
N LYS H 172 94.04 -62.80 34.54
CA LYS H 172 94.50 -61.46 34.14
C LYS H 172 94.56 -60.49 35.34
N ILE H 173 95.75 -60.39 35.94
CA ILE H 173 95.90 -59.77 37.26
C ILE H 173 95.83 -58.24 37.15
N GLN H 174 94.78 -57.66 37.72
CA GLN H 174 94.62 -56.20 37.76
C GLN H 174 95.48 -55.58 38.86
N ARG H 175 95.80 -54.30 38.68
CA ARG H 175 96.78 -53.56 39.50
C ARG H 175 98.15 -54.24 39.57
N LEU H 176 98.60 -54.78 38.44
CA LEU H 176 99.93 -55.36 38.28
C LEU H 176 100.85 -54.33 37.65
N ILE H 177 102.05 -54.16 38.21
CA ILE H 177 103.02 -53.18 37.70
C ILE H 177 103.71 -53.76 36.47
N THR H 178 103.81 -52.94 35.43
CA THR H 178 104.17 -53.41 34.08
C THR H 178 104.67 -52.25 33.20
N LYS H 179 105.06 -52.57 31.97
CA LYS H 179 105.74 -51.61 31.08
C LYS H 179 104.80 -50.53 30.55
N THR H 180 103.55 -50.90 30.26
CA THR H 180 102.54 -49.93 29.81
C THR H 180 102.11 -48.96 30.91
N ARG H 181 101.99 -49.47 32.15
CA ARG H 181 101.40 -48.70 33.24
C ARG H 181 102.34 -47.62 33.78
N VAL H 182 103.60 -47.98 33.99
CA VAL H 182 104.64 -47.01 34.40
C VAL H 182 104.97 -45.96 33.33
N GLN H 183 104.84 -46.34 32.06
CA GLN H 183 105.03 -45.40 30.95
C GLN H 183 103.90 -44.36 30.85
N ARG H 184 102.68 -44.75 31.19
CA ARG H 184 101.52 -43.85 31.18
C ARG H 184 101.62 -42.71 32.19
N LYS H 185 102.28 -42.95 33.33
CA LYS H 185 102.66 -41.88 34.25
C LYS H 185 103.68 -40.91 33.64
N ARG H 186 104.70 -41.46 32.98
CA ARG H 186 105.74 -40.65 32.33
C ARG H 186 105.20 -39.81 31.16
N ALA H 187 104.25 -40.37 30.41
CA ALA H 187 103.57 -39.62 29.34
C ALA H 187 102.66 -38.52 29.87
N TYR H 188 101.92 -38.83 30.93
CA TYR H 188 101.05 -37.84 31.59
C TYR H 188 101.84 -36.73 32.28
N LEU H 189 102.86 -37.11 33.04
CA LEU H 189 103.68 -36.16 33.80
C LEU H 189 104.60 -35.30 32.91
N ALA H 190 104.90 -35.79 31.71
CA ALA H 190 105.54 -34.97 30.65
C ALA H 190 104.64 -33.83 30.17
N LYS H 191 103.35 -34.12 29.97
CA LYS H 191 102.39 -33.10 29.54
C LYS H 191 102.14 -32.02 30.60
N GLN H 192 102.08 -32.44 31.87
CA GLN H 192 101.99 -31.50 32.99
C GLN H 192 103.23 -30.60 33.13
N ARG H 193 104.41 -31.17 32.86
CA ARG H 193 105.65 -30.38 32.80
C ARG H 193 105.65 -29.41 31.61
N ARG H 194 105.25 -29.90 30.43
CA ARG H 194 105.31 -29.12 29.20
C ARG H 194 104.27 -28.00 29.13
N SER H 195 103.05 -28.28 29.59
CA SER H 195 101.95 -27.32 29.54
C SER H 195 102.13 -26.11 30.46
N VAL H 196 102.87 -26.29 31.56
CA VAL H 196 103.20 -25.18 32.47
C VAL H 196 104.21 -24.23 31.81
N ILE H 197 105.33 -24.78 31.33
CA ILE H 197 106.42 -23.98 30.77
C ILE H 197 106.07 -23.26 29.45
N LYS H 198 105.13 -23.82 28.70
CA LYS H 198 104.53 -23.13 27.55
C LYS H 198 103.74 -21.90 27.98
N SER H 199 102.85 -22.08 28.96
CA SER H 199 102.00 -21.00 29.47
C SER H 199 102.77 -19.92 30.23
N ARG H 200 103.89 -20.31 30.85
CA ARG H 200 104.80 -19.36 31.50
C ARG H 200 105.54 -18.47 30.49
N GLU H 201 106.01 -19.08 29.40
CA GLU H 201 106.70 -18.34 28.33
C GLU H 201 105.76 -17.48 27.47
N GLU H 202 104.51 -17.89 27.34
CA GLU H 202 103.44 -17.03 26.79
C GLU H 202 103.19 -15.79 27.64
N ALA H 203 103.22 -15.95 28.97
CA ALA H 203 103.07 -14.83 29.90
C ALA H 203 104.27 -13.87 29.88
N LYS H 204 105.48 -14.44 29.80
CA LYS H 204 106.71 -13.66 29.71
C LYS H 204 106.84 -12.90 28.37
N ALA H 205 106.41 -13.55 27.28
CA ALA H 205 106.35 -12.91 25.96
C ALA H 205 105.33 -11.78 25.89
N TYR H 206 104.14 -12.02 26.47
CA TYR H 206 103.08 -11.01 26.53
C TYR H 206 103.45 -9.78 27.37
N LYS H 207 104.18 -10.00 28.47
CA LYS H 207 104.54 -8.93 29.41
C LYS H 207 105.33 -7.79 28.73
N ASP H 208 106.26 -8.15 27.85
CA ASP H 208 107.04 -7.18 27.09
C ASP H 208 106.26 -6.55 25.93
N VAL H 209 105.31 -7.30 25.35
CA VAL H 209 104.48 -6.81 24.24
C VAL H 209 103.53 -5.69 24.68
N LEU H 210 102.87 -5.86 25.83
CA LEU H 210 101.98 -4.82 26.38
C LEU H 210 102.76 -3.60 26.90
N SER H 211 103.97 -3.83 27.42
CA SER H 211 104.89 -2.75 27.76
C SER H 211 105.41 -2.02 26.51
N ALA H 212 105.66 -2.76 25.44
CA ALA H 212 106.01 -2.18 24.14
C ALA H 212 104.85 -1.40 23.50
N TYR H 213 103.62 -1.86 23.72
CA TYR H 213 102.42 -1.14 23.28
C TYR H 213 102.24 0.20 24.01
N LYS H 214 102.18 0.14 25.34
CA LYS H 214 101.84 1.32 26.15
C LYS H 214 102.97 2.35 26.24
N HIS H 215 104.21 1.94 25.96
CA HIS H 215 105.32 2.87 25.73
C HIS H 215 105.16 3.69 24.45
N GLU H 216 104.66 3.05 23.39
CA GLU H 216 104.31 3.75 22.14
C GLU H 216 103.08 4.65 22.27
N LEU H 217 102.20 4.34 23.23
CA LEU H 217 101.09 5.22 23.62
C LEU H 217 101.54 6.48 24.38
N ARG H 218 102.63 6.38 25.15
CA ARG H 218 103.26 7.54 25.79
C ARG H 218 103.89 8.54 24.80
N LYS H 219 104.29 8.05 23.61
CA LYS H 219 104.77 8.93 22.53
C LYS H 219 103.68 9.86 21.97
N LYS H 220 102.43 9.38 21.97
CA LYS H 220 101.27 10.18 21.56
C LYS H 220 100.98 11.37 22.50
N ARG H 221 101.33 11.23 23.79
CA ARG H 221 101.17 12.30 24.77
C ARG H 221 102.13 13.45 24.49
N PRO I 16 79.51 55.25 7.22
CA PRO I 16 78.84 54.62 6.10
C PRO I 16 77.31 54.59 6.27
N THR I 17 76.55 54.09 5.29
CA THR I 17 76.93 54.07 3.86
C THR I 17 76.72 55.45 3.20
N GLU I 18 76.78 55.50 1.86
CA GLU I 18 76.75 56.77 1.11
C GLU I 18 75.42 57.53 1.26
N ILE I 19 74.31 56.81 1.15
CA ILE I 19 72.97 57.38 1.27
C ILE I 19 72.65 57.76 2.72
N GLU I 20 73.11 56.96 3.68
CA GLU I 20 72.97 57.27 5.10
C GLU I 20 73.70 58.56 5.51
N ASN I 21 74.85 58.83 4.89
CA ASN I 21 75.53 60.12 5.03
C ASN I 21 74.75 61.29 4.42
N GLU I 22 74.16 61.06 3.24
CA GLU I 22 73.35 62.08 2.55
C GLU I 22 72.10 62.47 3.35
N VAL I 23 71.43 61.48 3.94
CA VAL I 23 70.27 61.74 4.82
C VAL I 23 70.72 62.38 6.13
N ALA I 24 71.84 61.94 6.69
CA ALA I 24 72.43 62.55 7.89
C ALA I 24 72.90 63.99 7.68
N LYS I 25 73.37 64.29 6.46
CA LYS I 25 73.70 65.67 6.06
C LYS I 25 72.49 66.62 6.05
N CYS I 26 71.33 66.09 5.63
CA CYS I 26 70.09 66.88 5.59
C CYS I 26 69.53 67.26 6.96
N LEU I 27 69.83 66.47 8.00
CA LEU I 27 69.20 66.64 9.32
C LEU I 27 69.70 67.87 10.07
N PHE I 28 71.02 68.09 10.08
CA PHE I 28 71.61 69.31 10.70
C PHE I 28 71.54 70.56 9.81
N ASP I 29 71.05 70.43 8.58
CA ASP I 29 70.52 71.58 7.81
C ASP I 29 69.13 72.02 8.28
N ILE I 30 68.30 71.06 8.67
CA ILE I 30 66.96 71.35 9.23
C ILE I 30 67.05 72.03 10.60
N GLU I 31 68.12 71.78 11.35
CA GLU I 31 68.44 72.55 12.56
C GLU I 31 68.52 74.06 12.28
N THR I 32 69.43 74.45 11.40
CA THR I 32 69.68 75.86 11.08
C THR I 32 68.95 76.26 9.80
N SER I 33 67.74 76.79 9.96
CA SER I 33 66.95 77.37 8.86
C SER I 33 66.29 78.67 9.31
N SER I 34 67.13 79.66 9.62
CA SER I 34 66.73 80.90 10.30
C SER I 34 65.99 80.68 11.63
N GLN I 35 64.69 80.35 11.54
CA GLN I 35 63.88 80.03 12.72
C GLN I 35 63.95 78.54 13.02
N SER I 36 63.54 77.73 12.04
CA SER I 36 63.35 76.28 12.17
C SER I 36 62.34 75.89 13.26
N ASP I 37 61.11 75.61 12.84
CA ASP I 37 60.04 75.27 13.76
C ASP I 37 60.25 73.98 14.57
N LEU I 38 60.74 72.95 13.91
CA LEU I 38 60.98 71.67 14.57
C LEU I 38 62.46 71.34 14.75
N LYS I 39 63.33 72.31 14.52
CA LYS I 39 64.77 72.08 14.63
C LYS I 39 65.22 71.67 16.03
N GLY I 40 64.70 72.33 17.06
CA GLY I 40 65.05 72.01 18.43
C GLY I 40 64.63 70.61 18.85
N ASP I 41 63.44 70.24 18.41
CA ASP I 41 62.84 68.95 18.73
C ASP I 41 63.61 67.74 18.20
N VAL I 42 64.14 67.86 17.00
CA VAL I 42 64.87 66.76 16.37
C VAL I 42 66.10 66.28 17.11
N ARG I 43 66.87 67.20 17.67
CA ARG I 43 68.09 66.83 18.39
C ARG I 43 67.86 65.53 19.13
N HIS I 44 66.69 65.36 19.72
CA HIS I 44 66.39 64.12 20.42
C HIS I 44 66.41 62.99 19.39
N LEU I 45 65.91 63.28 18.20
CA LEU I 45 65.85 62.32 17.09
C LEU I 45 67.22 61.86 16.59
N VAL I 46 67.31 60.58 16.24
CA VAL I 46 68.52 59.97 15.72
C VAL I 46 68.10 58.98 14.63
N ILE I 47 69.02 58.62 13.73
CA ILE I 47 68.64 57.69 12.65
C ILE I 47 69.48 56.40 12.71
N SER I 48 68.89 55.30 12.25
CA SER I 48 69.54 53.98 12.27
C SER I 48 70.09 53.60 10.89
N SER I 49 69.21 53.54 9.90
CA SER I 49 69.54 52.99 8.58
C SER I 49 68.58 53.50 7.50
N VAL I 50 68.93 53.25 6.24
CA VAL I 50 68.11 53.62 5.08
C VAL I 50 68.03 52.47 4.08
N LYS I 51 67.20 52.64 3.05
CA LYS I 51 67.12 51.69 1.94
C LYS I 51 66.65 52.38 0.67
N GLU I 52 67.45 52.28 -0.39
CA GLU I 52 67.15 52.93 -1.67
C GLU I 52 66.10 52.13 -2.44
N VAL I 53 64.83 52.50 -2.29
CA VAL I 53 63.78 51.77 -2.98
C VAL I 53 63.22 52.58 -4.14
N GLU I 54 63.18 51.95 -5.31
CA GLU I 54 62.69 52.62 -6.50
C GLU I 54 61.37 52.02 -6.97
N VAL I 55 60.37 52.88 -7.11
CA VAL I 55 59.07 52.46 -7.58
C VAL I 55 59.18 52.10 -9.05
N PRO I 56 58.35 51.07 -9.50
CA PRO I 56 58.50 50.78 -10.93
C PRO I 56 58.03 51.99 -11.72
N GLN I 57 58.83 52.40 -12.71
CA GLN I 57 58.51 53.56 -13.53
C GLN I 57 58.36 54.77 -12.63
N GLY I 58 59.08 54.77 -11.52
CA GLY I 58 59.02 55.84 -10.56
C GLY I 58 59.65 57.13 -11.05
N ARG I 59 58.99 58.25 -10.77
CA ARG I 59 59.52 59.54 -11.17
C ARG I 59 60.84 59.77 -10.45
N LYS I 60 60.87 59.43 -9.16
CA LYS I 60 62.05 59.58 -8.35
C LYS I 60 62.18 58.44 -7.35
N LYS I 61 63.41 58.07 -7.00
CA LYS I 61 63.61 57.00 -6.04
C LYS I 61 63.15 57.55 -4.71
N ALA I 62 62.51 56.71 -3.89
CA ALA I 62 62.04 57.17 -2.60
C ALA I 62 62.82 56.52 -1.47
N PHE I 63 63.45 57.34 -0.65
CA PHE I 63 64.21 56.85 0.48
C PHE I 63 63.31 56.36 1.59
N VAL I 64 63.69 55.26 2.21
CA VAL I 64 62.92 54.71 3.33
C VAL I 64 63.83 54.89 4.52
N VAL I 65 63.37 55.59 5.54
CA VAL I 65 64.21 55.81 6.70
C VAL I 65 63.73 55.04 7.92
N PHE I 66 64.60 54.19 8.42
CA PHE I 66 64.31 53.38 9.60
C PHE I 66 64.48 54.17 10.88
N VAL I 67 63.73 53.84 11.92
CA VAL I 67 63.89 54.58 13.16
C VAL I 67 64.03 53.69 14.38
N PRO I 68 65.00 53.99 15.24
CA PRO I 68 65.16 53.21 16.46
C PRO I 68 63.80 53.28 17.11
N HIS I 69 63.32 52.19 17.72
CA HIS I 69 61.98 52.24 18.31
C HIS I 69 61.77 53.22 19.46
N ALA I 70 62.75 53.33 20.35
CA ALA I 70 62.59 54.25 21.48
C ALA I 70 62.45 55.68 20.97
N VAL I 71 63.27 56.03 20.00
CA VAL I 71 63.24 57.36 19.40
C VAL I 71 61.93 57.65 18.68
N TYR I 72 61.44 56.63 17.99
CA TYR I 72 60.23 56.71 17.18
C TYR I 72 58.93 56.80 17.95
N GLN I 73 58.99 56.62 19.26
CA GLN I 73 57.77 56.65 20.04
C GLN I 73 57.45 58.08 20.46
N LYS I 74 57.62 58.41 21.73
CA LYS I 74 57.29 59.75 22.18
C LYS I 74 58.12 60.81 21.47
N THR I 75 59.41 60.54 21.31
CA THR I 75 60.33 61.49 20.69
C THR I 75 60.15 61.93 19.21
N VAL I 76 59.85 61.00 18.30
CA VAL I 76 59.74 61.40 16.89
C VAL I 76 58.41 61.30 16.11
N LYS I 77 57.41 60.64 16.66
CA LYS I 77 56.14 60.51 15.93
C LYS I 77 55.14 61.59 16.29
N LYS I 78 55.56 62.54 17.12
CA LYS I 78 54.69 63.61 17.54
C LYS I 78 54.21 64.44 16.36
N ILE I 79 55.09 64.71 15.41
CA ILE I 79 54.70 65.47 14.23
C ILE I 79 54.56 64.55 13.02
N GLN I 80 55.67 63.93 12.64
CA GLN I 80 55.69 62.98 11.53
C GLN I 80 55.46 63.62 10.16
N GLY I 81 54.28 64.22 9.98
CA GLY I 81 53.92 64.84 8.73
C GLY I 81 54.75 66.04 8.28
N ARG I 82 55.02 66.94 9.21
CA ARG I 82 55.80 68.14 8.92
C ARG I 82 57.22 67.80 8.49
N LEU I 83 57.81 66.82 9.15
CA LEU I 83 59.17 66.37 8.87
C LEU I 83 59.33 65.75 7.49
N VAL I 84 58.34 64.99 7.07
CA VAL I 84 58.34 64.27 5.78
C VAL I 84 58.33 65.24 4.59
N GLN I 85 57.47 66.27 4.66
CA GLN I 85 57.39 67.30 3.62
C GLN I 85 58.65 68.15 3.49
N GLU I 86 59.38 68.36 4.59
CA GLU I 86 60.62 69.14 4.59
C GLU I 86 61.76 68.41 3.88
N LEU I 87 61.93 67.13 4.19
CA LEU I 87 62.91 66.27 3.50
C LEU I 87 62.54 66.01 2.03
N GLU I 88 61.25 66.06 1.71
CA GLU I 88 60.78 65.92 0.32
C GLU I 88 61.20 67.09 -0.57
N LYS I 89 60.99 68.31 -0.07
CA LYS I 89 61.42 69.53 -0.79
C LYS I 89 62.94 69.75 -0.75
N LYS I 90 63.59 69.36 0.35
CA LYS I 90 65.04 69.50 0.50
C LYS I 90 65.79 68.54 -0.42
N LEU I 91 65.47 67.25 -0.32
CA LEU I 91 66.25 66.18 -0.96
C LEU I 91 65.70 65.75 -2.34
N LYS I 92 64.65 66.42 -2.81
CA LYS I 92 63.76 65.89 -3.88
C LYS I 92 63.13 64.56 -3.46
N LYS I 93 62.70 63.74 -4.43
CA LYS I 93 62.37 62.32 -4.21
C LYS I 93 61.07 62.18 -3.38
N HIS I 94 60.84 60.99 -2.81
CA HIS I 94 59.95 60.84 -1.65
C HIS I 94 60.71 60.28 -0.45
N VAL I 95 60.04 60.26 0.70
CA VAL I 95 60.57 59.64 1.92
C VAL I 95 59.44 59.07 2.77
N VAL I 96 59.69 57.91 3.37
CA VAL I 96 58.76 57.26 4.31
C VAL I 96 59.51 56.65 5.48
N LEU I 97 58.94 56.79 6.68
CA LEU I 97 59.72 56.82 7.92
C LEU I 97 59.13 55.84 8.94
N VAL I 98 59.91 54.81 9.28
CA VAL I 98 59.41 53.66 10.05
C VAL I 98 60.32 53.33 11.24
N ALA I 99 59.78 52.53 12.16
CA ALA I 99 60.52 52.08 13.34
C ALA I 99 61.18 50.72 13.07
N GLN I 100 62.41 50.55 13.56
CA GLN I 100 63.06 49.23 13.61
C GLN I 100 62.41 48.38 14.68
N ARG I 101 61.50 47.49 14.26
CA ARG I 101 61.02 46.40 15.09
C ARG I 101 61.93 45.18 14.91
N THR I 102 62.29 44.55 16.02
CA THR I 102 63.36 43.55 16.05
C THR I 102 63.03 42.26 15.29
N MET I 103 61.75 41.90 15.27
CA MET I 103 61.29 40.54 14.88
C MET I 103 61.73 39.50 15.90
N LEU I 104 61.29 38.25 15.71
CA LEU I 104 61.82 37.12 16.47
C LEU I 104 61.58 35.81 15.73
N PRO I 105 62.65 35.01 15.49
CA PRO I 105 62.49 33.77 14.74
C PRO I 105 61.78 32.68 15.54
N LEU I 106 61.11 31.77 14.86
CA LEU I 106 60.35 30.70 15.50
C LEU I 106 61.19 29.80 16.41
N ASP I 107 62.44 29.58 16.05
CA ASP I 107 63.34 28.74 16.84
C ASP I 107 63.55 29.36 18.23
N PHE I 108 63.29 30.65 18.32
CA PHE I 108 63.42 31.46 19.56
C PHE I 108 63.82 30.76 20.86
N LYS I 109 63.19 29.63 21.18
CA LYS I 109 63.50 28.96 22.44
C LYS I 109 65.00 28.72 22.52
N ARG I 110 65.63 28.36 21.40
CA ARG I 110 67.06 28.14 21.42
C ARG I 110 67.71 29.46 21.83
N LYS I 111 68.76 29.37 22.63
CA LYS I 111 69.46 30.57 23.10
C LYS I 111 68.70 31.28 24.21
N GLY I 112 67.74 30.57 24.80
CA GLY I 112 66.95 31.11 25.89
C GLY I 112 65.72 31.89 25.45
N LEU I 113 65.01 32.42 26.44
CA LEU I 113 63.78 33.21 26.28
C LEU I 113 62.58 32.26 26.33
N LYS I 114 61.44 32.77 26.77
CA LYS I 114 60.27 31.92 26.85
C LYS I 114 58.98 32.45 26.21
N VAL I 115 58.55 33.63 26.66
CA VAL I 115 57.31 34.23 26.17
C VAL I 115 57.21 34.61 24.69
N ARG I 116 58.25 35.20 24.12
CA ARG I 116 58.18 35.62 22.73
C ARG I 116 56.97 36.51 22.50
N PRO I 117 56.72 37.46 23.39
CA PRO I 117 55.56 38.33 23.25
C PRO I 117 55.21 38.59 21.79
N ARG I 118 53.91 38.69 21.51
CA ARG I 118 53.40 38.67 20.14
C ARG I 118 53.46 40.04 19.43
N SER I 119 53.91 41.07 20.12
CA SER I 119 54.46 42.27 19.46
C SER I 119 55.69 41.98 18.60
N ARG I 120 56.50 41.01 19.04
CA ARG I 120 57.76 40.66 18.37
C ARG I 120 57.59 39.72 17.16
N THR I 121 56.43 39.06 17.04
CA THR I 121 56.21 38.06 15.99
C THR I 121 55.97 38.71 14.62
N LEU I 122 56.03 37.90 13.56
CA LEU I 122 56.18 38.42 12.20
C LEU I 122 54.94 39.12 11.66
N THR I 123 53.75 38.64 12.04
CA THR I 123 52.49 39.29 11.68
C THR I 123 52.36 40.70 12.28
N ALA I 124 52.77 40.83 13.55
CA ALA I 124 52.67 42.11 14.26
C ALA I 124 53.66 43.18 13.77
N VAL I 125 54.83 42.74 13.30
CA VAL I 125 55.82 43.65 12.70
C VAL I 125 55.31 44.17 11.35
N GLN I 126 54.83 43.26 10.50
CA GLN I 126 54.32 43.63 9.16
C GLN I 126 53.03 44.45 9.19
N ASP I 127 52.21 44.25 10.23
CA ASP I 127 51.10 45.18 10.54
C ASP I 127 51.60 46.54 11.03
N GLY I 128 52.65 46.53 11.86
CA GLY I 128 53.35 47.75 12.28
C GLY I 128 54.01 48.57 11.17
N MET I 129 54.37 47.91 10.07
CA MET I 129 54.85 48.62 8.86
C MET I 129 53.74 49.44 8.23
N LEU I 130 52.61 48.81 7.94
CA LEU I 130 51.52 49.49 7.25
C LEU I 130 50.96 50.68 7.99
N GLU I 131 50.80 50.58 9.31
CA GLU I 131 50.28 51.70 10.05
C GLU I 131 51.27 52.85 9.88
N ASP I 132 52.56 52.54 10.03
CA ASP I 132 53.62 53.52 9.89
C ASP I 132 53.90 54.11 8.51
N ILE I 133 53.92 53.28 7.47
CA ILE I 133 54.22 53.80 6.13
C ILE I 133 53.20 54.77 5.55
N VAL I 134 51.92 54.46 5.64
CA VAL I 134 50.93 55.37 5.09
C VAL I 134 51.04 56.66 5.88
N SER I 135 51.13 56.53 7.20
CA SER I 135 51.30 57.66 8.09
C SER I 135 50.06 58.54 8.23
N THR I 137 47.40 59.73 7.74
CA THR I 137 46.05 59.37 7.33
C THR I 137 45.36 58.24 8.09
N GLU I 138 46.07 57.16 8.37
CA GLU I 138 45.53 55.99 9.05
C GLU I 138 44.82 55.15 7.99
N ILE I 139 44.31 53.99 8.38
CA ILE I 139 43.60 53.14 7.41
C ILE I 139 42.15 52.90 7.82
N VAL I 140 41.22 53.27 6.97
CA VAL I 140 39.81 53.07 7.26
C VAL I 140 39.47 51.59 7.30
N GLY I 141 39.99 50.83 6.33
CA GLY I 141 39.76 49.40 6.27
C GLY I 141 40.87 48.67 5.55
N LYS I 142 41.07 47.41 5.88
CA LYS I 142 42.10 46.61 5.26
C LYS I 142 41.53 45.31 4.74
N ARG I 143 41.87 44.94 3.51
CA ARG I 143 41.35 43.71 2.93
C ARG I 143 42.36 43.01 2.04
N MET I 144 42.28 41.69 1.97
CA MET I 144 43.17 40.90 1.11
C MET I 144 42.38 40.10 0.09
N ARG I 145 42.97 39.95 -1.10
CA ARG I 145 42.40 39.17 -2.19
C ARG I 145 43.27 37.94 -2.47
N VAL I 146 42.67 36.88 -3.00
CA VAL I 146 43.39 35.68 -3.42
C VAL I 146 42.95 35.30 -4.84
N ARG I 147 43.86 35.49 -5.80
CA ARG I 147 43.53 35.39 -7.23
C ARG I 147 43.51 33.93 -7.69
N VAL I 148 42.95 33.70 -8.88
CA VAL I 148 42.97 32.38 -9.52
C VAL I 148 44.36 31.97 -10.03
N ASP I 149 45.19 32.95 -10.36
CA ASP I 149 46.63 32.75 -10.57
C ASP I 149 47.36 32.24 -9.32
N ASN I 150 46.86 32.63 -8.14
CA ASN I 150 47.35 32.21 -6.81
C ASN I 150 48.50 33.10 -6.35
N THR I 151 48.23 34.41 -6.32
CA THR I 151 49.09 35.41 -5.68
C THR I 151 48.22 36.38 -4.87
N LYS I 152 48.61 36.61 -3.61
CA LYS I 152 47.78 37.36 -2.66
C LYS I 152 48.01 38.87 -2.81
N MET I 153 47.15 39.52 -3.59
CA MET I 153 47.13 40.99 -3.69
C MET I 153 46.37 41.56 -2.49
N LEU I 154 47.11 42.12 -1.53
CA LEU I 154 46.51 42.84 -0.40
C LEU I 154 45.98 44.21 -0.83
N LYS I 155 45.02 44.74 -0.09
CA LYS I 155 44.51 46.10 -0.31
C LYS I 155 44.37 46.87 1.00
N VAL I 156 44.67 48.16 0.96
CA VAL I 156 44.70 49.02 2.15
C VAL I 156 43.92 50.30 1.87
N PHE I 157 42.63 50.29 2.19
CA PHE I 157 41.76 51.45 1.98
C PHE I 157 42.04 52.54 3.00
N LEU I 158 42.74 53.59 2.56
CA LEU I 158 42.94 54.81 3.35
C LEU I 158 41.63 55.60 3.48
N ASP I 159 41.59 56.51 4.46
CA ASP I 159 40.41 57.35 4.69
C ASP I 159 40.21 58.37 3.56
N PRO I 160 38.96 58.48 3.03
CA PRO I 160 38.68 59.44 1.95
C PRO I 160 38.65 60.90 2.42
N ARG I 161 38.32 61.11 3.68
CA ARG I 161 38.31 62.43 4.25
C ARG I 161 39.78 62.82 4.43
N ASP I 162 40.06 64.11 4.49
CA ASP I 162 41.44 64.56 4.67
C ASP I 162 42.41 64.06 3.59
N LYS I 163 42.00 64.09 2.32
CA LYS I 163 42.90 63.65 1.26
C LYS I 163 44.12 64.55 1.32
N GLN I 164 43.87 65.84 1.53
CA GLN I 164 44.96 66.81 1.67
C GLN I 164 45.91 66.95 0.48
N LYS I 165 47.20 66.73 0.73
CA LYS I 165 48.25 66.90 -0.27
C LYS I 165 48.08 66.09 -1.54
N ASP I 166 48.37 66.77 -2.67
CA ASP I 166 48.30 66.19 -4.00
C ASP I 166 49.32 65.08 -4.09
N ASN I 167 50.37 65.21 -3.29
CA ASN I 167 51.45 64.24 -3.24
C ASN I 167 50.91 62.89 -2.83
N ILE I 168 49.86 62.89 -2.01
CA ILE I 168 49.30 61.63 -1.56
C ILE I 168 48.87 60.84 -2.78
N GLU I 169 48.29 61.51 -3.77
CA GLU I 169 47.88 60.76 -4.97
C GLU I 169 49.09 60.20 -5.74
N ASP I 170 50.16 61.00 -5.82
CA ASP I 170 51.43 60.54 -6.42
C ASP I 170 52.15 59.52 -5.53
N LYS I 171 52.14 59.76 -4.21
CA LYS I 171 52.77 58.85 -3.24
C LYS I 171 51.99 57.54 -3.04
N LEU I 172 50.73 57.50 -3.44
CA LEU I 172 49.90 56.28 -3.42
C LEU I 172 50.49 55.12 -4.25
N GLU I 173 51.21 55.45 -5.32
CA GLU I 173 51.92 54.44 -6.13
C GLU I 173 53.10 53.82 -5.38
N THR I 174 53.89 54.65 -4.71
CA THR I 174 55.18 54.23 -4.15
C THR I 174 55.09 53.37 -2.88
N PHE I 175 53.93 53.37 -2.21
CA PHE I 175 53.70 52.49 -1.06
C PHE I 175 53.67 51.01 -1.45
N ALA I 176 53.13 50.71 -2.63
CA ALA I 176 53.21 49.36 -3.21
C ALA I 176 54.65 48.89 -3.42
N ALA I 177 55.52 49.80 -3.86
CA ALA I 177 56.96 49.53 -3.98
C ALA I 177 57.65 49.38 -2.62
N VAL I 178 57.33 50.27 -1.69
CA VAL I 178 57.93 50.25 -0.34
C VAL I 178 57.53 49.00 0.45
N TYR I 179 56.24 48.63 0.35
CA TYR I 179 55.73 47.42 0.99
C TYR I 179 56.35 46.15 0.39
N LYS I 180 56.53 46.14 -0.93
CA LYS I 180 57.14 44.99 -1.62
C LYS I 180 58.65 44.84 -1.37
N LYS I 181 59.37 45.94 -1.17
CA LYS I 181 60.80 45.88 -0.86
C LYS I 181 61.10 45.30 0.53
N LEU I 182 60.24 45.61 1.51
CA LEU I 182 60.40 45.10 2.87
C LEU I 182 59.87 43.67 3.01
N THR I 183 58.59 43.49 2.73
CA THR I 183 57.86 42.25 3.06
C THR I 183 57.70 41.27 1.89
N ASN I 184 58.11 41.67 0.68
CA ASN I 184 58.01 40.85 -0.54
C ASN I 184 56.57 40.48 -0.93
N LYS I 185 55.61 41.36 -0.60
CA LYS I 185 54.18 41.07 -0.75
C LYS I 185 53.49 42.19 -1.52
N ASP I 186 52.56 41.83 -2.40
CA ASP I 186 51.85 42.81 -3.21
C ASP I 186 50.74 43.52 -2.47
N ALA I 187 50.79 44.84 -2.51
CA ALA I 187 49.79 45.68 -1.87
C ALA I 187 49.32 46.79 -2.82
N VAL I 188 48.01 47.01 -2.86
CA VAL I 188 47.44 48.05 -3.70
C VAL I 188 46.66 48.95 -2.75
N PHE I 189 46.84 50.26 -2.85
CA PHE I 189 46.15 51.16 -1.93
C PHE I 189 44.85 51.77 -2.47
N SER I 190 44.82 53.07 -2.67
CA SER I 190 43.60 53.69 -3.18
C SER I 190 42.69 54.16 -2.07
N PHE I 191 41.73 55.01 -2.43
CA PHE I 191 40.77 55.56 -1.50
C PHE I 191 39.36 55.10 -1.84
N PRO I 192 38.60 54.62 -0.77
CA PRO I 192 37.26 54.17 -1.15
C PRO I 192 36.42 55.31 -1.70
N GLN I 193 35.65 55.01 -2.74
CA GLN I 193 34.79 56.00 -3.38
C GLN I 193 34.08 56.86 -2.35
N GLY J 2 55.44 -30.33 48.54
CA GLY J 2 56.23 -29.76 49.67
C GLY J 2 55.92 -28.28 49.88
N ILE J 3 56.93 -27.52 50.30
CA ILE J 3 56.80 -26.07 50.49
C ILE J 3 56.86 -25.41 49.12
N SER J 4 55.73 -24.88 48.66
CA SER J 4 55.65 -24.18 47.38
C SER J 4 56.01 -22.70 47.57
N ARG J 5 57.04 -22.25 46.86
CA ARG J 5 57.42 -20.83 46.83
C ARG J 5 56.61 -19.99 45.83
N ASP J 6 55.84 -20.63 44.96
CA ASP J 6 55.19 -19.96 43.82
C ASP J 6 54.12 -18.93 44.21
N ARG J 7 53.72 -18.12 43.23
CA ARG J 7 52.68 -17.11 43.39
C ARG J 7 51.31 -17.56 42.83
N ARG J 8 51.16 -18.84 42.48
CA ARG J 8 49.90 -19.36 41.93
C ARG J 8 48.85 -19.59 43.02
N HIS J 9 49.30 -19.98 44.21
CA HIS J 9 48.52 -19.78 45.44
C HIS J 9 48.60 -18.31 45.88
N LYS J 10 47.70 -17.93 46.78
CA LYS J 10 47.61 -16.56 47.33
C LYS J 10 47.05 -15.54 46.33
N HIS J 11 46.60 -14.41 46.87
CA HIS J 11 45.68 -13.51 46.18
C HIS J 11 46.38 -12.66 45.12
N ARG J 12 45.58 -12.10 44.21
CA ARG J 12 46.01 -11.00 43.36
C ARG J 12 46.00 -9.68 44.13
N ARG J 13 46.57 -8.64 43.52
CA ARG J 13 46.50 -7.27 44.04
C ARG J 13 45.07 -6.69 44.12
N THR J 14 44.19 -7.16 43.24
CA THR J 14 42.77 -6.76 43.26
C THR J 14 41.96 -7.35 44.42
N GLY J 15 42.47 -8.42 45.05
CA GLY J 15 41.71 -9.19 46.04
C GLY J 15 40.89 -10.30 45.40
N GLY J 16 41.45 -10.96 44.40
CA GLY J 16 40.74 -12.03 43.74
C GLY J 16 41.53 -13.32 43.76
N ARG J 17 40.81 -14.44 43.92
CA ARG J 17 41.45 -15.73 43.95
C ARG J 17 42.12 -15.94 42.60
N MET J 18 43.29 -16.55 42.60
CA MET J 18 44.02 -16.77 41.36
C MET J 18 43.80 -18.19 40.86
N PRO J 19 43.34 -18.29 39.55
CA PRO J 19 43.10 -19.67 39.10
C PRO J 19 44.38 -20.48 39.00
N VAL J 20 44.32 -21.74 39.41
CA VAL J 20 45.47 -22.62 39.32
C VAL J 20 45.09 -23.88 38.59
N HIS J 21 45.74 -24.14 37.45
CA HIS J 21 45.46 -25.35 36.69
C HIS J 21 46.67 -26.29 36.63
N GLN J 22 47.67 -26.04 37.46
CA GLN J 22 48.87 -26.86 37.45
C GLN J 22 49.25 -27.39 38.83
N LYS J 23 49.79 -28.59 38.86
CA LYS J 23 50.25 -29.22 40.08
C LYS J 23 51.55 -28.55 40.49
N LYS J 24 51.97 -28.76 41.72
CA LYS J 24 53.20 -28.15 42.20
C LYS J 24 54.40 -28.59 41.39
N ARG J 25 55.34 -27.67 41.18
CA ARG J 25 56.54 -27.94 40.40
C ARG J 25 57.80 -27.94 41.27
N LYS J 26 58.67 -28.92 41.01
CA LYS J 26 59.90 -29.11 41.78
C LYS J 26 60.79 -27.87 41.79
N PHE J 27 60.82 -27.13 40.68
CA PHE J 27 61.58 -25.86 40.63
C PHE J 27 60.97 -24.72 41.47
N GLU J 28 59.70 -24.87 41.89
CA GLU J 28 59.08 -24.02 42.90
C GLU J 28 59.19 -24.63 44.30
N LEU J 29 60.41 -24.96 44.71
CA LEU J 29 60.66 -25.72 45.95
C LEU J 29 61.03 -24.77 47.09
N GLY J 30 60.61 -25.12 48.31
CA GLY J 30 61.28 -24.68 49.54
C GLY J 30 61.52 -25.86 50.46
N ARG J 31 62.29 -25.62 51.53
CA ARG J 31 62.62 -26.67 52.51
C ARG J 31 62.44 -26.18 53.94
N PRO J 32 62.35 -27.11 54.91
CA PRO J 32 62.18 -26.72 56.31
C PRO J 32 63.42 -26.00 56.89
N PRO J 33 63.21 -24.93 57.67
CA PRO J 33 64.32 -24.07 58.07
C PRO J 33 65.10 -24.63 59.24
N ALA J 34 66.42 -24.79 59.08
CA ALA J 34 67.30 -25.21 60.17
C ALA J 34 67.58 -24.03 61.10
N MET J 35 66.83 -23.96 62.20
CA MET J 35 67.10 -23.00 63.26
C MET J 35 68.31 -23.47 64.08
N THR J 36 69.50 -23.20 63.53
CA THR J 36 70.75 -23.68 64.13
C THR J 36 71.16 -22.84 65.33
N LYS J 37 71.96 -23.43 66.21
CA LYS J 37 72.09 -23.00 67.61
C LYS J 37 73.52 -23.22 68.10
N LEU J 38 73.77 -23.02 69.39
CA LEU J 38 75.03 -23.42 70.02
C LEU J 38 75.05 -24.89 70.40
N GLY J 39 76.26 -25.40 70.63
CA GLY J 39 76.50 -26.83 70.85
C GLY J 39 77.74 -27.30 70.08
N PRO J 40 78.10 -28.59 70.23
CA PRO J 40 79.18 -29.16 69.43
C PRO J 40 78.74 -29.38 67.98
N LYS J 41 79.71 -29.31 67.05
CA LYS J 41 79.41 -29.08 65.63
C LYS J 41 78.68 -30.27 65.00
N ARG J 42 77.67 -29.96 64.20
CA ARG J 42 77.06 -30.93 63.26
C ARG J 42 76.58 -30.17 62.02
N VAL J 43 76.62 -30.85 60.88
CA VAL J 43 76.36 -30.21 59.58
C VAL J 43 76.02 -31.26 58.52
N ARG J 44 75.05 -30.94 57.68
CA ARG J 44 74.35 -31.93 56.84
C ARG J 44 74.34 -31.45 55.39
N PRO J 45 74.95 -32.23 54.47
CA PRO J 45 74.97 -31.82 53.07
C PRO J 45 73.63 -32.07 52.38
N VAL J 46 72.91 -30.99 52.07
CA VAL J 46 71.65 -31.06 51.33
C VAL J 46 71.94 -30.97 49.83
N ARG J 47 71.51 -31.99 49.09
CA ARG J 47 71.65 -32.01 47.63
C ARG J 47 70.58 -31.14 46.98
N CYS J 48 71.02 -30.10 46.27
CA CYS J 48 70.14 -29.08 45.70
C CYS J 48 70.12 -29.17 44.17
N ARG J 49 69.42 -28.25 43.52
CA ARG J 49 69.35 -28.21 42.06
C ARG J 49 70.71 -27.92 41.43
N GLY J 50 70.94 -28.50 40.25
CA GLY J 50 72.25 -28.49 39.60
C GLY J 50 73.12 -29.71 39.86
N GLY J 51 72.86 -30.42 40.95
CA GLY J 51 73.86 -31.28 41.59
C GLY J 51 74.65 -30.64 42.73
N ASN J 52 74.50 -29.33 42.91
CA ASN J 52 75.38 -28.56 43.77
C ASN J 52 74.95 -28.67 45.24
N MET J 53 75.93 -28.83 46.13
CA MET J 53 75.66 -29.14 47.54
C MET J 53 75.60 -27.86 48.37
N LYS J 54 74.74 -27.87 49.39
CA LYS J 54 74.47 -26.69 50.21
C LYS J 54 74.28 -27.10 51.67
N TYR J 55 75.20 -26.68 52.53
CA TYR J 55 75.49 -27.37 53.78
C TYR J 55 74.73 -26.75 54.95
N ARG J 56 73.79 -27.51 55.50
CA ARG J 56 72.86 -27.01 56.52
C ARG J 56 73.49 -27.11 57.91
N ALA J 57 73.69 -25.97 58.55
CA ALA J 57 74.20 -25.94 59.93
C ALA J 57 73.17 -26.47 60.92
N LEU J 58 73.62 -27.29 61.86
CA LEU J 58 72.80 -27.73 63.00
C LEU J 58 73.71 -27.87 64.23
N ARG J 59 73.65 -26.88 65.11
CA ARG J 59 74.70 -26.63 66.13
C ARG J 59 76.03 -26.15 65.53
N LEU J 60 76.52 -25.01 66.00
CA LEU J 60 77.89 -24.54 65.73
C LEU J 60 78.51 -23.94 66.98
N ASP J 61 79.64 -24.50 67.41
CA ASP J 61 80.39 -23.97 68.56
C ASP J 61 81.14 -22.68 68.24
N THR J 62 81.75 -22.63 67.06
CA THR J 62 82.91 -21.76 66.80
C THR J 62 82.70 -20.94 65.53
N GLY J 63 83.66 -20.06 65.24
CA GLY J 63 83.58 -19.23 64.04
C GLY J 63 84.78 -18.33 63.79
N ASN J 64 84.92 -17.90 62.53
CA ASN J 64 85.95 -16.95 62.11
C ASN J 64 85.41 -15.52 62.13
N TYR J 65 86.00 -14.67 62.97
CA TYR J 65 85.49 -13.32 63.23
C TYR J 65 86.57 -12.26 63.01
N SER J 66 86.33 -11.37 62.04
CA SER J 66 87.30 -10.35 61.65
C SER J 66 87.12 -9.08 62.47
N TRP J 67 88.16 -8.69 63.20
CA TRP J 67 88.32 -7.31 63.64
C TRP J 67 88.60 -6.42 62.42
N SER J 68 87.83 -5.35 62.27
CA SER J 68 87.84 -4.55 61.04
C SER J 68 89.04 -3.60 60.99
N SER J 69 89.17 -2.76 62.02
CA SER J 69 90.19 -1.70 62.08
C SER J 69 91.62 -2.24 62.03
N GLN J 70 91.93 -3.18 62.92
CA GLN J 70 93.24 -3.84 62.97
C GLN J 70 93.57 -4.71 61.76
N LYS J 71 92.54 -5.17 61.03
CA LYS J 71 92.69 -5.97 59.81
C LYS J 71 93.26 -7.37 60.10
N ILE J 72 92.66 -8.04 61.08
CA ILE J 72 92.95 -9.46 61.36
C ILE J 72 91.67 -10.22 61.72
N ALA J 73 91.75 -11.55 61.61
CA ALA J 73 90.63 -12.44 61.91
C ALA J 73 91.12 -13.72 62.59
N LYS J 74 90.41 -14.14 63.63
CA LYS J 74 90.79 -15.28 64.46
C LYS J 74 89.63 -16.26 64.59
N LYS J 75 89.95 -17.56 64.64
CA LYS J 75 88.96 -18.58 64.98
C LYS J 75 88.67 -18.54 66.47
N THR J 76 87.39 -18.53 66.83
CA THR J 76 86.94 -18.22 68.19
C THR J 76 85.68 -18.99 68.56
N ARG J 77 85.60 -19.43 69.81
CA ARG J 77 84.41 -20.08 70.37
C ARG J 77 83.33 -19.05 70.68
N LEU J 78 82.06 -19.48 70.59
CA LEU J 78 80.90 -18.64 70.97
C LEU J 78 80.40 -18.97 72.37
N LEU J 79 79.86 -17.96 73.05
CA LEU J 79 79.31 -18.10 74.40
C LEU J 79 77.78 -18.13 74.38
N GLY J 80 77.18 -17.11 73.78
CA GLY J 80 75.73 -16.93 73.79
C GLY J 80 75.25 -15.90 72.78
N VAL J 81 73.98 -16.03 72.37
CA VAL J 81 73.33 -15.05 71.51
C VAL J 81 72.67 -13.99 72.39
N VAL J 82 72.97 -12.72 72.11
CA VAL J 82 72.72 -11.61 73.05
C VAL J 82 71.53 -10.76 72.61
N TYR J 83 71.50 -10.40 71.32
CA TYR J 83 70.41 -9.61 70.73
C TYR J 83 70.05 -10.14 69.34
N ASN J 84 68.78 -9.97 68.97
CA ASN J 84 68.33 -10.13 67.59
C ASN J 84 67.32 -9.05 67.20
N ALA J 85 67.42 -8.56 65.98
CA ALA J 85 66.54 -7.51 65.48
C ALA J 85 65.15 -8.04 65.16
N SER J 86 65.09 -9.21 64.53
CA SER J 86 63.83 -9.77 64.03
C SER J 86 62.95 -10.30 65.15
N ASN J 87 63.48 -11.24 65.92
CA ASN J 87 62.68 -12.07 66.83
C ASN J 87 63.38 -12.29 68.17
N ASN J 88 62.68 -11.97 69.26
CA ASN J 88 63.20 -12.21 70.61
C ASN J 88 63.21 -13.68 71.03
N GLU J 89 62.39 -14.51 70.38
CA GLU J 89 62.41 -15.96 70.59
C GLU J 89 63.74 -16.63 70.19
N LEU J 90 64.42 -16.07 69.20
CA LEU J 90 65.72 -16.61 68.74
C LEU J 90 66.86 -16.31 69.71
N VAL J 91 66.77 -15.19 70.43
CA VAL J 91 67.68 -14.90 71.56
C VAL J 91 67.38 -15.82 72.76
N ARG J 92 66.10 -16.08 73.00
CA ARG J 92 65.64 -16.94 74.10
C ARG J 92 66.20 -18.36 74.03
N THR J 93 66.28 -18.90 72.81
CA THR J 93 66.77 -20.28 72.58
C THR J 93 68.26 -20.38 72.21
N ASN J 94 68.95 -19.23 72.13
CA ASN J 94 70.26 -19.11 71.46
C ASN J 94 70.29 -19.75 70.07
N THR J 95 69.71 -19.05 69.10
CA THR J 95 69.63 -19.50 67.71
C THR J 95 70.48 -18.57 66.83
N LEU J 96 71.49 -19.14 66.18
CA LEU J 96 72.39 -18.39 65.31
C LEU J 96 71.72 -18.17 63.95
N VAL J 97 71.57 -16.90 63.57
CA VAL J 97 71.22 -16.51 62.21
C VAL J 97 72.07 -15.31 61.79
N LYS J 98 71.94 -14.90 60.53
CA LYS J 98 72.56 -13.66 60.06
C LYS J 98 72.01 -12.43 60.79
N ASN J 99 72.85 -11.41 60.94
CA ASN J 99 72.52 -10.17 61.65
C ASN J 99 72.32 -10.33 63.17
N SER J 100 72.70 -11.48 63.72
CA SER J 100 72.43 -11.82 65.12
C SER J 100 73.66 -11.47 65.94
N ILE J 101 73.44 -10.80 67.08
CA ILE J 101 74.54 -10.26 67.88
C ILE J 101 74.91 -11.30 68.93
N VAL J 102 76.20 -11.60 69.04
CA VAL J 102 76.69 -12.78 69.77
C VAL J 102 77.90 -12.43 70.64
N ALA J 103 78.08 -13.20 71.71
CA ALA J 103 79.24 -13.08 72.59
C ALA J 103 80.39 -13.98 72.15
N ILE J 104 81.61 -13.57 72.48
CA ILE J 104 82.85 -14.12 71.89
C ILE J 104 83.96 -14.12 72.95
N ASP J 105 84.84 -15.13 72.90
CA ASP J 105 85.84 -15.37 73.95
C ASP J 105 86.77 -14.17 74.22
N ALA J 106 87.36 -13.64 73.15
CA ALA J 106 88.28 -12.48 73.21
C ALA J 106 89.69 -12.77 73.75
N THR J 107 89.99 -14.03 74.08
CA THR J 107 91.37 -14.45 74.38
C THR J 107 92.28 -14.71 73.14
N PRO J 108 91.70 -14.95 71.94
CA PRO J 108 92.53 -14.90 70.73
C PRO J 108 93.03 -13.50 70.36
N PHE J 109 92.17 -12.50 70.49
CA PHE J 109 92.51 -11.11 70.16
C PHE J 109 93.46 -10.49 71.19
N LYS J 110 93.22 -10.78 72.47
CA LYS J 110 94.07 -10.29 73.56
C LYS J 110 95.50 -10.85 73.49
N ALA J 111 95.64 -12.12 73.11
CA ALA J 111 96.96 -12.73 72.87
C ALA J 111 97.68 -12.13 71.67
N TRP J 112 96.94 -11.86 70.60
CA TRP J 112 97.46 -11.17 69.41
C TRP J 112 97.88 -9.72 69.72
N PHE J 113 97.05 -9.02 70.49
CA PHE J 113 97.28 -7.60 70.81
C PHE J 113 98.51 -7.39 71.71
N ARG J 114 98.78 -8.35 72.59
CA ARG J 114 100.06 -8.40 73.32
C ARG J 114 101.25 -8.68 72.40
N SER J 115 101.11 -9.67 71.52
CA SER J 115 102.21 -10.11 70.66
C SER J 115 102.55 -9.10 69.56
N PHE J 116 101.53 -8.50 68.96
CA PHE J 116 101.69 -7.58 67.82
C PHE J 116 102.22 -6.22 68.28
N TYR J 117 101.58 -5.64 69.28
CA TYR J 117 101.88 -4.26 69.73
C TYR J 117 102.75 -4.25 70.99
N GLY J 118 102.35 -5.01 72.01
CA GLY J 118 103.02 -4.99 73.31
C GLY J 118 102.62 -3.85 74.24
N LEU J 119 101.50 -3.18 73.94
CA LEU J 119 100.83 -2.30 74.90
C LEU J 119 99.99 -3.09 75.91
N ASP J 120 99.43 -4.22 75.46
CA ASP J 120 98.72 -5.20 76.33
C ASP J 120 97.37 -4.68 76.82
N LEU J 121 96.61 -5.57 77.46
CA LEU J 121 95.31 -5.22 78.06
C LEU J 121 95.18 -5.82 79.45
N GLY J 122 94.40 -5.14 80.30
CA GLY J 122 94.24 -5.54 81.70
C GLY J 122 93.50 -4.50 82.54
N HIS J 139 114.87 -8.96 70.22
CA HIS J 139 115.25 -8.33 68.96
C HIS J 139 114.08 -7.59 68.31
N THR J 140 112.89 -8.20 68.40
CA THR J 140 111.69 -7.65 67.81
C THR J 140 111.30 -6.25 68.28
N LEU J 141 111.14 -6.09 69.59
CA LEU J 141 110.71 -4.81 70.14
C LEU J 141 110.61 -3.75 69.07
N CYS J 142 111.60 -3.71 68.18
CA CYS J 142 111.59 -2.75 67.10
C CYS J 142 110.41 -3.00 66.19
N LEU J 143 110.13 -4.27 65.91
CA LEU J 143 109.01 -4.59 65.05
C LEU J 143 107.72 -4.12 65.70
N GLN J 144 107.61 -4.32 67.00
CA GLN J 144 106.41 -3.90 67.71
C GLN J 144 106.25 -2.40 67.61
N ASN J 145 107.34 -1.67 67.79
CA ASN J 145 107.26 -0.22 67.71
C ASN J 145 106.84 0.23 66.33
N LYS J 146 107.37 -0.43 65.31
CA LYS J 146 107.03 -0.06 63.94
C LYS J 146 105.55 -0.31 63.70
N HIS J 147 105.05 -1.43 64.21
CA HIS J 147 103.64 -1.76 64.03
C HIS J 147 102.77 -0.74 64.73
N ARG J 148 103.19 -0.31 65.91
CA ARG J 148 102.43 0.67 66.67
C ARG J 148 102.38 1.98 65.91
N GLN J 149 103.51 2.40 65.36
CA GLN J 149 103.53 3.65 64.61
C GLN J 149 102.64 3.51 63.37
N GLN J 150 102.75 2.35 62.73
CA GLN J 150 101.98 2.03 61.53
C GLN J 150 100.48 1.95 61.74
N GLY J 151 100.07 1.37 62.87
CA GLY J 151 98.65 1.20 63.17
C GLY J 151 98.24 1.79 64.50
N PRO J 153 96.87 1.90 68.13
CA PRO J 153 96.59 0.95 69.20
C PRO J 153 95.79 1.61 70.32
N LYS J 154 95.24 2.79 70.08
CA LYS J 154 94.51 3.51 71.12
C LYS J 154 93.30 2.75 71.66
N LEU J 155 92.55 2.11 70.77
CA LEU J 155 91.39 1.34 71.20
C LEU J 155 90.31 2.16 71.91
N ASP J 156 89.12 2.17 71.31
CA ASP J 156 87.95 2.89 71.82
C ASP J 156 87.84 2.77 73.34
N PRO J 157 87.18 3.74 74.00
CA PRO J 157 86.95 3.64 75.44
C PRO J 157 85.97 2.53 75.85
N LEU J 158 85.01 2.21 74.99
CA LEU J 158 84.01 1.18 75.27
C LEU J 158 84.57 -0.23 75.08
N LEU J 159 85.38 -0.43 74.02
CA LEU J 159 86.13 -1.68 73.83
C LEU J 159 87.15 -1.99 74.94
N GLU J 160 87.68 -0.94 75.58
CA GLU J 160 88.57 -1.08 76.73
C GLU J 160 87.83 -1.68 77.95
N GLU J 161 86.64 -1.16 78.22
CA GLU J 161 85.74 -1.71 79.24
C GLU J 161 85.24 -3.12 78.87
N GLN J 162 84.95 -3.32 77.59
CA GLN J 162 84.43 -4.60 77.10
C GLN J 162 85.43 -5.75 77.23
N PHE J 163 86.70 -5.47 76.95
CA PHE J 163 87.79 -6.45 77.13
C PHE J 163 87.97 -6.95 78.58
N ASN J 164 87.66 -6.10 79.55
CA ASN J 164 87.90 -6.41 80.97
C ASN J 164 87.07 -7.60 81.49
N THR J 165 85.87 -7.79 80.93
CA THR J 165 85.01 -8.94 81.26
C THR J 165 85.54 -10.28 80.74
N GLY J 166 86.35 -10.26 79.69
CA GLY J 166 86.69 -11.45 78.92
C GLY J 166 85.60 -11.81 77.93
N ARG J 167 85.04 -10.79 77.27
CA ARG J 167 84.02 -10.97 76.24
C ARG J 167 84.12 -9.87 75.19
N LEU J 168 83.56 -10.12 74.01
CA LEU J 168 83.29 -9.09 73.01
C LEU J 168 81.89 -9.25 72.44
N LEU J 169 81.44 -8.25 71.69
CA LEU J 169 80.18 -8.34 70.92
C LEU J 169 80.47 -8.26 69.43
N ALA J 170 79.70 -9.02 68.64
CA ALA J 170 79.99 -9.23 67.23
C ALA J 170 78.73 -9.62 66.47
N CYS J 171 78.62 -9.15 65.23
CA CYS J 171 77.48 -9.45 64.37
C CYS J 171 77.81 -10.68 63.51
N ILE J 172 76.89 -11.65 63.47
CA ILE J 172 76.98 -12.78 62.56
C ILE J 172 76.68 -12.29 61.14
N SER J 173 77.60 -12.53 60.22
CA SER J 173 77.57 -11.96 58.86
C SER J 173 77.21 -13.00 57.80
N SER J 174 77.76 -14.21 57.94
CA SER J 174 77.35 -15.35 57.11
C SER J 174 75.92 -15.81 57.39
N ARG J 175 75.32 -16.45 56.40
CA ARG J 175 74.11 -17.25 56.58
C ARG J 175 74.50 -18.67 56.96
N PRO J 176 74.21 -19.10 58.21
CA PRO J 176 74.59 -20.47 58.60
C PRO J 176 73.86 -21.59 57.85
N GLY J 177 72.58 -21.36 57.52
CA GLY J 177 71.77 -22.35 56.80
C GLY J 177 72.28 -22.72 55.42
N GLN J 178 72.87 -21.76 54.71
CA GLN J 178 73.35 -21.98 53.34
C GLN J 178 74.81 -22.47 53.34
N SER J 179 75.67 -21.73 54.04
CA SER J 179 77.12 -22.03 54.06
C SER J 179 77.47 -23.22 54.93
N GLY J 180 76.79 -23.37 56.08
CA GLY J 180 77.21 -24.30 57.12
C GLY J 180 78.38 -23.77 57.93
N ARG J 181 78.29 -22.51 58.31
CA ARG J 181 79.43 -21.78 58.88
C ARG J 181 78.96 -20.49 59.56
N ALA J 182 79.30 -20.32 60.84
CA ALA J 182 79.18 -19.04 61.53
C ALA J 182 80.47 -18.24 61.32
N ASP J 183 80.39 -17.19 60.51
CA ASP J 183 81.39 -16.13 60.47
C ASP J 183 80.77 -14.82 60.93
N GLY J 184 81.61 -13.82 61.18
CA GLY J 184 81.13 -12.49 61.54
C GLY J 184 82.20 -11.42 61.55
N TYR J 185 81.85 -10.28 62.12
CA TYR J 185 82.80 -9.20 62.38
C TYR J 185 82.53 -8.58 63.75
N ILE J 186 83.57 -8.01 64.36
CA ILE J 186 83.47 -7.43 65.70
C ILE J 186 82.82 -6.04 65.63
N LEU J 187 81.98 -5.73 66.62
CA LEU J 187 81.29 -4.43 66.67
C LEU J 187 82.22 -3.34 67.17
N GLU J 188 82.07 -2.15 66.60
CA GLU J 188 83.06 -1.07 66.76
C GLU J 188 82.45 0.27 66.34
N GLY J 189 82.64 1.29 67.17
CA GLY J 189 82.19 2.65 66.86
C GLY J 189 80.69 2.82 67.03
N GLU J 190 80.00 3.12 65.92
CA GLU J 190 78.60 3.55 65.96
C GLU J 190 77.64 2.36 66.13
N GLU J 191 77.93 1.26 65.45
CA GLU J 191 77.22 -0.01 65.66
C GLU J 191 77.27 -0.48 67.11
N LEU J 192 78.45 -0.39 67.72
CA LEU J 192 78.65 -0.81 69.11
C LEU J 192 77.89 0.10 70.09
N MET J 193 77.98 1.41 69.88
CA MET J 193 77.21 2.39 70.67
C MET J 193 75.69 2.26 70.48
N PHE J 194 75.26 1.85 69.29
CA PHE J 194 73.84 1.66 68.99
C PHE J 194 73.22 0.50 69.77
N TYR J 195 73.85 -0.68 69.68
CA TYR J 195 73.32 -1.90 70.31
C TYR J 195 73.45 -1.91 71.84
N LYS J 196 74.37 -1.12 72.38
CA LYS J 196 74.45 -0.89 73.83
C LYS J 196 73.25 -0.12 74.42
N ARG J 197 72.56 0.67 73.60
CA ARG J 197 71.29 1.29 74.00
C ARG J 197 70.22 0.22 74.22
N LYS J 198 69.98 -0.59 73.19
CA LYS J 198 68.85 -1.52 73.16
C LYS J 198 69.09 -2.82 73.94
N MET J 199 70.31 -3.03 74.41
CA MET J 199 70.60 -3.97 75.51
C MET J 199 70.19 -3.37 76.85
N ASP J 200 70.61 -2.13 77.10
CA ASP J 200 70.33 -1.43 78.36
C ASP J 200 68.86 -1.03 78.55
N LYS J 201 68.14 -0.82 77.44
CA LYS J 201 66.75 -0.36 77.48
C LYS J 201 65.78 -1.42 78.04
N LYS J 202 65.96 -2.68 77.63
CA LYS J 202 65.20 -3.80 78.17
C LYS J 202 65.51 -4.05 79.64
N LYS J 203 66.76 -3.82 80.05
CA LYS J 203 67.15 -3.88 81.47
C LYS J 203 66.52 -2.74 82.28
N LYS K 3 46.76 -34.75 8.66
CA LYS K 3 48.14 -35.17 9.04
C LYS K 3 49.14 -34.95 7.92
N SER K 4 48.83 -35.45 6.73
CA SER K 4 49.72 -35.37 5.57
C SER K 4 49.76 -33.95 5.00
N TYR K 5 50.96 -33.50 4.64
CA TYR K 5 51.18 -32.12 4.18
C TYR K 5 50.98 -32.04 2.67
N ARG K 6 49.71 -32.06 2.25
CA ARG K 6 49.33 -31.93 0.85
C ARG K 6 48.25 -30.86 0.74
N THR K 7 48.55 -29.79 0.01
CA THR K 7 47.56 -28.74 -0.29
C THR K 7 46.52 -29.26 -1.29
N TYR K 8 45.32 -28.69 -1.26
CA TYR K 8 44.32 -28.94 -2.29
C TYR K 8 43.28 -27.82 -2.39
N SER K 9 42.66 -27.70 -3.56
CA SER K 9 41.74 -26.61 -3.87
C SER K 9 40.59 -27.09 -4.76
N LYS K 10 39.59 -26.23 -4.93
CA LYS K 10 38.45 -26.49 -5.81
C LYS K 10 38.62 -25.71 -7.11
N THR K 11 38.55 -26.43 -8.23
CA THR K 11 38.74 -25.82 -9.56
C THR K 11 37.57 -24.97 -10.04
N ALA K 12 36.37 -25.21 -9.50
CA ALA K 12 35.15 -24.51 -9.94
C ALA K 12 34.20 -24.25 -8.79
N ARG K 13 33.16 -23.47 -9.07
CA ARG K 13 32.05 -23.26 -8.14
C ARG K 13 30.76 -22.90 -8.89
N SER K 14 29.63 -23.37 -8.35
CA SER K 14 28.34 -23.22 -9.02
C SER K 14 27.81 -21.78 -8.87
N PRO K 15 26.95 -21.34 -9.81
CA PRO K 15 26.43 -19.97 -9.76
C PRO K 15 25.32 -19.80 -8.72
N LYS K 16 25.02 -18.55 -8.40
CA LYS K 16 24.09 -18.21 -7.32
C LYS K 16 22.64 -18.51 -7.72
N ARG K 17 22.26 -18.08 -8.91
CA ARG K 17 20.95 -18.42 -9.49
C ARG K 17 21.04 -19.78 -10.18
N PRO K 18 20.19 -20.75 -9.77
CA PRO K 18 20.13 -22.03 -10.51
C PRO K 18 19.50 -21.90 -11.89
N PHE K 19 18.36 -21.21 -11.97
CA PHE K 19 17.49 -21.24 -13.15
C PHE K 19 17.32 -19.84 -13.73
N GLU K 20 18.09 -19.53 -14.77
CA GLU K 20 17.92 -18.33 -15.59
C GLU K 20 18.03 -18.69 -17.06
N LYS K 21 17.04 -18.29 -17.85
CA LYS K 21 17.00 -18.62 -19.28
C LYS K 21 18.03 -17.83 -20.10
N GLU K 22 18.41 -16.64 -19.63
CA GLU K 22 19.55 -15.90 -20.17
C GLU K 22 20.88 -16.64 -20.02
N ARG K 23 21.09 -17.27 -18.85
CA ARG K 23 22.35 -17.94 -18.54
C ARG K 23 22.43 -19.32 -19.19
N LEU K 24 21.37 -20.11 -19.05
CA LEU K 24 21.34 -21.50 -19.54
C LEU K 24 21.47 -21.61 -21.07
N ASP K 25 20.93 -20.62 -21.79
CA ASP K 25 21.05 -20.58 -23.26
C ASP K 25 22.49 -20.32 -23.71
N GLN K 26 23.14 -19.34 -23.08
CA GLN K 26 24.50 -18.92 -23.46
C GLN K 26 25.58 -19.96 -23.09
N GLU K 27 25.36 -20.66 -21.97
CA GLU K 27 26.20 -21.83 -21.62
C GLU K 27 26.02 -23.00 -22.58
N MET K 28 24.80 -23.25 -23.01
CA MET K 28 24.48 -24.36 -23.94
C MET K 28 25.12 -24.18 -25.31
N LYS K 29 25.28 -22.93 -25.76
CA LYS K 29 26.06 -22.62 -26.96
C LYS K 29 27.52 -23.04 -26.84
N LEU K 30 28.14 -22.78 -25.68
CA LEU K 30 29.54 -23.13 -25.43
C LEU K 30 29.77 -24.64 -25.34
N LEU K 31 28.76 -25.38 -24.88
CA LEU K 31 28.75 -26.84 -24.99
C LEU K 31 28.63 -27.30 -26.44
N GLY K 32 27.72 -26.68 -27.19
CA GLY K 32 27.46 -27.04 -28.59
C GLY K 32 28.57 -26.71 -29.56
N GLU K 33 29.22 -25.57 -29.36
CA GLU K 33 30.39 -25.18 -30.17
C GLU K 33 31.57 -26.12 -29.93
N TYR K 34 31.98 -26.25 -28.67
CA TYR K 34 33.28 -26.82 -28.32
C TYR K 34 33.21 -28.26 -27.79
N GLY K 35 32.00 -28.80 -27.63
CA GLY K 35 31.80 -30.25 -27.55
C GLY K 35 32.06 -30.81 -26.17
N LEU K 36 31.47 -30.16 -25.16
CA LEU K 36 31.83 -30.37 -23.75
C LEU K 36 30.88 -31.35 -23.06
N LYS K 37 31.36 -31.96 -21.99
CA LYS K 37 30.65 -33.04 -21.29
C LYS K 37 29.49 -32.51 -20.45
N ASN K 38 29.76 -31.48 -19.65
CA ASN K 38 28.80 -30.95 -18.68
C ASN K 38 29.13 -29.52 -18.27
N LYS K 39 28.24 -28.90 -17.49
CA LYS K 39 28.35 -27.48 -17.13
C LYS K 39 29.49 -27.16 -16.16
N ARG K 40 30.04 -28.18 -15.49
CA ARG K 40 31.28 -28.06 -14.71
C ARG K 40 32.49 -27.62 -15.53
N GLU K 41 32.60 -28.10 -16.76
CA GLU K 41 33.71 -27.74 -17.65
C GLU K 41 33.71 -26.26 -18.07
N VAL K 42 32.52 -25.66 -18.14
CA VAL K 42 32.40 -24.20 -18.32
C VAL K 42 32.79 -23.45 -17.05
N TRP K 43 32.25 -23.89 -15.91
CA TRP K 43 32.48 -23.23 -14.62
C TRP K 43 33.92 -23.31 -14.13
N ARG K 44 34.62 -24.38 -14.54
CA ARG K 44 36.07 -24.47 -14.39
C ARG K 44 36.80 -23.30 -15.04
N VAL K 45 36.49 -23.03 -16.30
CA VAL K 45 37.11 -21.97 -17.07
C VAL K 45 36.59 -20.59 -16.63
N GLN K 46 35.32 -20.52 -16.25
CA GLN K 46 34.74 -19.35 -15.58
C GLN K 46 35.53 -18.95 -14.33
N TYR K 47 35.88 -19.95 -13.52
CA TYR K 47 36.70 -19.75 -12.31
C TYR K 47 38.15 -19.42 -12.64
N ALA K 48 38.71 -20.09 -13.64
CA ALA K 48 40.11 -19.93 -14.04
C ALA K 48 40.41 -18.53 -14.62
N LEU K 49 39.46 -17.99 -15.37
CA LEU K 49 39.52 -16.59 -15.83
C LEU K 49 39.52 -15.61 -14.66
N ALA K 50 38.65 -15.84 -13.69
CA ALA K 50 38.43 -14.91 -12.57
C ALA K 50 39.61 -14.82 -11.59
N LYS K 51 40.49 -15.82 -11.59
CA LYS K 51 41.82 -15.69 -10.97
C LYS K 51 42.67 -14.64 -11.68
N ILE K 52 42.80 -14.79 -13.00
CA ILE K 52 43.61 -13.89 -13.83
C ILE K 52 43.00 -12.48 -13.88
N ARG K 53 41.67 -12.41 -13.91
CA ARG K 53 40.95 -11.14 -14.02
C ARG K 53 41.04 -10.32 -12.73
N SER K 54 40.86 -10.99 -11.59
CA SER K 54 41.00 -10.35 -10.27
C SER K 54 42.45 -9.99 -9.91
N ALA K 55 43.41 -10.68 -10.51
CA ALA K 55 44.83 -10.29 -10.40
C ALA K 55 45.10 -8.96 -11.10
N ALA K 56 44.62 -8.82 -12.34
CA ALA K 56 44.77 -7.59 -13.12
C ALA K 56 43.97 -6.41 -12.53
N ARG K 57 42.79 -6.71 -12.02
CA ARG K 57 41.95 -5.71 -11.32
C ARG K 57 42.62 -5.10 -10.08
N GLU K 58 43.39 -5.93 -9.36
CA GLU K 58 44.21 -5.46 -8.23
C GLU K 58 45.39 -4.59 -8.69
N LEU K 59 46.06 -5.01 -9.75
CA LEU K 59 47.25 -4.31 -10.25
C LEU K 59 46.91 -2.98 -10.91
N LEU K 60 45.83 -2.97 -11.70
CA LEU K 60 45.50 -1.84 -12.58
C LEU K 60 45.08 -0.58 -11.82
N THR K 61 44.60 -0.73 -10.59
CA THR K 61 44.21 0.41 -9.75
C THR K 61 45.37 1.32 -9.31
N LEU K 62 46.59 0.79 -9.25
CA LEU K 62 47.72 1.48 -8.60
C LEU K 62 48.28 2.61 -9.49
N GLU K 63 49.31 2.32 -10.29
CA GLU K 63 50.21 3.35 -10.85
C GLU K 63 51.27 2.68 -11.71
N GLU K 64 51.50 3.22 -12.91
CA GLU K 64 52.34 2.56 -13.92
C GLU K 64 53.83 2.52 -13.57
N LYS K 65 54.29 3.47 -12.76
CA LYS K 65 55.68 3.52 -12.29
C LYS K 65 55.91 2.78 -10.95
N ASP K 66 54.88 2.19 -10.38
CA ASP K 66 54.97 1.44 -9.12
C ASP K 66 55.69 0.10 -9.35
N PRO K 67 56.68 -0.24 -8.50
CA PRO K 67 57.52 -1.43 -8.77
C PRO K 67 56.83 -2.79 -8.58
N ARG K 68 55.71 -2.82 -7.87
CA ARG K 68 54.87 -4.03 -7.80
C ARG K 68 54.15 -4.32 -9.13
N ARG K 69 53.59 -3.28 -9.75
CA ARG K 69 52.83 -3.43 -10.99
C ARG K 69 53.71 -3.81 -12.19
N VAL K 70 54.86 -3.16 -12.31
CA VAL K 70 55.80 -3.43 -13.40
C VAL K 70 56.41 -4.85 -13.34
N PHE K 71 56.59 -5.38 -12.12
CA PHE K 71 57.01 -6.77 -11.93
C PHE K 71 55.86 -7.74 -12.22
N GLN K 72 54.79 -7.62 -11.43
CA GLN K 72 53.70 -8.60 -11.42
C GLN K 72 52.84 -8.54 -12.68
N GLY K 73 52.76 -7.35 -13.29
CA GLY K 73 52.12 -7.19 -14.60
C GLY K 73 52.84 -7.89 -15.73
N THR K 74 54.16 -7.71 -15.80
CA THR K 74 54.98 -8.31 -16.87
C THR K 74 55.05 -9.83 -16.79
N ALA K 75 55.00 -10.37 -15.57
CA ALA K 75 54.86 -11.82 -15.35
C ALA K 75 53.51 -12.36 -15.80
N LEU K 76 52.44 -11.60 -15.54
CA LEU K 76 51.08 -11.98 -15.96
C LEU K 76 50.90 -11.90 -17.48
N LEU K 77 51.47 -10.86 -18.10
CA LEU K 77 51.43 -10.71 -19.56
C LEU K 77 52.25 -11.76 -20.30
N ARG K 78 53.33 -12.25 -19.68
CA ARG K 78 54.12 -13.36 -20.25
C ARG K 78 53.29 -14.64 -20.35
N ARG K 79 52.47 -14.91 -19.34
CA ARG K 79 51.57 -16.08 -19.35
C ARG K 79 50.56 -16.01 -20.50
N MET K 80 49.97 -14.83 -20.71
CA MET K 80 48.93 -14.65 -21.72
C MET K 80 49.49 -14.71 -23.15
N VAL K 81 50.73 -14.25 -23.33
CA VAL K 81 51.45 -14.42 -24.59
C VAL K 81 51.87 -15.88 -24.81
N ARG K 82 52.43 -16.50 -23.76
CA ARG K 82 52.83 -17.92 -23.82
C ARG K 82 51.66 -18.85 -24.08
N LEU K 83 50.56 -18.65 -23.35
CA LEU K 83 49.38 -19.51 -23.45
C LEU K 83 48.59 -19.31 -24.76
N GLY K 84 48.86 -18.22 -25.49
CA GLY K 84 48.20 -17.96 -26.76
C GLY K 84 46.80 -17.41 -26.57
N LEU K 85 46.63 -16.63 -25.50
CA LEU K 85 45.32 -16.20 -25.01
C LEU K 85 45.09 -14.75 -25.42
N LEU K 86 46.04 -13.90 -25.09
CA LEU K 86 46.21 -12.58 -25.70
C LEU K 86 47.27 -12.66 -26.80
N GLY K 87 46.97 -12.05 -27.95
CA GLY K 87 47.95 -11.89 -29.04
C GLY K 87 49.04 -10.90 -28.69
N GLU K 88 50.21 -11.07 -29.31
CA GLU K 88 51.43 -10.36 -28.90
C GLU K 88 51.47 -8.88 -29.32
N SER K 89 50.63 -8.51 -30.30
CA SER K 89 50.53 -7.12 -30.76
C SER K 89 50.06 -6.11 -29.70
N GLU K 90 49.34 -6.59 -28.70
CA GLU K 90 48.88 -5.75 -27.61
C GLU K 90 49.31 -6.41 -26.31
N GLN K 91 50.17 -5.73 -25.55
CA GLN K 91 50.66 -6.26 -24.28
C GLN K 91 50.14 -5.50 -23.07
N LYS K 92 49.18 -4.61 -23.30
CA LYS K 92 48.63 -3.82 -22.22
C LYS K 92 47.90 -4.72 -21.23
N LEU K 93 48.01 -4.39 -19.94
CA LEU K 93 47.34 -5.17 -18.89
C LEU K 93 45.83 -5.01 -19.04
N ASP K 94 45.42 -3.89 -19.62
CA ASP K 94 44.02 -3.58 -19.83
C ASP K 94 43.35 -4.63 -20.70
N TYR K 95 44.08 -5.14 -21.67
CA TYR K 95 43.56 -6.16 -22.59
C TYR K 95 43.17 -7.46 -21.91
N VAL K 96 43.82 -7.80 -20.80
CA VAL K 96 43.49 -9.05 -20.11
C VAL K 96 42.03 -8.99 -19.68
N LEU K 97 41.56 -7.82 -19.26
CA LEU K 97 40.18 -7.67 -18.83
C LEU K 97 39.22 -8.02 -19.96
N GLY K 98 39.51 -7.58 -21.16
CA GLY K 98 38.66 -7.91 -22.32
C GLY K 98 38.67 -9.35 -22.81
N LEU K 99 39.23 -10.27 -22.03
CA LEU K 99 39.12 -11.71 -22.31
C LEU K 99 37.70 -12.24 -22.07
N THR K 100 37.40 -13.37 -22.72
CA THR K 100 36.14 -14.09 -22.52
C THR K 100 36.41 -15.60 -22.42
N VAL K 101 35.37 -16.35 -22.08
CA VAL K 101 35.45 -17.82 -21.97
C VAL K 101 35.71 -18.52 -23.32
N ALA K 102 35.22 -17.91 -24.41
CA ALA K 102 35.46 -18.43 -25.76
C ALA K 102 36.94 -18.38 -26.19
N LYS K 103 37.72 -17.47 -25.60
CA LYS K 103 39.16 -17.39 -25.86
C LYS K 103 39.92 -18.56 -25.24
N PHE K 104 39.54 -18.92 -24.00
CA PHE K 104 40.09 -20.11 -23.32
C PHE K 104 39.68 -21.41 -23.99
N LEU K 105 38.41 -21.52 -24.37
CA LEU K 105 37.86 -22.77 -24.94
C LEU K 105 38.28 -23.04 -26.40
N GLU K 106 38.74 -22.01 -27.11
CA GLU K 106 39.42 -22.21 -28.41
C GLU K 106 40.87 -22.70 -28.27
N ARG K 107 41.47 -22.49 -27.09
CA ARG K 107 42.87 -22.87 -26.85
C ARG K 107 43.06 -24.32 -26.37
N ARG K 108 42.00 -24.95 -25.85
CA ARG K 108 42.06 -26.36 -25.41
C ARG K 108 42.19 -27.34 -26.58
N LEU K 109 42.52 -28.59 -26.27
CA LEU K 109 43.01 -29.54 -27.26
C LEU K 109 41.92 -30.21 -28.09
N GLN K 110 40.68 -30.22 -27.59
CA GLN K 110 39.50 -30.56 -28.42
C GLN K 110 39.43 -29.73 -29.71
N THR K 111 39.53 -28.41 -29.55
CA THR K 111 39.46 -27.49 -30.68
C THR K 111 40.71 -27.56 -31.55
N LYS K 112 41.89 -27.57 -30.93
CA LYS K 112 43.17 -27.51 -31.66
C LYS K 112 43.49 -28.80 -32.44
N VAL K 113 42.87 -29.91 -32.07
CA VAL K 113 42.77 -31.08 -32.97
C VAL K 113 41.87 -30.74 -34.16
N PHE K 114 40.65 -30.31 -33.88
CA PHE K 114 39.68 -29.95 -34.90
C PHE K 114 40.18 -28.80 -35.75
N LYS K 115 40.82 -27.83 -35.11
CA LYS K 115 41.36 -26.69 -35.84
C LYS K 115 42.40 -27.24 -36.80
N LEU K 116 43.16 -28.21 -36.32
CA LEU K 116 44.18 -28.88 -37.11
C LEU K 116 43.43 -29.58 -38.24
N GLY K 117 42.24 -30.07 -37.92
CA GLY K 117 41.37 -30.75 -38.86
C GLY K 117 41.46 -32.26 -39.00
N LEU K 118 42.36 -32.90 -38.26
CA LEU K 118 42.47 -34.35 -38.35
C LEU K 118 41.21 -35.06 -37.85
N ALA K 119 40.65 -34.56 -36.76
CA ALA K 119 39.48 -35.15 -36.11
C ALA K 119 38.16 -35.15 -36.88
N LYS K 120 37.85 -34.06 -37.57
CA LYS K 120 36.59 -33.92 -38.30
C LYS K 120 35.42 -34.06 -37.32
N SER K 121 34.85 -32.91 -36.98
CA SER K 121 33.73 -32.77 -36.05
C SER K 121 34.27 -32.55 -34.65
N ILE K 122 33.56 -31.80 -33.83
CA ILE K 122 33.99 -31.52 -32.46
C ILE K 122 33.98 -32.75 -31.57
N HIS K 123 32.91 -33.54 -31.68
CA HIS K 123 32.76 -34.75 -30.88
C HIS K 123 33.81 -35.80 -31.16
N HIS K 124 34.14 -35.98 -32.43
CA HIS K 124 35.12 -36.97 -32.82
C HIS K 124 36.47 -36.62 -32.23
N ALA K 125 36.77 -35.33 -32.20
CA ALA K 125 38.07 -34.87 -31.68
C ALA K 125 38.31 -35.25 -30.21
N ARG K 126 37.26 -35.21 -29.40
CA ARG K 126 37.34 -35.65 -27.99
C ARG K 126 37.63 -37.16 -27.87
N VAL K 127 37.06 -37.95 -28.77
CA VAL K 127 37.23 -39.41 -28.77
C VAL K 127 38.65 -39.80 -29.21
N LEU K 128 39.18 -39.08 -30.21
CA LEU K 128 40.58 -39.25 -30.64
C LEU K 128 41.60 -38.93 -29.54
N ILE K 129 41.32 -37.90 -28.74
CA ILE K 129 42.20 -37.54 -27.63
C ILE K 129 42.22 -38.65 -26.57
N ARG K 130 41.04 -39.10 -26.14
CA ARG K 130 40.91 -40.06 -25.04
C ARG K 130 41.39 -41.48 -25.41
N GLN K 131 41.31 -41.83 -26.70
CA GLN K 131 41.78 -43.15 -27.17
C GLN K 131 43.27 -43.14 -27.60
N ARG K 132 44.10 -42.33 -26.94
CA ARG K 132 45.56 -42.52 -26.94
C ARG K 132 46.18 -42.30 -28.32
N HIS K 133 45.70 -41.30 -29.04
CA HIS K 133 46.31 -40.82 -30.28
C HIS K 133 47.09 -39.52 -29.99
N ILE K 134 47.43 -38.78 -31.06
CA ILE K 134 47.80 -37.35 -31.01
C ILE K 134 48.99 -36.99 -30.11
N ARG K 135 50.19 -37.10 -30.68
CA ARG K 135 51.43 -36.67 -30.04
C ARG K 135 51.52 -35.15 -29.99
N VAL K 136 51.47 -34.59 -28.78
CA VAL K 136 51.82 -33.19 -28.53
C VAL K 136 53.30 -33.09 -28.16
N GLY K 137 54.12 -32.61 -29.10
CA GLY K 137 55.56 -32.48 -28.88
C GLY K 137 56.27 -33.83 -28.98
N LYS K 138 56.78 -34.31 -27.85
CA LYS K 138 57.50 -35.59 -27.77
C LYS K 138 56.58 -36.75 -27.38
N HIS K 139 55.71 -36.54 -26.40
CA HIS K 139 54.91 -37.60 -25.78
C HIS K 139 53.41 -37.37 -25.99
N ILE K 140 52.66 -38.47 -26.03
CA ILE K 140 51.22 -38.41 -26.33
C ILE K 140 50.40 -37.97 -25.12
N VAL K 141 49.20 -37.45 -25.39
CA VAL K 141 48.36 -36.78 -24.39
C VAL K 141 46.93 -37.32 -24.49
N ASP K 142 46.34 -37.61 -23.33
CA ASP K 142 45.09 -38.37 -23.23
C ASP K 142 43.86 -37.51 -22.91
N ILE K 143 44.08 -36.21 -22.66
CA ILE K 143 43.13 -35.40 -21.88
C ILE K 143 42.67 -34.20 -22.73
N PRO K 144 41.35 -34.10 -23.00
CA PRO K 144 40.73 -32.95 -23.70
C PRO K 144 41.14 -31.57 -23.18
N SER K 145 41.06 -31.36 -21.87
CA SER K 145 41.30 -30.05 -21.27
C SER K 145 42.79 -29.84 -20.97
N PHE K 146 43.58 -29.71 -22.03
CA PHE K 146 45.04 -29.62 -21.94
C PHE K 146 45.48 -28.16 -21.96
N MET K 147 45.07 -27.44 -23.01
CA MET K 147 45.41 -26.02 -23.23
C MET K 147 46.87 -25.84 -23.65
N VAL K 148 47.06 -25.34 -24.87
CA VAL K 148 48.33 -25.43 -25.62
C VAL K 148 49.05 -24.08 -25.57
N ARG K 149 50.38 -24.12 -25.55
CA ARG K 149 51.20 -22.92 -25.33
C ARG K 149 51.83 -22.36 -26.62
N VAL K 150 51.14 -22.46 -27.74
CA VAL K 150 51.34 -21.60 -28.93
C VAL K 150 52.63 -21.89 -29.74
N ASP K 151 53.76 -22.10 -29.08
CA ASP K 151 54.92 -22.78 -29.69
C ASP K 151 54.66 -24.28 -29.88
N SER K 152 53.85 -24.88 -29.01
CA SER K 152 53.53 -26.31 -29.06
C SER K 152 52.45 -26.67 -30.09
N GLU K 153 51.73 -25.68 -30.61
CA GLU K 153 50.48 -25.93 -31.36
C GLU K 153 50.71 -26.52 -32.76
N LYS K 154 51.81 -26.12 -33.38
CA LYS K 154 52.21 -26.62 -34.68
C LYS K 154 52.55 -28.09 -34.53
N HIS K 155 53.14 -28.40 -33.38
CA HIS K 155 53.62 -29.73 -33.01
C HIS K 155 52.61 -30.88 -32.87
N VAL K 156 51.34 -30.60 -32.58
CA VAL K 156 50.39 -31.71 -32.43
C VAL K 156 50.30 -32.53 -33.71
N ASP K 157 50.40 -33.84 -33.52
CA ASP K 157 50.41 -34.81 -34.62
C ASP K 157 49.94 -36.13 -34.04
N TYR K 158 49.55 -37.07 -34.91
CA TYR K 158 49.12 -38.37 -34.43
C TYR K 158 50.28 -39.06 -33.73
N ALA K 159 49.99 -39.84 -32.71
CA ALA K 159 51.02 -40.54 -31.96
C ALA K 159 51.71 -41.53 -32.88
N ILE K 160 52.99 -41.79 -32.62
CA ILE K 160 53.72 -42.71 -33.46
C ILE K 160 53.04 -44.07 -33.42
N THR K 161 52.62 -44.47 -32.22
CA THR K 161 51.91 -45.72 -32.06
C THR K 161 50.47 -45.49 -32.52
N SER K 162 49.75 -46.58 -32.80
CA SER K 162 48.36 -46.55 -33.25
C SER K 162 48.13 -46.59 -34.76
N PRO K 163 46.85 -46.96 -35.13
CA PRO K 163 46.62 -47.03 -36.59
C PRO K 163 46.74 -45.76 -37.42
N PHE K 164 46.29 -44.62 -36.91
CA PHE K 164 46.45 -43.40 -37.67
C PHE K 164 47.94 -43.15 -37.78
N GLY K 165 48.63 -43.38 -36.66
CA GLY K 165 50.08 -43.18 -36.57
C GLY K 165 51.00 -44.03 -37.42
N GLY K 166 50.70 -45.33 -37.54
CA GLY K 166 51.55 -46.22 -38.31
C GLY K 166 52.02 -47.41 -37.51
N GLY K 167 51.12 -47.95 -36.70
CA GLY K 167 51.41 -49.09 -35.85
C GLY K 167 50.48 -50.26 -36.08
N ARG K 168 50.44 -51.17 -35.12
CA ARG K 168 49.58 -52.33 -35.16
C ARG K 168 48.18 -51.76 -35.30
N PRO K 169 47.32 -52.42 -36.17
CA PRO K 169 46.00 -51.79 -36.30
C PRO K 169 44.99 -52.16 -35.23
N GLY K 170 45.23 -51.68 -34.00
CA GLY K 170 44.33 -51.95 -32.90
C GLY K 170 44.11 -53.43 -32.71
N ARG K 171 42.86 -53.83 -32.55
CA ARG K 171 42.56 -55.26 -32.40
C ARG K 171 41.50 -55.80 -33.38
N VAL K 172 40.56 -54.96 -33.80
CA VAL K 172 39.40 -55.42 -34.57
C VAL K 172 39.75 -55.66 -36.03
N LYS K 173 40.65 -54.84 -36.58
CA LYS K 173 41.21 -55.06 -37.92
C LYS K 173 41.99 -56.37 -38.05
N ARG K 174 42.71 -56.74 -36.99
CA ARG K 174 43.40 -58.04 -36.91
C ARG K 174 42.43 -59.22 -36.92
N ARG K 175 41.29 -59.08 -36.24
CA ARG K 175 40.25 -60.11 -36.20
C ARG K 175 39.62 -60.35 -37.58
N SER K 176 39.41 -59.28 -38.35
CA SER K 176 38.97 -59.38 -39.74
C SER K 176 40.06 -59.95 -40.66
N LEU K 177 41.29 -59.50 -40.47
CA LEU K 177 42.41 -59.86 -41.35
C LEU K 177 42.86 -61.32 -41.16
N LYS K 178 43.04 -61.72 -39.91
CA LYS K 178 43.38 -63.11 -39.58
C LYS K 178 42.21 -64.08 -39.79
N GLY K 179 40.98 -63.61 -39.61
CA GLY K 179 39.78 -64.39 -39.87
C GLY K 179 39.57 -64.73 -41.34
N GLY K 180 39.79 -63.75 -42.21
CA GLY K 180 39.71 -63.95 -43.66
C GLY K 180 40.88 -64.76 -44.20
N LYS L 7 -45.58 -49.74 -42.14
CA LYS L 7 -46.28 -50.04 -40.89
C LYS L 7 -45.34 -50.66 -39.86
N PHE L 8 -45.32 -51.99 -39.81
CA PHE L 8 -44.46 -52.70 -38.87
C PHE L 8 -43.74 -53.87 -39.54
N SER L 9 -42.58 -54.23 -38.98
CA SER L 9 -41.77 -55.33 -39.49
C SER L 9 -40.86 -54.91 -40.63
N LEU L 10 -40.02 -55.83 -41.09
CA LEU L 10 -39.07 -55.57 -42.17
C LEU L 10 -39.77 -55.31 -43.50
N ILE L 11 -39.29 -54.33 -44.24
CA ILE L 11 -39.86 -54.00 -45.54
C ILE L 11 -39.53 -55.07 -46.58
N PRO L 12 -40.56 -55.39 -47.46
CA PRO L 12 -40.21 -56.43 -48.44
C PRO L 12 -39.01 -56.01 -49.30
N LYS L 13 -38.40 -56.98 -49.98
CA LYS L 13 -37.24 -56.70 -50.85
C LYS L 13 -37.61 -56.11 -52.23
N ALA L 14 -38.85 -56.33 -52.66
CA ALA L 14 -39.44 -55.54 -53.75
C ALA L 14 -39.63 -54.07 -53.35
N ASN L 15 -40.21 -53.86 -52.17
CA ASN L 15 -40.46 -52.51 -51.63
C ASN L 15 -39.21 -51.80 -51.07
N ARG L 16 -38.11 -52.53 -50.91
CA ARG L 16 -36.78 -51.91 -50.82
C ARG L 16 -36.43 -51.17 -52.11
N LYS L 17 -36.59 -51.86 -53.24
CA LYS L 17 -36.31 -51.27 -54.57
C LYS L 17 -37.30 -50.17 -54.98
N ALA L 18 -38.49 -50.18 -54.39
CA ALA L 18 -39.45 -49.07 -54.53
C ALA L 18 -38.95 -47.74 -53.97
N ILE L 19 -38.16 -47.80 -52.89
CA ILE L 19 -37.46 -46.63 -52.35
C ILE L 19 -36.30 -46.23 -53.27
N TYR L 20 -35.51 -47.21 -53.69
CA TYR L 20 -34.29 -46.96 -54.46
C TYR L 20 -34.57 -46.46 -55.88
N GLU L 21 -35.55 -47.06 -56.56
CA GLU L 21 -35.89 -46.69 -57.95
C GLU L 21 -36.54 -45.30 -58.07
N TYR L 22 -37.20 -44.84 -57.00
CA TYR L 22 -37.61 -43.45 -56.87
C TYR L 22 -36.41 -42.50 -56.72
N LEU L 23 -35.47 -42.89 -55.85
CA LEU L 23 -34.21 -42.17 -55.67
C LEU L 23 -33.27 -42.26 -56.89
N PHE L 24 -33.39 -43.34 -57.67
CA PHE L 24 -32.61 -43.54 -58.89
C PHE L 24 -33.00 -42.58 -60.01
N LYS L 25 -34.30 -42.34 -60.18
CA LYS L 25 -34.80 -41.41 -61.20
C LYS L 25 -34.55 -39.95 -60.79
N GLU L 26 -35.09 -39.57 -59.64
CA GLU L 26 -35.25 -38.16 -59.26
C GLU L 26 -34.03 -37.60 -58.53
N GLY L 27 -33.43 -38.42 -57.66
CA GLY L 27 -32.24 -38.02 -56.89
C GLY L 27 -32.51 -37.19 -55.64
N VAL L 28 -33.77 -37.11 -55.23
CA VAL L 28 -34.16 -36.54 -53.93
C VAL L 28 -35.24 -37.43 -53.30
N ILE L 29 -35.22 -37.48 -51.97
CA ILE L 29 -36.19 -38.24 -51.20
C ILE L 29 -36.19 -37.68 -49.78
N VAL L 30 -37.28 -37.03 -49.39
CA VAL L 30 -37.39 -36.42 -48.08
C VAL L 30 -38.42 -37.16 -47.25
N VAL L 31 -38.05 -37.54 -46.04
CA VAL L 31 -38.96 -38.27 -45.16
C VAL L 31 -39.25 -37.57 -43.84
N GLN L 32 -40.54 -37.48 -43.50
CA GLN L 32 -40.96 -36.86 -42.27
C GLN L 32 -40.42 -37.70 -41.12
N LYS L 33 -40.00 -37.05 -40.05
CA LYS L 33 -39.43 -37.76 -38.90
C LYS L 33 -40.38 -38.71 -38.19
N ASN L 34 -41.66 -38.35 -38.09
CA ASN L 34 -42.63 -39.18 -37.36
C ASN L 34 -42.84 -40.62 -37.83
N GLY L 35 -42.75 -41.53 -36.87
CA GLY L 35 -42.95 -42.96 -37.09
C GLY L 35 -44.37 -43.40 -37.41
N LYS L 36 -45.33 -42.81 -36.73
CA LYS L 36 -46.74 -43.14 -36.90
C LYS L 36 -47.40 -42.40 -38.05
N ILE L 37 -46.64 -41.53 -38.69
CA ILE L 37 -47.16 -40.77 -39.81
C ILE L 37 -47.38 -41.72 -40.96
N GLU L 38 -48.26 -41.31 -41.88
CA GLU L 38 -48.60 -42.08 -43.07
C GLU L 38 -47.42 -42.12 -44.02
N ARG L 39 -47.36 -43.15 -44.86
CA ARG L 39 -46.23 -43.28 -45.77
C ARG L 39 -46.09 -41.95 -46.48
N HIS L 40 -44.85 -41.56 -46.75
CA HIS L 40 -44.56 -40.28 -47.35
C HIS L 40 -45.27 -40.04 -48.67
N PRO L 41 -45.75 -38.76 -48.86
CA PRO L 41 -46.43 -38.56 -50.14
C PRO L 41 -45.46 -38.85 -51.26
N GLU L 42 -45.97 -39.49 -52.30
CA GLU L 42 -45.14 -39.89 -53.44
C GLU L 42 -45.08 -41.42 -53.65
N VAL L 43 -44.29 -42.12 -52.82
CA VAL L 43 -44.05 -43.55 -52.98
C VAL L 43 -45.00 -44.32 -52.05
N PRO L 44 -45.79 -45.28 -52.60
CA PRO L 44 -46.76 -46.01 -51.77
C PRO L 44 -46.11 -47.11 -50.93
N VAL L 45 -45.58 -46.71 -49.77
CA VAL L 45 -45.06 -47.63 -48.76
C VAL L 45 -45.39 -47.10 -47.35
N PRO L 46 -45.12 -47.91 -46.30
CA PRO L 46 -45.07 -47.38 -44.93
C PRO L 46 -44.00 -46.31 -44.69
N ASN L 47 -44.31 -45.34 -43.84
CA ASN L 47 -43.41 -44.22 -43.54
C ASN L 47 -42.23 -44.62 -42.65
N LEU L 48 -42.45 -45.58 -41.76
CA LEU L 48 -41.36 -46.19 -40.98
C LEU L 48 -40.32 -46.89 -41.86
N HIS L 49 -40.78 -47.59 -42.89
CA HIS L 49 -39.89 -48.30 -43.82
C HIS L 49 -38.98 -47.37 -44.64
N VAL L 50 -39.43 -46.15 -44.90
CA VAL L 50 -38.61 -45.13 -45.56
C VAL L 50 -37.54 -44.59 -44.60
N MET L 51 -37.92 -44.38 -43.33
CA MET L 51 -36.99 -43.98 -42.28
C MET L 51 -35.94 -45.05 -41.98
N MET L 52 -36.35 -46.32 -41.98
CA MET L 52 -35.44 -47.46 -41.71
C MET L 52 -34.42 -47.68 -42.82
N THR L 53 -34.87 -47.64 -44.07
CA THR L 53 -34.00 -47.87 -45.24
C THR L 53 -32.97 -46.75 -45.47
N LEU L 54 -33.28 -45.53 -45.00
CA LEU L 54 -32.36 -44.39 -45.11
C LEU L 54 -31.63 -44.05 -43.79
N ARG L 55 -32.05 -44.65 -42.68
CA ARG L 55 -31.14 -44.91 -41.56
C ARG L 55 -30.03 -45.89 -41.95
N SER L 56 -30.42 -46.97 -42.63
CA SER L 56 -29.48 -47.95 -43.18
C SER L 56 -28.50 -47.35 -44.20
N LEU L 57 -29.00 -46.45 -45.05
CA LEU L 57 -28.23 -45.90 -46.18
C LEU L 57 -27.14 -44.92 -45.72
N GLN L 58 -27.52 -43.98 -44.86
CA GLN L 58 -26.61 -42.91 -44.41
C GLN L 58 -25.36 -43.42 -43.68
N THR L 59 -25.52 -44.48 -42.89
CA THR L 59 -24.44 -45.03 -42.06
C THR L 59 -23.42 -45.86 -42.85
N LYS L 60 -23.74 -46.18 -44.11
CA LYS L 60 -22.74 -46.62 -45.10
C LYS L 60 -22.46 -45.54 -46.17
N LYS L 61 -22.52 -44.27 -45.76
CA LYS L 61 -22.25 -43.11 -46.63
C LYS L 61 -23.25 -43.05 -47.81
N PHE L 62 -22.78 -43.01 -49.06
CA PHE L 62 -23.63 -42.89 -50.26
C PHE L 62 -24.56 -41.66 -50.28
N VAL L 63 -25.62 -41.68 -49.48
CA VAL L 63 -26.55 -40.54 -49.38
C VAL L 63 -26.04 -39.52 -48.35
N GLU L 64 -26.30 -38.23 -48.63
CA GLU L 64 -25.94 -37.14 -47.73
C GLU L 64 -27.20 -36.65 -46.98
N GLU L 65 -27.29 -37.02 -45.70
CA GLU L 65 -28.45 -36.66 -44.87
C GLU L 65 -28.34 -35.22 -44.38
N LYS L 66 -29.48 -34.54 -44.31
CA LYS L 66 -29.56 -33.17 -43.80
C LYS L 66 -30.95 -32.92 -43.18
N PHE L 67 -30.99 -32.54 -41.91
CA PHE L 67 -32.22 -32.56 -41.12
C PHE L 67 -33.03 -31.27 -41.34
N ASN L 68 -33.08 -30.36 -40.37
CA ASN L 68 -34.14 -29.35 -40.23
C ASN L 68 -35.59 -29.87 -40.23
N TRP L 69 -36.41 -29.34 -39.31
CA TRP L 69 -37.87 -29.28 -39.44
C TRP L 69 -38.61 -30.63 -39.38
N GLN L 70 -37.96 -31.67 -38.85
CA GLN L 70 -38.47 -33.07 -38.82
C GLN L 70 -38.42 -33.85 -40.15
N HIS L 71 -38.03 -33.19 -41.26
CA HIS L 71 -38.41 -33.63 -42.61
C HIS L 71 -37.27 -34.24 -43.45
N ASN L 72 -36.02 -34.11 -42.99
CA ASN L 72 -34.89 -34.95 -43.45
C ASN L 72 -34.64 -34.90 -44.97
N TYR L 73 -34.00 -33.83 -45.42
CA TYR L 73 -33.86 -33.53 -46.84
C TYR L 73 -32.56 -34.13 -47.40
N TYR L 74 -32.66 -35.33 -47.97
CA TYR L 74 -31.50 -36.07 -48.46
C TYR L 74 -31.04 -35.56 -49.83
N PHE L 75 -29.72 -35.52 -50.02
CA PHE L 75 -29.11 -35.41 -51.36
C PHE L 75 -28.28 -36.66 -51.66
N LEU L 76 -28.15 -36.96 -52.96
CA LEU L 76 -27.47 -38.18 -53.42
C LEU L 76 -26.15 -37.82 -54.10
N THR L 77 -25.05 -38.42 -53.62
CA THR L 77 -23.69 -38.03 -54.00
C THR L 77 -23.20 -38.84 -55.22
N ASN L 78 -21.96 -38.61 -55.65
CA ASN L 78 -21.36 -39.32 -56.79
C ASN L 78 -21.11 -40.81 -56.52
N GLU L 79 -20.63 -41.14 -55.33
CA GLU L 79 -20.50 -42.54 -54.90
C GLU L 79 -21.84 -43.23 -54.61
N GLY L 80 -22.86 -42.44 -54.26
CA GLY L 80 -24.22 -42.95 -54.09
C GLY L 80 -24.86 -43.47 -55.36
N ILE L 81 -24.72 -42.72 -56.45
CA ILE L 81 -25.25 -43.14 -57.77
C ILE L 81 -24.52 -44.34 -58.40
N GLU L 82 -23.30 -44.63 -57.92
CA GLU L 82 -22.62 -45.91 -58.25
C GLU L 82 -23.28 -47.13 -57.60
N PHE L 83 -23.73 -46.97 -56.35
CA PHE L 83 -24.28 -48.09 -55.57
C PHE L 83 -25.63 -48.58 -56.11
N LEU L 84 -26.53 -47.64 -56.31
CA LEU L 84 -27.88 -47.90 -56.80
C LEU L 84 -27.83 -48.52 -58.19
N ARG L 85 -26.95 -48.00 -59.02
CA ARG L 85 -26.84 -48.52 -60.38
C ARG L 85 -26.45 -49.99 -60.33
N THR L 86 -25.52 -50.33 -59.44
CA THR L 86 -25.11 -51.73 -59.35
C THR L 86 -26.29 -52.59 -58.89
N TYR L 87 -26.98 -52.15 -57.84
CA TYR L 87 -28.14 -52.89 -57.35
C TYR L 87 -29.28 -52.82 -58.36
N LEU L 88 -29.50 -51.61 -58.87
CA LEU L 88 -30.54 -51.33 -59.86
C LEU L 88 -30.29 -51.98 -61.21
N HIS L 89 -29.02 -52.03 -61.61
CA HIS L 89 -28.64 -52.60 -62.90
C HIS L 89 -28.92 -51.59 -64.02
N LEU L 90 -29.12 -50.34 -63.62
CA LEU L 90 -29.38 -49.25 -64.54
C LEU L 90 -28.18 -49.00 -65.46
N PRO L 91 -28.48 -48.54 -66.73
CA PRO L 91 -27.30 -48.33 -67.59
C PRO L 91 -26.35 -47.28 -67.03
N PRO L 92 -25.00 -47.52 -67.23
CA PRO L 92 -24.12 -46.49 -66.65
C PRO L 92 -24.29 -45.11 -67.30
N THR L 93 -24.17 -44.06 -66.49
CA THR L 93 -24.33 -42.70 -66.97
C THR L 93 -25.80 -42.44 -67.26
N VAL L 94 -26.65 -43.27 -66.67
CA VAL L 94 -28.09 -43.17 -66.86
C VAL L 94 -28.72 -41.87 -66.39
N PHE L 95 -28.30 -41.35 -65.23
CA PHE L 95 -28.92 -40.12 -64.72
C PHE L 95 -28.05 -38.97 -64.19
N PRO L 96 -27.36 -38.26 -65.08
CA PRO L 96 -26.58 -37.10 -64.65
C PRO L 96 -27.46 -36.01 -64.04
N SER L 97 -27.08 -35.51 -62.86
CA SER L 97 -27.74 -34.35 -62.24
C SER L 97 -27.39 -33.03 -62.95
N THR L 98 -26.29 -33.01 -63.70
CA THR L 98 -25.95 -31.89 -64.59
C THR L 98 -26.97 -31.71 -65.72
N LEU L 99 -27.48 -32.82 -66.25
CA LEU L 99 -28.60 -32.81 -67.19
C LEU L 99 -29.88 -32.32 -66.51
N THR L 100 -30.69 -31.56 -67.25
CA THR L 100 -31.80 -30.81 -66.68
C THR L 100 -33.00 -31.73 -66.37
N VAL M 6 69.04 8.23 59.64
CA VAL M 6 68.67 8.18 61.08
C VAL M 6 68.15 6.79 61.47
N GLN M 7 68.45 6.37 62.70
CA GLN M 7 68.20 5.01 63.15
C GLN M 7 66.80 4.89 63.75
N THR M 8 65.81 4.68 62.88
CA THR M 8 64.42 4.48 63.29
C THR M 8 64.19 3.09 63.89
N GLU M 9 64.83 2.07 63.32
CA GLU M 9 64.31 0.70 63.30
C GLU M 9 65.08 -0.20 64.26
N ARG M 10 64.62 -1.45 64.39
CA ARG M 10 65.15 -2.40 65.38
C ARG M 10 66.58 -2.83 65.07
N ALA M 11 66.83 -3.20 63.82
CA ALA M 11 68.19 -3.40 63.31
C ALA M 11 68.88 -2.06 63.06
N PHE M 12 70.20 -2.08 63.06
CA PHE M 12 71.01 -0.91 62.67
C PHE M 12 70.92 -0.70 61.16
N GLN M 13 70.29 0.41 60.76
CA GLN M 13 70.26 0.83 59.36
C GLN M 13 71.63 1.36 58.95
N LYS M 14 72.30 0.65 58.05
CA LYS M 14 73.61 1.03 57.53
C LYS M 14 73.66 0.88 56.02
N GLN M 15 74.41 1.77 55.37
CA GLN M 15 74.57 1.74 53.92
C GLN M 15 75.68 0.76 53.55
N ASP M 16 75.32 -0.30 52.83
CA ASP M 16 76.30 -1.17 52.17
C ASP M 16 76.92 -0.43 50.99
N GLY M 17 78.19 -0.73 50.72
CA GLY M 17 79.04 0.09 49.85
C GLY M 17 80.11 0.80 50.66
N VAL M 18 79.70 1.43 51.75
CA VAL M 18 80.63 1.94 52.76
C VAL M 18 81.01 0.81 53.71
N SER M 19 82.31 0.58 53.88
CA SER M 19 82.83 -0.38 54.84
C SER M 19 82.87 0.18 56.25
N SER M 20 83.11 -0.69 57.22
CA SER M 20 83.27 -0.28 58.63
C SER M 20 84.57 0.49 58.89
N LEU M 21 85.57 0.32 58.01
CA LEU M 21 86.72 1.24 57.95
C LEU M 21 86.28 2.70 57.74
N GLY M 22 85.33 2.93 56.86
CA GLY M 22 84.71 4.24 56.66
C GLY M 22 83.63 4.55 57.69
N ARG M 23 84.04 4.75 58.94
CA ARG M 23 83.16 5.27 60.00
C ARG M 23 83.94 6.21 60.91
N THR M 33 81.85 9.55 57.89
CA THR M 33 82.34 10.59 56.99
C THR M 33 82.09 10.21 55.53
N GLN M 34 82.55 9.01 55.15
CA GLN M 34 82.39 8.50 53.79
C GLN M 34 80.95 8.10 53.52
N ARG M 35 80.47 8.41 52.32
CA ARG M 35 79.18 7.93 51.82
C ARG M 35 79.34 7.41 50.39
N TYR M 36 78.67 6.29 50.10
CA TYR M 36 78.61 5.72 48.76
C TYR M 36 77.47 6.38 47.99
N TRP M 37 77.72 6.75 46.75
CA TRP M 37 76.65 7.07 45.80
C TRP M 37 76.96 6.53 44.40
N LYS M 38 76.00 5.80 43.86
CA LYS M 38 76.08 5.23 42.51
C LYS M 38 75.74 6.30 41.48
N ASP M 39 76.24 6.11 40.26
CA ASP M 39 75.76 6.82 39.08
C ASP M 39 74.96 5.86 38.19
N VAL M 40 73.66 6.11 38.08
CA VAL M 40 72.73 5.11 37.52
C VAL M 40 72.82 4.98 35.98
N GLY M 41 73.27 6.05 35.31
CA GLY M 41 73.49 6.02 33.87
C GLY M 41 72.20 6.13 33.09
N LEU M 42 72.27 5.73 31.82
CA LEU M 42 71.11 5.75 30.90
C LEU M 42 70.61 7.17 30.59
N GLY M 43 71.50 8.16 30.73
CA GLY M 43 71.11 9.57 30.63
C GLY M 43 70.18 10.03 31.73
N PHE M 44 70.58 9.81 32.98
CA PHE M 44 69.85 10.30 34.15
C PHE M 44 70.84 10.78 35.21
N GLN M 45 70.77 12.08 35.52
CA GLN M 45 71.72 12.72 36.43
C GLN M 45 71.41 12.36 37.89
N THR M 46 72.46 12.16 38.68
CA THR M 46 72.32 11.87 40.11
C THR M 46 71.90 13.13 40.85
N PRO M 47 70.82 13.07 41.65
CA PRO M 47 70.40 14.27 42.40
C PRO M 47 71.35 14.58 43.57
N ARG M 48 71.39 15.86 43.95
CA ARG M 48 72.36 16.36 44.92
C ARG M 48 72.04 15.91 46.35
N LEU M 49 70.75 15.76 46.65
CA LEU M 49 70.30 15.36 47.99
C LEU M 49 70.62 13.88 48.31
N ALA M 50 70.87 13.06 47.29
CA ALA M 50 71.45 11.73 47.48
C ALA M 50 72.87 11.78 48.05
N LYS M 51 73.70 12.68 47.53
CA LYS M 51 75.10 12.80 47.95
C LYS M 51 75.25 13.46 49.32
N GLU M 52 74.51 14.55 49.54
CA GLU M 52 74.67 15.39 50.73
C GLU M 52 74.06 14.76 51.98
N SER M 53 72.86 14.20 51.86
CA SER M 53 72.08 13.73 53.01
C SER M 53 72.63 12.42 53.59
N LYS M 54 72.09 12.03 54.75
CA LYS M 54 72.61 10.92 55.54
C LYS M 54 71.64 9.72 55.65
N TYR M 55 70.66 9.65 54.74
CA TYR M 55 69.68 8.56 54.73
C TYR M 55 70.31 7.26 54.18
N VAL M 56 69.69 6.12 54.49
CA VAL M 56 70.18 4.81 54.04
C VAL M 56 69.49 4.41 52.73
N ASP M 57 68.29 3.81 52.83
CA ASP M 57 67.65 3.08 51.71
C ASP M 57 68.50 1.97 51.07
N LYS M 58 68.07 0.73 51.28
CA LYS M 58 68.58 -0.41 50.51
C LYS M 58 68.20 -0.31 49.02
N LYS M 59 66.96 0.07 48.74
CA LYS M 59 66.34 -0.10 47.41
C LYS M 59 66.45 1.12 46.50
N CYS M 60 67.19 2.15 46.92
CA CYS M 60 67.39 3.36 46.10
C CYS M 60 68.32 3.05 44.92
N PRO M 61 68.00 3.58 43.71
CA PRO M 61 68.93 3.47 42.57
C PRO M 61 70.28 4.12 42.80
N PHE M 62 70.27 5.29 43.44
CA PHE M 62 71.46 6.13 43.55
C PHE M 62 72.30 5.80 44.78
N THR M 63 71.68 5.17 45.78
CA THR M 63 72.32 4.94 47.08
C THR M 63 72.71 3.47 47.35
N GLY M 64 71.94 2.51 46.81
CA GLY M 64 72.08 1.09 47.19
C GLY M 64 72.18 0.15 46.00
N ASN M 65 72.26 -1.14 46.29
CA ASN M 65 72.22 -2.19 45.25
C ASN M 65 70.84 -2.32 44.64
N VAL M 66 70.63 -1.59 43.55
CA VAL M 66 69.62 -1.95 42.56
C VAL M 66 70.00 -1.34 41.20
N SER M 67 70.23 -2.20 40.21
CA SER M 67 70.35 -1.79 38.81
C SER M 67 69.02 -1.27 38.29
N ILE M 68 69.09 -0.28 37.40
CA ILE M 68 67.96 0.04 36.51
C ILE M 68 68.30 -0.40 35.09
N ARG M 69 67.34 -1.05 34.45
CA ARG M 69 67.61 -1.89 33.27
C ARG M 69 66.31 -2.35 32.61
N GLY M 70 66.17 -2.06 31.32
CA GLY M 70 65.11 -2.62 30.49
C GLY M 70 64.18 -1.56 29.94
N ARG M 71 63.28 -1.08 30.79
CA ARG M 71 62.24 -0.12 30.40
C ARG M 71 62.34 1.16 31.22
N VAL M 72 61.64 2.20 30.74
CA VAL M 72 61.45 3.45 31.47
C VAL M 72 60.04 4.00 31.21
N ILE M 73 59.37 4.39 32.28
CA ILE M 73 57.93 4.65 32.26
C ILE M 73 57.67 6.02 32.89
N LYS M 74 57.00 6.89 32.14
CA LYS M 74 56.50 8.18 32.65
C LYS M 74 55.03 8.04 33.08
N GLY M 75 54.59 8.89 34.01
CA GLY M 75 53.18 8.94 34.39
C GLY M 75 52.85 9.87 35.55
N MET M 76 51.57 9.92 35.90
CA MET M 76 51.04 10.83 36.92
C MET M 76 50.91 10.11 38.25
N VAL M 77 51.42 10.73 39.32
CA VAL M 77 51.31 10.17 40.67
C VAL M 77 49.89 10.37 41.19
N ILE M 78 49.27 9.29 41.69
CA ILE M 78 47.89 9.33 42.18
C ILE M 78 47.73 9.17 43.70
N SER M 79 48.70 8.56 44.38
CA SER M 79 48.82 8.66 45.84
C SER M 79 50.23 8.35 46.34
N THR M 80 50.56 8.91 47.50
CA THR M 80 51.90 8.78 48.09
C THR M 80 51.79 8.37 49.57
N LYS M 81 50.84 7.48 49.86
CA LYS M 81 50.41 7.24 51.24
C LYS M 81 51.32 6.23 51.94
N MET M 82 51.59 5.11 51.27
CA MET M 82 52.47 4.07 51.80
C MET M 82 53.94 4.52 51.79
N LYS M 83 54.73 3.92 52.67
CA LYS M 83 56.04 4.45 53.04
C LYS M 83 57.11 4.09 52.01
N ARG M 84 57.86 5.10 51.56
CA ARG M 84 58.92 4.95 50.55
C ARG M 84 58.43 4.30 49.24
N ALA M 85 57.22 4.66 48.83
CA ALA M 85 56.61 4.11 47.62
C ALA M 85 55.42 4.95 47.17
N VAL M 86 55.22 5.01 45.85
CA VAL M 86 54.09 5.72 45.25
C VAL M 86 53.34 4.79 44.31
N VAL M 87 52.28 5.30 43.69
CA VAL M 87 51.60 4.60 42.61
C VAL M 87 51.27 5.59 41.49
N ILE M 88 51.54 5.17 40.26
CA ILE M 88 51.71 6.07 39.12
C ILE M 88 50.73 5.61 38.04
N ARG M 89 49.71 6.44 37.78
CA ARG M 89 48.71 6.15 36.75
C ARG M 89 49.27 6.43 35.36
N ARG M 90 49.44 5.37 34.58
CA ARG M 90 49.71 5.49 33.14
C ARG M 90 48.39 5.57 32.40
N ASN M 91 48.30 6.48 31.44
CA ASN M 91 47.17 6.57 30.51
C ASN M 91 47.60 6.24 29.09
N TYR M 92 46.70 5.64 28.32
CA TYR M 92 46.95 5.34 26.90
C TYR M 92 45.67 5.14 26.11
N LEU M 93 45.74 5.42 24.82
CA LEU M 93 44.66 5.11 23.88
C LEU M 93 44.80 3.68 23.36
N HIS M 94 43.68 2.97 23.28
CA HIS M 94 43.61 1.64 22.69
C HIS M 94 42.77 1.66 21.43
N PHE M 95 43.35 1.24 20.32
CA PHE M 95 42.68 1.23 19.01
C PHE M 95 41.70 0.07 18.92
N VAL M 96 40.55 0.31 18.30
CA VAL M 96 39.50 -0.69 18.11
C VAL M 96 39.14 -0.76 16.62
N PRO M 97 39.66 -1.77 15.89
CA PRO M 97 39.85 -1.67 14.44
C PRO M 97 38.56 -1.75 13.61
N LYS M 98 37.51 -2.38 14.15
CA LYS M 98 36.18 -2.32 13.55
C LYS M 98 35.69 -0.89 13.40
N TYR M 99 35.58 -0.20 14.52
CA TYR M 99 34.99 1.15 14.56
C TYR M 99 36.00 2.23 14.15
N SER M 100 37.28 1.87 14.06
CA SER M 100 38.33 2.71 13.49
C SER M 100 38.62 3.92 14.38
N ARG M 101 38.70 3.66 15.68
CA ARG M 101 38.48 4.67 16.71
C ARG M 101 39.12 4.27 18.04
N PHE M 102 39.58 5.27 18.78
CA PHE M 102 40.40 5.06 19.99
C PHE M 102 39.54 4.95 21.24
N GLU M 103 40.19 4.62 22.36
CA GLU M 103 39.51 4.26 23.61
C GLU M 103 40.46 4.48 24.79
N LYS M 104 40.04 5.29 25.77
CA LYS M 104 40.93 5.66 26.88
C LYS M 104 40.96 4.57 27.95
N ARG M 105 42.15 3.97 28.15
CA ARG M 105 42.39 2.99 29.21
C ARG M 105 43.44 3.49 30.19
N HIS M 106 43.63 2.75 31.28
CA HIS M 106 44.72 3.01 32.24
C HIS M 106 45.23 1.75 32.93
N LYS M 107 46.47 1.82 33.44
CA LYS M 107 47.02 0.83 34.37
C LYS M 107 47.76 1.55 35.50
N ASN M 108 47.38 1.27 36.73
CA ASN M 108 48.15 1.73 37.91
C ASN M 108 49.35 0.84 38.16
N VAL M 109 50.53 1.31 37.74
CA VAL M 109 51.80 0.74 38.16
C VAL M 109 52.12 1.27 39.56
N THR M 110 52.38 0.37 40.50
CA THR M 110 52.94 0.73 41.81
C THR M 110 54.45 0.68 41.74
N CYS M 111 55.10 1.57 42.49
CA CYS M 111 56.46 2.03 42.17
C CYS M 111 57.20 2.55 43.40
N HIS M 112 58.47 2.17 43.53
CA HIS M 112 59.33 2.65 44.61
C HIS M 112 59.73 4.10 44.38
N LEU M 113 59.95 4.85 45.46
CA LEU M 113 60.71 6.11 45.41
C LEU M 113 61.56 6.33 46.65
N SER M 114 62.66 7.07 46.46
CA SER M 114 63.69 7.24 47.48
C SER M 114 63.55 8.61 48.14
N PRO M 115 63.99 8.75 49.40
CA PRO M 115 63.74 9.98 50.16
C PRO M 115 64.69 11.14 49.84
N CYS M 116 65.58 10.98 48.87
CA CYS M 116 66.23 12.10 48.18
C CYS M 116 65.23 13.08 47.55
N PHE M 117 64.16 12.54 46.95
CA PHE M 117 63.09 13.36 46.40
C PHE M 117 62.17 13.88 47.51
N GLU M 118 62.43 15.11 47.95
CA GLU M 118 61.62 15.77 48.99
C GLU M 118 60.31 16.29 48.41
N GLN M 119 59.23 16.14 49.18
CA GLN M 119 57.94 16.80 48.92
C GLN M 119 57.32 16.38 47.59
N VAL M 120 57.27 15.06 47.36
CA VAL M 120 56.65 14.50 46.16
C VAL M 120 55.13 14.56 46.33
N LYS M 121 54.51 15.59 45.76
CA LYS M 121 53.09 15.86 45.93
C LYS M 121 52.26 14.93 45.05
N GLU M 122 50.98 14.82 45.38
CA GLU M 122 50.02 14.09 44.54
C GLU M 122 49.73 14.87 43.24
N GLY M 123 49.62 14.14 42.14
CA GLY M 123 49.48 14.75 40.80
C GLY M 123 50.75 15.35 40.23
N ASP M 124 51.91 14.81 40.62
CA ASP M 124 53.19 15.15 39.98
C ASP M 124 53.53 14.16 38.87
N ILE M 125 54.36 14.62 37.92
CA ILE M 125 54.90 13.78 36.86
C ILE M 125 56.18 13.11 37.36
N VAL M 126 56.37 11.85 36.98
CA VAL M 126 57.47 11.04 37.49
C VAL M 126 57.90 9.97 36.45
N THR M 127 59.19 9.95 36.12
CA THR M 127 59.78 8.90 35.27
C THR M 127 60.40 7.82 36.14
N ALA M 128 60.27 6.56 35.70
CA ALA M 128 60.55 5.40 36.55
C ALA M 128 61.09 4.22 35.74
N GLY M 129 62.33 3.82 36.03
CA GLY M 129 62.96 2.70 35.35
C GLY M 129 62.62 1.36 35.96
N GLN M 130 62.70 0.30 35.14
CA GLN M 130 62.46 -1.08 35.59
C GLN M 130 63.65 -1.61 36.37
N CYS M 131 63.38 -2.44 37.37
CA CYS M 131 64.41 -3.15 38.12
C CYS M 131 63.91 -4.52 38.60
N ARG M 132 64.71 -5.22 39.41
CA ARG M 132 64.30 -6.52 39.98
C ARG M 132 63.13 -6.36 40.95
N PRO M 133 62.30 -7.41 41.11
CA PRO M 133 61.10 -7.29 41.95
C PRO M 133 61.43 -7.09 43.44
N LEU M 134 61.12 -5.90 43.95
CA LEU M 134 61.50 -5.50 45.31
C LEU M 134 60.48 -5.96 46.34
N SER M 135 59.21 -5.87 45.97
CA SER M 135 58.13 -6.59 46.64
C SER M 135 57.19 -7.18 45.58
N LYS M 136 56.00 -7.65 45.99
CA LYS M 136 55.08 -8.31 45.05
C LYS M 136 54.60 -7.35 43.97
N THR M 137 54.05 -6.21 44.38
CA THR M 137 53.40 -5.28 43.46
C THR M 137 54.40 -4.45 42.66
N ILE M 138 55.46 -3.95 43.31
CA ILE M 138 56.40 -3.02 42.67
C ILE M 138 57.50 -3.80 41.91
N ARG M 139 57.63 -3.48 40.62
CA ARG M 139 58.80 -3.83 39.82
C ARG M 139 59.68 -2.62 39.50
N PHE M 140 59.08 -1.44 39.34
CA PHE M 140 59.78 -0.24 38.87
C PHE M 140 60.32 0.58 40.02
N ASN M 141 61.36 1.36 39.72
CA ASN M 141 61.94 2.31 40.65
C ASN M 141 61.99 3.69 40.01
N VAL M 142 61.85 4.73 40.82
CA VAL M 142 61.86 6.12 40.33
C VAL M 142 63.24 6.52 39.78
N LEU M 143 63.23 7.45 38.82
CA LEU M 143 64.45 8.11 38.35
C LEU M 143 64.46 9.63 38.57
N LYS M 144 63.32 10.28 38.39
CA LYS M 144 63.25 11.74 38.32
C LYS M 144 61.79 12.20 38.42
N VAL M 145 61.57 13.34 39.07
CA VAL M 145 60.22 13.91 39.24
C VAL M 145 60.13 15.33 38.67
N GLU M 146 58.90 15.80 38.50
CA GLU M 146 58.63 17.18 38.09
C GLU M 146 57.39 17.71 38.81
N LYS M 147 57.49 18.93 39.35
CA LYS M 147 56.37 19.59 40.02
C LYS M 147 55.40 20.17 38.99
N ASN M 148 54.14 19.75 39.07
CA ASN M 148 53.03 20.49 38.46
C ASN M 148 51.76 20.41 39.31
N GLN M 149 50.98 21.50 39.31
CA GLN M 149 49.66 21.50 39.94
C GLN M 149 48.65 20.77 39.06
N VAL M 150 47.73 20.06 39.70
CA VAL M 150 46.49 19.61 39.06
C VAL M 150 45.29 19.90 39.96
N PHE M 151 44.17 20.26 39.34
CA PHE M 151 43.05 20.89 40.03
C PHE M 151 41.84 19.95 40.02
N GLY M 152 41.18 19.84 41.16
CA GLY M 152 40.20 18.77 41.40
C GLY M 152 40.86 17.42 41.55
N ASN M 153 40.23 16.38 41.00
CA ASN M 153 40.73 15.01 41.12
C ASN M 153 41.93 14.77 40.21
N VAL M 154 42.84 13.91 40.66
CA VAL M 154 44.04 13.54 39.91
C VAL M 154 43.73 12.43 38.90
N ARG M 155 42.82 11.53 39.27
CA ARG M 155 42.49 10.37 38.43
C ARG M 155 41.65 10.72 37.20
N LYS M 156 40.91 11.83 37.27
CA LYS M 156 40.32 12.47 36.08
C LYS M 156 41.35 12.93 35.06
N GLN M 157 42.49 13.44 35.54
CA GLN M 157 43.49 14.10 34.70
C GLN M 157 44.12 13.13 33.70
N PHE M 158 43.74 13.28 32.42
CA PHE M 158 44.29 12.47 31.33
C PHE M 158 45.41 13.25 30.67
N ARG M 159 46.65 12.75 30.83
CA ARG M 159 47.78 13.17 30.01
C ARG M 159 48.51 11.96 29.45
N LEU M 160 48.88 12.05 28.18
CA LEU M 160 49.33 10.89 27.40
C LEU M 160 50.84 10.66 27.51
N PHE M 161 51.61 11.75 27.55
CA PHE M 161 53.09 11.73 27.55
C PHE M 161 53.71 11.16 26.26
N GLU N 20 -11.80 -69.98 -74.21
CA GLU N 20 -12.42 -71.10 -75.01
C GLU N 20 -13.15 -70.56 -76.24
N VAL N 21 -13.61 -71.48 -77.11
CA VAL N 21 -14.00 -71.13 -78.48
C VAL N 21 -15.38 -70.45 -78.50
N LYS N 22 -16.32 -71.00 -77.74
CA LYS N 22 -17.56 -70.30 -77.37
C LYS N 22 -17.68 -70.22 -75.84
N ASP N 23 -18.50 -71.09 -75.23
CA ASP N 23 -18.75 -71.07 -73.78
C ASP N 23 -19.51 -72.33 -73.35
N LEU N 24 -18.87 -73.16 -72.52
CA LEU N 24 -19.44 -74.45 -72.10
C LEU N 24 -20.38 -74.27 -70.91
N MET N 25 -21.68 -74.15 -71.20
CA MET N 25 -22.74 -73.99 -70.19
C MET N 25 -22.53 -72.76 -69.30
N THR N 26 -22.50 -71.59 -69.94
CA THR N 26 -22.75 -70.31 -69.27
C THR N 26 -24.19 -69.80 -69.46
N ALA N 27 -25.06 -70.61 -70.08
CA ALA N 27 -26.50 -70.35 -70.12
C ALA N 27 -27.17 -70.41 -68.75
N ILE N 28 -26.58 -71.13 -67.80
CA ILE N 28 -27.01 -71.11 -66.40
C ILE N 28 -26.63 -69.78 -65.75
N ARG N 29 -25.36 -69.44 -65.80
CA ARG N 29 -24.80 -68.32 -65.00
C ARG N 29 -25.17 -66.92 -65.53
N LYS N 30 -25.30 -66.79 -66.85
CA LYS N 30 -25.72 -65.52 -67.47
C LYS N 30 -27.17 -65.14 -67.13
N VAL N 31 -28.07 -66.12 -67.14
CA VAL N 31 -29.51 -65.88 -66.99
C VAL N 31 -29.87 -65.61 -65.53
N LEU N 32 -29.29 -66.36 -64.60
CA LEU N 32 -29.59 -66.23 -63.17
C LEU N 32 -29.05 -64.93 -62.55
N LYS N 33 -28.03 -64.33 -63.16
CA LYS N 33 -27.66 -62.94 -62.88
C LYS N 33 -28.76 -61.97 -63.35
N ASN N 34 -29.09 -62.04 -64.63
CA ASN N 34 -29.94 -61.03 -65.29
C ASN N 34 -31.44 -61.15 -65.00
N ALA N 35 -31.88 -62.35 -64.60
CA ALA N 35 -33.26 -62.57 -64.17
C ALA N 35 -33.64 -61.86 -62.86
N LEU N 36 -32.63 -61.57 -62.02
CA LEU N 36 -32.83 -60.81 -60.77
C LEU N 36 -32.96 -59.29 -60.97
N ILE N 37 -32.92 -58.80 -62.21
CA ILE N 37 -33.51 -57.50 -62.57
C ILE N 37 -35.03 -57.56 -62.38
N HIS N 38 -35.66 -58.50 -63.08
CA HIS N 38 -37.11 -58.71 -62.99
C HIS N 38 -37.56 -59.45 -61.72
N ASP N 39 -36.63 -60.16 -61.07
CA ASP N 39 -36.89 -60.96 -59.86
C ASP N 39 -37.89 -62.09 -60.12
N GLY N 40 -37.39 -63.21 -60.62
CA GLY N 40 -38.17 -64.45 -60.74
C GLY N 40 -37.33 -65.71 -60.58
N LEU N 41 -36.50 -65.72 -59.54
CA LEU N 41 -35.84 -66.94 -59.06
C LEU N 41 -36.40 -67.34 -57.68
N VAL N 42 -36.53 -68.64 -57.46
CA VAL N 42 -37.25 -69.19 -56.32
C VAL N 42 -36.39 -70.27 -55.64
N ARG N 43 -36.24 -70.19 -54.32
CA ARG N 43 -35.27 -70.97 -53.56
C ARG N 43 -35.92 -71.57 -52.31
N GLY N 44 -35.59 -72.83 -52.02
CA GLY N 44 -36.15 -73.57 -50.88
C GLY N 44 -37.08 -74.70 -51.31
N LEU N 45 -37.18 -75.74 -50.48
CA LEU N 45 -38.03 -76.91 -50.76
C LEU N 45 -39.53 -76.59 -50.77
N HIS N 46 -39.97 -75.75 -49.83
CA HIS N 46 -41.35 -75.23 -49.80
C HIS N 46 -41.67 -74.42 -51.06
N GLU N 47 -40.81 -73.44 -51.36
CA GLU N 47 -41.10 -72.45 -52.41
C GLU N 47 -40.90 -73.00 -53.83
N VAL N 48 -39.96 -73.92 -54.01
CA VAL N 48 -39.82 -74.68 -55.27
C VAL N 48 -41.02 -75.62 -55.48
N ALA N 49 -41.47 -76.28 -54.41
CA ALA N 49 -42.69 -77.10 -54.46
C ALA N 49 -43.95 -76.27 -54.74
N LYS N 50 -44.02 -75.07 -54.14
CA LYS N 50 -45.08 -74.11 -54.45
C LYS N 50 -44.99 -73.53 -55.86
N ALA N 51 -43.77 -73.33 -56.35
CA ALA N 51 -43.52 -72.94 -57.75
C ALA N 51 -43.87 -74.06 -58.75
N LEU N 52 -43.68 -75.32 -58.33
CA LEU N 52 -44.16 -76.47 -59.09
C LEU N 52 -45.69 -76.60 -59.05
N ASP N 53 -46.25 -76.53 -57.84
CA ASP N 53 -47.71 -76.53 -57.65
C ASP N 53 -48.31 -75.15 -57.95
N ALA N 54 -48.31 -74.78 -59.23
CA ALA N 54 -48.59 -73.41 -59.67
C ALA N 54 -48.62 -73.31 -61.20
N LYS N 55 -48.94 -72.13 -61.71
CA LYS N 55 -48.80 -71.80 -63.13
C LYS N 55 -47.55 -70.94 -63.36
N LYS N 56 -46.43 -71.39 -62.81
CA LYS N 56 -45.26 -70.53 -62.54
C LYS N 56 -43.98 -71.09 -63.17
N ALA N 57 -43.49 -72.20 -62.65
CA ALA N 57 -42.10 -72.61 -62.83
C ALA N 57 -41.84 -73.15 -64.24
N GLN N 58 -40.80 -72.63 -64.88
CA GLN N 58 -40.53 -72.89 -66.31
C GLN N 58 -39.33 -73.81 -66.54
N VAL N 59 -38.28 -73.66 -65.72
CA VAL N 59 -37.18 -74.64 -65.62
C VAL N 59 -36.82 -74.89 -64.15
N CYS N 60 -36.49 -76.14 -63.83
CA CYS N 60 -36.06 -76.54 -62.49
C CYS N 60 -34.71 -77.26 -62.53
N PHE N 61 -34.07 -77.38 -61.36
CA PHE N 61 -32.81 -78.11 -61.21
C PHE N 61 -32.76 -78.88 -59.89
N LEU N 62 -31.88 -79.89 -59.83
CA LEU N 62 -31.50 -80.56 -58.59
C LEU N 62 -30.00 -80.89 -58.59
N SER N 63 -29.52 -81.40 -57.46
CA SER N 63 -28.14 -81.89 -57.34
C SER N 63 -27.92 -83.20 -58.11
N GLU N 64 -26.66 -83.49 -58.44
CA GLU N 64 -26.36 -84.73 -59.13
C GLU N 64 -26.67 -85.80 -58.10
N SER N 65 -26.14 -85.56 -56.90
CA SER N 65 -26.34 -86.40 -55.75
C SER N 65 -26.66 -85.48 -54.57
N CYS N 66 -27.77 -85.72 -53.90
CA CYS N 66 -28.14 -84.87 -52.76
C CYS N 66 -28.29 -85.68 -51.49
N SER N 67 -29.26 -86.59 -51.50
CA SER N 67 -29.60 -87.49 -50.41
C SER N 67 -31.11 -87.72 -50.53
N GLU N 68 -31.65 -88.58 -49.67
CA GLU N 68 -33.09 -88.86 -49.69
C GLU N 68 -33.55 -89.41 -51.03
N PRO N 69 -33.80 -90.78 -51.09
CA PRO N 69 -34.25 -91.24 -52.42
C PRO N 69 -35.55 -90.54 -52.77
N ALA N 70 -36.43 -90.39 -51.79
CA ALA N 70 -37.70 -89.72 -52.00
C ALA N 70 -37.47 -88.26 -52.39
N TYR N 71 -36.51 -87.62 -51.73
CA TYR N 71 -36.22 -86.22 -52.02
C TYR N 71 -35.77 -86.06 -53.47
N LYS N 72 -34.87 -86.94 -53.90
CA LYS N 72 -34.39 -86.91 -55.27
C LYS N 72 -35.55 -87.29 -56.18
N LYS N 73 -36.28 -88.32 -55.77
CA LYS N 73 -37.44 -88.84 -56.50
C LYS N 73 -38.59 -87.85 -56.56
N LEU N 74 -38.83 -87.15 -55.45
CA LEU N 74 -39.92 -86.19 -55.38
C LEU N 74 -39.76 -85.07 -56.38
N VAL N 75 -38.53 -84.58 -56.54
CA VAL N 75 -38.30 -83.50 -57.48
C VAL N 75 -38.64 -83.98 -58.87
N GLN N 76 -38.19 -85.19 -59.20
CA GLN N 76 -38.47 -85.78 -60.50
C GLN N 76 -39.96 -86.07 -60.65
N GLY N 77 -40.55 -86.60 -59.57
CA GLY N 77 -41.96 -86.93 -59.55
C GLY N 77 -42.90 -85.76 -59.68
N LEU N 78 -42.58 -84.66 -59.02
CA LEU N 78 -43.42 -83.47 -59.09
C LEU N 78 -43.44 -82.99 -60.52
N CYS N 79 -42.28 -83.02 -61.15
CA CYS N 79 -42.14 -82.60 -62.53
C CYS N 79 -42.95 -83.51 -63.44
N LYS N 80 -42.92 -84.81 -63.15
CA LYS N 80 -43.63 -85.80 -63.97
C LYS N 80 -45.13 -85.51 -64.13
N GLU N 81 -45.74 -84.84 -63.14
CA GLU N 81 -47.15 -84.44 -63.21
C GLU N 81 -47.38 -83.32 -64.23
N HIS N 82 -46.82 -82.15 -63.96
CA HIS N 82 -47.10 -80.92 -64.71
C HIS N 82 -46.03 -80.54 -65.75
N GLY N 83 -45.12 -81.47 -66.05
CA GLY N 83 -44.00 -81.20 -66.97
C GLY N 83 -42.91 -80.37 -66.33
N ILE N 84 -42.10 -79.73 -67.18
CA ILE N 84 -40.92 -78.94 -66.77
C ILE N 84 -39.80 -79.83 -66.20
N PRO N 85 -38.73 -80.08 -66.99
CA PRO N 85 -37.74 -81.09 -66.62
C PRO N 85 -36.70 -80.58 -65.60
N LEU N 86 -35.87 -81.51 -65.11
CA LEU N 86 -34.60 -81.18 -64.46
C LEU N 86 -33.45 -81.23 -65.48
N LEU N 87 -32.22 -81.04 -64.98
CA LEU N 87 -31.01 -81.49 -65.68
C LEU N 87 -30.09 -82.26 -64.71
N ASP N 88 -29.09 -81.59 -64.13
CA ASP N 88 -27.99 -82.27 -63.41
C ASP N 88 -27.12 -81.27 -62.63
N VAL N 89 -26.39 -80.42 -63.37
CA VAL N 89 -25.37 -79.51 -62.82
C VAL N 89 -24.31 -80.31 -62.02
N THR N 90 -23.73 -79.75 -60.95
CA THR N 90 -22.54 -80.32 -60.30
C THR N 90 -22.34 -79.70 -58.91
N ASP N 91 -22.14 -80.55 -57.90
CA ASP N 91 -21.80 -80.16 -56.52
C ASP N 91 -22.95 -79.44 -55.78
N SER N 92 -23.43 -80.06 -54.70
CA SER N 92 -24.64 -79.58 -53.99
C SER N 92 -24.44 -78.24 -53.27
N LYS N 93 -23.20 -77.93 -52.91
CA LYS N 93 -22.82 -76.58 -52.46
C LYS N 93 -22.93 -75.55 -53.58
N GLU N 94 -22.40 -75.88 -54.75
CA GLU N 94 -22.26 -74.95 -55.89
C GLU N 94 -23.36 -75.14 -56.95
N LEU N 95 -24.62 -75.13 -56.50
CA LEU N 95 -25.78 -75.04 -57.40
C LEU N 95 -26.27 -73.61 -57.52
N GLY N 96 -26.59 -73.01 -56.38
CA GLY N 96 -27.19 -71.67 -56.32
C GLY N 96 -26.22 -70.50 -56.51
N GLU N 97 -24.92 -70.76 -56.41
CA GLU N 97 -23.90 -69.70 -56.44
C GLU N 97 -23.68 -69.06 -57.81
N TRP N 98 -24.20 -69.69 -58.87
CA TRP N 98 -24.32 -69.05 -60.18
C TRP N 98 -25.35 -67.91 -60.16
N ALA N 99 -26.44 -68.10 -59.41
CA ALA N 99 -27.31 -66.99 -58.99
C ALA N 99 -26.71 -66.19 -57.84
N CYS N 118 -31.48 -76.92 -55.07
CA CYS N 118 -32.84 -76.68 -55.55
C CYS N 118 -32.97 -75.30 -56.19
N VAL N 119 -33.38 -75.27 -57.46
CA VAL N 119 -33.61 -74.02 -58.20
C VAL N 119 -34.99 -74.05 -58.87
N CYS N 120 -35.61 -72.87 -58.98
CA CYS N 120 -36.72 -72.66 -59.91
C CYS N 120 -36.55 -71.31 -60.63
N VAL N 121 -37.05 -71.24 -61.87
CA VAL N 121 -37.00 -70.03 -62.68
C VAL N 121 -38.39 -69.74 -63.26
N THR N 122 -39.08 -68.77 -62.67
CA THR N 122 -40.19 -68.08 -63.33
C THR N 122 -39.67 -66.97 -64.26
N SER N 128 -33.50 -64.60 -75.82
CA SER N 128 -32.36 -65.25 -76.51
C SER N 128 -31.02 -64.93 -75.82
N GLU N 129 -29.93 -64.79 -76.60
CA GLU N 129 -28.58 -64.46 -76.10
C GLU N 129 -27.97 -65.57 -75.23
N ALA N 130 -28.44 -65.71 -73.99
CA ALA N 130 -27.92 -66.71 -73.05
C ALA N 130 -28.62 -68.06 -73.23
N LEU N 131 -29.94 -68.03 -73.43
CA LEU N 131 -30.78 -69.25 -73.38
C LEU N 131 -30.71 -70.15 -74.64
N THR N 132 -30.03 -69.70 -75.70
CA THR N 132 -29.95 -70.46 -76.96
C THR N 132 -29.31 -71.84 -76.82
N PHE N 133 -28.36 -71.98 -75.91
CA PHE N 133 -27.75 -73.29 -75.59
C PHE N 133 -28.72 -74.23 -74.86
N LEU N 134 -29.45 -73.70 -73.88
CA LEU N 134 -30.41 -74.48 -73.11
C LEU N 134 -31.67 -74.85 -73.90
N GLN N 135 -32.26 -73.86 -74.59
CA GLN N 135 -33.60 -73.99 -75.18
C GLN N 135 -33.73 -75.14 -76.19
N ASN N 136 -32.71 -75.31 -77.04
CA ASN N 136 -32.67 -76.42 -78.00
C ASN N 136 -32.44 -77.80 -77.37
N HIS N 137 -31.84 -77.83 -76.18
CA HIS N 137 -31.68 -79.08 -75.40
C HIS N 137 -32.95 -79.49 -74.65
N ILE N 138 -33.73 -78.52 -74.18
CA ILE N 138 -34.89 -78.79 -73.30
C ILE N 138 -36.04 -79.44 -74.08
N LYS N 139 -36.61 -78.70 -75.03
CA LYS N 139 -37.78 -79.16 -75.78
C LYS N 139 -37.39 -80.20 -76.84
N THR N 140 -36.56 -79.80 -77.79
CA THR N 140 -36.06 -80.69 -78.85
C THR N 140 -34.84 -81.48 -78.35
N LEU N 141 -34.40 -82.43 -79.17
CA LEU N 141 -33.16 -83.19 -78.92
C LEU N 141 -32.13 -82.87 -80.00
N GLY O 2 22.19 30.07 23.01
CA GLY O 2 20.86 30.20 23.66
C GLY O 2 20.98 30.38 25.16
N ARG O 3 21.71 31.42 25.56
CA ARG O 3 22.12 31.65 26.96
C ARG O 3 22.83 30.43 27.56
N MET O 4 22.13 29.66 28.40
CA MET O 4 22.77 28.72 29.33
C MET O 4 21.71 27.93 30.09
N TYR O 5 20.90 28.63 30.88
CA TYR O 5 19.93 28.03 31.80
C TYR O 5 18.50 28.19 31.28
N GLY O 6 18.14 29.41 30.89
CA GLY O 6 16.85 29.67 30.24
C GLY O 6 16.78 29.13 28.82
N PRO O 7 15.61 29.30 28.17
CA PRO O 7 15.45 29.04 26.74
C PRO O 7 15.69 30.27 25.85
N GLY O 8 15.92 31.43 26.45
CA GLY O 8 16.00 32.70 25.72
C GLY O 8 17.27 32.81 24.90
N LYS O 9 17.15 33.45 23.74
CA LYS O 9 18.12 33.30 22.66
C LYS O 9 18.53 34.68 22.13
N GLY O 10 18.82 35.59 23.06
CA GLY O 10 18.90 37.02 22.77
C GLY O 10 20.24 37.42 22.17
N MET O 11 20.17 38.26 21.14
CA MET O 11 21.33 38.93 20.57
C MET O 11 21.28 40.41 20.93
N SER O 12 21.94 40.77 22.04
CA SER O 12 22.21 42.16 22.38
C SER O 12 23.61 42.28 22.96
N ALA O 13 24.43 43.16 22.38
CA ALA O 13 25.82 43.32 22.81
C ALA O 13 26.41 44.64 22.35
N SER O 14 27.45 45.08 23.05
CA SER O 14 28.27 46.20 22.62
C SER O 14 29.17 45.78 21.46
N ALA O 15 29.13 46.52 20.37
CA ALA O 15 29.92 46.25 19.17
C ALA O 15 31.01 47.31 19.01
N LEU O 16 32.25 46.93 19.31
CA LEU O 16 33.36 47.89 19.42
C LEU O 16 33.81 48.35 18.03
N PRO O 17 34.34 49.59 17.93
CA PRO O 17 34.63 50.14 16.60
C PRO O 17 35.88 49.54 15.96
N TRP O 18 36.08 49.81 14.68
CA TRP O 18 37.20 49.23 13.91
C TRP O 18 38.53 49.85 14.32
N ARG O 19 38.58 51.18 14.41
CA ARG O 19 39.83 51.90 14.66
C ARG O 19 40.25 51.78 16.12
N ARG O 20 41.57 51.80 16.32
CA ARG O 20 42.17 51.63 17.63
C ARG O 20 43.00 52.85 18.02
N LYS O 21 43.09 53.11 19.32
CA LYS O 21 43.79 54.28 19.85
C LYS O 21 43.01 55.54 19.49
N PRO O 22 41.64 55.36 19.37
CA PRO O 22 40.90 56.58 19.03
C PRO O 22 40.74 57.41 20.30
N PRO O 23 40.22 58.71 20.24
CA PRO O 23 39.81 59.19 18.92
C PRO O 23 40.64 60.41 18.56
N THR O 24 40.57 60.84 17.31
CA THR O 24 41.36 61.99 16.90
C THR O 24 40.97 63.19 17.75
N TRP O 25 39.68 63.33 18.03
CA TRP O 25 39.18 64.43 18.86
C TRP O 25 39.73 64.39 20.28
N LEU O 26 39.86 63.20 20.84
CA LEU O 26 40.35 63.03 22.22
C LEU O 26 41.80 63.50 22.37
N LYS O 27 42.14 63.93 23.58
CA LYS O 27 43.53 64.07 24.00
C LYS O 27 43.69 63.55 25.45
N ILE O 28 43.83 64.43 26.44
CA ILE O 28 44.38 64.08 27.75
C ILE O 28 45.67 63.24 27.60
N LYS O 29 45.74 62.04 28.17
CA LYS O 29 47.00 61.38 28.51
C LYS O 29 46.75 59.92 28.91
N PRO O 30 47.74 59.04 28.68
CA PRO O 30 47.77 57.74 29.39
C PRO O 30 47.90 57.86 30.92
N SER O 31 48.72 58.79 31.40
CA SER O 31 49.02 58.92 32.83
C SER O 31 47.84 59.40 33.66
N ASP O 32 47.10 60.40 33.16
CA ASP O 32 45.99 61.02 33.89
C ASP O 32 44.78 60.09 34.06
N VAL O 33 44.56 59.21 33.09
CA VAL O 33 43.48 58.21 33.14
C VAL O 33 43.77 57.14 34.21
N GLU O 34 45.04 56.72 34.30
CA GLU O 34 45.47 55.76 35.33
C GLU O 34 45.35 56.31 36.77
N GLU O 35 45.49 57.62 36.94
CA GLU O 35 45.20 58.28 38.22
C GLU O 35 43.71 58.27 38.56
N HIS O 36 42.86 58.55 37.57
CA HIS O 36 41.40 58.50 37.75
C HIS O 36 40.87 57.11 38.12
N ILE O 37 41.45 56.06 37.54
CA ILE O 37 41.04 54.69 37.81
C ILE O 37 41.44 54.27 39.23
N ALA O 38 42.67 54.59 39.62
CA ALA O 38 43.16 54.34 40.98
C ALA O 38 42.46 55.19 42.06
N LYS O 39 41.96 56.35 41.67
CA LYS O 39 41.11 57.19 42.54
C LYS O 39 39.75 56.53 42.81
N LEU O 40 39.08 56.10 41.74
CA LEU O 40 37.73 55.52 41.84
C LEU O 40 37.72 54.09 42.40
N ALA O 41 38.81 53.35 42.20
CA ALA O 41 39.02 52.06 42.88
C ALA O 41 39.18 52.22 44.40
N LYS O 42 39.86 53.29 44.82
CA LYS O 42 40.00 53.64 46.24
C LYS O 42 38.67 54.07 46.87
N LYS O 43 37.80 54.70 46.08
CA LYS O 43 36.42 55.01 46.49
C LYS O 43 35.59 53.76 46.77
N GLY O 44 35.87 52.68 46.04
CA GLY O 44 35.34 51.35 46.36
C GLY O 44 34.35 50.91 45.32
N GLN O 45 34.84 50.65 44.12
CA GLN O 45 34.04 50.68 42.90
C GLN O 45 34.60 49.69 41.88
N THR O 46 33.75 48.82 41.35
CA THR O 46 34.19 47.59 40.68
C THR O 46 34.71 47.89 39.26
N PRO O 47 35.58 47.00 38.71
CA PRO O 47 36.17 47.21 37.37
C PRO O 47 35.17 47.52 36.24
N SER O 48 33.98 46.93 36.31
CA SER O 48 32.87 47.32 35.44
C SER O 48 32.44 48.76 35.66
N GLN O 49 32.21 49.12 36.92
CA GLN O 49 31.67 50.44 37.28
C GLN O 49 32.64 51.62 37.05
N ILE O 50 33.94 51.35 36.89
CA ILE O 50 34.92 52.39 36.53
C ILE O 50 34.68 52.85 35.10
N GLY O 51 34.71 51.91 34.17
CA GLY O 51 34.57 52.22 32.74
C GLY O 51 33.22 52.74 32.31
N VAL O 52 32.17 52.50 33.11
CA VAL O 52 30.88 53.18 32.95
C VAL O 52 31.01 54.65 33.34
N THR O 53 31.59 54.90 34.51
CA THR O 53 31.79 56.26 35.02
C THR O 53 32.71 57.09 34.11
N LEU O 54 33.68 56.44 33.48
CA LEU O 54 34.59 57.12 32.54
C LEU O 54 33.89 57.58 31.26
N ARG O 55 33.31 56.64 30.50
CA ARG O 55 32.75 56.96 29.19
C ARG O 55 31.50 57.84 29.24
N ASP O 56 30.75 57.75 30.34
CA ASP O 56 29.57 58.59 30.56
C ASP O 56 29.95 60.07 30.76
N SER O 57 30.57 60.38 31.88
CA SER O 57 30.76 61.77 32.33
C SER O 57 32.01 62.38 31.69
N PHE O 58 33.14 61.69 31.87
CA PHE O 58 34.43 62.14 31.33
C PHE O 58 34.56 61.73 29.87
N GLY O 59 35.73 61.99 29.28
CA GLY O 59 36.11 61.39 27.99
C GLY O 59 36.50 59.94 28.10
N VAL O 60 37.31 59.48 27.15
CA VAL O 60 37.66 58.06 26.93
C VAL O 60 36.43 57.18 26.62
N PRO O 61 36.28 56.74 25.35
CA PRO O 61 35.37 55.61 25.10
C PRO O 61 35.84 54.30 25.72
N GLN O 62 37.11 53.96 25.49
CA GLN O 62 37.72 52.76 26.09
C GLN O 62 39.10 53.08 26.66
N VAL O 63 39.47 52.33 27.71
CA VAL O 63 40.78 52.48 28.36
C VAL O 63 41.86 51.71 27.60
N LYS O 64 41.48 50.56 27.02
CA LYS O 64 42.35 49.79 26.12
C LYS O 64 42.77 50.56 24.85
N SER O 65 41.95 51.52 24.42
CA SER O 65 42.34 52.46 23.37
C SER O 65 43.43 53.44 23.84
N VAL O 66 43.21 54.06 25.00
CA VAL O 66 44.07 55.14 25.49
C VAL O 66 45.38 54.58 26.01
N THR O 67 45.30 53.76 27.06
CA THR O 67 46.45 53.03 27.60
C THR O 67 46.56 51.66 26.91
N GLY O 68 47.74 51.05 27.01
CA GLY O 68 47.95 49.68 26.52
C GLY O 68 47.15 48.62 27.27
N ASN O 69 46.93 48.85 28.56
CA ASN O 69 46.34 47.84 29.45
C ASN O 69 44.81 47.95 29.55
N LYS O 70 44.20 46.87 30.02
CA LYS O 70 42.78 46.87 30.45
C LYS O 70 42.66 47.37 31.88
N ILE O 71 41.43 47.54 32.36
CA ILE O 71 41.16 48.14 33.68
C ILE O 71 41.64 47.25 34.82
N LEU O 72 41.33 45.95 34.76
CA LEU O 72 41.75 45.00 35.79
C LEU O 72 43.27 44.75 35.82
N ARG O 73 43.93 44.91 34.67
CA ARG O 73 45.40 44.91 34.60
C ARG O 73 46.02 46.10 35.35
N ILE O 74 45.39 47.27 35.26
CA ILE O 74 45.88 48.48 35.93
C ILE O 74 45.69 48.37 37.45
N LEU O 75 44.50 47.95 37.88
CA LEU O 75 44.20 47.74 39.31
C LEU O 75 45.16 46.74 39.97
N LYS O 76 45.45 45.65 39.27
CA LYS O 76 46.31 44.58 39.79
C LYS O 76 47.80 44.98 39.82
N LEU O 77 48.20 45.86 38.90
CA LEU O 77 49.53 46.49 38.94
C LEU O 77 49.70 47.44 40.12
N GLN O 78 48.70 48.30 40.33
CA GLN O 78 48.68 49.23 41.47
C GLN O 78 48.54 48.53 42.83
N GLY O 79 47.87 47.38 42.84
CA GLY O 79 47.48 46.70 44.08
C GLY O 79 46.29 47.36 44.74
N LEU O 80 45.26 47.64 43.94
CA LEU O 80 43.94 48.02 44.44
C LEU O 80 42.85 47.13 43.83
N ALA O 81 43.17 45.85 43.65
CA ALA O 81 42.27 44.88 43.04
C ALA O 81 41.35 44.28 44.11
N PRO O 82 40.19 43.75 43.69
CA PRO O 82 39.34 43.00 44.63
C PRO O 82 39.91 41.63 45.02
N GLU O 83 39.42 41.08 46.13
CA GLU O 83 39.89 39.81 46.67
C GLU O 83 39.46 38.64 45.78
N LEU O 84 38.17 38.63 45.42
CA LEU O 84 37.63 37.70 44.43
C LEU O 84 36.97 38.46 43.27
N PRO O 85 36.89 37.84 42.07
CA PRO O 85 36.47 38.59 40.88
C PRO O 85 34.99 38.95 40.87
N GLU O 86 34.63 39.97 40.09
CA GLU O 86 33.32 40.64 40.25
C GLU O 86 32.13 39.76 39.88
N ASP O 87 32.27 38.94 38.84
CA ASP O 87 31.20 38.02 38.42
C ASP O 87 30.89 36.94 39.46
N LEU O 88 31.93 36.44 40.14
CA LEU O 88 31.77 35.51 41.26
C LEU O 88 31.21 36.20 42.52
N TYR O 89 31.59 37.45 42.73
CA TYR O 89 31.04 38.27 43.82
C TYR O 89 29.51 38.44 43.66
N TYR O 90 29.08 38.85 42.48
CA TYR O 90 27.66 39.18 42.25
C TYR O 90 26.74 37.96 42.14
N LEU O 91 27.30 36.78 41.84
CA LEU O 91 26.55 35.52 41.93
C LEU O 91 26.37 35.04 43.37
N ILE O 92 27.40 35.20 44.19
CA ILE O 92 27.33 34.84 45.62
C ILE O 92 26.36 35.77 46.36
N LYS O 93 26.46 37.07 46.12
CA LYS O 93 25.57 38.07 46.72
C LYS O 93 24.11 37.84 46.34
N LYS O 94 23.87 37.44 45.08
CA LYS O 94 22.56 37.00 44.62
C LYS O 94 22.06 35.76 45.37
N ALA O 95 22.95 34.78 45.56
CA ALA O 95 22.62 33.54 46.27
C ALA O 95 22.30 33.76 47.75
N VAL O 96 23.01 34.69 48.39
CA VAL O 96 22.75 35.07 49.78
C VAL O 96 21.39 35.77 49.90
N SER O 97 21.08 36.66 48.96
CA SER O 97 19.79 37.37 48.92
C SER O 97 18.59 36.43 48.80
N VAL O 98 18.73 35.38 47.98
CA VAL O 98 17.67 34.39 47.77
C VAL O 98 17.49 33.49 49.00
N ARG O 99 18.58 33.18 49.69
CA ARG O 99 18.53 32.39 50.91
C ARG O 99 17.86 33.12 52.10
N LYS O 100 17.96 34.44 52.14
CA LYS O 100 17.17 35.26 53.08
C LYS O 100 15.67 35.19 52.78
N HIS O 101 15.33 35.27 51.49
CA HIS O 101 13.95 35.13 51.03
C HIS O 101 13.38 33.72 51.28
N LEU O 102 14.17 32.69 50.95
CA LEU O 102 13.68 31.31 50.90
C LEU O 102 13.45 30.69 52.28
N GLU O 103 14.28 31.06 53.26
CA GLU O 103 14.09 30.63 54.65
C GLU O 103 13.09 31.47 55.44
N ARG O 104 12.60 32.55 54.83
CA ARG O 104 11.36 33.22 55.27
C ARG O 104 10.13 32.54 54.65
N ASN O 105 10.13 32.46 53.31
CA ASN O 105 9.03 31.86 52.55
C ASN O 105 9.42 30.49 52.00
N ARG O 106 9.13 29.45 52.75
CA ARG O 106 9.57 28.08 52.42
C ARG O 106 8.76 27.43 51.30
N LYS O 107 7.48 27.79 51.18
CA LYS O 107 6.59 27.21 50.16
C LYS O 107 6.82 27.75 48.73
N ASP O 108 7.61 28.81 48.59
CA ASP O 108 8.04 29.30 47.27
C ASP O 108 8.93 28.28 46.55
N LYS O 109 8.32 27.51 45.66
CA LYS O 109 9.03 26.48 44.88
C LYS O 109 9.85 27.07 43.73
N ASP O 110 9.39 28.17 43.16
CA ASP O 110 10.11 28.84 42.07
C ASP O 110 11.43 29.46 42.53
N ALA O 111 11.44 30.05 43.73
CA ALA O 111 12.68 30.53 44.36
C ALA O 111 13.65 29.38 44.70
N LYS O 112 13.10 28.24 45.11
CA LYS O 112 13.90 27.04 45.36
C LYS O 112 14.55 26.47 44.10
N PHE O 113 13.84 26.58 42.97
CA PHE O 113 14.38 26.20 41.66
C PHE O 113 15.54 27.11 41.23
N ARG O 114 15.36 28.42 41.39
CA ARG O 114 16.37 29.41 40.95
C ARG O 114 17.64 29.39 41.80
N LEU O 115 17.51 29.05 43.09
CA LEU O 115 18.67 28.90 43.97
C LEU O 115 19.59 27.74 43.59
N ILE O 116 19.03 26.67 43.02
CA ILE O 116 19.82 25.58 42.44
C ILE O 116 20.63 26.07 41.23
N LEU O 117 20.03 26.92 40.40
CA LEU O 117 20.66 27.39 39.17
C LEU O 117 21.82 28.36 39.41
N VAL O 118 21.67 29.28 40.36
CA VAL O 118 22.75 30.22 40.73
C VAL O 118 23.90 29.53 41.47
N GLU O 119 23.58 28.61 42.38
CA GLU O 119 24.60 27.90 43.17
C GLU O 119 25.34 26.84 42.35
N SER O 120 24.64 26.24 41.38
CA SER O 120 25.29 25.42 40.34
C SER O 120 26.30 26.23 39.53
N ARG O 121 25.94 27.46 39.16
CA ARG O 121 26.85 28.34 38.41
C ARG O 121 28.05 28.79 39.23
N ILE O 122 27.85 29.05 40.53
CA ILE O 122 28.96 29.39 41.43
C ILE O 122 30.01 28.28 41.49
N HIS O 123 29.56 27.03 41.58
CA HIS O 123 30.48 25.88 41.67
C HIS O 123 31.33 25.70 40.40
N ARG O 124 30.68 25.75 39.24
CA ARG O 124 31.40 25.59 37.95
C ARG O 124 32.24 26.80 37.57
N LEU O 125 31.81 28.00 37.95
CA LEU O 125 32.56 29.23 37.71
C LEU O 125 33.75 29.40 38.67
N ALA O 126 33.63 28.84 39.88
CA ALA O 126 34.76 28.72 40.80
C ALA O 126 35.82 27.75 40.29
N ARG O 127 35.39 26.63 39.69
CA ARG O 127 36.31 25.65 39.10
C ARG O 127 37.15 26.22 37.96
N TYR O 128 36.61 27.19 37.22
CA TYR O 128 37.41 28.02 36.32
C TYR O 128 38.48 28.83 37.06
N TYR O 129 38.05 29.61 38.05
CA TYR O 129 38.94 30.58 38.70
C TYR O 129 40.04 29.95 39.56
N LYS O 130 39.82 28.71 40.03
CA LYS O 130 40.90 27.92 40.65
C LYS O 130 41.95 27.45 39.64
N ARG O 131 41.53 27.15 38.41
CA ARG O 131 42.44 26.74 37.33
C ARG O 131 43.36 27.88 36.86
N THR O 132 42.78 29.07 36.68
CA THR O 132 43.54 30.27 36.32
C THR O 132 44.29 30.93 37.50
N LYS O 133 44.04 30.45 38.73
CA LYS O 133 44.74 30.87 39.94
C LYS O 133 44.41 32.32 40.33
N GLN O 134 43.12 32.62 40.18
CA GLN O 134 42.52 33.89 40.54
C GLN O 134 41.88 33.73 41.93
N LEU O 135 41.84 32.50 42.42
CA LEU O 135 41.28 32.20 43.72
C LEU O 135 42.25 31.32 44.47
N PRO O 136 42.26 31.46 45.86
CA PRO O 136 43.22 30.58 46.54
C PRO O 136 42.82 29.14 46.34
N ALA O 137 43.80 28.24 46.28
CA ALA O 137 43.53 26.83 46.09
C ALA O 137 42.71 26.35 47.27
N THR O 138 41.85 25.36 47.03
CA THR O 138 41.01 24.85 48.09
C THR O 138 40.04 25.90 48.64
N TRP O 139 39.54 26.74 47.73
CA TRP O 139 38.57 27.78 48.10
C TRP O 139 37.25 27.21 47.65
N LYS O 140 36.29 27.13 48.58
CA LYS O 140 35.00 26.56 48.23
C LYS O 140 33.78 27.29 48.78
N TYR O 141 32.70 27.24 48.01
CA TYR O 141 31.44 27.84 48.41
C TYR O 141 30.81 27.04 49.55
N GLN O 142 30.42 27.74 50.61
CA GLN O 142 29.61 27.17 51.69
C GLN O 142 28.49 28.14 52.05
N SER O 143 27.25 27.62 52.07
CA SER O 143 26.08 28.44 52.37
C SER O 143 25.98 28.89 53.83
N ALA O 144 26.74 28.24 54.72
CA ALA O 144 26.97 28.76 56.08
C ALA O 144 27.72 30.09 56.07
N THR O 145 28.90 30.10 55.44
CA THR O 145 29.85 31.22 55.54
C THR O 145 29.78 32.21 54.36
N ALA O 146 28.75 32.10 53.51
CA ALA O 146 28.66 32.91 52.29
C ALA O 146 28.33 34.38 52.57
N SER O 147 27.53 34.64 53.61
CA SER O 147 26.99 35.98 53.87
C SER O 147 28.05 36.96 54.37
N ALA O 148 28.93 36.49 55.26
CA ALA O 148 30.08 37.28 55.73
C ALA O 148 31.16 37.50 54.66
N LEU O 149 31.23 36.58 53.69
CA LEU O 149 32.21 36.67 52.60
C LEU O 149 31.97 37.84 51.64
N VAL O 150 30.70 38.24 51.48
CA VAL O 150 30.33 39.38 50.63
C VAL O 150 30.75 40.70 51.30
N ALA O 151 30.11 41.03 52.43
CA ALA O 151 30.32 42.32 53.10
C ALA O 151 29.74 42.31 54.52
N ARG P 27 -57.04 58.43 38.90
CA ARG P 27 -57.77 59.38 39.80
C ARG P 27 -57.62 60.82 39.28
N ASP P 28 -56.44 61.40 39.47
CA ASP P 28 -56.11 62.75 38.97
C ASP P 28 -54.98 62.65 37.95
N GLY P 29 -53.85 62.08 38.38
CA GLY P 29 -52.84 61.57 37.46
C GLY P 29 -53.08 60.10 37.13
N GLU P 30 -53.55 59.84 35.92
CA GLU P 30 -53.79 58.47 35.44
C GLU P 30 -52.47 57.76 35.12
N ILE P 31 -52.57 56.45 34.83
CA ILE P 31 -51.41 55.60 34.53
C ILE P 31 -50.54 55.42 35.79
N VAL P 32 -51.01 54.54 36.67
CA VAL P 32 -50.19 54.01 37.79
C VAL P 32 -49.49 52.72 37.38
N PHE P 33 -48.28 52.52 37.90
CA PHE P 33 -47.39 51.45 37.43
C PHE P 33 -47.27 50.31 38.44
N GLY P 34 -46.81 49.16 37.96
CA GLY P 34 -46.50 48.01 38.81
C GLY P 34 -45.68 46.96 38.09
N VAL P 35 -44.54 46.58 38.68
CA VAL P 35 -43.56 45.70 38.00
C VAL P 35 -44.04 44.24 37.93
N ALA P 36 -43.74 43.59 36.80
CA ALA P 36 -44.55 42.45 36.31
C ALA P 36 -43.86 41.08 36.40
N HIS P 37 -42.53 41.04 36.38
CA HIS P 37 -41.76 39.83 36.71
C HIS P 37 -42.16 38.59 35.90
N ILE P 38 -41.82 38.58 34.62
CA ILE P 38 -42.03 37.40 33.78
C ILE P 38 -40.83 36.45 33.95
N TYR P 39 -40.93 35.56 34.93
CA TYR P 39 -40.05 34.40 35.01
C TYR P 39 -40.51 33.36 34.00
N ALA P 40 -39.66 33.10 33.00
CA ALA P 40 -39.98 32.17 31.92
C ALA P 40 -38.80 31.25 31.64
N SER P 41 -38.67 30.22 32.47
CA SER P 41 -37.77 29.11 32.21
C SER P 41 -38.40 28.13 31.21
N PHE P 42 -37.67 27.06 30.92
CA PHE P 42 -38.26 25.85 30.35
C PHE P 42 -39.03 25.11 31.44
N ASN P 43 -40.02 24.31 31.03
CA ASN P 43 -40.92 23.56 31.94
C ASN P 43 -42.08 24.37 32.58
N ASP P 44 -41.92 25.68 32.79
CA ASP P 44 -42.99 26.52 33.33
C ASP P 44 -42.72 28.01 33.10
N THR P 45 -43.79 28.80 33.09
CA THR P 45 -43.68 30.25 32.93
C THR P 45 -44.43 30.90 34.08
N PHE P 46 -43.78 31.85 34.75
CA PHE P 46 -44.40 32.53 35.87
C PHE P 46 -44.68 33.98 35.52
N ILE P 47 -45.92 34.42 35.69
CA ILE P 47 -46.24 35.80 35.42
C ILE P 47 -46.60 36.38 36.78
N HIS P 48 -45.86 37.38 37.22
CA HIS P 48 -46.09 37.96 38.54
C HIS P 48 -46.23 39.48 38.48
N VAL P 49 -47.25 39.99 39.15
CA VAL P 49 -47.51 41.43 39.17
C VAL P 49 -47.31 41.97 40.58
N THR P 50 -46.56 43.06 40.70
CA THR P 50 -46.32 43.66 42.01
C THR P 50 -46.15 45.18 41.94
N ASP P 51 -46.21 45.81 43.10
CA ASP P 51 -46.07 47.26 43.23
C ASP P 51 -44.63 47.67 42.94
N LEU P 52 -44.40 48.96 42.75
CA LEU P 52 -43.07 49.47 42.43
C LEU P 52 -42.10 49.10 43.54
N SER P 53 -42.53 49.19 44.78
CA SER P 53 -41.66 48.83 45.89
C SER P 53 -41.34 47.36 45.70
N GLY P 54 -42.35 46.61 45.27
CA GLY P 54 -42.23 45.20 44.98
C GLY P 54 -42.45 44.29 46.17
N ARG P 55 -42.57 44.89 47.35
CA ARG P 55 -42.80 44.11 48.56
C ARG P 55 -44.16 43.43 48.56
N GLU P 56 -45.18 44.13 48.08
CA GLU P 56 -46.54 43.60 48.07
C GLU P 56 -47.03 43.21 46.68
N THR P 57 -47.43 41.94 46.56
CA THR P 57 -47.94 41.41 45.30
C THR P 57 -49.41 41.76 45.08
N LEU P 58 -49.82 41.72 43.82
CA LEU P 58 -51.20 42.01 43.39
C LEU P 58 -51.88 40.80 42.75
N VAL P 59 -51.21 40.16 41.79
CA VAL P 59 -51.76 38.97 41.14
C VAL P 59 -50.66 38.01 40.74
N ARG P 60 -50.86 36.72 40.95
CA ARG P 60 -49.86 35.73 40.58
C ARG P 60 -50.45 34.61 39.74
N VAL P 61 -49.83 34.33 38.60
CA VAL P 61 -50.31 33.27 37.74
C VAL P 61 -49.17 32.37 37.29
N THR P 62 -49.40 31.06 37.27
CA THR P 62 -48.37 30.13 36.84
C THR P 62 -48.87 29.31 35.67
N GLY P 63 -48.10 29.28 34.60
CA GLY P 63 -48.47 28.51 33.42
C GLY P 63 -49.35 27.31 33.74
N GLY P 64 -48.92 26.51 34.72
CA GLY P 64 -49.58 25.24 35.04
C GLY P 64 -50.90 25.34 35.82
N MET P 65 -51.23 26.53 36.30
CA MET P 65 -52.59 26.82 36.79
C MET P 65 -53.65 26.78 35.67
N LYS P 66 -53.27 27.19 34.47
CA LYS P 66 -54.18 27.21 33.32
C LYS P 66 -54.32 25.80 32.73
N VAL P 67 -53.20 25.21 32.34
CA VAL P 67 -53.17 23.96 31.59
C VAL P 67 -52.57 22.84 32.44
N LYS P 68 -53.10 21.63 32.28
CA LYS P 68 -52.79 20.50 33.17
C LYS P 68 -52.32 19.28 32.36
N ALA P 69 -51.22 19.48 31.63
CA ALA P 69 -50.51 18.38 30.94
C ALA P 69 -49.22 17.98 31.67
N ASP P 70 -48.40 18.97 32.05
CA ASP P 70 -46.95 18.86 32.39
C ASP P 70 -46.04 19.12 31.20
N ARG P 71 -46.38 18.59 30.02
CA ARG P 71 -45.76 18.98 28.76
C ARG P 71 -46.02 20.45 28.42
N ASP P 72 -47.28 20.88 28.57
CA ASP P 72 -47.76 22.17 28.06
C ASP P 72 -47.80 23.27 29.12
N GLU P 73 -47.14 23.05 30.26
CA GLU P 73 -46.92 24.10 31.27
C GLU P 73 -46.07 25.26 30.71
N SER P 74 -45.07 24.93 29.90
CA SER P 74 -44.14 25.92 29.34
C SER P 74 -44.65 26.63 28.07
N SER P 75 -45.76 26.19 27.51
CA SER P 75 -46.07 26.41 26.09
C SER P 75 -46.47 27.87 25.80
N PRO P 76 -46.45 28.28 24.52
CA PRO P 76 -46.94 29.61 24.12
C PRO P 76 -48.37 29.94 24.53
N TYR P 77 -49.28 28.98 24.37
CA TYR P 77 -50.71 29.20 24.67
C TYR P 77 -50.99 29.33 26.17
N ALA P 78 -50.31 28.52 26.99
CA ALA P 78 -50.47 28.55 28.44
C ALA P 78 -50.00 29.86 29.06
N ALA P 79 -48.87 30.39 28.57
CA ALA P 79 -48.36 31.69 28.98
C ALA P 79 -49.22 32.86 28.49
N MET P 80 -49.84 32.71 27.32
CA MET P 80 -50.82 33.68 26.80
C MET P 80 -52.09 33.71 27.65
N MET P 81 -52.65 32.53 27.91
CA MET P 81 -53.87 32.38 28.72
C MET P 81 -53.63 32.73 30.20
N ALA P 82 -52.40 32.54 30.68
CA ALA P 82 -51.97 33.04 31.99
C ALA P 82 -52.06 34.57 32.08
N ALA P 83 -51.60 35.27 31.05
CA ALA P 83 -51.58 36.73 31.03
C ALA P 83 -52.97 37.38 30.93
N ALA P 84 -53.92 36.68 30.33
CA ALA P 84 -55.30 37.17 30.21
C ALA P 84 -56.02 37.26 31.57
N ASP P 85 -55.75 36.31 32.46
CA ASP P 85 -56.23 36.37 33.85
C ASP P 85 -55.55 37.48 34.68
N VAL P 86 -54.27 37.71 34.40
CA VAL P 86 -53.53 38.83 35.00
C VAL P 86 -54.04 40.18 34.50
N ALA P 87 -54.34 40.25 33.20
CA ALA P 87 -54.96 41.45 32.60
C ALA P 87 -56.32 41.79 33.22
N ALA P 88 -57.15 40.77 33.46
CA ALA P 88 -58.46 40.93 34.07
C ALA P 88 -58.39 41.43 35.52
N ARG P 89 -57.48 40.83 36.29
CA ARG P 89 -57.29 41.17 37.70
C ARG P 89 -56.63 42.54 37.91
N CYS P 90 -55.76 42.96 36.98
CA CYS P 90 -55.08 44.26 37.07
C CYS P 90 -56.03 45.46 36.91
N LYS P 91 -57.00 45.34 36.00
CA LYS P 91 -58.00 46.41 35.79
C LYS P 91 -58.87 46.68 37.03
N GLU P 92 -59.21 45.62 37.76
CA GLU P 92 -60.09 45.73 38.94
C GLU P 92 -59.40 46.45 40.10
N LEU P 93 -58.16 46.08 40.39
CA LEU P 93 -57.46 46.54 41.59
C LEU P 93 -57.02 48.01 41.54
N GLY P 94 -56.78 48.53 40.34
CA GLY P 94 -56.18 49.85 40.16
C GLY P 94 -55.31 50.01 38.92
N ILE P 95 -54.58 48.95 38.57
CA ILE P 95 -53.35 49.08 37.78
C ILE P 95 -53.71 49.24 36.30
N SER P 96 -53.31 50.37 35.71
CA SER P 96 -53.50 50.66 34.29
C SER P 96 -52.21 50.57 33.46
N ALA P 97 -51.08 50.31 34.10
CA ALA P 97 -49.78 50.30 33.42
C ALA P 97 -48.74 49.43 34.14
N VAL P 98 -47.72 49.04 33.38
CA VAL P 98 -46.83 47.93 33.76
C VAL P 98 -45.40 48.22 33.29
N HIS P 99 -44.49 48.39 34.25
CA HIS P 99 -43.07 48.07 34.04
C HIS P 99 -42.89 46.55 34.07
N VAL P 100 -41.92 46.05 33.30
CA VAL P 100 -41.80 44.61 33.04
C VAL P 100 -40.34 44.13 33.15
N LYS P 101 -40.16 42.92 33.67
CA LYS P 101 -38.84 42.40 34.04
C LYS P 101 -38.73 40.92 33.69
N VAL P 102 -38.37 40.64 32.43
CA VAL P 102 -38.20 39.25 31.96
C VAL P 102 -36.99 38.57 32.59
N ARG P 103 -37.02 37.24 32.59
CA ARG P 103 -36.08 36.43 33.39
C ARG P 103 -36.11 34.96 32.94
N ALA P 104 -35.01 34.50 32.35
CA ALA P 104 -34.66 33.08 32.31
C ALA P 104 -34.26 32.55 33.69
N ALA P 105 -34.14 31.24 33.82
CA ALA P 105 -33.77 30.67 35.10
C ALA P 105 -32.42 31.27 35.42
N GLY P 106 -31.60 31.37 34.38
CA GLY P 106 -30.28 31.96 34.50
C GLY P 106 -29.45 31.30 35.57
N GLY P 107 -28.77 32.12 36.36
CA GLY P 107 -27.91 31.60 37.41
C GLY P 107 -26.96 30.62 36.76
N THR P 108 -26.78 29.47 37.37
CA THR P 108 -25.93 28.44 36.81
C THR P 108 -26.48 27.87 35.51
N ARG P 109 -27.81 27.72 35.45
CA ARG P 109 -28.46 27.09 34.30
C ARG P 109 -28.55 27.75 32.90
N LYS P 111 -29.94 30.90 31.25
CA LYS P 111 -29.60 32.24 30.77
C LYS P 111 -30.11 32.41 29.33
N THR P 112 -31.30 31.89 29.05
CA THR P 112 -31.88 31.93 27.70
C THR P 112 -33.40 31.77 27.81
N PRO P 113 -34.15 32.89 27.80
CA PRO P 113 -35.54 32.88 28.29
C PRO P 113 -36.49 32.14 27.36
N GLY P 114 -37.44 31.42 27.96
CA GLY P 114 -38.14 30.33 27.29
C GLY P 114 -39.21 30.78 26.31
N PRO P 115 -39.95 29.82 25.72
CA PRO P 115 -40.98 30.14 24.73
C PRO P 115 -42.24 30.82 25.29
N GLY P 116 -42.42 30.81 26.61
CA GLY P 116 -43.42 31.63 27.29
C GLY P 116 -43.21 33.13 27.15
N ALA P 117 -41.95 33.57 27.18
CA ALA P 117 -41.61 35.00 27.27
C ALA P 117 -41.94 35.80 26.01
N GLN P 118 -41.90 35.13 24.85
CA GLN P 118 -42.42 35.71 23.60
C GLN P 118 -43.92 35.97 23.70
N SER P 119 -44.67 34.94 24.08
CA SER P 119 -46.14 34.96 24.03
C SER P 119 -46.78 35.73 25.19
N ALA P 120 -46.16 35.66 26.37
CA ALA P 120 -46.65 36.37 27.56
C ALA P 120 -46.56 37.89 27.44
N LEU P 121 -45.45 38.36 26.87
CA LEU P 121 -45.22 39.80 26.67
C LEU P 121 -46.10 40.38 25.56
N ARG P 122 -46.33 39.57 24.51
CA ARG P 122 -47.34 39.89 23.49
C ARG P 122 -48.77 39.94 24.04
N ALA P 123 -49.09 39.05 24.97
CA ALA P 123 -50.44 38.94 25.53
C ALA P 123 -50.83 40.12 26.42
N LEU P 124 -49.87 40.67 27.17
CA LEU P 124 -50.08 41.88 27.96
C LEU P 124 -50.37 43.13 27.12
N ALA P 125 -49.86 43.16 25.88
CA ALA P 125 -50.19 44.22 24.93
C ALA P 125 -51.65 44.15 24.45
N ARG P 126 -52.11 42.95 24.11
CA ARG P 126 -53.45 42.76 23.52
C ARG P 126 -54.61 42.90 24.51
N SER P 127 -54.32 42.86 25.81
CA SER P 127 -55.27 43.33 26.83
C SER P 127 -55.52 44.84 26.74
N GLY P 128 -54.44 45.62 26.68
CA GLY P 128 -54.47 47.06 26.92
C GLY P 128 -54.05 47.45 28.32
N LEU P 129 -53.02 46.80 28.84
CA LEU P 129 -52.14 47.39 29.85
C LEU P 129 -51.05 48.23 29.17
N ARG P 130 -50.81 49.43 29.70
CA ARG P 130 -49.87 50.37 29.11
C ARG P 130 -48.44 50.01 29.53
N ILE P 131 -47.63 49.58 28.55
CA ILE P 131 -46.29 49.04 28.83
C ILE P 131 -45.26 50.17 28.89
N GLY P 132 -44.33 50.07 29.83
CA GLY P 132 -43.07 50.83 29.79
C GLY P 132 -41.90 49.99 30.27
N ARG P 133 -40.68 50.41 29.91
CA ARG P 133 -39.44 50.02 30.60
C ARG P 133 -39.24 48.51 30.75
N ILE P 134 -38.82 47.87 29.66
CA ILE P 134 -38.45 46.46 29.67
C ILE P 134 -37.01 46.32 30.20
N GLU P 135 -36.78 45.28 30.99
CA GLU P 135 -35.43 44.89 31.43
C GLU P 135 -35.28 43.37 31.38
N ASP P 136 -34.10 42.91 30.95
CA ASP P 136 -33.59 41.60 31.33
C ASP P 136 -32.96 41.68 32.73
N VAL P 137 -33.43 40.82 33.63
CA VAL P 137 -32.89 40.74 35.00
C VAL P 137 -32.59 39.28 35.39
N THR P 138 -32.26 38.44 34.40
CA THR P 138 -31.89 37.05 34.66
C THR P 138 -30.50 36.98 35.31
N PRO P 139 -30.42 36.39 36.52
CA PRO P 139 -29.23 36.57 37.35
C PRO P 139 -28.01 35.83 36.80
N ILE P 140 -26.89 36.54 36.68
CA ILE P 140 -25.67 36.00 36.08
C ILE P 140 -24.52 36.12 37.07
N PRO P 141 -23.72 35.04 37.25
CA PRO P 141 -22.56 35.11 38.13
C PRO P 141 -21.39 35.84 37.47
N THR P 142 -20.36 36.13 38.27
CA THR P 142 -19.04 36.52 37.76
C THR P 142 -18.09 35.33 37.84
N ASP P 143 -18.50 34.23 37.18
CA ASP P 143 -17.97 32.87 37.41
C ASP P 143 -18.23 32.38 38.83
N SER P 144 -18.90 31.23 38.94
CA SER P 144 -19.45 30.78 40.23
C SER P 144 -19.82 29.30 40.20
N THR P 145 -19.64 28.63 41.33
CA THR P 145 -20.30 27.36 41.65
C THR P 145 -19.78 26.23 40.73
N ARG P 146 -20.49 25.11 40.65
CA ARG P 146 -20.33 24.14 39.56
C ARG P 146 -21.70 23.76 39.00
N ARG P 147 -21.76 23.55 37.68
CA ARG P 147 -22.99 23.15 37.01
C ARG P 147 -23.25 21.65 37.18
N LYS P 148 -24.52 21.25 37.07
CA LYS P 148 -24.92 19.83 37.05
C LYS P 148 -24.32 19.03 35.89
N SER P 149 -24.55 17.71 35.95
CA SER P 149 -24.33 16.78 34.83
C SER P 149 -22.86 16.39 34.58
N GLY P 150 -21.96 16.74 35.50
CA GLY P 150 -20.61 16.20 35.52
C GLY P 150 -19.71 16.79 34.46
N ARG P 151 -18.58 16.11 34.22
CA ARG P 151 -17.55 16.58 33.30
C ARG P 151 -17.97 16.36 31.86
N ARG P 152 -18.37 15.13 31.53
CA ARG P 152 -18.77 14.76 30.18
C ARG P 152 -20.16 15.24 29.78
N GLY P 153 -20.94 15.73 30.76
CA GLY P 153 -22.16 16.46 30.47
C GLY P 153 -23.37 15.56 30.28
N ARG P 154 -24.53 16.18 30.12
CA ARG P 154 -25.81 15.47 30.12
C ARG P 154 -26.03 14.75 28.80
N ARG P 155 -25.35 13.62 28.65
CA ARG P 155 -25.38 12.85 27.40
C ARG P 155 -26.70 12.08 27.26
N LEU P 156 -27.37 12.30 26.13
CA LEU P 156 -28.83 12.18 26.04
C LEU P 156 -29.20 10.88 25.34
N THR Q 19 -88.95 -60.61 -2.39
CA THR Q 19 -89.46 -59.26 -2.02
C THR Q 19 -88.31 -58.24 -2.01
N PHE Q 20 -88.65 -56.98 -2.29
CA PHE Q 20 -87.71 -55.85 -2.27
C PHE Q 20 -86.58 -56.01 -3.30
N SER Q 21 -86.96 -55.98 -4.57
CA SER Q 21 -86.02 -56.21 -5.67
C SER Q 21 -85.18 -54.97 -5.96
N TYR Q 22 -85.80 -53.96 -6.57
CA TYR Q 22 -85.08 -52.77 -7.09
C TYR Q 22 -86.01 -51.61 -7.54
N ARG Q 23 -87.10 -51.94 -8.23
CA ARG Q 23 -88.10 -50.97 -8.67
C ARG Q 23 -89.50 -51.61 -8.60
N GLY Q 24 -90.52 -50.91 -9.10
CA GLY Q 24 -91.85 -51.49 -9.34
C GLY Q 24 -91.87 -52.81 -10.10
N VAL Q 25 -90.96 -52.97 -11.07
CA VAL Q 25 -90.78 -54.24 -11.78
C VAL Q 25 -89.94 -55.19 -10.92
N GLU Q 26 -90.44 -56.41 -10.70
CA GLU Q 26 -89.80 -57.39 -9.83
C GLU Q 26 -88.74 -58.21 -10.56
N LEU Q 27 -87.91 -58.91 -9.80
CA LEU Q 27 -86.73 -59.61 -10.34
C LEU Q 27 -87.06 -60.91 -11.09
N ASP Q 28 -88.31 -61.40 -10.96
CA ASP Q 28 -88.82 -62.50 -11.80
C ASP Q 28 -88.87 -62.12 -13.29
N LYS Q 29 -89.49 -60.96 -13.51
CA LYS Q 29 -89.73 -60.30 -14.80
C LYS Q 29 -88.57 -59.66 -15.57
N LEU Q 30 -87.64 -59.06 -14.84
CA LEU Q 30 -86.54 -58.30 -15.41
C LEU Q 30 -85.62 -59.04 -16.37
N LEU Q 31 -85.24 -60.26 -16.04
CA LEU Q 31 -84.36 -61.01 -16.93
C LEU Q 31 -85.11 -61.21 -18.24
N ASP Q 32 -86.41 -61.48 -18.11
CA ASP Q 32 -87.28 -61.67 -19.27
C ASP Q 32 -87.38 -60.41 -20.11
N MET Q 33 -87.46 -59.26 -19.44
CA MET Q 33 -87.56 -57.97 -20.13
C MET Q 33 -86.33 -57.69 -20.98
N LYS Q 34 -86.55 -57.21 -22.19
CA LYS Q 34 -85.46 -56.90 -23.08
C LYS Q 34 -84.66 -55.70 -22.61
N MET Q 35 -83.35 -55.79 -22.74
CA MET Q 35 -82.45 -54.72 -22.32
C MET Q 35 -82.68 -53.45 -23.15
N GLU Q 36 -82.95 -53.62 -24.43
CA GLU Q 36 -83.17 -52.50 -25.32
C GLU Q 36 -84.35 -51.65 -24.87
N ASP Q 37 -85.45 -52.30 -24.48
CA ASP Q 37 -86.62 -51.57 -24.02
C ASP Q 37 -86.50 -51.31 -22.52
N LEU Q 38 -85.54 -52.02 -21.93
CA LEU Q 38 -85.17 -51.97 -20.53
C LEU Q 38 -84.55 -50.63 -20.16
N LEU Q 39 -83.80 -50.08 -21.10
CA LEU Q 39 -83.08 -48.83 -20.93
C LEU Q 39 -83.99 -47.65 -20.61
N GLU Q 40 -85.24 -47.71 -21.07
CA GLU Q 40 -86.16 -46.62 -20.80
C GLU Q 40 -86.23 -46.49 -19.28
N LEU Q 41 -86.27 -47.61 -18.57
CA LEU Q 41 -86.28 -47.56 -17.12
C LEU Q 41 -84.83 -47.49 -16.64
N PHE Q 42 -84.20 -46.35 -16.88
CA PHE Q 42 -82.81 -46.11 -16.49
C PHE Q 42 -82.60 -44.63 -16.19
N ARG Q 43 -81.51 -44.28 -15.52
CA ARG Q 43 -81.28 -42.88 -15.18
C ARG Q 43 -81.01 -42.01 -16.42
N ALA Q 44 -79.86 -41.35 -16.48
CA ALA Q 44 -79.56 -40.50 -17.62
C ALA Q 44 -78.26 -40.83 -18.34
N ARG Q 45 -77.28 -41.37 -17.62
CA ARG Q 45 -75.99 -41.70 -18.24
C ARG Q 45 -75.92 -43.16 -18.70
N GLN Q 46 -76.68 -44.03 -18.02
CA GLN Q 46 -76.71 -45.43 -18.38
C GLN Q 46 -77.31 -45.55 -19.77
N ARG Q 47 -78.38 -44.79 -20.01
CA ARG Q 47 -79.02 -44.80 -21.32
C ARG Q 47 -78.09 -44.25 -22.38
N ARG Q 48 -77.42 -43.15 -22.06
CA ARG Q 48 -76.50 -42.55 -22.99
C ARG Q 48 -75.36 -43.53 -23.26
N LYS Q 49 -74.86 -44.14 -22.21
CA LYS Q 49 -73.76 -45.10 -22.33
C LYS Q 49 -74.18 -46.33 -23.11
N PHE Q 50 -75.36 -46.85 -22.82
CA PHE Q 50 -75.86 -48.03 -23.50
C PHE Q 50 -76.11 -47.85 -24.99
N GLN Q 51 -76.70 -46.71 -25.37
CA GLN Q 51 -76.96 -46.48 -26.78
C GLN Q 51 -75.63 -46.41 -27.52
N ARG Q 52 -74.68 -45.69 -26.94
CA ARG Q 52 -73.35 -45.58 -27.50
C ARG Q 52 -72.68 -46.96 -27.46
N GLY Q 53 -72.90 -47.63 -26.33
CA GLY Q 53 -72.35 -48.95 -26.07
C GLY Q 53 -73.00 -50.11 -26.80
N ILE Q 54 -72.29 -51.23 -26.93
CA ILE Q 54 -70.94 -51.40 -26.39
C ILE Q 54 -70.10 -52.30 -27.30
N LYS Q 55 -68.79 -52.12 -27.24
CA LYS Q 55 -67.87 -52.92 -28.06
C LYS Q 55 -66.83 -53.62 -27.19
N ARG Q 56 -66.05 -54.51 -27.81
CA ARG Q 56 -64.73 -54.93 -27.32
C ARG Q 56 -64.86 -55.95 -26.16
N LYS Q 57 -64.59 -55.54 -24.92
CA LYS Q 57 -64.37 -56.48 -23.80
C LYS Q 57 -65.39 -56.38 -22.66
N ALA Q 58 -66.29 -55.40 -22.71
CA ALA Q 58 -67.58 -55.48 -22.01
C ALA Q 58 -68.47 -56.59 -22.57
N THR Q 59 -68.46 -56.75 -23.90
CA THR Q 59 -69.25 -57.78 -24.57
C THR Q 59 -68.78 -59.22 -24.29
N THR Q 60 -67.49 -59.39 -23.99
CA THR Q 60 -66.95 -60.67 -23.53
C THR Q 60 -67.40 -61.01 -22.10
N LEU Q 61 -67.52 -60.00 -21.24
CA LEU Q 61 -68.02 -60.19 -19.87
C LEU Q 61 -69.52 -60.49 -19.79
N MET Q 62 -70.28 -60.12 -20.81
CA MET Q 62 -71.67 -60.57 -20.96
C MET Q 62 -71.78 -62.08 -21.20
N LYS Q 63 -70.79 -62.65 -21.87
CA LYS Q 63 -70.62 -64.11 -21.93
C LYS Q 63 -69.99 -64.67 -20.64
N LYS Q 64 -68.89 -64.06 -20.20
CA LYS Q 64 -68.00 -64.67 -19.21
C LYS Q 64 -68.57 -64.70 -17.79
N LEU Q 65 -69.22 -63.60 -17.39
CA LEU Q 65 -69.91 -63.54 -16.09
C LEU Q 65 -71.19 -64.37 -16.05
N ARG Q 66 -71.81 -64.58 -17.21
CA ARG Q 66 -72.99 -65.45 -17.34
C ARG Q 66 -72.64 -66.92 -17.14
N ILE Q 67 -71.61 -67.39 -17.87
CA ILE Q 67 -71.11 -68.77 -17.72
C ILE Q 67 -70.37 -69.05 -16.41
N SER Q 68 -69.97 -68.00 -15.68
CA SER Q 68 -69.44 -68.14 -14.31
C SER Q 68 -70.48 -68.64 -13.28
N LYS Q 69 -71.76 -68.44 -13.58
CA LYS Q 69 -72.85 -68.90 -12.70
C LYS Q 69 -73.01 -70.43 -12.69
N LYS Q 70 -72.87 -71.07 -13.85
CA LYS Q 70 -73.11 -72.51 -13.98
C LYS Q 70 -72.01 -73.40 -13.40
N ASN Q 71 -70.79 -72.87 -13.29
CA ASN Q 71 -69.58 -73.69 -13.03
C ASN Q 71 -69.56 -74.33 -11.64
N CYS Q 72 -70.09 -73.59 -10.65
CA CYS Q 72 -70.18 -74.09 -9.29
C CYS Q 72 -71.22 -75.19 -9.29
N ALA Q 73 -71.04 -76.19 -8.44
CA ALA Q 73 -71.99 -77.30 -8.39
C ALA Q 73 -73.41 -76.87 -7.99
N PHE Q 74 -73.51 -76.01 -6.97
CA PHE Q 74 -74.81 -75.53 -6.51
C PHE Q 74 -74.71 -74.79 -5.18
N GLY Q 75 -75.88 -74.50 -4.59
CA GLY Q 75 -75.95 -73.81 -3.32
C GLY Q 75 -75.59 -72.35 -3.45
N GLU Q 76 -75.64 -71.84 -4.68
CA GLU Q 76 -75.31 -70.44 -4.94
C GLU Q 76 -73.80 -70.26 -4.88
N PRO Q 78 -70.02 -68.37 -6.13
CA PRO Q 78 -69.34 -68.29 -7.42
C PRO Q 78 -67.80 -68.25 -7.27
N GLU Q 79 -67.10 -68.06 -8.39
CA GLU Q 79 -65.64 -67.96 -8.41
C GLU Q 79 -65.18 -66.70 -9.17
N PRO Q 80 -64.08 -66.07 -8.74
CA PRO Q 80 -63.88 -64.64 -8.98
C PRO Q 80 -63.33 -64.33 -10.37
N VAL Q 81 -64.13 -63.62 -11.18
CA VAL Q 81 -63.74 -63.23 -12.54
C VAL Q 81 -63.10 -61.83 -12.48
N ASN Q 82 -61.82 -61.74 -12.86
CA ASN Q 82 -61.06 -60.49 -12.75
C ASN Q 82 -61.31 -59.56 -13.94
N THR Q 83 -61.42 -58.26 -13.67
CA THR Q 83 -61.70 -57.24 -14.70
C THR Q 83 -60.97 -55.93 -14.43
N HIS Q 84 -60.71 -55.18 -15.50
CA HIS Q 84 -60.26 -53.79 -15.42
C HIS Q 84 -61.40 -52.78 -15.55
N LEU Q 85 -62.51 -53.18 -16.18
CA LEU Q 85 -63.58 -52.24 -16.56
C LEU Q 85 -64.33 -51.71 -15.35
N ARG Q 86 -63.86 -50.58 -14.83
CA ARG Q 86 -64.63 -49.74 -13.92
C ARG Q 86 -65.86 -49.11 -14.59
N ASP Q 87 -65.74 -48.78 -15.88
CA ASP Q 87 -66.78 -48.02 -16.60
C ASP Q 87 -68.00 -48.83 -17.05
N LEU Q 88 -67.97 -50.16 -16.90
CA LEU Q 88 -69.12 -51.01 -17.19
C LEU Q 88 -70.24 -50.81 -16.16
N VAL Q 89 -71.44 -50.52 -16.65
CA VAL Q 89 -72.64 -50.44 -15.79
C VAL Q 89 -73.22 -51.84 -15.63
N VAL Q 90 -73.54 -52.21 -14.39
CA VAL Q 90 -74.18 -53.51 -14.09
C VAL Q 90 -75.62 -53.56 -14.60
N VAL Q 91 -76.10 -54.79 -14.84
CA VAL Q 91 -77.32 -55.04 -15.60
C VAL Q 91 -78.05 -56.26 -14.98
N PRO Q 92 -79.40 -56.21 -14.90
CA PRO Q 92 -80.13 -57.29 -14.22
C PRO Q 92 -80.19 -58.66 -14.95
N GLU Q 93 -79.55 -58.77 -16.13
CA GLU Q 93 -79.10 -60.08 -16.64
C GLU Q 93 -78.08 -60.74 -15.69
N MET Q 94 -77.06 -59.99 -15.30
CA MET Q 94 -75.86 -60.55 -14.68
C MET Q 94 -75.83 -60.49 -13.14
N ILE Q 95 -76.98 -60.23 -12.51
CA ILE Q 95 -77.06 -60.16 -11.04
C ILE Q 95 -76.88 -61.51 -10.36
N GLY Q 96 -76.38 -61.49 -9.12
CA GLY Q 96 -75.97 -62.70 -8.41
C GLY Q 96 -74.63 -63.28 -8.81
N SER Q 97 -73.85 -62.53 -9.60
CA SER Q 97 -72.53 -62.98 -10.08
C SER Q 97 -71.43 -62.52 -9.12
N VAL Q 98 -70.17 -62.59 -9.58
CA VAL Q 98 -69.05 -61.95 -8.89
C VAL Q 98 -68.09 -61.28 -9.89
N VAL Q 99 -67.57 -60.12 -9.53
CA VAL Q 99 -66.63 -59.35 -10.37
C VAL Q 99 -65.45 -58.87 -9.52
N GLY Q 100 -64.24 -59.23 -9.93
CA GLY Q 100 -63.01 -58.73 -9.34
C GLY Q 100 -62.53 -57.46 -10.02
N VAL Q 101 -62.81 -56.30 -9.41
CA VAL Q 101 -62.64 -55.00 -10.05
C VAL Q 101 -61.28 -54.40 -9.69
N TYR Q 102 -60.67 -53.72 -10.66
CA TYR Q 102 -59.29 -53.23 -10.53
C TYR Q 102 -59.26 -51.86 -9.85
N ASN Q 103 -58.52 -51.78 -8.74
CA ASN Q 103 -58.22 -50.50 -8.10
C ASN Q 103 -57.14 -49.73 -8.85
N GLY Q 104 -56.01 -50.38 -9.08
CA GLY Q 104 -54.78 -49.69 -9.49
C GLY Q 104 -53.55 -50.57 -9.41
N LYS Q 105 -53.43 -51.33 -8.33
CA LYS Q 105 -52.55 -52.52 -8.29
C LYS Q 105 -53.31 -53.85 -8.09
N GLN Q 106 -54.22 -53.88 -7.11
CA GLN Q 106 -54.87 -55.12 -6.68
C GLN Q 106 -56.30 -55.24 -7.21
N PHE Q 107 -56.76 -56.47 -7.40
CA PHE Q 107 -58.18 -56.78 -7.57
C PHE Q 107 -58.85 -56.95 -6.21
N ILE Q 108 -60.14 -56.62 -6.12
CA ILE Q 108 -60.95 -56.85 -4.92
C ILE Q 108 -62.33 -57.42 -5.26
N ASN Q 109 -62.87 -58.24 -4.37
CA ASN Q 109 -64.07 -59.02 -4.65
C ASN Q 109 -65.34 -58.17 -4.51
N VAL Q 110 -66.25 -58.30 -5.47
CA VAL Q 110 -67.58 -57.67 -5.41
C VAL Q 110 -68.64 -58.68 -5.85
N GLU Q 111 -69.34 -59.25 -4.87
CA GLU Q 111 -70.55 -60.05 -5.12
C GLU Q 111 -71.73 -59.11 -5.41
N ILE Q 112 -72.03 -58.92 -6.69
CA ILE Q 112 -73.08 -57.97 -7.11
C ILE Q 112 -74.49 -58.54 -6.84
N LYS Q 113 -75.38 -57.65 -6.39
CA LYS Q 113 -76.64 -58.04 -5.73
C LYS Q 113 -77.83 -57.69 -6.62
N PRO Q 114 -79.05 -58.08 -6.22
CA PRO Q 114 -80.30 -57.50 -6.76
C PRO Q 114 -80.42 -55.97 -6.63
N GLU Q 115 -79.88 -55.40 -5.56
CA GLU Q 115 -80.00 -53.95 -5.30
C GLU Q 115 -79.07 -53.09 -6.16
N MET Q 116 -77.95 -53.65 -6.63
CA MET Q 116 -76.85 -52.86 -7.21
C MET Q 116 -77.07 -52.41 -8.66
N VAL Q 117 -78.12 -52.89 -9.32
CA VAL Q 117 -78.42 -52.49 -10.71
C VAL Q 117 -78.70 -50.98 -10.85
N GLY Q 118 -78.25 -50.41 -11.96
CA GLY Q 118 -78.19 -48.95 -12.14
C GLY Q 118 -76.77 -48.43 -12.18
N TYR Q 119 -76.01 -48.72 -11.12
CA TYR Q 119 -74.73 -48.05 -10.85
C TYR Q 119 -73.56 -48.69 -11.60
N TYR Q 120 -72.44 -47.99 -11.62
CA TYR Q 120 -71.20 -48.46 -12.25
C TYR Q 120 -70.42 -49.38 -11.31
N LEU Q 121 -69.52 -50.18 -11.88
CA LEU Q 121 -68.70 -51.13 -11.10
C LEU Q 121 -67.64 -50.43 -10.25
N GLY Q 122 -66.90 -49.50 -10.86
CA GLY Q 122 -65.79 -48.81 -10.20
C GLY Q 122 -66.16 -47.80 -9.13
N GLU Q 123 -67.46 -47.50 -9.00
CA GLU Q 123 -67.99 -46.86 -7.79
C GLU Q 123 -67.78 -47.72 -6.53
N PHE Q 124 -67.98 -49.02 -6.65
CA PHE Q 124 -67.94 -49.93 -5.50
C PHE Q 124 -66.52 -50.19 -5.00
N SER Q 125 -65.59 -50.40 -5.93
CA SER Q 125 -64.16 -50.55 -5.61
C SER Q 125 -63.46 -49.19 -5.54
N ILE Q 126 -63.05 -48.79 -4.34
CA ILE Q 126 -62.32 -47.51 -4.15
C ILE Q 126 -60.89 -47.56 -4.70
N SER Q 127 -60.37 -46.39 -5.04
CA SER Q 127 -58.99 -46.25 -5.51
C SER Q 127 -57.97 -46.20 -4.37
N TYR Q 128 -58.26 -45.39 -3.35
CA TYR Q 128 -57.33 -45.11 -2.23
C TYR Q 128 -57.84 -45.18 -0.79
N LYS Q 129 -56.90 -45.30 0.15
CA LYS Q 129 -57.20 -45.33 1.58
C LYS Q 129 -57.69 -43.95 2.01
N PRO Q 130 -58.77 -43.89 2.88
CA PRO Q 130 -59.22 -42.52 3.21
C PRO Q 130 -58.39 -41.49 4.02
N VAL Q 131 -57.75 -41.82 5.15
CA VAL Q 131 -57.01 -40.77 5.87
C VAL Q 131 -56.08 -41.15 7.05
N ARG Q 132 -56.61 -41.01 8.27
CA ARG Q 132 -55.86 -41.31 9.50
C ARG Q 132 -54.58 -40.50 9.72
N HIS Q 133 -54.67 -39.18 9.54
CA HIS Q 133 -53.52 -38.27 9.67
C HIS Q 133 -52.64 -38.63 10.86
N GLY Q 134 -51.47 -38.02 10.93
CA GLY Q 134 -50.54 -38.20 12.04
C GLY Q 134 -49.79 -39.52 11.96
N LYS R 9 -84.64 23.81 -51.48
CA LYS R 9 -85.07 23.72 -50.06
C LYS R 9 -83.92 24.06 -49.11
N LYS R 10 -84.27 24.60 -47.94
CA LYS R 10 -83.31 24.86 -46.88
C LYS R 10 -82.93 23.56 -46.18
N ARG R 11 -81.64 23.19 -46.24
CA ARG R 11 -81.12 21.99 -45.55
C ARG R 11 -79.73 22.23 -44.98
N VAL R 12 -79.57 21.90 -43.69
CA VAL R 12 -78.27 21.56 -43.11
C VAL R 12 -78.39 20.26 -42.30
N GLN R 13 -77.30 19.50 -42.24
CA GLN R 13 -77.21 18.31 -41.39
C GLN R 13 -75.94 18.35 -40.54
N THR R 14 -76.06 17.95 -39.28
CA THR R 14 -75.02 18.15 -38.27
C THR R 14 -74.91 16.97 -37.31
N PHE R 15 -73.73 16.81 -36.71
CA PHE R 15 -73.42 15.67 -35.82
C PHE R 15 -72.83 16.14 -34.49
N GLY R 16 -73.19 15.44 -33.41
CA GLY R 16 -72.49 15.54 -32.13
C GLY R 16 -71.80 14.24 -31.78
N ARG R 17 -70.90 14.30 -30.80
CA ARG R 17 -70.16 13.12 -30.33
C ARG R 17 -69.87 13.20 -28.84
N LYS R 18 -70.56 12.37 -28.07
CA LYS R 18 -70.11 11.95 -26.74
C LYS R 18 -69.54 10.54 -26.85
N LYS R 19 -68.28 10.38 -26.47
CA LYS R 19 -67.62 9.06 -26.33
C LYS R 19 -67.57 8.30 -27.67
N ASN R 20 -68.34 7.21 -27.82
CA ASN R 20 -68.48 6.52 -29.11
C ASN R 20 -69.88 6.66 -29.73
N ALA R 21 -70.72 7.52 -29.16
CA ALA R 21 -72.02 7.85 -29.74
C ALA R 21 -71.87 8.85 -30.89
N VAL R 22 -72.82 8.82 -31.82
CA VAL R 22 -72.89 9.80 -32.90
C VAL R 22 -74.32 9.92 -33.44
N ALA R 23 -74.72 11.15 -33.76
CA ALA R 23 -76.14 11.51 -33.91
C ALA R 23 -76.32 12.54 -35.03
N VAL R 24 -76.63 12.06 -36.22
CA VAL R 24 -76.79 12.93 -37.40
C VAL R 24 -78.17 13.59 -37.39
N ALA R 25 -78.21 14.84 -36.91
CA ALA R 25 -79.42 15.66 -36.96
C ALA R 25 -79.54 16.40 -38.28
N LEU R 26 -80.29 15.80 -39.22
CA LEU R 26 -80.83 16.53 -40.37
C LEU R 26 -81.88 17.54 -39.89
N CYS R 27 -81.89 18.72 -40.50
CA CYS R 27 -82.94 19.71 -40.27
C CYS R 27 -83.32 20.45 -41.55
N THR R 28 -84.61 20.73 -41.70
CA THR R 28 -85.17 21.38 -42.90
C THR R 28 -86.22 22.43 -42.50
N GLN R 29 -86.70 23.19 -43.49
CA GLN R 29 -87.85 24.08 -43.30
C GLN R 29 -89.14 23.29 -43.10
N GLY R 30 -90.00 23.77 -42.20
CA GLY R 30 -91.23 23.05 -41.85
C GLY R 30 -92.00 23.64 -40.68
N LYS R 31 -92.69 22.77 -39.94
CA LYS R 31 -93.80 23.16 -39.07
C LYS R 31 -93.39 23.46 -37.63
N GLY R 32 -92.37 22.74 -37.13
CA GLY R 32 -91.91 22.87 -35.74
C GLY R 32 -91.98 21.56 -34.97
N LEU R 33 -91.29 20.54 -35.47
CA LEU R 33 -91.33 19.19 -34.91
C LEU R 33 -89.91 18.61 -34.78
N LEU R 34 -89.56 18.18 -33.57
CA LEU R 34 -88.21 17.72 -33.24
C LEU R 34 -88.27 16.26 -32.78
N ARG R 35 -87.59 15.38 -33.52
CA ARG R 35 -87.85 13.94 -33.46
C ARG R 35 -86.55 13.14 -33.51
N VAL R 36 -86.47 12.10 -32.68
CA VAL R 36 -85.34 11.15 -32.67
C VAL R 36 -85.80 9.83 -33.29
N ASN R 37 -85.10 9.39 -34.34
CA ASN R 37 -85.51 8.27 -35.19
C ASN R 37 -86.93 8.41 -35.76
N GLY R 38 -87.95 8.10 -34.97
CA GLY R 38 -89.29 8.67 -35.16
C GLY R 38 -90.13 8.76 -33.90
N CYS R 39 -89.48 9.10 -32.78
CA CYS R 39 -90.18 9.44 -31.54
C CYS R 39 -90.45 10.95 -31.49
N PRO R 40 -91.14 11.41 -30.44
CA PRO R 40 -90.94 12.77 -29.93
C PRO R 40 -89.83 12.84 -28.88
N LEU R 41 -89.38 14.06 -28.57
CA LEU R 41 -88.37 14.28 -27.54
C LEU R 41 -88.98 13.97 -26.18
N GLU R 42 -90.30 13.90 -26.15
CA GLU R 42 -91.09 13.64 -24.94
C GLU R 42 -90.79 12.28 -24.32
N HIS R 43 -90.30 11.35 -25.12
CA HIS R 43 -89.96 10.02 -24.63
C HIS R 43 -88.50 10.08 -24.19
N LEU R 44 -87.61 9.47 -24.97
CA LEU R 44 -86.18 9.53 -24.69
C LEU R 44 -85.71 9.12 -23.29
N GLN R 45 -86.19 7.98 -22.78
CA GLN R 45 -85.76 7.54 -21.46
C GLN R 45 -84.25 7.24 -21.52
N PRO R 46 -83.44 7.45 -20.40
CA PRO R 46 -84.14 7.88 -19.16
C PRO R 46 -84.87 9.21 -19.26
N GLU R 47 -86.04 9.25 -18.64
CA GLU R 47 -86.90 10.43 -18.62
C GLU R 47 -86.26 11.60 -17.89
N ALA R 48 -85.44 11.30 -16.89
CA ALA R 48 -84.77 12.31 -16.10
C ALA R 48 -83.88 13.16 -17.01
N LEU R 49 -83.26 12.52 -17.99
CA LEU R 49 -82.41 13.21 -18.95
C LEU R 49 -83.23 13.80 -20.10
N LYS R 50 -84.54 13.59 -20.05
CA LYS R 50 -85.44 14.10 -21.06
C LYS R 50 -85.30 15.61 -21.07
N VAL R 51 -85.18 16.19 -19.89
CA VAL R 51 -85.04 17.63 -19.73
C VAL R 51 -83.75 18.09 -20.40
N LYS R 52 -82.72 17.25 -20.32
CA LYS R 52 -81.43 17.56 -20.90
C LYS R 52 -81.48 17.78 -22.40
N ALA R 53 -82.25 16.95 -23.12
CA ALA R 53 -82.36 17.09 -24.57
C ALA R 53 -82.98 18.43 -24.96
N PHE R 54 -84.02 18.82 -24.24
CA PHE R 54 -84.70 20.12 -24.46
C PHE R 54 -83.85 21.37 -24.16
N GLU R 55 -82.56 21.21 -23.88
CA GLU R 55 -81.70 22.32 -23.45
C GLU R 55 -81.55 23.46 -24.48
N PRO R 56 -81.32 23.14 -25.78
CA PRO R 56 -81.28 24.23 -26.77
C PRO R 56 -82.62 24.91 -27.08
N LEU R 57 -83.74 24.24 -26.82
CA LEU R 57 -85.07 24.87 -26.89
C LEU R 57 -85.28 25.94 -25.80
N LEU R 58 -84.87 25.62 -24.57
CA LEU R 58 -85.08 26.50 -23.42
C LEU R 58 -84.24 27.79 -23.47
N LEU R 59 -83.00 27.66 -23.92
CA LEU R 59 -82.07 28.81 -24.00
C LEU R 59 -82.43 29.76 -25.14
N LEU R 60 -82.58 29.20 -26.34
CA LEU R 60 -82.79 30.00 -27.55
C LEU R 60 -84.23 30.48 -27.64
N GLY R 61 -85.17 29.55 -27.53
CA GLY R 61 -86.61 29.84 -27.50
C GLY R 61 -87.41 28.97 -28.45
N LYS R 62 -88.72 28.96 -28.25
CA LYS R 62 -89.63 28.14 -29.07
C LYS R 62 -89.85 28.74 -30.45
N GLU R 63 -89.93 30.06 -30.54
CA GLU R 63 -90.39 30.75 -31.76
C GLU R 63 -89.32 30.84 -32.87
N ARG R 64 -88.08 30.51 -32.56
CA ARG R 64 -87.05 30.27 -33.57
C ARG R 64 -87.23 28.90 -34.26
N PHE R 65 -87.49 27.87 -33.47
CA PHE R 65 -87.52 26.49 -33.95
C PHE R 65 -88.78 26.14 -34.75
N GLN R 66 -89.86 26.92 -34.60
CA GLN R 66 -91.13 26.66 -35.29
C GLN R 66 -91.09 26.88 -36.81
N ASP R 67 -90.11 27.64 -37.30
CA ASP R 67 -89.88 27.80 -38.74
C ASP R 67 -89.27 26.54 -39.40
N VAL R 68 -88.65 25.66 -38.61
CA VAL R 68 -87.91 24.50 -39.12
C VAL R 68 -88.46 23.19 -38.54
N ASP R 69 -87.90 22.07 -38.96
CA ASP R 69 -88.02 20.79 -38.26
C ASP R 69 -86.66 20.09 -38.18
N ILE R 70 -86.51 19.21 -37.19
CA ILE R 70 -85.27 18.45 -36.99
C ILE R 70 -85.61 16.96 -36.91
N ARG R 71 -84.78 16.12 -37.54
CA ARG R 71 -84.93 14.67 -37.52
C ARG R 71 -83.57 13.99 -37.31
N VAL R 72 -83.41 13.35 -36.15
CA VAL R 72 -82.11 12.85 -35.68
C VAL R 72 -82.04 11.32 -35.82
N ARG R 73 -80.85 10.82 -36.13
CA ARG R 73 -80.61 9.39 -36.35
C ARG R 73 -79.35 8.93 -35.63
N VAL R 74 -79.52 8.09 -34.61
CA VAL R 74 -78.55 7.92 -33.53
C VAL R 74 -78.08 6.46 -33.45
N SER R 75 -76.77 6.28 -33.28
CA SER R 75 -76.21 4.98 -32.86
C SER R 75 -74.86 5.17 -32.17
N GLY R 76 -74.39 4.11 -31.52
CA GLY R 76 -73.14 4.14 -30.75
C GLY R 76 -73.36 4.51 -29.29
N GLY R 77 -72.33 4.28 -28.48
CA GLY R 77 -72.30 4.73 -27.09
C GLY R 77 -73.18 3.90 -26.18
N GLY R 78 -74.17 4.54 -25.55
CA GLY R 78 -75.03 3.89 -24.56
C GLY R 78 -76.35 4.62 -24.40
N TYR R 79 -76.80 4.75 -23.15
CA TYR R 79 -78.02 5.51 -22.83
C TYR R 79 -77.71 7.00 -22.68
N VAL R 80 -76.75 7.31 -21.81
CA VAL R 80 -76.44 8.70 -21.46
C VAL R 80 -75.64 9.39 -22.57
N ALA R 81 -74.73 8.66 -23.20
CA ALA R 81 -73.93 9.19 -24.31
C ALA R 81 -74.75 9.52 -25.56
N GLN R 82 -75.84 8.78 -25.79
CA GLN R 82 -76.76 9.09 -26.90
C GLN R 82 -77.54 10.40 -26.71
N ILE R 83 -77.82 10.77 -25.45
CA ILE R 83 -78.50 12.04 -25.16
C ILE R 83 -77.57 13.24 -25.46
N TYR R 84 -76.30 13.12 -25.05
CA TYR R 84 -75.30 14.17 -25.27
C TYR R 84 -74.93 14.38 -26.74
N ALA R 85 -75.02 13.31 -27.53
CA ALA R 85 -74.90 13.42 -29.00
C ALA R 85 -76.07 14.20 -29.62
N ILE R 86 -77.29 13.92 -29.15
CA ILE R 86 -78.49 14.63 -29.62
C ILE R 86 -78.51 16.07 -29.11
N ARG R 87 -78.11 16.26 -27.85
CA ARG R 87 -77.91 17.58 -27.25
C ARG R 87 -77.03 18.50 -28.11
N GLN R 88 -75.90 17.97 -28.57
CA GLN R 88 -74.99 18.71 -29.46
C GLN R 88 -75.55 18.90 -30.86
N ALA R 89 -76.17 17.85 -31.41
CA ALA R 89 -76.61 17.85 -32.81
C ALA R 89 -77.78 18.80 -33.08
N ILE R 90 -78.64 19.02 -32.09
CA ILE R 90 -79.72 20.01 -32.19
C ILE R 90 -79.16 21.44 -32.09
N ALA R 91 -78.23 21.66 -31.15
CA ALA R 91 -77.59 22.96 -30.98
C ALA R 91 -76.66 23.34 -32.13
N LYS R 92 -75.91 22.36 -32.63
CA LYS R 92 -75.05 22.54 -33.82
C LYS R 92 -75.85 22.76 -35.11
N ALA R 93 -77.05 22.19 -35.19
CA ALA R 93 -77.93 22.35 -36.36
C ALA R 93 -78.36 23.80 -36.56
N VAL R 94 -79.01 24.36 -35.54
CA VAL R 94 -79.59 25.71 -35.62
C VAL R 94 -78.55 26.84 -35.75
N VAL R 95 -77.34 26.60 -35.22
CA VAL R 95 -76.20 27.49 -35.44
C VAL R 95 -75.72 27.41 -36.89
N ALA R 96 -75.54 26.19 -37.39
CA ALA R 96 -75.10 25.95 -38.77
C ALA R 96 -76.18 26.23 -39.82
N PHE R 97 -77.46 26.26 -39.41
CA PHE R 97 -78.58 26.59 -40.30
C PHE R 97 -78.53 28.01 -40.86
N ASN R 98 -77.90 28.93 -40.12
CA ASN R 98 -77.74 30.32 -40.57
C ASN R 98 -76.76 30.46 -41.75
N GLN R 99 -75.56 29.89 -41.60
CA GLN R 99 -74.46 30.04 -42.58
C GLN R 99 -74.89 29.98 -44.05
N LYS R 100 -75.75 29.01 -44.36
CA LYS R 100 -76.23 28.81 -45.74
C LYS R 100 -77.23 29.88 -46.18
N TYR R 101 -78.25 30.14 -45.35
CA TYR R 101 -79.46 30.86 -45.78
C TYR R 101 -79.75 32.12 -44.96
N VAL R 102 -79.98 31.96 -43.66
CA VAL R 102 -80.45 33.05 -42.79
C VAL R 102 -79.27 33.97 -42.45
N ASP R 103 -79.56 35.26 -42.20
CA ASP R 103 -78.54 36.31 -42.08
C ASP R 103 -77.36 35.94 -41.17
N GLU R 104 -76.15 36.30 -41.61
CA GLU R 104 -74.90 35.84 -40.98
C GLU R 104 -74.57 36.55 -39.67
N ALA R 105 -75.16 37.72 -39.45
CA ALA R 105 -75.00 38.48 -38.19
C ALA R 105 -75.66 37.78 -36.99
N THR R 106 -76.84 37.19 -37.21
CA THR R 106 -77.59 36.49 -36.16
C THR R 106 -76.98 35.15 -35.71
N LYS R 107 -76.03 34.61 -36.50
CA LYS R 107 -75.20 33.48 -36.05
C LYS R 107 -74.35 33.82 -34.82
N LYS R 108 -73.80 35.04 -34.78
CA LYS R 108 -72.94 35.47 -33.67
C LYS R 108 -73.73 35.67 -32.36
N GLU R 109 -75.02 36.00 -32.46
CA GLU R 109 -75.91 36.02 -31.30
C GLU R 109 -76.25 34.60 -30.82
N VAL R 110 -76.76 33.78 -31.73
CA VAL R 110 -77.32 32.46 -31.39
C VAL R 110 -76.26 31.43 -30.98
N ARG R 111 -75.04 31.56 -31.51
CA ARG R 111 -73.92 30.72 -31.10
C ARG R 111 -73.40 31.10 -29.70
N ASP R 112 -73.11 32.38 -29.52
CA ASP R 112 -72.37 32.85 -28.33
C ASP R 112 -73.22 32.94 -27.05
N ILE R 113 -74.55 32.99 -27.20
CA ILE R 113 -75.46 32.79 -26.06
C ILE R 113 -75.43 31.34 -25.53
N LEU R 114 -75.27 30.37 -26.44
CA LEU R 114 -75.08 28.96 -26.05
C LEU R 114 -73.68 28.69 -25.47
N VAL R 115 -72.67 29.37 -26.02
CA VAL R 115 -71.29 29.27 -25.51
C VAL R 115 -71.12 30.00 -24.17
N ALA R 116 -71.89 31.08 -23.96
CA ALA R 116 -72.00 31.73 -22.64
C ALA R 116 -72.60 30.81 -21.58
N TYR R 117 -73.58 30.00 -21.98
CA TYR R 117 -74.14 28.96 -21.11
C TYR R 117 -73.15 27.81 -20.87
N SER R 120 -69.69 23.41 -24.17
CA SER R 120 -69.27 22.53 -25.27
C SER R 120 -70.44 21.94 -26.10
N LEU R 121 -71.41 22.80 -26.44
CA LEU R 121 -72.57 22.39 -27.23
C LEU R 121 -72.26 22.20 -28.72
N ILE R 122 -71.16 22.79 -29.20
CA ILE R 122 -70.64 22.54 -30.55
C ILE R 122 -69.25 21.89 -30.60
N VAL R 123 -68.57 21.80 -29.45
CA VAL R 123 -67.13 21.54 -29.40
C VAL R 123 -66.85 20.03 -29.35
N ALA R 124 -67.60 19.30 -28.52
CA ALA R 124 -67.46 17.85 -28.32
C ALA R 124 -66.17 17.49 -27.56
N ASP R 125 -66.32 17.13 -26.29
CA ASP R 125 -65.18 16.81 -25.42
C ASP R 125 -64.57 15.46 -25.80
N PRO R 126 -63.27 15.43 -26.17
CA PRO R 126 -62.61 14.18 -26.56
C PRO R 126 -61.94 13.46 -25.39
N ARG R 127 -62.75 13.00 -24.43
CA ARG R 127 -62.36 11.95 -23.49
C ARG R 127 -62.80 10.60 -24.06
N ARG R 128 -61.83 9.74 -24.37
CA ARG R 128 -62.08 8.38 -24.83
C ARG R 128 -61.33 7.37 -23.96
N CYS R 129 -61.76 6.12 -24.03
CA CYS R 129 -61.32 5.09 -23.08
C CYS R 129 -59.88 4.70 -23.30
N GLU R 130 -59.04 4.90 -22.29
CA GLU R 130 -57.62 4.53 -22.35
C GLU R 130 -57.48 3.01 -22.31
N PRO R 131 -56.50 2.46 -23.06
CA PRO R 131 -56.42 1.01 -23.23
C PRO R 131 -55.88 0.30 -21.97
N LYS R 132 -56.25 -0.97 -21.81
CA LYS R 132 -55.74 -1.80 -20.72
C LYS R 132 -54.29 -2.21 -20.95
N LYS R 133 -53.54 -2.38 -19.85
CA LYS R 133 -52.17 -2.86 -19.89
C LYS R 133 -52.02 -4.11 -19.04
N PHE R 134 -51.02 -4.93 -19.38
CA PHE R 134 -50.83 -6.24 -18.73
C PHE R 134 -50.33 -6.09 -17.28
N GLY R 135 -50.54 -7.15 -16.50
CA GLY R 135 -50.24 -7.16 -15.07
C GLY R 135 -51.18 -6.29 -14.25
N GLY R 136 -52.45 -6.24 -14.64
CA GLY R 136 -53.46 -5.48 -13.89
C GLY R 136 -54.88 -5.66 -14.40
N PRO R 137 -55.89 -5.46 -13.53
CA PRO R 137 -57.28 -5.58 -13.98
C PRO R 137 -57.72 -4.40 -14.84
N GLY R 138 -57.63 -3.18 -14.28
CA GLY R 138 -57.97 -1.96 -15.02
C GLY R 138 -56.86 -1.48 -15.93
N ALA R 139 -56.99 -0.24 -16.39
CA ALA R 139 -55.95 0.40 -17.20
C ALA R 139 -54.71 0.72 -16.34
N ARG R 140 -54.90 1.60 -15.35
CA ARG R 140 -53.83 2.01 -14.45
C ARG R 140 -53.73 1.13 -13.20
N ALA R 141 -54.86 0.60 -12.75
CA ALA R 141 -54.89 -0.36 -11.62
C ALA R 141 -54.06 -1.61 -11.89
N ARG R 142 -53.43 -2.11 -10.82
CA ARG R 142 -52.73 -3.40 -10.83
C ARG R 142 -53.35 -4.34 -9.80
N TYR R 143 -52.93 -5.61 -9.82
CA TYR R 143 -53.59 -6.67 -9.04
C TYR R 143 -53.23 -6.55 -7.54
N GLN R 144 -52.33 -7.39 -7.03
CA GLN R 144 -51.91 -7.33 -5.62
C GLN R 144 -50.54 -7.97 -5.43
N LYS R 145 -49.69 -7.31 -4.66
CA LYS R 145 -48.37 -7.84 -4.29
C LYS R 145 -48.44 -8.47 -2.90
N SER R 146 -47.78 -9.62 -2.73
CA SER R 146 -48.02 -10.51 -1.60
C SER R 146 -47.10 -10.23 -0.42
N TYR R 147 -45.80 -10.13 -0.70
CA TYR R 147 -44.74 -10.14 0.33
C TYR R 147 -44.78 -11.43 1.19
N ARG R 148 -44.63 -11.32 2.51
CA ARG R 148 -44.18 -12.44 3.34
C ARG R 148 -44.46 -12.18 4.82
N GLY S 2 -40.51 19.41 -18.87
CA GLY S 2 -40.39 20.76 -19.46
C GLY S 2 -39.99 20.75 -20.91
N ARG S 3 -40.11 21.91 -21.55
CA ARG S 3 -39.86 22.08 -22.98
C ARG S 3 -38.45 22.62 -23.21
N VAL S 4 -37.45 21.88 -22.73
CA VAL S 4 -36.04 22.20 -22.96
C VAL S 4 -35.56 21.40 -24.16
N ARG S 5 -34.84 22.08 -25.06
CA ARG S 5 -34.50 21.53 -26.37
C ARG S 5 -33.06 21.03 -26.39
N THR S 6 -32.84 19.85 -26.97
CA THR S 6 -31.54 19.18 -26.97
C THR S 6 -30.58 19.83 -27.97
N ARG S 7 -29.31 19.43 -27.93
CA ARG S 7 -28.26 20.05 -28.76
C ARG S 7 -28.45 19.82 -30.28
N THR S 8 -29.10 18.71 -30.65
CA THR S 8 -29.51 18.49 -32.04
C THR S 8 -30.58 19.48 -32.52
N VAL S 9 -31.51 19.84 -31.62
CA VAL S 9 -32.51 20.87 -31.88
C VAL S 9 -31.89 22.27 -31.88
N LYS S 10 -30.94 22.50 -30.98
CA LYS S 10 -30.26 23.80 -30.86
C LYS S 10 -29.35 24.07 -32.07
N ARG S 11 -28.44 23.13 -32.36
CA ARG S 11 -27.46 23.29 -33.46
C ARG S 11 -28.09 23.62 -34.81
N ALA S 12 -29.18 22.94 -35.15
CA ALA S 12 -29.87 23.13 -36.43
C ALA S 12 -30.53 24.51 -36.53
N ALA S 13 -31.28 24.88 -35.50
CA ALA S 13 -31.92 26.21 -35.42
C ALA S 13 -30.91 27.35 -35.26
N ARG S 14 -29.82 27.11 -34.55
CA ARG S 14 -28.73 28.08 -34.40
C ARG S 14 -27.94 28.30 -35.69
N GLN S 15 -27.71 27.23 -36.45
CA GLN S 15 -27.00 27.31 -37.73
C GLN S 15 -27.80 28.02 -38.84
N ILE S 16 -29.12 27.96 -38.78
CA ILE S 16 -29.99 28.62 -39.76
C ILE S 16 -29.88 30.15 -39.68
N VAL S 17 -29.98 30.70 -38.46
CA VAL S 17 -29.92 32.15 -38.26
C VAL S 17 -28.55 32.79 -38.49
N GLU S 18 -27.49 31.97 -38.47
CA GLU S 18 -26.14 32.43 -38.87
C GLU S 18 -26.07 32.91 -40.32
N LYS S 19 -26.68 32.15 -41.23
CA LYS S 19 -26.44 32.29 -42.68
C LYS S 19 -27.69 32.67 -43.49
N TYR S 20 -28.83 32.17 -43.04
CA TYR S 20 -30.14 32.39 -43.63
C TYR S 20 -30.91 33.39 -42.79
N TYR S 21 -30.17 34.25 -42.09
CA TYR S 21 -30.81 35.23 -41.22
C TYR S 21 -31.74 36.08 -42.07
N ALA S 22 -31.29 36.42 -43.28
CA ALA S 22 -32.13 37.19 -44.18
C ALA S 22 -33.25 36.24 -44.54
N LYS S 23 -34.43 36.79 -44.88
CA LYS S 23 -35.63 36.03 -45.25
C LYS S 23 -36.67 35.93 -44.13
N LEU S 24 -36.43 34.99 -43.22
CA LEU S 24 -37.34 34.74 -42.12
C LEU S 24 -37.57 35.95 -41.24
N THR S 25 -38.84 36.15 -40.91
CA THR S 25 -39.30 37.25 -40.07
C THR S 25 -39.54 36.76 -38.65
N LEU S 26 -39.95 37.68 -37.79
CA LEU S 26 -40.25 37.35 -36.40
C LEU S 26 -41.41 36.36 -36.43
N ASP S 27 -42.23 36.45 -37.48
CA ASP S 27 -43.38 35.58 -37.64
C ASP S 27 -42.96 34.11 -37.72
N PHE S 28 -43.78 33.26 -37.10
CA PHE S 28 -43.56 31.82 -37.03
C PHE S 28 -43.95 31.10 -38.32
N GLN S 29 -45.15 31.36 -38.81
CA GLN S 29 -45.80 30.48 -39.79
C GLN S 29 -45.21 30.58 -41.20
N ILE S 30 -44.46 31.65 -41.49
CA ILE S 30 -43.53 31.69 -42.63
C ILE S 30 -42.21 30.93 -42.35
N ASN S 31 -41.68 31.03 -41.13
CA ASN S 31 -40.46 30.32 -40.73
C ASN S 31 -40.64 28.79 -40.68
N LYS S 32 -41.83 28.33 -40.36
CA LYS S 32 -42.01 26.88 -40.34
C LYS S 32 -41.78 26.38 -41.77
N LYS S 33 -42.36 27.09 -42.74
CA LYS S 33 -42.21 26.76 -44.14
C LYS S 33 -40.78 26.94 -44.65
N ILE S 34 -40.16 28.03 -44.22
CA ILE S 34 -38.80 28.39 -44.62
C ILE S 34 -37.75 27.40 -44.19
N SER S 35 -37.88 26.89 -42.96
CA SER S 35 -36.91 25.95 -42.43
C SER S 35 -36.85 24.66 -43.24
N GLU S 36 -38.01 24.15 -43.64
CA GLU S 36 -38.06 22.91 -44.38
C GLU S 36 -37.35 22.96 -45.74
N GLU S 37 -37.58 24.04 -46.48
CA GLU S 37 -36.98 24.17 -47.82
C GLU S 37 -35.45 24.28 -47.89
N VAL S 38 -34.88 25.10 -47.02
CA VAL S 38 -33.43 25.32 -46.99
C VAL S 38 -32.59 24.12 -46.58
N ALA S 39 -33.11 23.39 -45.60
CA ALA S 39 -32.48 22.24 -44.97
C ALA S 39 -33.42 21.03 -44.88
N VAL S 40 -32.83 19.83 -44.91
CA VAL S 40 -33.59 18.58 -44.69
C VAL S 40 -33.96 18.41 -43.22
N ILE S 41 -35.25 18.21 -42.94
CA ILE S 41 -35.74 17.78 -41.63
C ILE S 41 -36.71 16.62 -41.87
N PRO S 42 -36.43 15.43 -41.29
CA PRO S 42 -37.19 14.23 -41.67
C PRO S 42 -38.66 14.22 -41.21
N SER S 43 -38.90 14.65 -39.97
CA SER S 43 -40.20 14.48 -39.31
C SER S 43 -40.95 15.79 -39.13
N LYS S 44 -42.26 15.69 -38.94
CA LYS S 44 -43.16 16.86 -38.85
C LYS S 44 -43.08 17.56 -37.50
N ARG S 45 -42.94 16.78 -36.43
CA ARG S 45 -42.80 17.32 -35.07
C ARG S 45 -41.50 18.11 -34.88
N MET S 46 -40.42 17.60 -35.46
CA MET S 46 -39.10 18.24 -35.37
C MET S 46 -39.04 19.60 -36.10
N ARG S 47 -39.79 19.74 -37.20
CA ARG S 47 -39.71 20.94 -38.04
C ARG S 47 -40.34 22.17 -37.37
N ASN S 48 -41.38 21.96 -36.56
CA ASN S 48 -41.96 23.00 -35.72
C ASN S 48 -41.03 23.42 -34.57
N ARG S 49 -40.39 22.43 -33.96
CA ARG S 49 -39.61 22.64 -32.73
C ARG S 49 -38.33 23.44 -33.01
N VAL S 50 -37.66 23.13 -34.12
CA VAL S 50 -36.55 23.97 -34.63
C VAL S 50 -37.00 25.36 -35.07
N ALA S 51 -38.13 25.42 -35.78
CA ALA S 51 -38.62 26.70 -36.35
C ALA S 51 -39.15 27.65 -35.28
N GLY S 52 -39.72 27.10 -34.20
CA GLY S 52 -40.03 27.86 -32.99
C GLY S 52 -38.81 28.49 -32.34
N PHE S 53 -37.71 27.74 -32.28
CA PHE S 53 -36.45 28.24 -31.73
C PHE S 53 -35.72 29.22 -32.64
N VAL S 54 -35.95 29.12 -33.96
CA VAL S 54 -35.46 30.13 -34.92
C VAL S 54 -36.10 31.50 -34.68
N THR S 55 -37.41 31.51 -34.49
CA THR S 55 -38.14 32.75 -34.16
C THR S 55 -37.84 33.27 -32.75
N HIS S 56 -37.50 32.36 -31.82
CA HIS S 56 -37.00 32.74 -30.50
C HIS S 56 -35.64 33.44 -30.57
N LEU S 57 -34.75 32.96 -31.44
CA LEU S 57 -33.46 33.61 -31.70
C LEU S 57 -33.60 34.96 -32.40
N MET S 58 -34.51 35.05 -33.37
CA MET S 58 -34.79 36.31 -34.08
C MET S 58 -35.37 37.40 -33.18
N LYS S 59 -36.18 37.01 -32.21
CA LYS S 59 -36.63 37.92 -31.14
C LYS S 59 -35.47 38.42 -30.27
N ARG S 60 -34.55 37.51 -29.93
CA ARG S 60 -33.36 37.87 -29.14
C ARG S 60 -32.33 38.70 -29.92
N ILE S 61 -32.24 38.47 -31.24
CA ILE S 61 -31.44 39.33 -32.13
C ILE S 61 -32.06 40.73 -32.30
N GLN S 62 -33.40 40.79 -32.36
CA GLN S 62 -34.14 42.06 -32.33
C GLN S 62 -33.92 42.85 -31.03
N LYS S 63 -33.89 42.14 -29.91
CA LYS S 63 -33.77 42.75 -28.58
C LYS S 63 -32.35 43.29 -28.30
N GLY S 64 -31.34 42.50 -28.64
CA GLY S 64 -29.94 42.91 -28.48
C GLY S 64 -28.96 42.08 -29.29
N PRO S 65 -27.64 42.26 -29.05
CA PRO S 65 -26.61 41.42 -29.65
C PRO S 65 -26.46 40.08 -28.91
N VAL S 66 -26.44 38.98 -29.67
CA VAL S 66 -26.56 37.63 -29.11
C VAL S 66 -25.21 36.90 -29.23
N ARG S 67 -24.83 36.25 -28.14
CA ARG S 67 -23.59 35.48 -28.07
C ARG S 67 -23.71 34.15 -28.81
N GLY S 68 -22.59 33.69 -29.35
CA GLY S 68 -22.54 32.43 -30.06
C GLY S 68 -23.03 32.39 -31.50
N ILE S 69 -23.37 33.54 -32.07
CA ILE S 69 -23.84 33.56 -33.45
C ILE S 69 -22.83 34.25 -34.36
N SER S 70 -22.33 33.51 -35.34
CA SER S 70 -21.35 34.03 -36.30
C SER S 70 -21.87 35.15 -37.19
N LEU S 71 -23.11 34.99 -37.66
CA LEU S 71 -23.80 35.91 -38.57
C LEU S 71 -22.88 36.82 -39.38
N LYS S 72 -22.01 37.53 -38.67
CA LYS S 72 -21.02 38.42 -39.26
C LYS S 72 -21.55 39.82 -39.58
N LEU S 73 -22.85 40.04 -39.39
CA LEU S 73 -23.41 41.36 -39.64
C LEU S 73 -22.81 42.34 -38.65
N GLN S 74 -22.71 41.89 -37.40
CA GLN S 74 -22.13 42.71 -36.34
C GLN S 74 -20.66 42.95 -36.64
N GLU S 75 -19.99 41.92 -37.15
CA GLU S 75 -18.57 42.01 -37.48
C GLU S 75 -18.37 43.07 -38.56
N GLU S 76 -19.26 43.09 -39.55
CA GLU S 76 -19.18 44.07 -40.62
C GLU S 76 -19.37 45.41 -39.98
N GLU S 77 -20.29 45.45 -39.02
CA GLU S 77 -20.62 46.66 -38.24
C GLU S 77 -19.79 46.80 -36.96
N ARG S 78 -19.27 45.69 -36.44
CA ARG S 78 -18.25 45.72 -35.37
C ARG S 78 -16.92 46.30 -35.87
N GLU S 79 -16.55 45.97 -37.12
CA GLU S 79 -15.36 46.52 -37.77
C GLU S 79 -15.43 48.03 -38.04
N ARG S 80 -16.65 48.55 -38.26
CA ARG S 80 -16.86 50.00 -38.42
C ARG S 80 -16.69 50.79 -37.12
N ARG S 81 -17.06 50.17 -35.99
CA ARG S 81 -16.65 50.66 -34.66
C ARG S 81 -15.14 50.55 -34.45
N MET S 82 -14.55 49.44 -34.89
CA MET S 82 -13.10 49.23 -34.85
C MET S 82 -12.31 50.23 -35.70
N ASP S 83 -12.89 50.64 -36.83
CA ASP S 83 -12.22 51.54 -37.78
C ASP S 83 -12.10 52.98 -37.27
N PHE S 84 -13.14 53.46 -36.58
CA PHE S 84 -13.26 54.89 -36.22
C PHE S 84 -12.19 55.33 -35.21
N VAL S 85 -11.70 56.55 -35.38
CA VAL S 85 -10.75 57.17 -34.43
C VAL S 85 -10.97 58.70 -34.40
N PRO S 86 -10.85 59.32 -33.20
CA PRO S 86 -10.95 60.78 -33.05
C PRO S 86 -9.64 61.52 -33.43
N GLU S 87 -9.50 62.78 -33.00
CA GLU S 87 -8.22 63.50 -33.09
C GLU S 87 -7.10 62.81 -32.28
N ARG S 88 -7.10 62.98 -30.97
CA ARG S 88 -6.07 62.39 -30.10
C ARG S 88 -6.47 62.46 -28.61
N SER S 89 -6.14 61.42 -27.86
CA SER S 89 -6.35 61.36 -26.41
C SER S 89 -5.13 61.77 -25.58
N GLU S 90 -4.00 62.07 -26.23
CA GLU S 90 -2.76 62.43 -25.55
C GLU S 90 -1.88 63.35 -26.42
N VAL S 91 -0.83 63.90 -25.82
CA VAL S 91 -0.26 65.20 -26.22
C VAL S 91 -1.35 66.28 -26.16
N ASP S 92 -2.02 66.36 -25.01
CA ASP S 92 -3.25 67.14 -24.83
C ASP S 92 -3.37 67.55 -23.36
N VAL S 93 -2.88 68.74 -22.96
CA VAL S 93 -2.34 69.80 -23.82
C VAL S 93 -1.03 70.30 -23.23
N ALA S 94 0.09 69.88 -23.83
CA ALA S 94 1.46 70.24 -23.40
C ALA S 94 1.79 69.80 -21.97
N THR S 95 1.25 70.51 -20.97
CA THR S 95 1.50 70.21 -19.57
C THR S 95 0.55 69.13 -19.06
N ILE S 96 1.07 68.25 -18.19
CA ILE S 96 0.33 67.09 -17.68
C ILE S 96 0.18 67.20 -16.17
N THR S 97 -0.99 66.83 -15.66
CA THR S 97 -1.34 67.04 -14.25
C THR S 97 -0.64 66.05 -13.33
N VAL S 98 0.59 66.42 -12.93
CA VAL S 98 1.38 65.62 -11.99
C VAL S 98 1.07 66.00 -10.54
N ASP S 99 1.77 65.36 -9.60
CA ASP S 99 1.53 65.49 -8.16
C ASP S 99 2.84 65.84 -7.45
N GLN S 100 2.80 65.91 -6.11
CA GLN S 100 4.03 66.06 -5.30
C GLN S 100 5.02 64.92 -5.51
N ASP S 101 4.53 63.68 -5.45
CA ASP S 101 5.38 62.49 -5.60
C ASP S 101 5.77 62.21 -7.05
N THR S 102 4.80 62.33 -7.96
CA THR S 102 4.98 61.94 -9.37
C THR S 102 5.90 62.89 -10.13
N ALA S 103 5.83 64.19 -9.83
CA ALA S 103 6.76 65.18 -10.40
C ALA S 103 8.20 64.98 -9.95
N ASP S 104 8.40 64.54 -8.70
CA ASP S 104 9.73 64.28 -8.14
C ASP S 104 10.36 62.94 -8.58
N MET S 105 9.67 62.17 -9.41
CA MET S 105 10.32 61.14 -10.24
C MET S 105 11.29 61.77 -11.22
N LEU S 106 10.80 62.69 -12.03
CA LEU S 106 11.57 63.30 -13.12
C LEU S 106 12.66 64.28 -12.64
N ARG S 107 12.48 64.84 -11.44
CA ARG S 107 13.50 65.67 -10.80
C ARG S 107 14.73 64.85 -10.38
N ALA S 108 14.49 63.66 -9.84
CA ALA S 108 15.55 62.66 -9.60
C ALA S 108 16.09 62.08 -10.90
N LEU S 109 15.18 61.67 -11.79
CA LEU S 109 15.53 60.88 -12.97
C LEU S 109 16.13 61.70 -14.13
N ASP S 110 15.92 63.02 -14.12
CA ASP S 110 16.14 63.90 -15.29
C ASP S 110 15.07 63.65 -16.37
N ILE S 111 15.35 63.97 -17.64
CA ILE S 111 14.32 64.30 -18.65
C ILE S 111 13.52 65.55 -18.25
N ASN S 112 13.82 66.67 -18.91
CA ASN S 112 13.08 67.93 -18.72
C ASN S 112 11.81 67.94 -19.57
N LEU S 113 10.70 68.38 -18.96
CA LEU S 113 9.40 68.48 -19.64
C LEU S 113 8.61 69.70 -19.13
N PRO S 114 7.55 70.11 -19.87
CA PRO S 114 6.52 70.99 -19.30
C PRO S 114 5.56 70.24 -18.37
N ASN S 115 5.42 70.73 -17.14
CA ASN S 115 4.81 69.97 -16.04
C ASN S 115 3.83 70.81 -15.22
N VAL S 116 3.05 70.14 -14.37
CA VAL S 116 2.23 70.78 -13.34
C VAL S 116 2.53 70.12 -11.98
N VAL S 117 2.33 70.88 -10.90
CA VAL S 117 2.31 70.34 -9.53
C VAL S 117 1.02 70.81 -8.82
N VAL S 118 -0.01 69.97 -8.86
CA VAL S 118 -1.30 70.27 -8.25
C VAL S 118 -1.25 69.90 -6.76
N PHE T 11 -108.67 -13.76 14.76
CA PHE T 11 -107.42 -13.92 13.98
C PHE T 11 -106.48 -14.94 14.62
N GLN T 12 -105.77 -15.70 13.79
CA GLN T 12 -104.88 -16.77 14.23
C GLN T 12 -103.42 -16.41 14.00
N HIS T 13 -102.70 -16.09 15.07
CA HIS T 13 -101.23 -16.09 15.08
C HIS T 13 -100.71 -17.51 15.26
N ILE T 14 -99.67 -17.85 14.49
CA ILE T 14 -99.10 -19.21 14.41
C ILE T 14 -100.05 -20.22 13.73
N LEU T 15 -99.48 -21.29 13.19
CA LEU T 15 -100.24 -22.28 12.41
C LEU T 15 -99.50 -23.62 12.34
N ARG T 16 -100.20 -24.66 11.85
CA ARG T 16 -99.59 -25.96 11.56
C ARG T 16 -100.29 -26.65 10.39
N ILE T 17 -99.54 -26.92 9.32
CA ILE T 17 -100.01 -27.73 8.19
C ILE T 17 -99.01 -28.87 7.94
N LEU T 18 -99.53 -30.09 7.79
CA LEU T 18 -98.74 -31.29 7.44
C LEU T 18 -97.61 -31.58 8.44
N ASN T 19 -97.95 -31.52 9.73
CA ASN T 19 -97.00 -31.77 10.84
C ASN T 19 -95.76 -30.85 10.83
N THR T 20 -95.93 -29.62 10.38
CA THR T 20 -94.86 -28.62 10.35
C THR T 20 -95.43 -27.22 10.61
N ASN T 21 -94.73 -26.44 11.43
CA ASN T 21 -95.26 -25.16 11.95
C ASN T 21 -95.09 -24.04 10.93
N VAL T 22 -96.19 -23.71 10.24
CA VAL T 22 -96.26 -22.52 9.39
C VAL T 22 -96.55 -21.30 10.25
N ASP T 23 -95.87 -20.19 9.96
CA ASP T 23 -96.00 -18.95 10.73
C ASP T 23 -97.06 -18.03 10.11
N GLY T 24 -97.75 -17.29 10.97
CA GLY T 24 -98.42 -16.05 10.57
C GLY T 24 -97.44 -14.89 10.41
N ARG T 25 -98.00 -13.70 10.16
CA ARG T 25 -97.22 -12.51 9.76
C ARG T 25 -96.37 -12.73 8.50
N GLU T 26 -96.91 -13.50 7.56
CA GLU T 26 -96.25 -13.79 6.28
C GLU T 26 -97.30 -14.02 5.19
N LYS T 27 -96.95 -13.72 3.95
CA LYS T 27 -97.83 -13.92 2.80
C LYS T 27 -97.96 -15.41 2.47
N VAL T 28 -99.07 -15.78 1.85
CA VAL T 28 -99.51 -17.19 1.78
C VAL T 28 -98.57 -18.05 0.92
N VAL T 29 -97.98 -17.45 -0.12
CA VAL T 29 -97.02 -18.15 -0.98
C VAL T 29 -95.71 -18.46 -0.25
N VAL T 30 -95.22 -17.49 0.53
CA VAL T 30 -93.93 -17.60 1.23
C VAL T 30 -94.07 -18.31 2.58
N ALA T 31 -95.25 -18.22 3.19
CA ALA T 31 -95.57 -19.01 4.40
C ALA T 31 -95.49 -20.53 4.17
N LEU T 32 -95.91 -20.97 2.98
CA LEU T 32 -95.90 -22.39 2.63
C LEU T 32 -94.50 -22.98 2.40
N THR T 33 -93.50 -22.14 2.15
CA THR T 33 -92.10 -22.60 2.07
C THR T 33 -91.50 -22.96 3.44
N ALA T 34 -92.14 -22.52 4.53
CA ALA T 34 -91.80 -22.99 5.88
C ALA T 34 -92.09 -24.48 6.11
N ILE T 35 -93.02 -25.04 5.34
CA ILE T 35 -93.19 -26.50 5.24
C ILE T 35 -91.98 -27.07 4.50
N ARG T 36 -91.41 -28.15 5.04
CA ARG T 36 -90.26 -28.82 4.42
C ARG T 36 -90.71 -29.62 3.20
N GLY T 37 -89.90 -29.60 2.15
CA GLY T 37 -90.27 -30.14 0.84
C GLY T 37 -91.28 -29.31 0.06
N ILE T 38 -91.34 -28.00 0.33
CA ILE T 38 -92.06 -27.04 -0.52
C ILE T 38 -91.17 -25.82 -0.74
N GLY T 39 -91.28 -25.21 -1.92
CA GLY T 39 -90.56 -23.97 -2.25
C GLY T 39 -91.39 -23.05 -3.13
N ARG T 40 -90.71 -22.06 -3.73
CA ARG T 40 -91.36 -20.82 -4.14
C ARG T 40 -92.22 -20.96 -5.40
N ARG T 41 -91.72 -21.71 -6.39
CA ARG T 41 -92.41 -21.86 -7.68
C ARG T 41 -93.59 -22.83 -7.60
N VAL T 42 -93.44 -23.93 -6.84
CA VAL T 42 -94.51 -24.91 -6.64
C VAL T 42 -95.61 -24.35 -5.73
N SER T 43 -95.24 -23.56 -4.73
CA SER T 43 -96.21 -22.91 -3.84
C SER T 43 -97.15 -21.93 -4.55
N ASN T 44 -96.67 -21.30 -5.63
CA ASN T 44 -97.54 -20.55 -6.55
C ASN T 44 -98.55 -21.43 -7.29
N LEU T 45 -98.09 -22.58 -7.76
CA LEU T 45 -98.98 -23.57 -8.41
C LEU T 45 -99.99 -24.20 -7.44
N ILE T 46 -99.60 -24.35 -6.17
CA ILE T 46 -100.53 -24.75 -5.11
C ILE T 46 -101.58 -23.66 -4.86
N CYS T 47 -101.14 -22.41 -4.75
CA CYS T 47 -102.03 -21.26 -4.51
C CYS T 47 -102.97 -20.96 -5.69
N LYS T 48 -102.46 -21.09 -6.91
CA LYS T 48 -103.26 -20.87 -8.12
C LYS T 48 -104.33 -21.94 -8.35
N LYS T 49 -103.97 -23.20 -8.11
CA LYS T 49 -104.89 -24.33 -8.34
C LYS T 49 -105.77 -24.70 -7.12
N ALA T 50 -105.44 -24.15 -5.95
CA ALA T 50 -106.38 -24.11 -4.81
C ALA T 50 -107.38 -22.94 -4.85
N ASP T 51 -107.16 -21.98 -5.76
CA ASP T 51 -107.97 -20.75 -5.87
C ASP T 51 -107.91 -19.89 -4.59
N ILE T 52 -106.72 -19.81 -3.98
CA ILE T 52 -106.45 -18.87 -2.89
C ILE T 52 -105.95 -17.56 -3.49
N ASP T 53 -106.45 -16.44 -2.95
CA ASP T 53 -105.91 -15.12 -3.28
C ASP T 53 -104.53 -14.94 -2.61
N THR T 54 -103.53 -14.60 -3.41
CA THR T 54 -102.18 -14.32 -2.92
C THR T 54 -102.06 -13.00 -2.16
N ASN T 55 -103.01 -12.09 -2.37
CA ASN T 55 -103.13 -10.85 -1.58
C ASN T 55 -103.45 -11.09 -0.09
N LYS T 56 -104.16 -12.18 0.20
CA LYS T 56 -104.46 -12.57 1.59
C LYS T 56 -103.22 -13.03 2.35
N ARG T 57 -103.31 -12.98 3.68
CA ARG T 57 -102.21 -13.27 4.59
C ARG T 57 -102.37 -14.66 5.20
N ALA T 58 -101.25 -15.31 5.51
CA ALA T 58 -101.23 -16.70 5.99
C ALA T 58 -101.75 -16.88 7.42
N GLY T 59 -101.82 -15.79 8.19
CA GLY T 59 -102.52 -15.77 9.47
C GLY T 59 -104.01 -16.09 9.40
N GLU T 60 -104.66 -15.70 8.30
CA GLU T 60 -106.06 -16.07 8.04
C GLU T 60 -106.18 -17.58 7.71
N LEU T 61 -106.19 -17.93 6.41
CA LEU T 61 -106.37 -19.31 5.95
C LEU T 61 -107.58 -20.05 6.54
N THR T 62 -108.73 -19.95 5.86
CA THR T 62 -109.94 -20.68 6.26
C THR T 62 -109.82 -22.19 6.01
N ALA T 63 -110.78 -22.95 6.53
CA ALA T 63 -110.74 -24.43 6.49
C ALA T 63 -110.86 -25.01 5.07
N ASP T 64 -111.49 -24.28 4.16
CA ASP T 64 -111.48 -24.63 2.72
C ASP T 64 -110.09 -24.53 2.08
N GLU T 65 -109.32 -23.50 2.47
CA GLU T 65 -108.02 -23.22 1.85
C GLU T 65 -106.95 -24.25 2.22
N ILE T 66 -106.92 -24.66 3.48
CA ILE T 66 -105.95 -25.64 3.98
C ILE T 66 -106.26 -27.06 3.47
N SER T 67 -107.55 -27.40 3.40
CA SER T 67 -107.99 -28.72 2.92
C SER T 67 -107.63 -29.00 1.46
N LYS T 68 -107.67 -27.98 0.62
CA LYS T 68 -107.20 -28.08 -0.78
C LYS T 68 -105.68 -28.26 -0.88
N VAL T 69 -104.93 -27.55 -0.04
CA VAL T 69 -103.46 -27.58 -0.06
C VAL T 69 -102.90 -28.96 0.36
N VAL T 70 -103.55 -29.59 1.35
CA VAL T 70 -103.16 -30.93 1.80
C VAL T 70 -103.43 -32.00 0.73
N ALA T 71 -104.55 -31.85 0.01
CA ALA T 71 -104.89 -32.73 -1.11
C ALA T 71 -103.92 -32.61 -2.30
N ILE T 72 -103.53 -31.37 -2.62
CA ILE T 72 -102.56 -31.10 -3.70
C ILE T 72 -101.14 -31.52 -3.29
N ALA T 73 -100.76 -31.27 -2.04
CA ALA T 73 -99.47 -31.70 -1.50
C ALA T 73 -99.31 -33.22 -1.42
N SER T 74 -100.39 -33.92 -1.08
CA SER T 74 -100.41 -35.39 -1.07
C SER T 74 -100.35 -35.96 -2.49
N THR T 75 -101.26 -35.51 -3.34
CA THR T 75 -101.46 -36.08 -4.68
C THR T 75 -101.50 -34.97 -5.74
N PRO T 76 -100.33 -34.42 -6.10
CA PRO T 76 -100.25 -33.38 -7.14
C PRO T 76 -100.41 -33.89 -8.59
N GLN T 77 -100.33 -35.20 -8.80
CA GLN T 77 -100.64 -35.81 -10.10
C GLN T 77 -102.12 -35.66 -10.49
N GLN T 78 -103.00 -35.60 -9.50
CA GLN T 78 -104.45 -35.43 -9.73
C GLN T 78 -104.82 -34.10 -10.38
N PHE T 79 -104.13 -33.02 -9.97
CA PHE T 79 -104.45 -31.66 -10.43
C PHE T 79 -103.59 -31.18 -11.62
N LYS T 80 -103.04 -32.13 -12.39
CA LYS T 80 -102.29 -31.85 -13.62
C LYS T 80 -101.07 -30.95 -13.39
N ILE T 81 -100.23 -31.34 -12.43
CA ILE T 81 -98.85 -30.85 -12.32
C ILE T 81 -97.95 -31.82 -13.08
N PRO T 82 -97.26 -31.36 -14.14
CA PRO T 82 -96.70 -32.28 -15.14
C PRO T 82 -95.32 -32.87 -14.80
N THR T 83 -95.10 -33.24 -13.53
CA THR T 83 -94.18 -34.33 -13.13
C THR T 83 -92.73 -33.90 -12.91
N TRP T 84 -92.20 -33.04 -13.79
CA TRP T 84 -90.87 -32.42 -13.59
C TRP T 84 -90.79 -31.46 -12.39
N PHE T 85 -91.95 -30.93 -11.97
CA PHE T 85 -92.04 -30.14 -10.72
C PHE T 85 -91.82 -30.95 -9.43
N LEU T 86 -91.95 -32.27 -9.48
CA LEU T 86 -91.95 -33.10 -8.27
C LEU T 86 -90.54 -33.32 -7.72
N ASN T 87 -90.45 -33.59 -6.43
CA ASN T 87 -89.17 -33.62 -5.71
C ASN T 87 -88.42 -34.93 -5.99
N ARG T 88 -89.06 -36.04 -5.64
CA ARG T 88 -88.51 -37.38 -5.84
C ARG T 88 -89.13 -37.98 -7.11
N GLN T 89 -88.66 -37.50 -8.26
CA GLN T 89 -89.21 -37.89 -9.56
C GLN T 89 -88.69 -39.27 -9.95
N LYS T 90 -89.61 -40.21 -10.16
CA LYS T 90 -89.31 -41.65 -10.23
C LYS T 90 -88.71 -42.20 -8.91
N ASP T 91 -89.52 -42.95 -8.16
CA ASP T 91 -89.25 -43.19 -6.74
C ASP T 91 -88.11 -44.18 -6.48
N VAL T 92 -87.86 -45.09 -7.42
CA VAL T 92 -86.86 -46.17 -7.29
C VAL T 92 -87.22 -47.16 -6.15
N LYS T 93 -88.52 -47.40 -5.94
CA LYS T 93 -89.00 -48.46 -5.06
C LYS T 93 -90.32 -49.07 -5.57
N ASP T 94 -91.35 -48.24 -5.67
CA ASP T 94 -92.60 -48.59 -6.35
C ASP T 94 -92.63 -48.15 -7.83
N GLY T 95 -91.82 -47.15 -8.18
CA GLY T 95 -91.54 -46.81 -9.57
C GLY T 95 -92.61 -45.93 -10.18
N LYS T 96 -92.89 -44.82 -9.51
CA LYS T 96 -93.89 -43.84 -9.95
C LYS T 96 -93.42 -42.41 -9.69
N HIS T 97 -94.10 -41.45 -10.33
CA HIS T 97 -93.85 -40.03 -10.10
C HIS T 97 -94.48 -39.58 -8.77
N LYS T 98 -93.63 -39.18 -7.83
CA LYS T 98 -94.00 -39.07 -6.40
C LYS T 98 -93.58 -37.71 -5.85
N HIS T 99 -94.40 -37.15 -4.96
CA HIS T 99 -94.12 -35.89 -4.28
C HIS T 99 -93.92 -36.15 -2.77
N VAL T 100 -92.73 -35.83 -2.27
CA VAL T 100 -92.39 -36.02 -0.86
C VAL T 100 -92.49 -34.69 -0.12
N VAL T 101 -93.30 -34.66 0.94
CA VAL T 101 -93.57 -33.45 1.72
C VAL T 101 -93.33 -33.73 3.20
N ALA T 102 -92.83 -32.72 3.92
CA ALA T 102 -92.77 -32.72 5.39
C ALA T 102 -91.84 -33.82 5.94
N ASN T 103 -92.23 -34.51 7.02
CA ASN T 103 -91.34 -35.47 7.70
C ASN T 103 -91.22 -36.83 6.98
N GLY T 104 -91.99 -37.03 5.91
CA GLY T 104 -91.66 -38.03 4.90
C GLY T 104 -90.29 -37.85 4.26
N LEU T 105 -89.92 -36.59 3.97
CA LEU T 105 -88.62 -36.27 3.37
C LEU T 105 -87.43 -36.55 4.30
N ASP T 106 -87.65 -36.45 5.62
CA ASP T 106 -86.66 -36.87 6.61
C ASP T 106 -86.41 -38.38 6.58
N THR T 107 -87.49 -39.16 6.55
CA THR T 107 -87.41 -40.63 6.53
C THR T 107 -86.91 -41.19 5.20
N VAL T 108 -87.25 -40.53 4.09
CA VAL T 108 -86.73 -40.89 2.76
C VAL T 108 -85.21 -40.69 2.66
N TRP T 109 -84.72 -39.57 3.22
CA TRP T 109 -83.28 -39.31 3.30
C TRP T 109 -82.53 -40.32 4.19
N ARG T 110 -83.17 -40.76 5.27
CA ARG T 110 -82.64 -41.84 6.11
C ARG T 110 -82.58 -43.20 5.39
N GLU T 111 -83.57 -43.47 4.54
CA GLU T 111 -83.57 -44.68 3.69
C GLU T 111 -82.47 -44.66 2.63
N ASP T 112 -82.38 -43.55 1.89
CA ASP T 112 -81.53 -43.48 0.69
C ASP T 112 -80.03 -43.45 1.01
N LEU T 113 -79.65 -42.82 2.12
CA LEU T 113 -78.27 -42.84 2.60
C LEU T 113 -77.86 -44.22 3.14
N GLU T 114 -78.71 -44.80 3.98
CA GLU T 114 -78.46 -46.12 4.56
C GLU T 114 -78.63 -47.28 3.57
N ARG T 115 -79.29 -47.02 2.43
CA ARG T 115 -79.20 -47.89 1.25
C ARG T 115 -77.77 -47.99 0.73
N LEU T 116 -77.14 -46.84 0.53
CA LEU T 116 -75.80 -46.76 -0.08
C LEU T 116 -74.68 -47.27 0.83
N LYS T 117 -74.89 -47.22 2.15
CA LYS T 117 -73.95 -47.82 3.11
C LYS T 117 -73.95 -49.35 3.06
N LYS T 118 -75.13 -49.95 2.93
CA LYS T 118 -75.27 -51.39 2.72
C LYS T 118 -74.73 -51.85 1.36
N MET T 119 -74.99 -51.05 0.33
CA MET T 119 -74.47 -51.31 -1.03
C MET T 119 -72.94 -51.16 -1.11
N ARG T 120 -72.38 -50.27 -0.29
CA ARG T 120 -70.94 -49.99 -0.24
C ARG T 120 -70.41 -49.38 -1.54
N LEU T 121 -71.06 -48.30 -1.98
CA LEU T 121 -70.49 -47.38 -2.96
C LEU T 121 -69.35 -46.56 -2.36
N HIS T 122 -68.56 -45.91 -3.23
CA HIS T 122 -67.70 -44.81 -2.83
C HIS T 122 -68.52 -43.65 -2.25
N ARG T 123 -69.55 -43.26 -2.99
CA ARG T 123 -70.49 -42.19 -2.59
C ARG T 123 -71.13 -42.38 -1.22
N GLY T 124 -71.44 -43.63 -0.87
CA GLY T 124 -71.99 -43.98 0.43
C GLY T 124 -71.01 -43.84 1.59
N LEU T 125 -69.75 -44.17 1.33
CA LEU T 125 -68.66 -43.99 2.31
C LEU T 125 -68.34 -42.52 2.61
N ARG T 126 -68.64 -41.62 1.67
CA ARG T 126 -68.49 -40.18 1.88
C ARG T 126 -69.51 -39.65 2.89
N HIS T 127 -70.74 -40.16 2.80
CA HIS T 127 -71.77 -39.92 3.83
C HIS T 127 -71.43 -40.55 5.19
N TYR T 128 -70.83 -41.74 5.17
CA TYR T 128 -70.44 -42.45 6.39
C TYR T 128 -69.34 -41.71 7.16
N TRP T 129 -68.29 -41.31 6.47
CA TRP T 129 -67.22 -40.49 7.06
C TRP T 129 -67.65 -39.02 7.27
N GLY T 130 -68.55 -38.53 6.42
CA GLY T 130 -69.04 -37.15 6.50
C GLY T 130 -68.11 -36.15 5.85
N LEU T 131 -67.49 -36.54 4.74
CA LEU T 131 -66.72 -35.64 3.87
C LEU T 131 -67.63 -35.09 2.77
N LYS T 132 -67.08 -34.21 1.93
CA LYS T 132 -67.80 -33.71 0.75
C LYS T 132 -67.96 -34.80 -0.30
N VAL T 133 -69.16 -34.88 -0.86
CA VAL T 133 -69.60 -36.02 -1.69
C VAL T 133 -69.33 -35.77 -3.18
N ARG T 134 -69.54 -34.53 -3.62
CA ARG T 134 -69.68 -34.22 -5.05
C ARG T 134 -68.35 -34.11 -5.81
N GLY T 135 -67.22 -34.29 -5.11
CA GLY T 135 -65.91 -34.38 -5.74
C GLY T 135 -65.21 -33.05 -5.75
N GLN T 136 -65.13 -32.44 -4.58
CA GLN T 136 -64.69 -31.06 -4.41
C GLN T 136 -63.35 -31.06 -3.69
N HIS T 137 -62.53 -30.05 -3.96
CA HIS T 137 -61.11 -30.07 -3.57
C HIS T 137 -60.99 -29.70 -2.08
N THR T 138 -60.94 -30.71 -1.21
CA THR T 138 -61.01 -30.50 0.25
C THR T 138 -59.63 -30.41 0.93
N LYS T 139 -58.61 -29.99 0.19
CA LYS T 139 -57.32 -29.58 0.80
C LYS T 139 -57.54 -28.39 1.74
N THR T 140 -58.13 -27.33 1.19
CA THR T 140 -58.33 -26.06 1.89
C THR T 140 -59.78 -25.76 2.30
N THR T 141 -60.74 -26.25 1.53
CA THR T 141 -62.14 -25.81 1.62
C THR T 141 -62.99 -26.83 2.39
N GLY T 142 -63.99 -26.34 3.11
CA GLY T 142 -64.76 -27.15 4.05
C GLY T 142 -63.93 -27.62 5.22
N ARG T 143 -63.11 -26.72 5.76
CA ARG T 143 -62.01 -27.08 6.65
C ARG T 143 -62.50 -27.28 8.09
N HIS T 144 -63.22 -26.29 8.61
CA HIS T 144 -63.34 -26.07 10.06
C HIS T 144 -64.09 -27.20 10.76
N GLY T 145 -65.24 -27.59 10.20
CA GLY T 145 -65.97 -28.78 10.64
C GLY T 145 -66.71 -28.55 11.94
N PRO U 4 -94.70 25.81 -8.33
CA PRO U 4 -94.11 26.00 -9.65
C PRO U 4 -94.36 24.81 -10.59
N ALA U 5 -95.20 25.03 -11.61
CA ALA U 5 -95.54 23.99 -12.58
C ALA U 5 -94.40 23.77 -13.57
N TYR U 6 -94.50 22.66 -14.31
CA TYR U 6 -93.41 22.22 -15.20
C TYR U 6 -93.44 22.98 -16.52
N LEU U 7 -92.26 23.39 -16.99
CA LEU U 7 -92.14 24.29 -18.14
C LEU U 7 -92.28 23.53 -19.46
N TYR U 8 -92.07 24.24 -20.56
CA TYR U 8 -91.65 23.68 -21.86
C TYR U 8 -92.78 22.97 -22.64
N GLU U 9 -92.81 23.20 -23.95
CA GLU U 9 -93.40 22.27 -24.92
C GLU U 9 -92.47 22.10 -26.13
N THR U 10 -92.90 21.27 -27.07
CA THR U 10 -92.50 21.40 -28.48
C THR U 10 -93.19 22.62 -29.12
N PRO U 11 -92.67 23.11 -30.28
CA PRO U 11 -93.30 24.26 -30.94
C PRO U 11 -94.77 24.06 -31.35
N LEU U 12 -95.08 22.90 -31.94
CA LEU U 12 -96.46 22.50 -32.25
C LEU U 12 -96.95 21.38 -31.34
N GLU U 13 -98.26 21.26 -31.20
CA GLU U 13 -98.89 20.19 -30.41
C GLU U 13 -98.81 18.88 -31.17
N THR U 14 -98.28 17.84 -30.51
CA THR U 14 -97.72 16.67 -31.21
C THR U 14 -98.81 15.83 -31.86
N ARG U 15 -98.53 15.37 -33.08
CA ARG U 15 -99.51 14.61 -33.88
C ARG U 15 -99.66 13.19 -33.33
N VAL U 16 -100.91 12.71 -33.29
CA VAL U 16 -101.29 11.51 -32.53
C VAL U 16 -101.53 10.28 -33.44
N HIS U 17 -100.98 10.31 -34.65
CA HIS U 17 -101.47 9.46 -35.74
C HIS U 17 -100.89 8.05 -35.66
N THR U 18 -99.58 7.92 -35.84
CA THR U 18 -98.89 6.62 -35.88
C THR U 18 -98.53 6.11 -34.48
N VAL U 19 -98.06 4.86 -34.42
CA VAL U 19 -97.82 4.17 -33.14
C VAL U 19 -96.55 4.63 -32.40
N LYS U 20 -95.57 5.12 -33.14
CA LYS U 20 -94.31 5.62 -32.54
C LYS U 20 -94.48 6.88 -31.68
N ASP U 21 -95.48 7.71 -32.00
CA ASP U 21 -95.83 8.87 -31.18
C ASP U 21 -96.39 8.50 -29.81
N VAL U 22 -97.05 7.35 -29.72
CA VAL U 22 -97.55 6.82 -28.44
C VAL U 22 -96.37 6.31 -27.60
N LYS U 23 -96.43 6.57 -26.30
CA LYS U 23 -95.46 6.01 -25.34
C LYS U 23 -95.69 4.51 -25.15
N ALA U 24 -94.62 3.73 -25.20
CA ALA U 24 -94.69 2.30 -25.51
C ALA U 24 -95.32 1.46 -24.38
N ASP U 25 -95.11 1.87 -23.13
CA ASP U 25 -95.73 1.21 -21.98
C ASP U 25 -97.24 1.46 -21.90
N ALA U 26 -97.66 2.69 -22.20
CA ALA U 26 -99.08 3.07 -22.20
C ALA U 26 -99.88 2.44 -23.35
N PHE U 27 -99.21 2.12 -24.46
CA PHE U 27 -99.79 1.30 -25.53
C PHE U 27 -100.16 -0.10 -25.05
N ILE U 28 -99.26 -0.72 -24.29
CA ILE U 28 -99.42 -2.11 -23.84
C ILE U 28 -100.52 -2.23 -22.76
N ALA U 29 -100.67 -1.20 -21.94
CA ALA U 29 -101.76 -1.11 -20.96
C ALA U 29 -103.15 -1.19 -21.58
N LEU U 30 -103.34 -0.52 -22.72
CA LEU U 30 -104.63 -0.54 -23.44
C LEU U 30 -104.83 -1.87 -24.17
N TYR U 31 -103.86 -2.25 -25.00
CA TYR U 31 -104.03 -3.36 -25.95
C TYR U 31 -104.06 -4.75 -25.28
N ALA U 32 -103.49 -4.85 -24.07
CA ALA U 32 -103.68 -6.04 -23.22
C ALA U 32 -105.15 -6.24 -22.82
N ASN U 33 -105.81 -5.16 -22.44
CA ASN U 33 -107.25 -5.17 -22.13
C ASN U 33 -108.12 -5.41 -23.37
N HIS U 34 -107.66 -4.94 -24.54
CA HIS U 34 -108.32 -5.22 -25.83
C HIS U 34 -108.38 -6.72 -26.17
N LEU U 35 -107.33 -7.47 -25.81
CA LEU U 35 -107.27 -8.91 -26.10
C LEU U 35 -108.30 -9.74 -25.31
N LYS U 36 -108.57 -9.33 -24.06
CA LYS U 36 -109.63 -9.96 -23.26
C LYS U 36 -111.04 -9.64 -23.79
N LYS U 37 -111.32 -8.35 -23.97
CA LYS U 37 -112.67 -7.88 -24.29
C LYS U 37 -113.12 -8.25 -25.71
N ARG U 38 -112.17 -8.36 -26.63
CA ARG U 38 -112.43 -8.93 -27.96
C ARG U 38 -112.73 -10.43 -27.86
N GLY U 39 -111.87 -11.16 -27.17
CA GLY U 39 -112.03 -12.61 -26.98
C GLY U 39 -111.08 -13.44 -27.81
N ARG U 40 -110.85 -13.02 -29.06
CA ARG U 40 -109.98 -13.75 -29.99
C ARG U 40 -108.51 -13.59 -29.62
N PHE U 41 -107.75 -14.69 -29.75
CA PHE U 41 -106.33 -14.86 -29.38
C PHE U 41 -106.14 -16.25 -28.77
N GLN U 42 -106.97 -16.56 -27.78
CA GLN U 42 -107.12 -17.92 -27.21
C GLN U 42 -105.97 -18.31 -26.27
N LEU U 43 -106.30 -19.07 -25.22
CA LEU U 43 -105.35 -19.40 -24.15
C LEU U 43 -104.54 -20.66 -24.49
N PRO U 44 -103.30 -20.75 -23.98
CA PRO U 44 -102.62 -22.04 -23.84
C PRO U 44 -103.17 -22.92 -22.72
N LYS U 45 -102.74 -24.18 -22.71
CA LYS U 45 -102.93 -25.09 -21.58
C LYS U 45 -101.94 -24.80 -20.43
N TRP U 46 -100.69 -24.54 -20.79
CA TRP U 46 -99.57 -24.55 -19.81
C TRP U 46 -99.49 -23.34 -18.87
N ILE U 47 -100.32 -22.33 -19.06
CA ILE U 47 -100.21 -21.08 -18.32
C ILE U 47 -99.86 -21.23 -16.83
N ASP U 48 -100.23 -22.31 -16.18
CA ASP U 48 -99.88 -22.47 -14.77
C ASP U 48 -98.34 -22.45 -14.59
N TYR U 49 -97.62 -23.09 -15.49
CA TYR U 49 -96.14 -23.16 -15.45
C TYR U 49 -95.49 -22.00 -16.23
N VAL U 50 -94.21 -22.15 -16.53
CA VAL U 50 -93.48 -21.16 -17.32
C VAL U 50 -92.41 -20.32 -16.60
N LYS U 51 -92.76 -19.05 -16.35
CA LYS U 51 -91.90 -18.03 -15.73
C LYS U 51 -91.26 -17.15 -16.80
N THR U 52 -91.35 -17.61 -18.06
CA THR U 52 -90.89 -16.87 -19.23
C THR U 52 -89.43 -17.06 -19.66
N ALA U 53 -88.59 -17.63 -18.81
CA ALA U 53 -87.20 -17.83 -19.20
C ALA U 53 -86.45 -18.88 -18.40
N HIS U 54 -85.41 -19.42 -19.01
CA HIS U 54 -84.57 -20.40 -18.35
C HIS U 54 -83.86 -19.73 -17.18
N ALA U 55 -83.41 -18.50 -17.42
CA ALA U 55 -82.70 -17.70 -16.43
C ALA U 55 -83.51 -17.30 -15.19
N LYS U 56 -84.77 -16.94 -15.39
CA LYS U 56 -85.61 -16.52 -14.27
C LYS U 56 -85.79 -17.64 -13.25
N GLU U 57 -85.73 -17.29 -11.97
CA GLU U 57 -85.89 -18.27 -10.90
C GLU U 57 -87.29 -18.31 -10.30
N LEU U 58 -88.20 -17.54 -10.85
CA LEU U 58 -89.58 -17.50 -10.33
C LEU U 58 -90.58 -17.22 -11.44
N ALA U 59 -91.82 -17.68 -11.24
CA ALA U 59 -92.93 -17.44 -12.17
C ALA U 59 -93.41 -15.98 -12.07
N PRO U 60 -94.04 -15.45 -13.14
CA PRO U 60 -94.54 -14.06 -13.11
C PRO U 60 -95.77 -13.89 -12.21
N TYR U 61 -95.86 -12.73 -11.56
CA TYR U 61 -96.89 -12.45 -10.56
C TYR U 61 -98.25 -12.17 -11.21
N ASP U 62 -98.25 -11.32 -12.24
CA ASP U 62 -99.48 -10.90 -12.91
C ASP U 62 -100.07 -12.05 -13.73
N PRO U 63 -101.38 -12.33 -13.57
CA PRO U 63 -102.00 -13.44 -14.32
C PRO U 63 -102.20 -13.18 -15.82
N ASP U 64 -102.12 -11.91 -16.25
CA ASP U 64 -102.16 -11.54 -17.67
C ASP U 64 -100.76 -11.24 -18.23
N TRP U 65 -99.78 -12.07 -17.88
CA TRP U 65 -98.41 -11.95 -18.40
C TRP U 65 -98.28 -12.33 -19.88
N LEU U 66 -99.18 -13.17 -20.37
CA LEU U 66 -99.18 -13.60 -21.77
C LEU U 66 -99.71 -12.51 -22.71
N TYR U 67 -100.77 -11.81 -22.30
CA TYR U 67 -101.41 -10.77 -23.12
C TYR U 67 -100.50 -9.55 -23.32
N ILE U 68 -99.88 -9.10 -22.23
CA ILE U 68 -98.89 -8.00 -22.30
C ILE U 68 -97.63 -8.35 -23.11
N ARG U 69 -97.23 -9.62 -23.09
CA ARG U 69 -96.13 -10.11 -23.94
C ARG U 69 -96.52 -10.14 -25.42
N ALA U 70 -97.72 -10.64 -25.71
CA ALA U 70 -98.28 -10.62 -27.07
C ALA U 70 -98.63 -9.20 -27.56
N ALA U 71 -98.92 -8.29 -26.62
CA ALA U 71 -99.04 -6.87 -26.93
C ALA U 71 -97.70 -6.23 -27.28
N ALA U 72 -96.66 -6.57 -26.52
CA ALA U 72 -95.32 -6.00 -26.70
C ALA U 72 -94.65 -6.49 -27.98
N ILE U 73 -94.78 -7.78 -28.28
CA ILE U 73 -94.18 -8.38 -29.48
C ILE U 73 -94.80 -7.87 -30.78
N LEU U 74 -96.09 -7.53 -30.75
CA LEU U 74 -96.83 -7.10 -31.95
C LEU U 74 -96.45 -5.68 -32.38
N ARG U 75 -96.29 -4.78 -31.41
CA ARG U 75 -95.74 -3.44 -31.68
C ARG U 75 -94.25 -3.47 -32.08
N HIS U 76 -93.51 -4.44 -31.55
CA HIS U 76 -92.08 -4.59 -31.86
C HIS U 76 -91.79 -5.07 -33.29
N LEU U 77 -92.79 -5.68 -33.95
CA LEU U 77 -92.75 -5.91 -35.40
C LEU U 77 -92.75 -4.60 -36.21
N TYR U 78 -93.48 -3.60 -35.74
CA TYR U 78 -93.50 -2.27 -36.37
C TYR U 78 -92.16 -1.51 -36.22
N ILE U 79 -91.42 -1.78 -35.16
CA ILE U 79 -90.14 -1.10 -34.89
C ILE U 79 -89.05 -1.65 -35.82
N ARG U 80 -88.88 -2.97 -35.79
CA ARG U 80 -88.03 -3.70 -36.74
C ARG U 80 -88.90 -4.69 -37.53
N PRO U 81 -89.20 -4.38 -38.82
CA PRO U 81 -90.02 -5.24 -39.68
C PRO U 81 -89.62 -6.72 -39.71
N ASP U 82 -88.35 -7.00 -39.99
CA ASP U 82 -87.87 -8.37 -40.21
C ASP U 82 -87.25 -8.92 -38.92
N CYS U 83 -87.90 -9.95 -38.35
CA CYS U 83 -87.35 -10.69 -37.22
C CYS U 83 -88.07 -12.02 -37.01
N GLY U 84 -87.44 -12.92 -36.26
CA GLY U 84 -87.97 -14.26 -35.98
C GLY U 84 -87.71 -14.71 -34.56
N VAL U 85 -87.76 -16.03 -34.34
CA VAL U 85 -87.90 -16.60 -32.99
C VAL U 85 -86.60 -16.46 -32.19
N GLY U 86 -85.48 -16.77 -32.83
CA GLY U 86 -84.15 -16.50 -32.25
C GLY U 86 -83.83 -15.02 -32.06
N GLY U 87 -84.45 -14.16 -32.88
CA GLY U 87 -84.45 -12.72 -32.66
C GLY U 87 -85.18 -12.30 -31.38
N PHE U 88 -86.39 -12.81 -31.19
CA PHE U 88 -87.21 -12.50 -30.01
C PHE U 88 -86.70 -13.16 -28.71
N ARG U 89 -85.85 -14.19 -28.84
CA ARG U 89 -85.10 -14.72 -27.69
C ARG U 89 -84.07 -13.72 -27.14
N LYS U 90 -83.46 -12.93 -28.02
CA LYS U 90 -82.50 -11.89 -27.61
C LYS U 90 -83.16 -10.66 -26.97
N VAL U 91 -84.30 -10.23 -27.50
CA VAL U 91 -84.93 -8.96 -27.06
C VAL U 91 -85.53 -9.05 -25.65
N PHE U 92 -85.97 -10.24 -25.25
CA PHE U 92 -86.35 -10.52 -23.86
C PHE U 92 -85.31 -11.39 -23.15
N SER U 93 -84.02 -11.08 -23.36
CA SER U 93 -82.94 -11.66 -22.58
C SER U 93 -82.81 -10.96 -21.23
N CYS U 94 -82.00 -11.54 -20.35
CA CYS U 94 -81.89 -11.06 -18.97
C CYS U 94 -80.65 -11.61 -18.24
N ARG U 95 -80.29 -10.94 -17.16
CA ARG U 95 -79.19 -11.38 -16.29
C ARG U 95 -79.62 -12.61 -15.49
N GLN U 96 -79.11 -13.78 -15.90
CA GLN U 96 -79.14 -14.96 -15.02
C GLN U 96 -78.10 -14.82 -13.91
N ARG U 97 -78.44 -15.35 -12.74
CA ARG U 97 -77.54 -15.37 -11.60
C ARG U 97 -77.01 -16.79 -11.41
N ARG U 98 -75.74 -16.99 -11.76
CA ARG U 98 -75.16 -18.32 -11.95
C ARG U 98 -74.97 -19.03 -10.62
N GLY U 99 -74.50 -18.29 -9.63
CA GLY U 99 -74.58 -18.70 -8.22
C GLY U 99 -73.54 -17.99 -7.37
N VAL U 100 -72.53 -18.73 -6.94
CA VAL U 100 -71.27 -18.14 -6.46
C VAL U 100 -70.46 -17.46 -7.58
N ARG U 101 -70.65 -17.91 -8.82
CA ARG U 101 -69.90 -17.40 -9.98
C ARG U 101 -70.37 -15.99 -10.40
N PRO U 102 -69.61 -15.30 -11.28
CA PRO U 102 -70.09 -14.05 -11.88
C PRO U 102 -71.27 -14.21 -12.83
N ASN U 103 -71.93 -13.09 -13.12
CA ASN U 103 -73.19 -13.08 -13.86
C ASN U 103 -72.96 -13.10 -15.38
N HIS U 104 -73.95 -13.62 -16.10
CA HIS U 104 -73.90 -13.71 -17.57
C HIS U 104 -75.29 -13.49 -18.18
N THR U 105 -75.31 -13.30 -19.51
CA THR U 105 -76.56 -13.23 -20.27
C THR U 105 -77.18 -14.61 -20.47
N SER U 106 -78.47 -14.62 -20.85
CA SER U 106 -79.15 -15.84 -21.27
C SER U 106 -80.38 -15.53 -22.13
N LYS U 107 -80.73 -16.47 -23.01
CA LYS U 107 -81.80 -16.30 -23.99
C LYS U 107 -83.16 -16.66 -23.39
N ALA U 108 -84.22 -16.17 -24.04
CA ALA U 108 -85.59 -16.31 -23.56
C ALA U 108 -86.20 -17.66 -23.97
N SER U 109 -87.42 -17.91 -23.49
CA SER U 109 -88.12 -19.17 -23.75
C SER U 109 -88.67 -19.21 -25.18
N GLY U 110 -88.49 -20.35 -25.84
CA GLY U 110 -88.81 -20.51 -27.26
C GLY U 110 -90.22 -21.03 -27.56
N LYS U 111 -90.80 -21.77 -26.61
CA LYS U 111 -92.18 -22.28 -26.74
C LYS U 111 -93.19 -21.13 -26.71
N ILE U 112 -93.14 -20.33 -25.66
CA ILE U 112 -94.13 -19.27 -25.41
C ILE U 112 -94.06 -18.13 -26.43
N ILE U 113 -92.84 -17.81 -26.88
CA ILE U 113 -92.61 -16.75 -27.87
C ILE U 113 -93.04 -17.17 -29.28
N ARG U 114 -92.92 -18.47 -29.59
CA ARG U 114 -93.40 -19.01 -30.87
C ARG U 114 -94.93 -19.13 -30.92
N TYR U 115 -95.54 -19.54 -29.80
CA TYR U 115 -96.98 -19.83 -29.77
C TYR U 115 -97.83 -18.59 -30.03
N ILE U 116 -97.52 -17.49 -29.34
CA ILE U 116 -98.21 -16.21 -29.54
C ILE U 116 -98.19 -15.70 -30.99
N LEU U 117 -97.09 -15.95 -31.70
CA LEU U 117 -96.99 -15.62 -33.13
C LEU U 117 -97.92 -16.48 -34.00
N GLN U 118 -98.04 -17.77 -33.67
CA GLN U 118 -98.97 -18.68 -34.37
C GLN U 118 -100.45 -18.31 -34.17
N GLN U 119 -100.78 -17.73 -33.02
CA GLN U 119 -102.14 -17.23 -32.76
C GLN U 119 -102.45 -15.93 -33.54
N PHE U 120 -101.45 -15.07 -33.71
CA PHE U 120 -101.54 -13.94 -34.62
C PHE U 120 -101.59 -14.35 -36.10
N GLU U 121 -100.92 -15.44 -36.46
CA GLU U 121 -101.03 -16.05 -37.80
C GLU U 121 -102.43 -16.60 -38.11
N GLU U 122 -103.13 -17.11 -37.10
CA GLU U 122 -104.47 -17.67 -37.26
C GLU U 122 -105.50 -16.59 -37.62
N MET U 123 -105.44 -15.45 -36.93
CA MET U 123 -106.17 -14.24 -37.32
C MET U 123 -105.61 -13.67 -38.64
N GLY U 124 -104.28 -13.59 -38.72
CA GLY U 124 -103.59 -13.08 -39.90
C GLY U 124 -103.25 -11.60 -39.76
N LEU U 125 -102.52 -11.27 -38.69
CA LEU U 125 -101.92 -9.94 -38.51
C LEU U 125 -100.42 -10.00 -38.82
N VAL U 126 -99.75 -11.04 -38.32
CA VAL U 126 -98.32 -11.25 -38.60
C VAL U 126 -98.18 -12.57 -39.36
N GLU U 127 -97.47 -12.56 -40.48
CA GLU U 127 -97.31 -13.79 -41.28
C GLU U 127 -96.07 -13.88 -42.19
N SER U 128 -95.74 -15.10 -42.59
CA SER U 128 -94.61 -15.37 -43.49
C SER U 128 -94.98 -14.91 -44.91
N ASP U 129 -94.00 -14.59 -45.76
CA ASP U 129 -92.56 -14.70 -45.48
C ASP U 129 -92.00 -16.12 -45.55
N PRO U 130 -92.71 -17.03 -46.33
CA PRO U 130 -92.13 -18.39 -46.36
C PRO U 130 -90.71 -18.45 -46.94
N GLU U 131 -90.44 -17.75 -48.05
CA GLU U 131 -89.09 -17.72 -48.61
C GLU U 131 -88.20 -16.69 -47.91
N LYS U 132 -88.75 -15.50 -47.63
CA LYS U 132 -88.01 -14.44 -46.96
C LYS U 132 -87.80 -14.78 -45.48
N PRO U 133 -86.53 -14.75 -45.00
CA PRO U 133 -86.23 -15.19 -43.63
C PRO U 133 -86.67 -14.17 -42.58
N GLY U 134 -87.73 -14.50 -41.83
CA GLY U 134 -88.21 -13.68 -40.71
C GLY U 134 -89.64 -13.22 -40.92
N ARG U 135 -90.39 -13.13 -39.82
CA ARG U 135 -91.81 -12.73 -39.87
C ARG U 135 -91.97 -11.24 -40.12
N ARG U 136 -93.18 -10.85 -40.53
CA ARG U 136 -93.53 -9.46 -40.79
C ARG U 136 -95.04 -9.26 -40.61
N LEU U 137 -95.44 -8.05 -40.21
CA LEU U 137 -96.86 -7.70 -40.09
C LEU U 137 -97.47 -7.34 -41.45
N THR U 138 -98.73 -7.71 -41.65
CA THR U 138 -99.45 -7.49 -42.92
C THR U 138 -100.25 -6.17 -42.90
N LYS U 139 -101.11 -5.98 -43.90
CA LYS U 139 -101.91 -4.75 -44.04
C LYS U 139 -102.94 -4.61 -42.91
N ASN U 140 -103.69 -5.67 -42.67
CA ASN U 140 -104.63 -5.76 -41.55
C ASN U 140 -103.98 -5.65 -40.15
N GLY U 141 -102.69 -6.00 -40.06
CA GLY U 141 -101.92 -5.81 -38.83
C GLY U 141 -101.68 -4.36 -38.43
N GLN U 142 -101.44 -3.50 -39.43
CA GLN U 142 -101.17 -2.07 -39.17
C GLN U 142 -102.43 -1.33 -38.71
N ARG U 143 -103.53 -1.51 -39.44
CA ARG U 143 -104.82 -0.87 -39.10
C ARG U 143 -105.42 -1.33 -37.76
N GLU U 144 -105.07 -2.53 -37.31
CA GLU U 144 -105.37 -2.98 -35.94
C GLU U 144 -104.56 -2.19 -34.90
N LEU U 145 -103.29 -1.95 -35.19
CA LEU U 145 -102.41 -1.14 -34.33
C LEU U 145 -102.78 0.35 -34.33
N ASP U 146 -102.93 0.92 -35.52
CA ASP U 146 -103.02 2.38 -35.69
C ASP U 146 -104.37 2.98 -35.29
N VAL U 147 -105.44 2.17 -35.33
CA VAL U 147 -106.75 2.59 -34.83
C VAL U 147 -106.78 2.78 -33.29
N ILE U 148 -106.03 1.95 -32.57
CA ILE U 148 -105.94 2.04 -31.10
C ILE U 148 -104.81 2.96 -30.58
N ALA U 149 -103.95 3.43 -31.49
CA ALA U 149 -102.95 4.45 -31.16
C ALA U 149 -103.59 5.81 -30.86
N ARG U 150 -104.57 6.20 -31.68
CA ARG U 150 -105.33 7.44 -31.46
C ARG U 150 -106.25 7.36 -30.22
N GLN U 151 -106.71 6.16 -29.88
CA GLN U 151 -107.65 5.95 -28.77
C GLN U 151 -107.02 6.17 -27.39
N CYS U 152 -105.77 5.73 -27.22
CA CYS U 152 -105.12 5.71 -25.90
C CYS U 152 -104.75 7.10 -25.39
N ALA U 153 -104.21 7.93 -26.27
CA ALA U 153 -103.95 9.35 -25.98
C ALA U 153 -105.24 10.14 -25.75
N LYS U 154 -106.31 9.78 -26.46
CA LYS U 154 -107.65 10.34 -26.24
C LYS U 154 -108.24 9.81 -24.93
N GLN V 129 -66.27 -8.68 -78.87
CA GLN V 129 -66.20 -8.16 -77.47
C GLN V 129 -67.60 -7.79 -76.94
N ARG V 130 -67.67 -7.57 -75.63
CA ARG V 130 -68.95 -7.32 -74.94
C ARG V 130 -68.76 -6.39 -73.74
N LEU V 131 -69.83 -5.71 -73.34
CA LEU V 131 -69.81 -4.84 -72.15
C LEU V 131 -69.73 -5.67 -70.86
N HIS V 132 -68.55 -5.63 -70.23
CA HIS V 132 -68.27 -6.38 -69.00
C HIS V 132 -68.03 -5.42 -67.82
N ARG V 133 -67.90 -6.00 -66.62
CA ARG V 133 -67.55 -5.25 -65.41
C ARG V 133 -66.56 -6.06 -64.55
N ILE V 134 -65.42 -5.44 -64.23
CA ILE V 134 -64.30 -6.12 -63.54
C ILE V 134 -63.92 -5.30 -62.31
N ARG V 135 -63.70 -6.00 -61.18
CA ARG V 135 -63.35 -5.39 -59.90
C ARG V 135 -62.23 -6.18 -59.21
N ILE V 136 -60.99 -5.69 -59.34
CA ILE V 136 -59.79 -6.47 -59.05
C ILE V 136 -59.40 -6.30 -57.58
N THR V 137 -59.34 -7.41 -56.84
CA THR V 137 -58.89 -7.41 -55.45
C THR V 137 -57.37 -7.25 -55.35
N LEU V 138 -56.92 -6.51 -54.34
CA LEU V 138 -55.50 -6.43 -53.97
C LEU V 138 -55.32 -6.63 -52.47
N THR V 139 -54.38 -7.49 -52.08
CA THR V 139 -54.04 -7.72 -50.67
C THR V 139 -52.54 -7.90 -50.49
N SER V 140 -52.00 -7.28 -49.43
CA SER V 140 -50.63 -7.57 -48.98
C SER V 140 -50.44 -7.19 -47.50
N LYS V 141 -49.23 -7.45 -47.00
CA LYS V 141 -48.83 -7.03 -45.64
C LYS V 141 -48.37 -5.57 -45.60
N ASP V 142 -47.56 -5.16 -46.58
CA ASP V 142 -47.05 -3.79 -46.65
C ASP V 142 -48.10 -2.81 -47.20
N LEU V 143 -48.04 -1.57 -46.73
CA LEU V 143 -48.70 -0.44 -47.40
C LEU V 143 -47.97 -0.05 -48.70
N LYS V 144 -46.65 0.02 -48.62
CA LYS V 144 -45.82 0.56 -49.73
C LYS V 144 -45.86 -0.29 -51.00
N SER V 145 -46.10 -1.59 -50.85
CA SER V 145 -46.22 -2.50 -51.99
C SER V 145 -47.49 -2.26 -52.83
N ILE V 146 -48.60 -1.96 -52.17
CA ILE V 146 -49.89 -1.73 -52.84
C ILE V 146 -49.95 -0.33 -53.47
N GLU V 147 -49.38 0.67 -52.79
CA GLU V 147 -49.35 2.06 -53.32
C GLU V 147 -48.50 2.24 -54.59
N ARG V 148 -47.60 1.29 -54.86
CA ARG V 148 -47.04 1.10 -56.21
C ARG V 148 -48.12 0.64 -57.20
N VAL V 149 -48.83 -0.42 -56.82
CA VAL V 149 -49.79 -1.10 -57.71
C VAL V 149 -51.01 -0.23 -58.02
N CYS V 150 -51.53 0.48 -57.02
CA CYS V 150 -52.68 1.38 -57.19
C CYS V 150 -52.38 2.54 -58.15
N THR V 151 -51.20 3.14 -58.00
CA THR V 151 -50.73 4.19 -58.91
C THR V 151 -50.42 3.68 -60.32
N GLU V 152 -49.82 2.50 -60.42
CA GLU V 152 -49.36 1.96 -61.70
C GLU V 152 -50.50 1.46 -62.59
N LEU V 153 -51.40 0.66 -62.03
CA LEU V 153 -52.45 -0.01 -62.82
C LEU V 153 -53.59 0.92 -63.28
N ILE V 154 -53.80 2.03 -62.56
CA ILE V 154 -54.73 3.08 -63.01
C ILE V 154 -54.14 3.88 -64.19
N ASN V 155 -52.85 4.19 -64.11
CA ASN V 155 -52.10 4.76 -65.25
C ASN V 155 -51.93 3.78 -66.41
N GLY V 156 -51.83 2.48 -66.10
CA GLY V 156 -51.87 1.42 -67.10
C GLY V 156 -53.21 1.26 -67.80
N ALA V 157 -54.30 1.50 -67.06
CA ALA V 157 -55.64 1.62 -67.65
C ALA V 157 -55.79 2.89 -68.51
N LYS V 158 -55.24 4.01 -68.03
CA LYS V 158 -55.31 5.29 -68.75
C LYS V 158 -54.37 5.42 -69.97
N GLU V 159 -53.58 4.38 -70.25
CA GLU V 159 -53.05 4.15 -71.60
C GLU V 159 -54.19 3.93 -72.60
N LYS V 160 -55.05 2.97 -72.29
CA LYS V 160 -56.21 2.62 -73.13
C LYS V 160 -57.46 3.48 -72.84
N ASN V 161 -57.47 4.17 -71.70
CA ASN V 161 -58.57 5.06 -71.28
C ASN V 161 -59.90 4.30 -71.10
N LEU V 162 -59.88 3.34 -70.18
CA LEU V 162 -61.08 2.59 -69.78
C LEU V 162 -61.84 3.37 -68.70
N GLN V 163 -63.04 2.89 -68.38
CA GLN V 163 -63.89 3.52 -67.36
C GLN V 163 -63.41 3.15 -65.95
N VAL V 164 -62.42 3.89 -65.45
CA VAL V 164 -61.82 3.65 -64.13
C VAL V 164 -62.61 4.38 -63.05
N ALA V 165 -62.88 3.68 -61.94
CA ALA V 165 -63.10 4.32 -60.64
C ALA V 165 -61.89 4.12 -59.74
N GLY V 166 -61.73 5.00 -58.76
CA GLY V 166 -60.56 5.02 -57.89
C GLY V 166 -60.53 3.87 -56.88
N PRO V 167 -59.38 3.64 -56.23
CA PRO V 167 -59.16 2.43 -55.44
C PRO V 167 -59.90 2.47 -54.10
N VAL V 168 -60.87 1.58 -53.94
CA VAL V 168 -61.77 1.59 -52.77
C VAL V 168 -61.08 0.90 -51.59
N ARG V 169 -60.67 1.71 -50.61
CA ARG V 169 -59.87 1.22 -49.47
C ARG V 169 -60.77 0.68 -48.36
N LEU V 170 -60.78 -0.65 -48.21
CA LEU V 170 -61.61 -1.33 -47.20
C LEU V 170 -60.96 -1.20 -45.81
N PRO V 171 -61.74 -1.51 -44.74
CA PRO V 171 -61.15 -1.50 -43.39
C PRO V 171 -60.05 -2.53 -43.17
N VAL V 172 -59.10 -2.18 -42.30
CA VAL V 172 -57.86 -2.93 -42.11
C VAL V 172 -58.09 -4.07 -41.11
N LYS V 173 -57.93 -5.31 -41.56
CA LYS V 173 -58.03 -6.48 -40.69
C LYS V 173 -56.71 -6.71 -39.95
N THR V 174 -56.60 -6.10 -38.77
CA THR V 174 -55.44 -6.30 -37.89
C THR V 174 -55.54 -7.62 -37.15
N LEU V 175 -54.62 -8.54 -37.42
CA LEU V 175 -54.49 -9.80 -36.67
C LEU V 175 -53.61 -9.58 -35.45
N ARG V 176 -53.84 -10.39 -34.41
CA ARG V 176 -53.22 -10.17 -33.09
C ARG V 176 -52.94 -11.50 -32.39
N ILE V 177 -51.70 -11.67 -31.91
CA ILE V 177 -51.35 -12.70 -30.94
C ILE V 177 -50.65 -12.03 -29.74
N THR V 178 -51.04 -12.44 -28.53
CA THR V 178 -50.32 -12.09 -27.30
C THR V 178 -49.84 -13.36 -26.61
N THR V 179 -48.54 -13.63 -26.70
CA THR V 179 -47.87 -14.66 -25.90
C THR V 179 -47.09 -14.03 -24.74
N ARG V 180 -46.76 -14.85 -23.76
CA ARG V 180 -45.79 -14.46 -22.72
C ARG V 180 -44.37 -14.38 -23.30
N LYS V 181 -43.59 -13.43 -22.79
CA LYS V 181 -42.19 -13.25 -23.22
C LYS V 181 -41.31 -14.40 -22.73
N SER V 182 -41.41 -14.71 -21.44
CA SER V 182 -40.56 -15.72 -20.81
C SER V 182 -40.89 -17.13 -21.30
N PRO V 183 -39.89 -18.03 -21.38
CA PRO V 183 -40.18 -19.45 -21.62
C PRO V 183 -40.82 -20.15 -20.41
N CYS V 184 -40.29 -19.88 -19.22
CA CYS V 184 -40.80 -20.45 -17.97
C CYS V 184 -41.56 -19.37 -17.18
N GLY V 185 -42.08 -19.75 -16.01
CA GLY V 185 -42.95 -18.88 -15.22
C GLY V 185 -42.31 -17.71 -14.48
N GLU V 186 -40.98 -17.69 -14.39
CA GLU V 186 -40.27 -16.80 -13.45
C GLU V 186 -40.26 -15.34 -13.87
N GLY V 187 -40.04 -14.47 -12.89
CA GLY V 187 -40.14 -13.02 -13.07
C GLY V 187 -41.58 -12.52 -13.09
N THR V 188 -41.74 -11.25 -13.43
CA THR V 188 -43.07 -10.67 -13.66
C THR V 188 -43.66 -11.18 -14.97
N ASN V 189 -44.96 -11.39 -14.98
CA ASN V 189 -45.66 -12.00 -16.12
C ASN V 189 -45.85 -10.99 -17.24
N THR V 190 -44.80 -10.84 -18.06
CA THR V 190 -44.78 -9.87 -19.16
C THR V 190 -45.24 -10.50 -20.46
N TRP V 191 -45.73 -9.66 -21.38
CA TRP V 191 -46.42 -10.11 -22.59
C TRP V 191 -45.94 -9.33 -23.82
N ASP V 192 -45.74 -10.04 -24.93
CA ASP V 192 -45.70 -9.43 -26.26
C ASP V 192 -47.10 -9.02 -26.72
N ARG V 193 -47.16 -8.02 -27.60
CA ARG V 193 -48.36 -7.70 -28.37
C ARG V 193 -48.03 -7.65 -29.86
N PHE V 194 -47.95 -8.83 -30.47
CA PHE V 194 -47.65 -8.97 -31.90
C PHE V 194 -48.85 -8.57 -32.77
N GLU V 195 -48.56 -8.12 -33.98
CA GLU V 195 -49.58 -7.69 -34.93
C GLU V 195 -49.16 -7.93 -36.39
N LEU V 196 -50.07 -8.50 -37.18
CA LEU V 196 -50.08 -8.30 -38.64
C LEU V 196 -51.08 -7.21 -39.03
N ARG V 197 -50.97 -6.74 -40.27
CA ARG V 197 -51.97 -5.89 -40.90
C ARG V 197 -52.21 -6.32 -42.34
N ILE V 198 -53.48 -6.34 -42.75
CA ILE V 198 -53.88 -6.79 -44.09
C ILE V 198 -54.75 -5.70 -44.74
N TYR V 199 -54.45 -5.39 -46.01
CA TYR V 199 -55.01 -4.22 -46.70
C TYR V 199 -55.75 -4.63 -47.97
N LYS V 200 -57.05 -4.90 -47.84
CA LYS V 200 -57.93 -5.13 -48.98
C LYS V 200 -58.22 -3.82 -49.71
N ARG V 201 -57.91 -3.78 -51.01
CA ARG V 201 -58.14 -2.60 -51.86
C ARG V 201 -58.60 -3.02 -53.26
N LEU V 202 -59.52 -2.26 -53.83
CA LEU V 202 -60.34 -2.68 -54.98
C LEU V 202 -60.30 -1.65 -56.11
N ILE V 203 -59.62 -1.99 -57.20
CA ILE V 203 -59.65 -1.19 -58.43
C ILE V 203 -60.88 -1.60 -59.26
N ASP V 204 -61.73 -0.62 -59.58
CA ASP V 204 -62.96 -0.86 -60.35
C ASP V 204 -62.73 -0.57 -61.83
N LEU V 205 -63.37 -1.37 -62.69
CA LEU V 205 -63.33 -1.18 -64.15
C LEU V 205 -64.66 -1.53 -64.82
N HIS V 206 -64.86 -1.04 -66.04
CA HIS V 206 -65.89 -1.55 -66.94
C HIS V 206 -65.29 -1.79 -68.34
N SER V 207 -64.86 -3.03 -68.58
CA SER V 207 -64.10 -3.38 -69.79
C SER V 207 -64.04 -4.90 -69.97
N PRO V 208 -63.84 -5.37 -71.23
CA PRO V 208 -63.75 -6.82 -71.48
C PRO V 208 -62.45 -7.45 -70.98
N SER V 209 -62.45 -8.77 -70.81
CA SER V 209 -61.39 -9.49 -70.10
C SER V 209 -60.10 -9.65 -70.90
N ASP V 210 -60.21 -9.64 -72.24
CA ASP V 210 -59.02 -9.69 -73.12
C ASP V 210 -58.14 -8.43 -73.03
N VAL V 211 -58.75 -7.28 -72.71
CA VAL V 211 -58.04 -6.01 -72.56
C VAL V 211 -57.19 -5.98 -71.28
N VAL V 212 -57.71 -6.55 -70.19
CA VAL V 212 -57.12 -6.39 -68.85
C VAL V 212 -55.87 -7.27 -68.65
N LYS V 213 -55.75 -8.37 -69.40
CA LYS V 213 -54.64 -9.32 -69.25
C LYS V 213 -53.26 -8.73 -69.55
N GLN V 214 -53.19 -7.75 -70.46
CA GLN V 214 -51.96 -6.98 -70.71
C GLN V 214 -51.55 -6.12 -69.50
N ILE V 215 -52.53 -5.51 -68.84
CA ILE V 215 -52.29 -4.56 -67.74
C ILE V 215 -51.77 -5.28 -66.49
N THR V 216 -52.40 -6.41 -66.14
CA THR V 216 -52.07 -7.14 -64.92
C THR V 216 -50.76 -7.95 -65.01
N SER V 217 -50.51 -8.55 -66.17
CA SER V 217 -49.41 -9.52 -66.33
C SER V 217 -48.03 -8.86 -66.27
N ILE V 218 -47.90 -7.69 -66.89
CA ILE V 218 -46.74 -6.80 -66.66
C ILE V 218 -46.95 -6.04 -65.35
N ASN V 219 -45.85 -5.78 -64.64
CA ASN V 219 -45.86 -5.15 -63.31
C ASN V 219 -46.54 -6.00 -62.24
N ILE V 220 -46.03 -7.22 -62.05
CA ILE V 220 -46.32 -8.04 -60.87
C ILE V 220 -45.30 -7.74 -59.78
N ASP V 221 -45.78 -7.59 -58.54
CA ASP V 221 -44.95 -7.14 -57.41
C ASP V 221 -44.47 -8.33 -56.56
N PRO V 222 -43.37 -8.15 -55.80
CA PRO V 222 -42.89 -9.21 -54.90
C PRO V 222 -43.71 -9.30 -53.61
N GLY V 223 -44.39 -10.42 -53.42
CA GLY V 223 -45.14 -10.70 -52.19
C GLY V 223 -46.42 -9.90 -52.06
N VAL V 224 -47.20 -9.86 -53.14
CA VAL V 224 -48.51 -9.20 -53.16
C VAL V 224 -49.51 -10.11 -53.89
N GLU V 225 -50.46 -10.67 -53.14
CA GLU V 225 -51.47 -11.57 -53.70
C GLU V 225 -52.56 -10.79 -54.41
N VAL V 226 -52.75 -11.06 -55.70
CA VAL V 226 -53.69 -10.34 -56.56
C VAL V 226 -54.56 -11.33 -57.34
N GLU V 227 -55.86 -11.04 -57.43
CA GLU V 227 -56.83 -11.92 -58.09
C GLU V 227 -57.87 -11.10 -58.87
N VAL V 228 -57.91 -11.30 -60.19
CA VAL V 228 -58.83 -10.58 -61.06
C VAL V 228 -60.18 -11.32 -61.09
N THR V 229 -61.27 -10.55 -61.10
CA THR V 229 -62.63 -11.10 -61.03
C THR V 229 -63.61 -10.28 -61.85
N ILE V 230 -64.34 -10.95 -62.75
CA ILE V 230 -65.50 -10.37 -63.44
C ILE V 230 -66.69 -10.35 -62.48
N ILE V 231 -67.44 -9.25 -62.49
CA ILE V 231 -68.47 -8.93 -61.48
C ILE V 231 -67.87 -8.89 -60.07
N MET W 1 34.71 14.61 -23.96
CA MET W 1 34.83 13.13 -23.77
C MET W 1 35.64 12.52 -24.91
N GLN W 2 36.96 12.46 -24.72
CA GLN W 2 37.89 11.89 -25.70
C GLN W 2 38.28 10.45 -25.34
N ASN W 3 39.00 9.80 -26.24
CA ASN W 3 39.62 8.49 -25.97
C ASN W 3 40.84 8.24 -26.86
N ASP W 4 41.88 7.65 -26.26
CA ASP W 4 43.13 7.27 -26.97
C ASP W 4 43.83 8.48 -27.61
N GLU W 5 43.37 8.89 -28.79
CA GLU W 5 43.88 10.09 -29.49
C GLU W 5 42.76 10.72 -30.31
N GLY W 6 42.21 11.83 -29.80
CA GLY W 6 41.11 12.51 -30.46
C GLY W 6 39.81 11.74 -30.37
N ARG W 7 38.93 11.95 -31.36
CA ARG W 7 37.60 11.32 -31.44
C ARG W 7 36.73 11.62 -30.22
N ILE W 8 35.98 12.72 -30.29
CA ILE W 8 35.10 13.14 -29.21
C ILE W 8 33.91 12.17 -29.15
N VAL W 9 34.06 11.13 -28.34
CA VAL W 9 33.05 10.10 -28.16
C VAL W 9 31.84 10.64 -27.42
N ASP W 10 30.69 10.02 -27.70
CA ASP W 10 29.38 10.36 -27.14
C ASP W 10 28.58 11.15 -28.17
N LEU W 11 27.26 11.18 -28.04
CA LEU W 11 26.47 11.91 -29.00
C LEU W 11 25.93 13.24 -28.52
N TYR W 12 26.55 14.32 -28.99
CA TYR W 12 26.16 15.70 -28.69
C TYR W 12 26.61 16.20 -27.34
N ILE W 13 26.46 17.50 -27.13
CA ILE W 13 26.82 18.13 -25.87
C ILE W 13 25.64 18.99 -25.40
N PRO W 14 25.19 18.77 -24.17
CA PRO W 14 24.06 19.52 -23.62
C PRO W 14 24.40 21.00 -23.48
N ARG W 15 23.44 21.86 -23.78
CA ARG W 15 23.64 23.30 -23.66
C ARG W 15 23.79 23.65 -22.20
N LYS W 16 24.57 24.69 -21.91
CA LYS W 16 24.78 25.10 -20.52
C LYS W 16 23.99 26.38 -20.29
N CYS W 17 23.12 26.36 -19.27
CA CYS W 17 22.31 27.53 -18.97
C CYS W 17 23.17 28.71 -18.61
N SER W 18 22.88 29.86 -19.20
CA SER W 18 23.65 31.08 -18.93
C SER W 18 23.55 31.59 -17.51
N ALA W 19 22.34 31.57 -16.96
CA ALA W 19 22.14 32.05 -15.60
C ALA W 19 22.86 31.24 -14.52
N THR W 20 22.80 29.91 -14.62
CA THR W 20 23.44 29.07 -13.63
C THR W 20 24.67 28.29 -14.10
N GLY W 21 24.84 28.17 -15.41
CA GLY W 21 25.98 27.45 -15.94
C GLY W 21 25.82 25.95 -15.79
N ARG W 22 24.61 25.52 -15.45
CA ARG W 22 24.31 24.12 -15.26
C ARG W 22 23.66 23.56 -16.51
N LEU W 23 24.09 22.37 -16.91
CA LEU W 23 23.59 21.73 -18.12
C LEU W 23 22.11 21.42 -18.19
N ILE W 24 21.55 21.66 -19.36
CA ILE W 24 20.16 21.39 -19.73
C ILE W 24 20.09 19.99 -20.35
N PRO W 25 19.34 19.06 -19.73
CA PRO W 25 19.23 17.70 -20.28
C PRO W 25 18.27 17.62 -21.46
N ALA W 26 18.05 16.40 -21.96
CA ALA W 26 17.19 16.15 -23.12
C ALA W 26 15.72 16.50 -22.86
N LYS W 27 15.19 16.06 -21.71
CA LYS W 27 13.74 16.10 -21.44
C LYS W 27 13.31 17.27 -20.55
N GLU W 28 14.17 18.27 -20.36
CA GLU W 28 13.75 19.55 -19.77
C GLU W 28 12.98 20.38 -20.81
N HIS W 29 11.65 20.23 -20.82
CA HIS W 29 10.79 20.95 -21.75
C HIS W 29 10.48 22.39 -21.33
N GLY W 30 10.86 22.77 -20.10
CA GLY W 30 10.81 24.16 -19.64
C GLY W 30 12.02 25.04 -19.96
N ALA W 31 12.99 24.51 -20.72
CA ALA W 31 14.15 25.28 -21.14
C ALA W 31 13.82 26.29 -22.24
N VAL W 32 14.69 27.28 -22.39
CA VAL W 32 14.49 28.43 -23.29
C VAL W 32 15.78 28.68 -24.06
N GLN W 33 15.66 29.22 -25.28
CA GLN W 33 16.76 29.91 -25.96
C GLN W 33 16.28 31.19 -26.64
N ILE W 34 16.66 32.33 -26.06
CA ILE W 34 16.32 33.65 -26.60
C ILE W 34 17.34 34.05 -27.66
N ASN W 35 16.86 34.69 -28.73
CA ASN W 35 17.71 35.51 -29.60
C ASN W 35 17.32 36.99 -29.48
N VAL W 36 18.32 37.85 -29.28
CA VAL W 36 18.11 39.31 -29.19
C VAL W 36 18.93 40.01 -30.28
N GLY W 37 18.24 40.66 -31.21
CA GLY W 37 18.86 41.20 -32.42
C GLY W 37 19.62 42.49 -32.20
N GLN W 38 20.75 42.64 -32.88
CA GLN W 38 21.57 43.85 -32.80
C GLN W 38 21.05 44.93 -33.77
N VAL W 39 21.65 46.12 -33.69
CA VAL W 39 21.36 47.21 -34.63
C VAL W 39 22.65 47.89 -35.11
N ASP W 40 22.63 48.38 -36.35
CA ASP W 40 23.66 49.30 -36.85
C ASP W 40 23.37 50.74 -36.43
N GLU W 41 24.26 51.66 -36.83
CA GLU W 41 24.01 53.11 -36.66
C GLU W 41 22.77 53.56 -37.45
N HIS W 42 21.99 54.45 -36.85
CA HIS W 42 20.55 54.65 -37.13
C HIS W 42 19.80 53.37 -37.56
N GLY W 43 19.96 52.31 -36.76
CA GLY W 43 19.23 51.05 -36.95
C GLY W 43 17.83 51.13 -36.35
N ARG W 44 16.95 50.15 -36.61
CA ARG W 44 16.93 49.26 -37.80
C ARG W 44 17.92 48.08 -37.71
N TYR W 45 17.86 47.19 -38.70
CA TYR W 45 18.68 45.97 -38.80
C TYR W 45 18.27 44.86 -37.81
N THR W 46 18.33 43.62 -38.29
CA THR W 46 18.47 42.44 -37.44
C THR W 46 19.25 41.33 -38.18
N GLY W 47 19.36 40.16 -37.55
CA GLY W 47 20.00 38.98 -38.16
C GLY W 47 21.32 38.63 -37.51
N GLU W 48 22.10 39.64 -37.15
CA GLU W 48 23.15 39.52 -36.13
C GLU W 48 22.53 39.67 -34.75
N TYR W 49 22.86 38.74 -33.83
CA TYR W 49 22.23 38.68 -32.52
C TYR W 49 23.16 38.11 -31.44
N HIS W 50 22.82 38.38 -30.18
CA HIS W 50 23.34 37.62 -29.03
C HIS W 50 22.34 36.53 -28.65
N ALA W 51 22.73 35.26 -28.85
CA ALA W 51 21.99 34.12 -28.33
C ALA W 51 22.22 33.97 -26.82
N VAL W 52 21.20 33.44 -26.13
CA VAL W 52 21.28 33.18 -24.69
C VAL W 52 20.21 32.17 -24.27
N ALA W 53 20.61 31.22 -23.42
CA ALA W 53 19.76 30.08 -23.04
C ALA W 53 19.67 29.99 -21.52
N ILE W 54 18.48 29.60 -21.03
CA ILE W 54 18.21 29.48 -19.59
C ILE W 54 17.21 28.37 -19.31
N SER W 55 17.44 27.65 -18.20
CA SER W 55 16.73 26.40 -17.91
C SER W 55 15.44 26.65 -17.14
N GLY W 56 14.54 25.66 -17.17
CA GLY W 56 13.30 25.69 -16.40
C GLY W 56 13.45 25.64 -14.88
N ALA W 57 14.61 25.20 -14.40
CA ALA W 57 14.99 25.35 -12.99
C ALA W 57 15.05 26.82 -12.55
N VAL W 58 15.62 27.66 -13.41
CA VAL W 58 15.76 29.10 -13.12
C VAL W 58 14.42 29.82 -13.26
N ARG W 59 13.60 29.41 -14.24
CA ARG W 59 12.34 30.09 -14.55
C ARG W 59 11.27 29.90 -13.48
N GLN W 60 11.12 28.67 -12.98
CA GLN W 60 10.09 28.36 -11.98
C GLN W 60 10.33 28.99 -10.59
N ARG W 61 11.57 29.40 -10.31
CA ARG W 61 11.85 30.31 -9.19
C ARG W 61 11.20 31.68 -9.34
N GLY W 62 11.18 32.19 -10.57
CA GLY W 62 10.91 33.60 -10.85
C GLY W 62 12.15 34.45 -11.07
N GLU W 63 13.32 33.81 -11.12
CA GLU W 63 14.62 34.50 -11.21
C GLU W 63 15.18 34.49 -12.64
N SER W 64 14.32 34.26 -13.63
CA SER W 64 14.70 34.31 -15.04
C SER W 64 15.11 35.72 -15.47
N ASP W 65 14.26 36.70 -15.16
CA ASP W 65 14.42 38.06 -15.68
C ASP W 65 15.57 38.83 -15.03
N ALA W 66 15.73 38.65 -13.71
CA ALA W 66 16.84 39.28 -12.97
C ALA W 66 18.21 38.83 -13.46
N CYS W 67 18.33 37.55 -13.81
CA CYS W 67 19.55 37.01 -14.43
C CYS W 67 19.71 37.41 -15.90
N LEU W 68 18.60 37.49 -16.63
CA LEU W 68 18.63 37.90 -18.05
C LEU W 68 18.94 39.40 -18.26
N ASN W 69 18.68 40.23 -17.24
CA ASN W 69 19.21 41.60 -17.21
C ASN W 69 20.73 41.65 -17.12
N ARG W 70 21.29 40.85 -16.20
CA ARG W 70 22.74 40.73 -16.02
C ARG W 70 23.45 40.25 -17.28
N LEU W 71 22.83 39.31 -18.00
CA LEU W 71 23.42 38.74 -19.22
C LEU W 71 23.37 39.67 -20.44
N MET W 72 22.52 40.70 -20.41
CA MET W 72 22.54 41.77 -21.40
C MET W 72 22.65 43.17 -20.78
N HIS W 73 23.33 43.26 -19.63
CA HIS W 73 24.05 44.47 -19.22
C HIS W 73 25.50 44.44 -19.72
N GLU W 74 26.17 43.30 -19.53
CA GLU W 74 27.57 43.13 -19.93
C GLU W 74 27.80 43.19 -21.45
N LYS W 75 26.77 42.88 -22.24
CA LYS W 75 26.81 43.03 -23.69
C LYS W 75 26.89 44.50 -24.11
N GLY W 76 26.12 45.35 -23.43
CA GLY W 76 26.12 46.79 -23.66
C GLY W 76 24.75 47.44 -23.57
N LEU W 77 23.73 46.73 -24.05
CA LEU W 77 22.48 47.36 -24.49
C LEU W 77 21.46 47.67 -23.38
N LEU W 78 21.81 47.38 -22.12
CA LEU W 78 21.10 47.92 -20.96
C LEU W 78 22.06 48.67 -20.03
N SER W 79 21.47 49.46 -19.11
CA SER W 79 22.23 50.32 -18.20
C SER W 79 21.64 50.28 -16.78
N PHE W 80 21.55 49.06 -16.24
CA PHE W 80 21.21 48.85 -14.82
C PHE W 80 22.48 48.68 -14.00
N VAL X 2 28.38 24.19 20.89
CA VAL X 2 27.89 25.28 19.99
C VAL X 2 28.39 25.08 18.56
N ARG X 3 29.64 25.45 18.28
CA ARG X 3 30.14 25.61 16.91
C ARG X 3 31.54 25.00 16.78
N MET X 4 31.59 23.70 16.50
CA MET X 4 32.79 22.90 16.76
C MET X 4 33.75 23.00 15.57
N ASN X 5 33.26 22.65 14.39
CA ASN X 5 34.03 22.72 13.15
C ASN X 5 33.70 23.98 12.36
N VAL X 6 34.72 24.80 12.10
CA VAL X 6 34.56 26.04 11.34
C VAL X 6 34.46 25.74 9.84
N LEU X 7 35.32 24.84 9.36
CA LEU X 7 35.29 24.39 7.97
C LEU X 7 33.97 23.69 7.59
N ALA X 8 33.40 22.94 8.53
CA ALA X 8 32.19 22.15 8.26
C ALA X 8 30.96 23.00 8.00
N ASP X 9 30.84 24.12 8.70
CA ASP X 9 29.77 25.10 8.47
C ASP X 9 29.87 25.78 7.10
N CYS X 10 31.09 26.12 6.67
CA CYS X 10 31.31 26.97 5.49
C CYS X 10 31.06 26.23 4.17
N LEU X 11 31.39 24.93 4.13
CA LEU X 11 31.17 24.12 2.93
C LEU X 11 29.69 23.76 2.72
N LYS X 12 28.94 23.60 3.81
CA LYS X 12 27.47 23.53 3.74
C LYS X 12 26.85 24.86 3.32
N THR X 13 27.39 25.97 3.83
CA THR X 13 27.00 27.31 3.38
C THR X 13 27.31 27.54 1.90
N LEU X 14 28.45 27.02 1.45
CA LEU X 14 28.84 27.10 0.04
C LEU X 14 27.92 26.27 -0.85
N VAL X 15 27.78 24.98 -0.52
CA VAL X 15 27.08 24.02 -1.39
C VAL X 15 25.57 24.25 -1.47
N ASN X 16 24.98 24.84 -0.43
CA ASN X 16 23.59 25.33 -0.49
C ASN X 16 23.43 26.43 -1.53
N ALA X 17 24.20 27.50 -1.37
CA ALA X 17 24.12 28.67 -2.24
C ALA X 17 24.76 28.44 -3.62
N GLU X 18 25.49 27.35 -3.78
CA GLU X 18 25.78 26.79 -5.10
C GLU X 18 24.52 26.26 -5.80
N LYS X 19 23.77 25.41 -5.11
CA LYS X 19 22.60 24.73 -5.69
C LYS X 19 21.44 25.68 -5.98
N ARG X 20 21.26 26.68 -5.13
CA ARG X 20 20.35 27.81 -5.40
C ARG X 20 20.78 28.61 -6.64
N GLY X 21 22.09 28.74 -6.83
CA GLY X 21 22.65 29.30 -8.07
C GLY X 21 22.98 30.77 -7.92
N ARG X 22 23.74 31.09 -6.87
CA ARG X 22 24.19 32.46 -6.61
C ARG X 22 25.53 32.71 -7.29
N ARG X 23 25.80 33.97 -7.62
CA ARG X 23 27.08 34.36 -8.24
C ARG X 23 28.22 34.34 -7.22
N GLN X 24 27.97 34.92 -6.05
CA GLN X 24 28.95 34.94 -4.96
C GLN X 24 28.28 34.80 -3.59
N VAL X 25 29.03 34.23 -2.63
CA VAL X 25 28.55 33.99 -1.26
C VAL X 25 29.59 34.50 -0.25
N LEU X 26 29.12 34.94 0.91
CA LEU X 26 29.99 35.23 2.05
C LEU X 26 29.91 34.12 3.10
N ILE X 27 31.02 33.84 3.76
CA ILE X 27 31.09 32.84 4.84
C ILE X 27 31.82 33.38 6.05
N ARG X 28 31.63 32.72 7.18
CA ARG X 28 31.93 33.27 8.50
C ARG X 28 31.97 32.13 9.51
N PRO X 29 33.04 31.97 10.31
CA PRO X 29 33.93 33.07 10.73
C PRO X 29 35.30 33.16 10.02
N SER X 30 35.54 32.35 8.99
CA SER X 30 36.84 32.28 8.29
C SER X 30 38.02 31.75 9.14
N SER X 31 39.01 31.17 8.48
CA SER X 31 40.20 30.64 9.16
C SER X 31 41.38 30.45 8.19
N LYS X 32 42.52 30.06 8.77
CA LYS X 32 43.72 29.69 8.02
C LYS X 32 43.54 28.38 7.25
N VAL X 33 42.73 27.47 7.79
CA VAL X 33 42.45 26.18 7.13
C VAL X 33 41.55 26.36 5.90
N ILE X 34 40.56 27.26 6.00
CA ILE X 34 39.60 27.46 4.91
C ILE X 34 40.26 28.08 3.69
N ILE X 35 41.07 29.12 3.89
CA ILE X 35 41.81 29.74 2.77
C ILE X 35 42.76 28.75 2.06
N LYS X 36 43.36 27.84 2.81
CA LYS X 36 44.18 26.76 2.24
C LYS X 36 43.34 25.68 1.56
N PHE X 37 42.17 25.38 2.12
CA PHE X 37 41.19 24.48 1.49
C PHE X 37 40.58 25.07 0.22
N LEU X 38 40.28 26.37 0.25
CA LEU X 38 39.79 27.09 -0.94
C LEU X 38 40.89 27.29 -1.99
N GLN X 39 42.14 27.42 -1.55
CA GLN X 39 43.29 27.54 -2.48
C GLN X 39 43.49 26.30 -3.37
N CYS X 40 43.26 25.11 -2.81
CA CYS X 40 43.42 23.86 -3.56
C CYS X 40 42.17 23.40 -4.33
N MET X 41 41.02 24.03 -4.06
CA MET X 41 39.92 24.09 -5.04
C MET X 41 40.28 24.98 -6.23
N GLN X 42 40.87 26.13 -5.94
CA GLN X 42 41.10 27.20 -6.92
C GLN X 42 42.13 26.82 -8.00
N ARG X 43 43.11 25.99 -7.63
CA ARG X 43 44.07 25.44 -8.60
C ARG X 43 43.40 24.56 -9.65
N ARG X 44 42.54 23.65 -9.18
CA ARG X 44 41.85 22.70 -10.06
C ARG X 44 40.72 23.36 -10.86
N GLY X 45 40.31 24.57 -10.48
CA GLY X 45 39.44 25.42 -11.29
C GLY X 45 37.96 25.28 -10.94
N TYR X 46 37.68 25.09 -9.66
CA TYR X 46 36.31 24.85 -9.17
C TYR X 46 35.63 26.12 -8.66
N ILE X 47 36.41 27.11 -8.22
CA ILE X 47 35.91 28.45 -7.91
C ILE X 47 36.84 29.54 -8.45
N GLY X 48 36.31 30.75 -8.60
CA GLY X 48 37.08 31.92 -9.04
C GLY X 48 37.89 32.55 -7.93
N ASP X 49 37.98 33.87 -7.95
CA ASP X 49 38.67 34.64 -6.89
C ASP X 49 37.88 34.62 -5.57
N PHE X 50 38.56 34.97 -4.49
CA PHE X 50 37.89 35.37 -3.25
C PHE X 50 38.67 36.41 -2.46
N GLU X 51 37.95 37.39 -1.93
CA GLU X 51 38.49 38.31 -0.92
C GLU X 51 38.33 37.74 0.49
N ILE X 52 39.00 38.35 1.44
CA ILE X 52 38.90 37.98 2.84
C ILE X 52 38.95 39.29 3.59
N VAL X 53 37.79 39.84 3.97
CA VAL X 53 37.78 41.12 4.66
C VAL X 53 38.46 41.06 6.02
N ASP X 54 39.33 42.04 6.28
CA ASP X 54 40.06 42.08 7.53
C ASP X 54 39.35 42.87 8.63
N ASP X 55 38.19 42.41 9.07
CA ASP X 55 37.50 43.08 10.15
C ASP X 55 38.31 42.68 11.37
N HIS X 56 38.22 43.42 12.46
CA HIS X 56 38.98 43.04 13.64
C HIS X 56 38.19 41.96 14.35
N ARG X 57 38.25 40.77 13.78
CA ARG X 57 37.55 39.60 14.29
C ARG X 57 38.03 38.39 13.51
N ALA X 58 37.26 37.31 13.53
CA ALA X 58 37.65 36.11 12.83
C ALA X 58 37.78 36.47 11.36
N GLY X 59 36.88 37.32 10.87
CA GLY X 59 36.89 37.76 9.49
C GLY X 59 35.87 37.06 8.60
N LYS X 60 35.56 37.70 7.48
CA LYS X 60 34.58 37.17 6.53
C LYS X 60 35.24 36.91 5.19
N ILE X 61 34.98 35.74 4.62
CA ILE X 61 35.53 35.41 3.33
C ILE X 61 34.42 35.47 2.31
N VAL X 62 34.61 36.27 1.26
CA VAL X 62 33.62 36.38 0.22
C VAL X 62 34.22 35.77 -1.04
N ILE X 63 33.55 34.75 -1.56
CA ILE X 63 34.04 34.08 -2.78
C ILE X 63 33.13 34.36 -3.97
N GLU X 64 33.74 34.80 -5.07
CA GLU X 64 33.21 34.58 -6.41
C GLU X 64 33.27 33.09 -6.72
N LEU X 65 32.21 32.55 -7.32
CA LEU X 65 32.14 31.14 -7.71
C LEU X 65 31.46 30.93 -9.07
N LEU X 66 31.75 29.76 -9.66
CA LEU X 66 31.19 29.35 -10.94
C LEU X 66 30.22 28.18 -10.72
N GLY X 67 29.51 27.79 -11.78
CA GLY X 67 28.53 26.70 -11.70
C GLY X 67 29.14 25.33 -11.87
N ARG X 68 30.08 24.97 -11.00
CA ARG X 68 31.08 23.93 -11.30
C ARG X 68 31.14 22.83 -10.23
N ILE X 69 31.28 23.22 -8.96
CA ILE X 69 31.09 22.29 -7.83
C ILE X 69 29.67 21.71 -7.82
N ASN X 70 29.57 20.39 -7.99
CA ASN X 70 28.35 19.65 -7.66
C ASN X 70 28.19 19.52 -6.15
N LYS X 71 29.29 19.16 -5.48
CA LYS X 71 29.33 19.12 -4.02
C LYS X 71 30.74 19.25 -3.49
N CYS X 72 30.87 19.90 -2.33
CA CYS X 72 32.01 19.72 -1.43
C CYS X 72 31.53 19.43 -0.02
N GLY X 73 32.31 18.64 0.71
CA GLY X 73 31.95 18.20 2.05
C GLY X 73 33.14 18.10 2.98
N VAL X 74 32.92 17.46 4.13
CA VAL X 74 33.90 17.38 5.20
C VAL X 74 33.80 16.02 5.88
N ILE X 75 34.95 15.45 6.23
CA ILE X 75 35.01 14.20 6.98
C ILE X 75 35.49 14.48 8.39
N SER X 76 34.53 14.82 9.26
CA SER X 76 34.69 14.66 10.71
C SER X 76 34.10 13.30 11.12
N PRO X 77 34.87 12.43 11.76
CA PRO X 77 36.16 12.74 12.38
C PRO X 77 37.30 12.69 11.37
N ARG X 78 38.37 13.44 11.65
CA ARG X 78 39.56 13.46 10.79
C ARG X 78 40.34 12.16 10.96
N PHE X 79 40.00 11.16 10.16
CA PHE X 79 40.68 9.86 10.17
C PHE X 79 42.12 9.97 9.68
N ASP X 80 42.95 9.03 10.10
CA ASP X 80 44.31 8.88 9.58
C ASP X 80 44.31 7.91 8.39
N ILE X 81 45.19 8.16 7.42
CA ILE X 81 45.27 7.33 6.21
C ILE X 81 46.73 7.20 5.74
N GLN X 82 47.02 6.07 5.10
CA GLN X 82 48.38 5.51 5.07
C GLN X 82 48.84 5.12 3.65
N VAL X 83 48.47 5.91 2.65
CA VAL X 83 49.08 5.90 1.30
C VAL X 83 48.73 4.64 0.47
N ASP X 84 48.81 3.46 1.07
CA ASP X 84 47.96 2.32 0.69
C ASP X 84 46.48 2.71 0.58
N LYS X 85 45.96 3.36 1.62
CA LYS X 85 44.51 3.44 1.85
C LYS X 85 43.85 4.74 1.35
N ILE X 86 44.62 5.60 0.66
CA ILE X 86 44.01 6.69 -0.13
C ILE X 86 43.19 6.18 -1.33
N GLU X 87 43.62 5.08 -1.92
CA GLU X 87 42.88 4.44 -3.03
C GLU X 87 41.59 3.78 -2.56
N GLN X 88 41.61 3.21 -1.36
CA GLN X 88 40.43 2.58 -0.75
C GLN X 88 39.34 3.60 -0.37
N PHE X 89 39.74 4.80 0.04
CA PHE X 89 38.80 5.86 0.41
C PHE X 89 38.05 6.42 -0.80
N CYS X 90 38.79 6.81 -1.83
CA CYS X 90 38.21 7.47 -3.00
C CYS X 90 37.42 6.51 -3.91
N SER X 91 37.68 5.21 -3.79
CA SER X 91 36.79 4.17 -4.35
C SER X 91 35.41 4.17 -3.68
N ASN X 92 35.38 4.36 -2.36
CA ASN X 92 34.13 4.51 -1.61
C ASN X 92 33.48 5.88 -1.78
N LEU X 93 34.29 6.93 -1.73
CA LEU X 93 33.82 8.28 -1.38
C LEU X 93 33.50 9.10 -2.64
N LEU X 94 34.47 9.21 -3.53
CA LEU X 94 34.34 10.06 -4.73
C LEU X 94 33.46 9.41 -5.79
N PRO X 95 32.86 10.21 -6.71
CA PRO X 95 31.90 9.64 -7.67
C PRO X 95 32.52 8.77 -8.76
N SER X 96 33.75 9.06 -9.17
CA SER X 96 34.49 8.20 -10.09
C SER X 96 35.99 8.26 -9.87
N ARG X 97 36.69 7.34 -10.52
CA ARG X 97 38.15 7.27 -10.47
C ARG X 97 38.82 8.38 -11.29
N GLN X 98 38.12 8.90 -12.29
CA GLN X 98 38.70 9.87 -13.24
C GLN X 98 38.83 11.25 -12.63
N PHE X 99 37.71 11.80 -12.15
CA PHE X 99 37.64 13.17 -11.61
C PHE X 99 37.27 13.17 -10.12
N GLY X 100 37.33 14.35 -9.52
CA GLY X 100 37.12 14.53 -8.08
C GLY X 100 38.42 14.50 -7.30
N HIS X 101 38.37 15.00 -6.07
CA HIS X 101 39.55 15.12 -5.20
C HIS X 101 39.17 14.89 -3.75
N LEU X 102 39.83 13.93 -3.11
CA LEU X 102 40.07 14.00 -1.66
C LEU X 102 41.10 15.06 -1.36
N VAL X 103 41.02 15.64 -0.17
CA VAL X 103 41.92 16.70 0.26
C VAL X 103 42.21 16.51 1.74
N LEU X 104 43.48 16.54 2.10
CA LEU X 104 43.96 15.96 3.36
C LEU X 104 45.21 16.67 3.84
N THR X 105 45.19 17.10 5.11
CA THR X 105 46.34 17.78 5.71
C THR X 105 47.50 16.80 5.94
N THR X 106 48.71 17.29 5.69
CA THR X 106 49.93 16.48 5.70
C THR X 106 51.10 17.37 6.15
N ALA X 107 52.13 16.78 6.74
CA ALA X 107 53.28 17.53 7.26
C ALA X 107 54.06 18.35 6.22
N TYR X 108 53.83 18.10 4.92
CA TYR X 108 54.21 19.03 3.86
C TYR X 108 53.01 19.85 3.34
N GLY X 109 52.21 20.38 4.26
CA GLY X 109 51.11 21.29 3.93
C GLY X 109 49.81 20.60 3.54
N ILE X 110 48.74 21.38 3.47
CA ILE X 110 47.43 20.90 3.02
C ILE X 110 47.45 20.72 1.49
N MET X 111 46.86 19.64 1.02
CA MET X 111 47.02 19.20 -0.38
C MET X 111 45.96 18.20 -0.81
N ASP X 112 45.87 17.97 -2.12
CA ASP X 112 45.02 16.93 -2.69
C ASP X 112 45.67 15.56 -2.56
N HIS X 113 44.89 14.51 -2.79
CA HIS X 113 45.38 13.12 -2.78
C HIS X 113 46.28 12.78 -3.99
N GLU X 114 46.12 13.52 -5.08
CA GLU X 114 47.02 13.40 -6.24
C GLU X 114 48.44 13.89 -5.91
N GLU X 115 48.52 15.03 -5.21
CA GLU X 115 49.79 15.53 -4.69
C GLU X 115 50.36 14.67 -3.56
N ALA X 116 49.49 14.12 -2.71
CA ALA X 116 49.91 13.27 -1.59
C ALA X 116 50.50 11.92 -2.01
N ARG X 117 50.14 11.45 -3.21
CA ARG X 117 50.69 10.21 -3.76
C ARG X 117 52.15 10.37 -4.18
N ARG X 118 52.44 11.42 -4.95
CA ARG X 118 53.78 11.63 -5.53
C ARG X 118 54.82 12.16 -4.52
N LYS X 119 54.36 12.96 -3.54
CA LYS X 119 55.19 13.32 -2.38
C LYS X 119 55.42 12.15 -1.41
N HIS X 120 54.53 11.14 -1.47
CA HIS X 120 54.71 9.85 -0.80
C HIS X 120 54.59 9.99 0.73
N THR X 121 53.56 10.71 1.15
CA THR X 121 53.25 10.91 2.57
C THR X 121 51.75 11.05 2.76
N GLY X 122 51.18 10.20 3.59
CA GLY X 122 49.78 10.32 4.02
C GLY X 122 49.63 11.26 5.20
N GLY X 123 48.40 11.39 5.68
CA GLY X 123 48.11 12.21 6.86
C GLY X 123 46.68 12.04 7.33
N LYS X 124 46.09 13.14 7.83
CA LYS X 124 44.71 13.16 8.29
C LYS X 124 43.80 13.69 7.18
N ILE X 125 42.72 12.95 6.88
CA ILE X 125 41.75 13.39 5.88
C ILE X 125 40.90 14.56 6.38
N LEU X 126 40.67 15.53 5.49
CA LEU X 126 40.07 16.82 5.86
C LEU X 126 38.68 16.95 5.23
N GLY X 127 38.61 16.80 3.91
CA GLY X 127 37.33 16.78 3.19
C GLY X 127 37.44 16.27 1.77
N TYR X 128 36.57 16.78 0.90
CA TYR X 128 36.54 16.38 -0.51
C TYR X 128 35.73 17.37 -1.35
N PHE X 129 35.88 17.28 -2.66
CA PHE X 129 35.01 18.02 -3.59
C PHE X 129 35.00 17.41 -4.99
N PHE X 130 33.88 17.59 -5.70
CA PHE X 130 33.72 17.09 -7.07
C PHE X 130 32.58 17.81 -7.81
N GLY Y 2 21.69 11.51 16.91
CA GLY Y 2 22.37 10.47 16.10
C GLY Y 2 23.48 9.78 16.87
N LYS Y 3 24.44 9.22 16.13
CA LYS Y 3 25.60 8.55 16.72
C LYS Y 3 26.61 9.57 17.25
N PRO Y 4 27.55 9.12 18.11
CA PRO Y 4 28.79 9.89 18.33
C PRO Y 4 29.86 9.55 17.30
N ASN Y 5 30.28 10.54 16.52
CA ASN Y 5 31.27 10.35 15.45
C ASN Y 5 32.72 10.40 15.93
N GLY Y 6 33.00 11.10 17.03
CA GLY Y 6 34.36 11.49 17.39
C GLY Y 6 35.33 10.33 17.58
N ILE Y 7 36.63 10.61 17.39
CA ILE Y 7 37.65 9.54 17.31
C ILE Y 7 37.75 8.65 18.56
N ARG Y 8 37.44 9.19 19.73
CA ARG Y 8 37.60 8.47 21.01
C ARG Y 8 36.30 7.83 21.52
N THR Y 9 35.36 7.52 20.63
CA THR Y 9 34.03 7.02 21.01
C THR Y 9 33.90 5.53 20.71
N ALA Y 10 34.92 4.75 21.08
CA ALA Y 10 34.93 3.31 20.82
C ALA Y 10 34.02 2.57 21.79
N ARG Y 11 34.07 2.95 23.07
CA ARG Y 11 33.24 2.33 24.11
C ARG Y 11 31.75 2.42 23.82
N LYS Y 12 31.27 3.63 23.54
CA LYS Y 12 29.84 3.86 23.29
C LYS Y 12 29.34 3.09 22.06
N LEU Y 13 30.15 3.07 21.00
CA LEU Y 13 29.83 2.28 19.79
C LEU Y 13 29.86 0.78 20.06
N ARG Y 14 30.90 0.32 20.75
CA ARG Y 14 31.10 -1.12 21.04
C ARG Y 14 30.08 -1.65 22.06
N SER Y 15 29.76 -0.85 23.07
CA SER Y 15 28.77 -1.22 24.08
C SER Y 15 27.35 -1.30 23.53
N ARG Y 16 27.01 -0.40 22.63
CA ARG Y 16 25.65 -0.35 22.04
C ARG Y 16 25.31 -1.58 21.19
N ARG Y 17 26.30 -2.14 20.50
CA ARG Y 17 26.07 -3.36 19.70
C ARG Y 17 25.80 -4.57 20.58
N ARG Y 18 26.69 -4.83 21.55
CA ARG Y 18 26.56 -6.00 22.42
C ARG Y 18 25.29 -6.00 23.27
N VAL Y 19 24.78 -4.81 23.61
CA VAL Y 19 23.49 -4.66 24.29
C VAL Y 19 22.34 -4.95 23.32
N GLN Y 20 22.34 -4.26 22.18
CA GLN Y 20 21.19 -4.27 21.27
C GLN Y 20 21.24 -5.36 20.18
N LYS Y 21 22.30 -6.15 20.16
CA LYS Y 21 22.28 -7.46 19.48
C LYS Y 21 21.20 -8.40 20.03
N TRP Y 22 20.92 -8.31 21.33
CA TRP Y 22 19.92 -9.17 21.99
C TRP Y 22 18.47 -8.85 21.57
N ALA Y 23 18.24 -7.69 20.99
CA ALA Y 23 16.93 -7.34 20.39
C ALA Y 23 16.53 -8.21 19.19
N ASP Y 24 17.50 -8.76 18.47
CA ASP Y 24 17.23 -9.77 17.44
C ASP Y 24 16.62 -11.03 18.05
N LYS Y 25 15.69 -11.62 17.31
CA LYS Y 25 15.07 -12.90 17.70
C LYS Y 25 16.02 -14.07 17.44
N THR Y 26 16.67 -14.06 16.28
CA THR Y 26 17.58 -15.14 15.86
C THR Y 26 18.90 -15.16 16.65
N TYR Y 27 19.36 -14.01 17.12
CA TYR Y 27 20.56 -13.90 17.96
C TYR Y 27 20.35 -14.56 19.33
N LYS Y 28 19.18 -14.34 19.92
CA LYS Y 28 18.84 -14.94 21.22
C LYS Y 28 18.73 -16.47 21.17
N LYS Y 29 18.14 -17.00 20.10
CA LYS Y 29 18.04 -18.45 19.90
C LYS Y 29 19.40 -19.14 19.77
N ALA Y 30 20.38 -18.44 19.20
CA ALA Y 30 21.77 -18.90 19.20
C ALA Y 30 22.39 -18.83 20.60
N HIS Y 31 22.44 -17.63 21.16
CA HIS Y 31 23.48 -17.25 22.13
C HIS Y 31 23.07 -17.36 23.61
N LEU Y 32 21.77 -17.51 23.88
CA LEU Y 32 21.30 -17.83 25.23
C LEU Y 32 21.66 -19.26 25.65
N GLY Y 33 21.66 -19.50 26.96
CA GLY Y 33 21.84 -20.84 27.52
C GLY Y 33 20.63 -21.76 27.41
N THR Y 34 19.46 -21.20 27.11
CA THR Y 34 18.22 -21.97 27.04
C THR Y 34 18.11 -22.93 25.84
N ARG Y 35 18.97 -22.77 24.84
CA ARG Y 35 19.05 -23.72 23.71
C ARG Y 35 19.33 -25.17 24.13
N TRP Y 36 20.12 -25.36 25.19
CA TRP Y 36 20.58 -26.69 25.60
C TRP Y 36 19.54 -27.44 26.43
N LYS Y 37 18.84 -26.72 27.31
CA LYS Y 37 17.68 -27.27 28.04
C LYS Y 37 16.48 -27.48 27.11
N ALA Y 38 16.16 -26.45 26.32
CA ALA Y 38 15.09 -26.54 25.31
C ALA Y 38 15.54 -27.41 24.13
N ASN Y 39 14.60 -27.70 23.22
CA ASN Y 39 14.65 -28.86 22.32
C ASN Y 39 14.65 -30.21 23.07
N PRO Y 40 13.97 -31.22 22.51
CA PRO Y 40 14.27 -32.60 22.92
C PRO Y 40 15.60 -33.13 22.37
N PHE Y 41 16.07 -32.56 21.26
CA PHE Y 41 17.38 -32.88 20.70
C PHE Y 41 18.46 -32.13 21.49
N GLY Y 42 19.70 -32.60 21.39
CA GLY Y 42 20.81 -32.05 22.18
C GLY Y 42 21.68 -31.09 21.40
N GLY Y 43 21.05 -30.18 20.66
CA GLY Y 43 21.71 -29.43 19.59
C GLY Y 43 22.22 -30.32 18.47
N SER Y 44 21.40 -31.29 18.07
CA SER Y 44 21.81 -32.39 17.20
C SER Y 44 20.95 -32.43 15.94
N SER Y 45 21.48 -33.07 14.90
CA SER Y 45 20.77 -33.22 13.63
C SER Y 45 19.68 -34.28 13.71
N HIS Y 46 20.07 -35.48 14.13
CA HIS Y 46 19.17 -36.64 14.22
C HIS Y 46 19.20 -37.26 15.61
N ALA Y 47 18.17 -38.05 15.92
CA ALA Y 47 18.07 -38.75 17.19
C ALA Y 47 17.16 -39.98 17.10
N LYS Y 48 17.61 -41.09 17.69
CA LYS Y 48 16.82 -42.32 17.74
C LYS Y 48 15.83 -42.26 18.90
N GLY Y 49 14.80 -43.10 18.82
CA GLY Y 49 13.88 -43.29 19.93
C GLY Y 49 12.91 -44.44 19.71
N ILE Y 50 12.13 -44.76 20.74
CA ILE Y 50 11.18 -45.85 20.64
C ILE Y 50 9.77 -45.32 20.50
N VAL Y 51 8.97 -45.96 19.65
CA VAL Y 51 7.61 -45.50 19.42
C VAL Y 51 6.67 -46.00 20.49
N VAL Y 52 6.42 -45.14 21.47
CA VAL Y 52 5.53 -45.48 22.57
C VAL Y 52 4.10 -45.67 22.07
N GLU Y 53 3.66 -44.79 21.17
CA GLU Y 53 2.30 -44.90 20.65
C GLU Y 53 2.16 -44.41 19.20
N LYS Y 54 1.14 -44.93 18.52
CA LYS Y 54 0.85 -44.55 17.15
C LYS Y 54 -0.24 -43.52 17.31
N LEU Y 55 -0.09 -42.38 16.67
CA LEU Y 55 -1.05 -41.31 16.83
C LEU Y 55 -1.53 -40.64 15.55
N GLY Y 56 -2.72 -40.06 15.64
CA GLY Y 56 -3.34 -39.33 14.54
C GLY Y 56 -3.76 -37.94 14.97
N ILE Y 57 -3.42 -36.93 14.16
CA ILE Y 57 -3.77 -35.54 14.45
C ILE Y 57 -4.41 -34.91 13.23
N GLU Y 58 -5.22 -33.87 13.43
CA GLU Y 58 -5.90 -33.23 12.32
C GLU Y 58 -5.39 -31.83 11.98
N ALA Y 59 -5.14 -31.62 10.70
CA ALA Y 59 -4.64 -30.34 10.20
C ALA Y 59 -5.65 -29.22 10.42
N LYS Y 60 -5.14 -28.03 10.75
CA LYS Y 60 -5.98 -26.87 10.97
C LYS Y 60 -6.58 -26.40 9.65
N GLN Y 61 -7.77 -25.82 9.71
CA GLN Y 61 -8.44 -25.33 8.52
C GLN Y 61 -7.54 -24.27 7.90
N PRO Y 62 -7.63 -23.99 6.54
CA PRO Y 62 -8.65 -24.71 5.75
C PRO Y 62 -8.49 -26.22 5.58
N ASN Y 63 -7.26 -26.70 5.43
CA ASN Y 63 -7.04 -28.12 5.19
C ASN Y 63 -7.60 -29.01 6.27
N SER Y 64 -8.25 -30.10 5.85
CA SER Y 64 -8.82 -31.05 6.78
C SER Y 64 -8.41 -32.48 6.46
N ALA Y 65 -7.97 -33.21 7.48
CA ALA Y 65 -7.58 -34.61 7.30
C ALA Y 65 -6.93 -35.12 8.57
N ILE Y 66 -6.51 -36.37 8.59
CA ILE Y 66 -5.82 -36.91 9.76
C ILE Y 66 -4.42 -37.32 9.31
N ARG Y 67 -3.39 -36.75 9.96
CA ARG Y 67 -2.05 -36.67 9.36
C ARG Y 67 -1.14 -37.87 9.64
N LYS Y 68 -1.49 -38.69 10.63
CA LYS Y 68 -0.72 -39.91 10.99
C LYS Y 68 0.71 -39.59 11.44
N CYS Y 69 0.85 -39.30 12.74
CA CYS Y 69 2.16 -39.10 13.37
C CYS Y 69 2.39 -40.12 14.49
N VAL Y 70 3.60 -40.10 15.07
CA VAL Y 70 4.03 -41.09 16.04
C VAL Y 70 4.62 -40.39 17.27
N ARG Y 71 4.32 -40.90 18.46
CA ARG Y 71 4.86 -40.32 19.67
C ARG Y 71 6.11 -41.12 20.00
N VAL Y 72 7.23 -40.46 20.23
CA VAL Y 72 8.47 -41.17 20.50
C VAL Y 72 9.24 -40.67 21.72
N GLN Y 73 10.02 -41.57 22.31
CA GLN Y 73 10.85 -41.20 23.46
C GLN Y 73 12.30 -41.29 23.03
N LEU Y 74 13.02 -40.18 23.12
CA LEU Y 74 14.41 -40.17 22.74
C LEU Y 74 15.16 -41.07 23.69
N ILE Y 75 16.12 -41.84 23.18
CA ILE Y 75 16.88 -42.74 24.01
C ILE Y 75 17.72 -42.01 25.06
N LYS Y 76 18.38 -40.93 24.66
CA LYS Y 76 19.21 -40.18 25.59
C LYS Y 76 18.48 -39.52 26.75
N ASN Y 77 17.35 -38.87 26.45
CA ASN Y 77 16.59 -38.17 27.48
C ASN Y 77 15.21 -38.71 27.80
N GLY Y 78 14.75 -39.70 27.03
CA GLY Y 78 13.43 -40.24 27.27
C GLY Y 78 12.41 -39.12 27.24
N LYS Y 79 12.55 -38.20 26.29
CA LYS Y 79 11.62 -37.09 26.15
C LYS Y 79 10.65 -37.34 25.02
N LYS Y 80 9.36 -37.33 25.33
CA LYS Y 80 8.34 -37.60 24.32
C LYS Y 80 8.16 -36.51 23.29
N ILE Y 81 8.00 -36.93 22.03
CA ILE Y 81 7.82 -36.02 20.92
C ILE Y 81 6.90 -36.67 19.91
N THR Y 82 6.28 -35.86 19.06
CA THR Y 82 5.41 -36.42 18.03
C THR Y 82 6.12 -36.21 16.72
N ALA Y 83 6.36 -37.30 15.99
CA ALA Y 83 7.05 -37.22 14.72
C ALA Y 83 6.14 -37.63 13.58
N PHE Y 84 6.02 -36.76 12.59
CA PHE Y 84 5.18 -37.01 11.43
C PHE Y 84 5.78 -38.09 10.54
N VAL Y 85 4.92 -38.89 9.91
CA VAL Y 85 5.42 -39.93 9.02
C VAL Y 85 5.16 -39.49 7.60
N PRO Y 86 6.24 -39.26 6.85
CA PRO Y 86 6.13 -38.80 5.45
C PRO Y 86 5.63 -39.81 4.42
N ARG Y 87 4.82 -39.30 3.49
CA ARG Y 87 4.26 -40.08 2.39
C ARG Y 87 3.02 -40.90 2.71
N ASP Y 88 2.45 -41.51 1.69
CA ASP Y 88 1.24 -42.30 1.85
C ASP Y 88 1.47 -43.53 2.71
N GLY Y 89 0.55 -43.76 3.63
CA GLY Y 89 0.61 -44.88 4.54
C GLY Y 89 1.90 -44.87 5.33
N SER Y 90 2.50 -46.05 5.46
CA SER Y 90 3.75 -46.23 6.18
C SER Y 90 3.50 -46.34 7.67
N LEU Y 91 2.25 -46.09 8.06
CA LEU Y 91 1.87 -46.20 9.45
C LEU Y 91 1.98 -47.65 9.88
N ASN Y 92 1.62 -48.53 8.95
CA ASN Y 92 1.67 -49.96 9.17
C ASN Y 92 3.08 -50.39 9.46
N TYR Y 93 4.02 -49.76 8.78
CA TYR Y 93 5.45 -50.05 8.93
C TYR Y 93 6.04 -49.82 10.32
N ILE Y 94 5.58 -48.80 11.03
CA ILE Y 94 6.17 -48.45 12.33
C ILE Y 94 6.19 -49.49 13.46
N ASP Y 95 5.09 -50.18 13.75
CA ASP Y 95 5.13 -51.19 14.82
C ASP Y 95 5.44 -50.62 16.22
N GLU Y 96 4.49 -50.62 17.14
CA GLU Y 96 4.82 -50.00 18.43
C GLU Y 96 6.04 -50.65 19.09
N ASN Y 97 6.89 -49.81 19.66
CA ASN Y 97 8.13 -50.25 20.30
C ASN Y 97 9.28 -50.46 19.31
N ASP Y 98 9.11 -49.93 18.09
CA ASP Y 98 10.11 -50.06 17.04
C ASP Y 98 10.97 -48.78 16.99
N GLU Y 99 12.29 -48.93 16.97
CA GLU Y 99 13.16 -47.75 16.94
C GLU Y 99 12.99 -46.98 15.64
N VAL Y 100 12.85 -45.66 15.75
CA VAL Y 100 12.68 -44.81 14.58
C VAL Y 100 13.59 -43.59 14.61
N LEU Y 101 14.30 -43.32 13.53
CA LEU Y 101 15.15 -42.14 13.46
C LEU Y 101 14.28 -40.90 13.33
N VAL Y 102 14.64 -39.84 14.03
CA VAL Y 102 13.89 -38.61 13.97
C VAL Y 102 14.80 -37.53 13.40
N ALA Y 103 14.26 -36.76 12.46
CA ALA Y 103 14.98 -35.67 11.84
C ALA Y 103 14.14 -34.43 11.92
N GLY Y 104 14.78 -33.27 11.82
CA GLY Y 104 14.07 -32.02 11.89
C GLY Y 104 13.14 -31.89 10.69
N PHE Y 105 12.05 -31.18 10.87
CA PHE Y 105 11.09 -30.99 9.79
C PHE Y 105 11.64 -30.03 8.75
N GLY Y 106 12.79 -29.43 9.06
CA GLY Y 106 13.43 -28.49 8.17
C GLY Y 106 13.09 -27.03 8.40
N ARG Y 107 12.32 -26.78 9.45
CA ARG Y 107 11.94 -25.42 9.80
C ARG Y 107 12.59 -24.92 11.10
N SER Y 108 13.62 -25.62 11.57
CA SER Y 108 14.24 -25.19 12.81
C SER Y 108 13.16 -25.12 13.88
N GLY Y 109 12.51 -26.24 14.12
CA GLY Y 109 11.44 -26.29 15.10
C GLY Y 109 10.31 -25.47 14.52
N HIS Y 110 9.78 -24.51 15.28
CA HIS Y 110 8.69 -23.71 14.74
C HIS Y 110 7.56 -24.70 14.43
N ALA Y 111 7.02 -24.65 13.22
CA ALA Y 111 5.95 -25.56 12.81
C ALA Y 111 6.03 -25.72 11.31
N VAL Y 112 5.41 -26.76 10.78
CA VAL Y 112 5.46 -26.96 9.33
C VAL Y 112 4.25 -26.36 8.63
N GLY Y 113 3.38 -27.18 8.07
CA GLY Y 113 2.22 -26.66 7.39
C GLY Y 113 0.89 -26.89 8.07
N ASP Y 114 0.11 -27.79 7.48
CA ASP Y 114 -1.21 -28.14 7.99
C ASP Y 114 -1.13 -28.77 9.38
N PRO Y 116 -0.50 -29.53 13.17
CA PRO Y 116 -0.37 -28.52 14.22
C PRO Y 116 0.57 -28.91 15.34
N GLY Y 117 1.51 -28.03 15.65
CA GLY Y 117 2.49 -28.25 16.70
C GLY Y 117 3.42 -29.43 16.57
N VAL Y 118 3.82 -29.77 15.34
CA VAL Y 118 4.73 -30.88 15.12
C VAL Y 118 6.00 -30.37 14.46
N ARG Y 119 7.15 -30.64 15.08
CA ARG Y 119 8.43 -30.19 14.52
C ARG Y 119 9.38 -31.29 14.06
N PHE Y 120 8.93 -32.55 14.02
CA PHE Y 120 9.82 -33.64 13.61
C PHE Y 120 9.26 -34.65 12.62
N LYS Y 121 10.16 -35.26 11.86
CA LYS Y 121 9.82 -36.25 10.84
C LYS Y 121 10.64 -37.53 11.04
N VAL Y 122 10.01 -38.69 10.92
CA VAL Y 122 10.69 -39.97 11.10
C VAL Y 122 11.40 -40.41 9.83
N VAL Y 123 12.72 -40.24 9.80
CA VAL Y 123 13.54 -40.62 8.66
C VAL Y 123 13.66 -42.13 8.37
N LYS Y 124 13.83 -42.95 9.40
CA LYS Y 124 13.98 -44.38 9.22
C LYS Y 124 13.22 -45.22 10.22
N VAL Y 125 12.79 -46.40 9.80
CA VAL Y 125 12.10 -47.33 10.69
C VAL Y 125 12.90 -48.62 10.72
N ALA Y 126 13.44 -48.96 11.88
CA ALA Y 126 14.22 -50.18 12.02
C ALA Y 126 15.47 -50.07 11.15
N GLY Y 127 15.79 -48.84 10.76
CA GLY Y 127 16.94 -48.55 9.93
C GLY Y 127 16.69 -48.73 8.44
N ALA Y 128 15.50 -49.22 8.09
CA ALA Y 128 15.15 -49.43 6.69
C ALA Y 128 15.05 -48.14 5.88
N SER Y 129 14.43 -47.13 6.48
CA SER Y 129 14.21 -45.81 5.91
C SER Y 129 12.88 -45.80 5.18
N LEU Y 130 12.21 -44.66 5.19
CA LEU Y 130 10.91 -44.53 4.54
C LEU Y 130 10.87 -44.60 3.00
N LEU Y 131 11.83 -43.97 2.34
CA LEU Y 131 11.86 -43.95 0.88
C LEU Y 131 12.00 -45.31 0.23
N ALA Y 132 12.86 -46.15 0.79
CA ALA Y 132 13.10 -47.49 0.24
C ALA Y 132 11.83 -48.34 0.16
N LEU Y 133 11.02 -48.27 1.21
CA LEU Y 133 9.80 -49.05 1.32
C LEU Y 133 8.66 -48.50 0.49
N PHE Y 134 8.47 -47.19 0.53
CA PHE Y 134 7.39 -46.61 -0.25
C PHE Y 134 7.69 -46.92 -1.69
N LYS Y 135 8.95 -46.75 -2.08
CA LYS Y 135 9.39 -47.06 -3.43
C LYS Y 135 9.30 -48.56 -3.66
N GLU Y 136 9.63 -49.32 -2.61
CA GLU Y 136 9.65 -50.78 -2.64
C GLU Y 136 10.95 -51.30 -3.22
N LYS Y 137 11.89 -50.38 -3.44
CA LYS Y 137 13.19 -50.73 -3.98
C LYS Y 137 14.04 -51.37 -2.87
N GLY Z 5 64.06 -54.98 -28.71
CA GLY Z 5 63.92 -53.87 -29.63
C GLY Z 5 65.09 -52.92 -29.52
N ALA Z 6 65.86 -53.07 -28.46
CA ALA Z 6 67.03 -52.24 -28.19
C ALA Z 6 66.63 -50.92 -27.53
N PHE Z 7 67.62 -50.13 -27.16
CA PHE Z 7 67.39 -48.84 -26.52
C PHE Z 7 68.60 -47.94 -26.67
N SER Z 8 68.40 -46.65 -26.45
CA SER Z 8 69.49 -45.70 -26.54
C SER Z 8 69.82 -45.18 -25.15
N LEU Z 9 71.08 -45.29 -24.76
CA LEU Z 9 71.49 -44.83 -23.44
C LEU Z 9 72.14 -43.46 -23.49
N ARG Z 10 71.90 -42.68 -22.44
CA ARG Z 10 72.44 -41.33 -22.32
C ARG Z 10 72.32 -40.85 -20.87
N PHE Z 11 73.45 -40.84 -20.15
CA PHE Z 11 73.44 -40.53 -18.71
C PHE Z 11 73.27 -39.04 -18.42
N ARG Z 12 73.00 -38.73 -17.15
CA ARG Z 12 72.85 -37.34 -16.69
C ARG Z 12 73.09 -37.21 -15.19
N LYS Z 13 73.47 -36.00 -14.76
CA LYS Z 13 73.79 -35.69 -13.37
C LYS Z 13 74.89 -36.58 -12.81
N LEU Z 14 75.99 -36.70 -13.55
CA LEU Z 14 77.13 -37.53 -13.14
C LEU Z 14 77.92 -36.84 -12.02
N LYS Z 15 78.39 -37.66 -11.07
CA LYS Z 15 79.11 -37.16 -9.91
C LYS Z 15 80.09 -38.23 -9.42
N THR Z 16 81.37 -38.06 -9.77
CA THR Z 16 82.43 -38.97 -9.34
C THR Z 16 82.70 -38.81 -7.84
N ASN Z 17 82.54 -39.90 -7.10
CA ASN Z 17 82.48 -39.88 -5.64
C ASN Z 17 83.55 -40.82 -5.06
N PRO Z 18 84.79 -40.32 -4.91
CA PRO Z 18 85.89 -41.19 -4.47
C PRO Z 18 85.88 -41.52 -2.96
N LEU Z 19 85.12 -40.74 -2.19
CA LEU Z 19 84.96 -40.99 -0.77
C LEU Z 19 84.20 -42.30 -0.58
N LEU Z 20 83.18 -42.51 -1.42
CA LEU Z 20 82.35 -43.71 -1.38
C LEU Z 20 82.79 -44.77 -2.38
N GLN Z 21 83.86 -44.48 -3.12
CA GLN Z 21 84.37 -45.43 -4.11
C GLN Z 21 83.33 -45.75 -5.19
N ARG Z 22 82.54 -44.77 -5.60
CA ARG Z 22 81.53 -45.02 -6.63
C ARG Z 22 81.16 -43.80 -7.46
N LYS Z 23 80.55 -44.07 -8.62
CA LYS Z 23 80.10 -43.03 -9.52
C LYS Z 23 78.59 -43.08 -9.57
N GLN Z 24 77.93 -41.95 -9.38
CA GLN Z 24 76.47 -41.90 -9.39
C GLN Z 24 75.95 -41.04 -10.53
N PHE Z 25 74.88 -41.52 -11.18
CA PHE Z 25 74.29 -40.81 -12.31
C PHE Z 25 72.89 -41.32 -12.62
N GLY Z 26 72.02 -40.42 -13.05
CA GLY Z 26 70.76 -40.79 -13.68
C GLY Z 26 70.98 -41.29 -15.09
N VAL Z 27 70.42 -42.46 -15.42
CA VAL Z 27 70.31 -42.90 -16.82
C VAL Z 27 69.05 -42.31 -17.46
N ASP Z 28 69.14 -42.05 -18.76
CA ASP Z 28 67.97 -41.75 -19.60
C ASP Z 28 68.05 -42.59 -20.87
N ILE Z 29 66.91 -43.16 -21.27
CA ILE Z 29 66.87 -44.20 -22.31
C ILE Z 29 65.68 -44.00 -23.24
N LEU Z 30 65.90 -44.29 -24.53
CA LEU Z 30 64.88 -44.14 -25.57
C LEU Z 30 64.67 -45.48 -26.25
N HIS Z 31 63.43 -45.97 -26.24
CA HIS Z 31 63.08 -47.29 -26.78
C HIS Z 31 61.73 -47.25 -27.51
N PRO Z 32 61.73 -46.74 -28.76
CA PRO Z 32 60.59 -46.95 -29.66
C PRO Z 32 60.32 -48.44 -29.94
N SER Z 33 59.04 -48.79 -30.06
CA SER Z 33 58.54 -50.18 -30.11
C SER Z 33 58.42 -50.84 -28.73
N ARG Z 34 59.54 -50.95 -28.00
CA ARG Z 34 59.69 -51.90 -26.90
C ARG Z 34 58.92 -51.45 -25.64
N GLY Z 35 58.39 -52.43 -24.91
CA GLY Z 35 57.76 -52.21 -23.60
C GLY Z 35 58.74 -52.37 -22.46
N SER Z 36 59.23 -51.25 -21.93
CA SER Z 36 60.15 -51.22 -20.78
C SER Z 36 61.54 -51.81 -21.06
N VAL Z 37 62.41 -51.76 -20.06
CA VAL Z 37 63.72 -52.40 -20.11
C VAL Z 37 64.02 -53.09 -18.79
N SER Z 38 64.39 -54.37 -18.85
CA SER Z 38 64.84 -55.12 -17.68
C SER Z 38 66.24 -54.69 -17.25
N LYS Z 39 66.53 -54.82 -15.96
CA LYS Z 39 67.80 -54.38 -15.39
C LYS Z 39 68.96 -55.33 -15.75
N LYS Z 40 68.65 -56.61 -15.95
CA LYS Z 40 69.62 -57.58 -16.47
C LYS Z 40 70.10 -57.25 -17.90
N GLU Z 41 69.21 -56.66 -18.71
CA GLU Z 41 69.58 -56.17 -20.05
C GLU Z 41 70.24 -54.78 -20.03
N LEU Z 42 69.82 -53.92 -19.10
CA LEU Z 42 70.38 -52.57 -18.96
C LEU Z 42 71.82 -52.58 -18.42
N VAL Z 43 72.10 -53.46 -17.46
CA VAL Z 43 73.43 -53.58 -16.86
C VAL Z 43 74.51 -54.08 -17.84
N GLU Z 44 74.11 -54.87 -18.83
CA GLU Z 44 75.00 -55.29 -19.92
C GLU Z 44 75.39 -54.15 -20.85
N LYS Z 45 74.43 -53.29 -21.19
CA LYS Z 45 74.67 -52.16 -22.10
C LYS Z 45 75.48 -51.04 -21.43
N ILE Z 46 75.15 -50.73 -20.18
CA ILE Z 46 75.89 -49.72 -19.40
C ILE Z 46 77.30 -50.17 -19.03
N ALA Z 47 77.54 -51.48 -19.01
CA ALA Z 47 78.89 -52.03 -18.88
C ALA Z 47 79.79 -51.72 -20.08
N LYS Z 48 79.29 -52.00 -21.28
CA LYS Z 48 80.08 -51.82 -22.51
C LYS Z 48 80.24 -50.34 -22.92
N GLN Z 49 79.27 -49.49 -22.55
CA GLN Z 49 79.41 -48.03 -22.66
C GLN Z 49 80.58 -47.51 -21.83
N PHE Z 50 80.60 -47.87 -20.55
CA PHE Z 50 81.53 -47.30 -19.57
C PHE Z 50 82.86 -48.08 -19.43
N ARG Z 51 83.01 -49.17 -20.21
CA ARG Z 51 84.27 -49.93 -20.27
C ARG Z 51 84.63 -50.57 -18.93
N VAL Z 52 83.63 -51.16 -18.28
CA VAL Z 52 83.75 -51.64 -16.90
C VAL Z 52 84.45 -53.00 -16.83
N SER Z 53 85.08 -53.28 -15.70
CA SER Z 53 85.41 -54.65 -15.28
C SER Z 53 84.31 -55.21 -14.38
N ASP Z 54 83.68 -56.30 -14.83
CA ASP Z 54 82.61 -57.00 -14.10
C ASP Z 54 81.28 -56.24 -14.06
N SER Z 55 80.18 -56.99 -14.23
CA SER Z 55 78.83 -56.46 -14.02
C SER Z 55 78.49 -56.24 -12.54
N GLN Z 56 79.16 -56.96 -11.64
CA GLN Z 56 78.83 -56.94 -10.21
C GLN Z 56 79.19 -55.63 -9.50
N SER Z 57 80.11 -54.85 -10.07
CA SER Z 57 80.36 -53.47 -9.62
C SER Z 57 79.15 -52.54 -9.83
N ILE Z 58 78.44 -52.73 -10.93
CA ILE Z 58 77.32 -51.85 -11.31
C ILE Z 58 76.06 -52.27 -10.55
N VAL Z 59 75.30 -51.29 -10.08
CA VAL Z 59 73.97 -51.51 -9.50
C VAL Z 59 72.99 -50.41 -9.94
N VAL Z 60 71.75 -50.82 -10.21
CA VAL Z 60 70.78 -50.01 -10.96
C VAL Z 60 69.42 -50.08 -10.26
N PHE Z 61 68.71 -48.94 -10.22
CA PHE Z 61 67.45 -48.83 -9.49
C PHE Z 61 66.62 -47.63 -9.96
N GLY Z 62 65.35 -47.60 -9.57
CA GLY Z 62 64.37 -46.66 -10.10
C GLY Z 62 63.75 -47.18 -11.39
N LEU Z 63 63.89 -46.41 -12.46
CA LEU Z 63 63.29 -46.72 -13.78
C LEU Z 63 61.75 -46.61 -13.73
N LYS Z 64 61.26 -45.41 -14.03
CA LYS Z 64 59.89 -45.21 -14.49
C LYS Z 64 59.90 -44.98 -16.00
N THR Z 65 59.04 -45.72 -16.71
CA THR Z 65 58.56 -45.30 -18.03
C THR Z 65 57.61 -44.12 -17.86
N ALA Z 66 57.77 -43.10 -18.70
CA ALA Z 66 56.89 -41.93 -18.70
C ALA Z 66 55.54 -42.25 -19.36
N PHE Z 67 54.61 -41.31 -19.26
CA PHE Z 67 53.29 -41.46 -19.87
C PHE Z 67 53.40 -41.39 -21.40
N GLY Z 68 52.70 -42.31 -22.07
CA GLY Z 68 52.81 -42.50 -23.52
C GLY Z 68 53.62 -43.72 -23.91
N GLY Z 69 54.81 -43.85 -23.32
CA GLY Z 69 55.75 -44.92 -23.67
C GLY Z 69 56.71 -44.50 -24.76
N GLY Z 70 57.83 -45.23 -24.87
CA GLY Z 70 58.96 -44.84 -25.69
C GLY Z 70 60.13 -44.36 -24.84
N ARG Z 71 59.85 -43.38 -24.00
CA ARG Z 71 60.86 -42.80 -23.09
C ARG Z 71 60.86 -43.51 -21.74
N SER Z 72 62.02 -43.56 -21.11
CA SER Z 72 62.13 -43.86 -19.68
C SER Z 72 63.41 -43.27 -19.08
N SER Z 73 63.45 -43.21 -17.75
CA SER Z 73 64.58 -42.66 -17.02
C SER Z 73 64.69 -43.24 -15.62
N GLY Z 74 65.92 -43.40 -15.14
CA GLY Z 74 66.18 -43.97 -13.82
C GLY Z 74 67.54 -43.61 -13.25
N PHE Z 75 67.89 -44.26 -12.14
CA PHE Z 75 69.18 -44.04 -11.47
C PHE Z 75 70.14 -45.19 -11.69
N ALA Z 76 71.42 -44.93 -11.47
CA ALA Z 76 72.47 -45.95 -11.58
C ALA Z 76 73.73 -45.51 -10.83
N MET Z 77 74.61 -46.48 -10.57
CA MET Z 77 75.66 -46.32 -9.58
C MET Z 77 76.78 -47.33 -9.81
N ILE Z 78 77.75 -46.95 -10.63
CA ILE Z 78 78.94 -47.77 -10.89
C ILE Z 78 79.95 -47.60 -9.75
N TYR Z 79 80.12 -48.65 -8.95
CA TYR Z 79 81.27 -48.74 -8.04
C TYR Z 79 82.54 -49.13 -8.78
N ASP Z 80 83.66 -49.19 -8.05
CA ASP Z 80 84.84 -49.95 -8.47
C ASP Z 80 85.13 -51.06 -7.45
N ASN Z 81 85.46 -52.25 -7.98
CA ASN Z 81 85.29 -53.54 -7.30
C ASN Z 81 83.83 -53.88 -6.94
N PRO Z 82 83.48 -55.18 -6.94
CA PRO Z 82 82.21 -55.62 -6.34
C PRO Z 82 82.25 -55.69 -4.80
N ASN Z 83 83.44 -55.84 -4.20
CA ASN Z 83 83.57 -55.97 -2.75
C ASN Z 83 83.34 -54.65 -2.01
N ALA Z 84 83.76 -53.54 -2.61
CA ALA Z 84 83.37 -52.19 -2.16
C ALA Z 84 81.87 -51.93 -2.34
N ALA Z 85 81.32 -52.38 -3.45
CA ALA Z 85 79.88 -52.25 -3.73
C ALA Z 85 79.01 -53.05 -2.75
N LYS Z 86 79.50 -54.20 -2.31
CA LYS Z 86 78.82 -55.02 -1.30
C LYS Z 86 78.77 -54.36 0.08
N LYS Z 87 79.82 -53.60 0.42
CA LYS Z 87 79.92 -52.94 1.73
C LYS Z 87 78.97 -51.74 1.84
N PHE Z 88 79.14 -50.77 0.95
CA PHE Z 88 78.48 -49.47 1.07
C PHE Z 88 77.00 -49.50 0.69
N GLU Z 89 76.66 -50.28 -0.33
CA GLU Z 89 75.26 -50.47 -0.73
C GLU Z 89 74.53 -51.36 0.28
N ASN Z 90 73.33 -50.94 0.68
CA ASN Z 90 72.39 -51.82 1.40
C ASN Z 90 71.94 -53.04 0.59
N ARG Z 91 71.57 -54.10 1.29
CA ARG Z 91 71.50 -55.45 0.71
C ARG Z 91 70.31 -55.67 -0.21
N PHE Z 92 69.21 -54.96 0.03
CA PHE Z 92 67.98 -55.12 -0.77
C PHE Z 92 68.15 -54.70 -2.23
N ARG Z 93 69.04 -53.74 -2.48
CA ARG Z 93 69.29 -53.23 -3.83
C ARG Z 93 70.12 -54.22 -4.67
N LEU Z 94 71.05 -54.88 -3.99
CA LEU Z 94 71.92 -55.90 -4.56
C LEU Z 94 71.13 -57.16 -4.90
N VAL Z 95 70.21 -57.50 -4.01
CA VAL Z 95 69.40 -58.70 -4.15
C VAL Z 95 68.54 -58.73 -5.40
N ARG Z 96 67.96 -57.60 -5.77
CA ARG Z 96 67.12 -57.59 -6.96
C ARG Z 96 68.01 -57.99 -8.13
N LEU Z 97 69.21 -57.43 -8.13
CA LEU Z 97 70.20 -57.75 -9.17
C LEU Z 97 70.55 -59.23 -9.05
N GLY Z 98 70.58 -59.72 -7.82
CA GLY Z 98 70.90 -61.11 -7.57
C GLY Z 98 72.34 -61.41 -7.20
N TYR Z 99 73.14 -60.38 -6.99
CA TYR Z 99 74.54 -60.60 -6.60
C TYR Z 99 74.60 -61.34 -5.27
N VAL Z 100 73.74 -60.95 -4.35
CA VAL Z 100 73.71 -61.56 -3.02
C VAL Z 100 72.34 -62.16 -2.70
N GLU Z 101 72.35 -63.40 -2.20
CA GLU Z 101 71.12 -64.10 -1.84
C GLU Z 101 70.46 -63.46 -0.64
N ALA Z 102 69.13 -63.47 -0.61
CA ALA Z 102 68.39 -62.87 0.49
C ALA Z 102 68.64 -63.59 1.80
N LYS Z 103 68.69 -62.83 2.89
CA LYS Z 103 68.93 -63.38 4.23
C LYS Z 103 67.59 -63.70 4.92
N PRO Z 104 67.33 -65.00 5.19
CA PRO Z 104 66.06 -65.36 5.84
C PRO Z 104 66.12 -65.16 7.36
N THR Z 105 65.62 -64.00 7.81
CA THR Z 105 65.45 -63.71 9.24
C THR Z 105 64.08 -64.19 9.73
N LYS Z 106 63.97 -64.36 11.04
CA LYS Z 106 62.68 -64.59 11.70
C LYS Z 106 61.84 -63.33 11.75
N GLY Z 107 60.56 -63.48 12.03
CA GLY Z 107 59.60 -62.38 12.02
C GLY Z 107 59.81 -61.37 13.12
N ARG Z 108 59.23 -60.18 12.93
CA ARG Z 108 59.38 -59.07 13.88
C ARG Z 108 58.55 -59.30 15.15
N ARG Z 109 57.34 -59.81 14.98
CA ARG Z 109 56.47 -60.18 16.11
C ARG Z 109 57.03 -61.33 16.95
N ALA Z 110 57.64 -62.30 16.29
CA ALA Z 110 58.26 -63.45 16.97
C ALA Z 110 59.50 -63.05 17.78
N TYR Z 111 60.31 -62.15 17.24
CA TYR Z 111 61.50 -61.63 17.95
C TYR Z 111 61.13 -60.83 19.21
N LYS Z 112 60.09 -60.00 19.11
CA LYS Z 112 59.59 -59.23 20.26
C LYS Z 112 59.11 -60.11 21.41
N GLU Z 113 58.49 -61.25 21.09
CA GLU Z 113 57.97 -62.16 22.09
C GLU Z 113 59.07 -62.90 22.88
N LEU Z 114 60.24 -63.06 22.28
CA LEU Z 114 61.42 -63.57 23.00
C LEU Z 114 61.87 -62.63 24.12
N LYS Z 115 62.04 -61.35 23.80
CA LYS Z 115 62.70 -60.41 24.71
C LYS Z 115 61.85 -60.02 25.93
N ASN Z 116 60.52 -60.01 25.76
CA ASN Z 116 59.60 -59.85 26.89
C ASN Z 116 59.55 -61.06 27.83
N ARG Z 117 59.70 -62.26 27.30
CA ARG Z 117 59.96 -63.45 28.11
C ARG Z 117 61.34 -63.43 28.76
N ARG Z 118 62.34 -62.93 28.02
CA ARG Z 118 63.71 -62.79 28.50
C ARG Z 118 63.85 -61.80 29.67
N LYS Z 119 62.98 -60.79 29.74
CA LYS Z 119 62.88 -59.91 30.91
C LYS Z 119 62.54 -60.66 32.20
N LYS Z 120 61.62 -61.62 32.11
CA LYS Z 120 61.05 -62.27 33.29
C LYS Z 120 62.04 -63.20 33.99
N VAL Z 121 62.78 -63.98 33.21
CA VAL Z 121 63.83 -64.85 33.74
C VAL Z 121 65.11 -64.04 33.93
N ARG Z 122 65.62 -64.01 35.16
CA ARG Z 122 67.00 -63.62 35.45
C ARG Z 122 67.87 -64.87 35.63
N GLY Z 123 69.14 -64.76 35.26
CA GLY Z 123 70.16 -65.79 35.56
C GLY Z 123 70.80 -66.31 34.29
N LYS Z 124 70.49 -67.55 33.94
CA LYS Z 124 70.73 -68.08 32.60
C LYS Z 124 69.42 -68.12 31.80
N GLU Z 125 69.35 -67.32 30.74
CA GLU Z 125 68.11 -67.03 30.03
C GLU Z 125 67.95 -67.86 28.74
N LYS Z 126 68.95 -68.67 28.41
CA LYS Z 126 69.12 -69.20 27.05
C LYS Z 126 68.23 -70.42 26.76
N ALA Z 127 67.60 -70.98 27.80
CA ALA Z 127 66.51 -71.95 27.63
C ALA Z 127 65.26 -71.40 26.93
N LYS Z 128 65.07 -70.08 26.99
CA LYS Z 128 63.96 -69.41 26.28
C LYS Z 128 64.12 -69.40 24.75
N CYS Z 129 65.36 -69.49 24.26
CA CYS Z 129 65.64 -69.49 22.82
C CYS Z 129 65.11 -70.74 22.11
N SER Z 130 65.41 -71.90 22.67
CA SER Z 130 64.90 -73.18 22.17
C SER Z 130 63.39 -73.38 22.47
N GLY Z 131 62.92 -72.81 23.58
CA GLY Z 131 61.52 -72.95 23.99
C GLY Z 131 60.51 -72.24 23.09
N ALA Z 132 60.88 -71.04 22.62
CA ALA Z 132 60.05 -70.28 21.68
C ALA Z 132 60.08 -70.90 20.29
N ASN AA 90 -91.58 -6.85 15.19
CA ASN AA 90 -92.12 -5.75 16.05
C ASN AA 90 -93.54 -5.29 15.68
N HIS AA 91 -94.00 -5.62 14.46
CA HIS AA 91 -95.02 -4.82 13.76
C HIS AA 91 -96.27 -5.67 13.47
N SER AA 92 -97.41 -4.98 13.33
CA SER AA 92 -98.71 -5.61 13.08
C SER AA 92 -99.06 -5.62 11.60
N VAL AA 93 -99.53 -6.75 11.10
CA VAL AA 93 -99.52 -7.06 9.66
C VAL AA 93 -100.87 -6.79 9.00
N LEU AA 94 -101.96 -7.19 9.65
CA LEU AA 94 -103.32 -6.84 9.20
C LEU AA 94 -103.66 -5.37 9.46
N PHE AA 95 -104.78 -4.93 8.87
CA PHE AA 95 -105.34 -3.58 9.10
C PHE AA 95 -105.43 -3.19 10.59
N ASP AA 96 -105.86 -4.14 11.42
CA ASP AA 96 -106.28 -3.89 12.81
C ASP AA 96 -107.48 -2.93 12.84
N LYS AA 97 -108.68 -3.51 12.83
CA LYS AA 97 -109.90 -2.77 12.50
C LYS AA 97 -110.44 -1.92 13.67
N ALA AA 98 -109.79 -2.00 14.83
CA ALA AA 98 -109.82 -0.91 15.82
C ALA AA 98 -109.23 0.38 15.27
N THR AA 99 -108.01 0.29 14.73
CA THR AA 99 -107.26 1.48 14.27
C THR AA 99 -107.68 2.01 12.89
N TYR AA 100 -108.49 1.26 12.15
CA TYR AA 100 -109.05 1.72 10.87
C TYR AA 100 -109.99 2.92 11.03
N ASP AA 101 -110.80 2.90 12.09
CA ASP AA 101 -111.67 4.04 12.43
C ASP AA 101 -110.87 5.29 12.81
N LYS AA 102 -109.75 5.11 13.51
CA LYS AA 102 -108.79 6.18 13.78
C LYS AA 102 -108.04 6.64 12.52
N LEU AA 103 -107.63 5.69 11.69
CA LEU AA 103 -106.77 5.95 10.51
C LEU AA 103 -107.38 6.88 9.44
N LEU AA 104 -108.70 7.02 9.44
CA LEU AA 104 -109.37 8.10 8.69
C LEU AA 104 -108.99 9.48 9.24
N ALA AA 105 -108.99 9.61 10.57
CA ALA AA 105 -108.58 10.84 11.26
C ALA AA 105 -107.06 11.05 11.32
N ASP AA 106 -106.29 9.96 11.48
CA ASP AA 106 -104.89 10.05 11.91
C ASP AA 106 -103.96 10.68 10.87
N ILE AA 107 -104.04 10.21 9.62
CA ILE AA 107 -103.04 10.53 8.59
C ILE AA 107 -103.22 11.93 7.95
N PRO AA 108 -104.47 12.37 7.71
CA PRO AA 108 -104.68 13.75 7.24
C PRO AA 108 -104.28 14.89 8.20
N LYS AA 109 -104.08 14.58 9.49
CA LYS AA 109 -103.46 15.51 10.43
C LYS AA 109 -102.01 15.85 10.05
N ALA AA 110 -101.23 14.82 9.72
CA ALA AA 110 -99.78 14.92 9.64
C ALA AA 110 -99.32 15.69 8.40
N ARG AA 111 -98.16 16.34 8.51
CA ARG AA 111 -97.62 17.18 7.45
C ARG AA 111 -96.94 16.33 6.36
N LEU AA 112 -96.03 15.46 6.78
CA LEU AA 112 -95.45 14.44 5.91
C LEU AA 112 -96.37 13.23 5.84
N ILE AA 113 -96.64 12.74 4.62
CA ILE AA 113 -97.29 11.45 4.39
C ILE AA 113 -96.42 10.61 3.47
N THR AA 114 -95.78 9.58 4.03
CA THR AA 114 -94.88 8.68 3.31
C THR AA 114 -95.26 7.21 3.60
N PRO AA 115 -94.52 6.24 3.02
CA PRO AA 115 -94.39 4.91 3.62
C PRO AA 115 -94.03 4.91 5.11
N HIS AA 116 -93.05 5.72 5.51
CA HIS AA 116 -92.50 5.68 6.86
C HIS AA 116 -93.41 6.33 7.91
N THR AA 117 -94.11 7.40 7.55
CA THR AA 117 -94.92 8.18 8.50
C THR AA 117 -96.18 7.46 8.98
N VAL AA 118 -96.64 6.44 8.24
CA VAL AA 118 -97.76 5.59 8.67
C VAL AA 118 -97.32 4.67 9.81
N CYS AA 119 -96.22 3.96 9.60
CA CYS AA 119 -95.61 3.11 10.63
C CYS AA 119 -94.83 3.87 11.71
N GLU AA 120 -94.62 5.18 11.50
CA GLU AA 120 -94.26 6.10 12.58
C GLU AA 120 -95.43 6.30 13.56
N ARG AA 121 -96.57 6.73 13.03
CA ARG AA 121 -97.77 6.96 13.84
C ARG AA 121 -98.28 5.62 14.32
N LEU AA 122 -98.25 4.68 13.40
CA LEU AA 122 -98.71 3.32 13.60
C LEU AA 122 -97.51 2.41 13.76
N LYS AA 123 -97.76 1.15 14.12
CA LYS AA 123 -96.71 0.18 14.28
C LYS AA 123 -97.08 -1.01 13.44
N VAL AA 124 -97.00 -0.81 12.13
CA VAL AA 124 -97.32 -1.83 11.15
C VAL AA 124 -96.31 -1.78 10.01
N ASN AA 125 -96.17 -2.88 9.28
CA ASN AA 125 -95.22 -2.92 8.18
C ASN AA 125 -95.57 -1.97 7.04
N ALA AA 126 -94.51 -1.40 6.46
CA ALA AA 126 -94.58 -0.46 5.35
C ALA AA 126 -95.58 -0.82 4.25
N SER AA 127 -95.77 -2.11 4.00
CA SER AA 127 -96.65 -2.55 2.93
C SER AA 127 -98.09 -2.06 3.06
N LEU AA 128 -98.64 -2.07 4.27
CA LEU AA 128 -100.01 -1.61 4.46
C LEU AA 128 -100.11 -0.13 4.09
N ALA AA 129 -99.08 0.62 4.50
CA ALA AA 129 -98.97 2.07 4.26
C ALA AA 129 -99.15 2.47 2.80
N ARG AA 130 -98.67 1.63 1.88
CA ARG AA 130 -98.84 1.87 0.44
C ARG AA 130 -100.30 1.72 0.00
N GLN AA 131 -100.92 0.60 0.39
CA GLN AA 131 -102.36 0.40 0.16
C GLN AA 131 -103.28 1.30 1.00
N ALA AA 132 -102.76 1.85 2.11
CA ALA AA 132 -103.45 2.89 2.86
C ALA AA 132 -103.51 4.22 2.12
N ILE AA 133 -102.34 4.73 1.72
CA ILE AA 133 -102.27 6.01 0.98
C ILE AA 133 -102.76 5.92 -0.48
N ARG AA 134 -102.81 4.71 -1.04
CA ARG AA 134 -103.55 4.45 -2.29
C ARG AA 134 -105.07 4.48 -2.08
N TYR AA 135 -105.54 3.96 -0.94
CA TYR AA 135 -106.94 4.08 -0.53
C TYR AA 135 -107.33 5.53 -0.20
N LEU AA 136 -106.45 6.25 0.49
CA LEU AA 136 -106.68 7.68 0.81
C LEU AA 136 -106.56 8.62 -0.39
N LYS AA 137 -105.92 8.18 -1.48
CA LYS AA 137 -106.05 8.84 -2.78
C LYS AA 137 -107.47 8.70 -3.33
N ASP AA 138 -107.94 7.46 -3.45
CA ASP AA 138 -109.13 7.14 -4.25
C ASP AA 138 -110.41 7.56 -3.53
N GLN AA 139 -110.57 7.08 -2.30
CA GLN AA 139 -111.72 7.45 -1.45
C GLN AA 139 -111.53 8.85 -0.87
N GLY AA 140 -110.44 9.02 -0.11
CA GLY AA 140 -110.29 10.15 0.79
C GLY AA 140 -109.75 11.40 0.12
N LEU AA 141 -108.95 12.16 0.88
CA LEU AA 141 -108.69 13.57 0.61
C LEU AA 141 -107.37 13.81 -0.14
N ILE AA 142 -106.32 13.10 0.25
CA ILE AA 142 -104.93 13.57 0.09
C ILE AA 142 -104.46 13.61 -1.37
N LYS AA 143 -103.42 14.40 -1.63
CA LYS AA 143 -102.96 14.72 -2.99
C LYS AA 143 -101.45 14.55 -3.14
N ILE AA 144 -101.02 14.29 -4.37
CA ILE AA 144 -99.59 14.07 -4.67
C ILE AA 144 -98.81 15.39 -4.69
N VAL AA 145 -97.61 15.33 -4.15
CA VAL AA 145 -96.66 16.43 -4.10
C VAL AA 145 -96.15 16.70 -5.50
N GLY AA 146 -95.92 15.59 -6.20
CA GLY AA 146 -95.43 15.53 -7.56
C GLY AA 146 -96.38 14.57 -8.22
N GLU AA 147 -96.40 14.50 -9.54
CA GLU AA 147 -97.34 13.60 -10.19
C GLU AA 147 -97.14 12.17 -9.75
N HIS AA 148 -95.89 11.70 -9.71
CA HIS AA 148 -95.64 10.35 -9.24
C HIS AA 148 -94.19 9.87 -9.36
N HIS AA 149 -93.94 8.73 -8.75
CA HIS AA 149 -92.66 8.03 -8.80
C HIS AA 149 -92.96 6.59 -8.46
N HIS AA 150 -92.06 5.70 -8.82
CA HIS AA 150 -92.27 4.29 -8.54
C HIS AA 150 -91.51 3.81 -7.31
N SER AA 151 -90.90 4.71 -6.53
CA SER AA 151 -90.13 4.18 -5.41
C SER AA 151 -90.46 4.89 -4.10
N GLN AA 152 -90.38 6.22 -4.13
CA GLN AA 152 -90.69 7.08 -2.99
C GLN AA 152 -91.92 7.91 -3.27
N TYR AA 153 -92.98 7.70 -2.48
CA TYR AA 153 -94.32 8.20 -2.82
C TYR AA 153 -94.48 9.68 -2.49
N ILE AA 154 -94.43 10.00 -1.19
CA ILE AA 154 -94.39 11.39 -0.70
C ILE AA 154 -95.66 12.18 -1.06
N TYR AA 155 -96.67 12.09 -0.18
CA TYR AA 155 -97.88 12.90 -0.26
C TYR AA 155 -97.86 14.03 0.78
N THR AA 156 -98.69 15.05 0.53
CA THR AA 156 -99.07 16.04 1.55
C THR AA 156 -100.46 15.76 2.08
N ARG AA 157 -100.78 16.35 3.23
CA ARG AA 157 -102.17 16.64 3.62
C ARG AA 157 -102.85 17.56 2.60
N ASN AA 158 -104.15 17.38 2.42
CA ASN AA 158 -104.91 18.08 1.38
C ASN AA 158 -105.14 19.56 1.67
N THR AA 159 -105.23 19.93 2.96
CA THR AA 159 -105.55 21.28 3.41
C THR AA 159 -106.91 21.77 2.89
N SER AA 160 -107.98 21.19 3.45
CA SER AA 160 -109.35 21.54 3.10
C SER AA 160 -110.31 21.24 4.25
N PRO BA 2 -3.82 9.78 11.02
CA PRO BA 2 -3.34 11.02 10.42
C PRO BA 2 -3.97 12.26 11.06
N THR BA 3 -3.27 13.40 10.97
CA THR BA 3 -3.81 14.67 11.41
C THR BA 3 -4.90 15.14 10.46
N LYS BA 4 -6.14 15.19 10.96
CA LYS BA 4 -7.27 15.78 10.24
C LYS BA 4 -7.17 17.30 10.16
N ARG BA 5 -6.56 17.92 11.17
CA ARG BA 5 -6.26 19.36 11.16
C ARG BA 5 -4.81 19.63 11.58
N ARG BA 6 -4.20 20.62 10.95
CA ARG BA 6 -2.86 21.01 11.31
C ARG BA 6 -2.97 21.57 12.72
N ASN BA 7 -4.02 22.37 12.89
CA ASN BA 7 -4.36 23.04 14.14
C ASN BA 7 -4.73 22.15 15.32
N GLY BA 8 -5.46 21.09 15.03
CA GLY BA 8 -5.95 20.17 16.04
C GLY BA 8 -7.34 20.61 16.49
N GLY BA 9 -7.76 21.78 16.02
CA GLY BA 9 -9.06 22.35 16.30
C GLY BA 9 -9.17 23.17 17.57
N ARG BA 10 -8.13 23.15 18.39
CA ARG BA 10 -8.15 23.91 19.64
C ARG BA 10 -7.52 25.29 19.56
N ALA BA 11 -6.74 25.55 18.51
CA ALA BA 11 -6.12 26.86 18.34
C ALA BA 11 -5.28 27.33 19.54
N LYS BA 12 -4.47 26.45 20.12
CA LYS BA 12 -3.64 26.84 21.26
C LYS BA 12 -2.14 26.78 20.97
N HIS BA 13 -1.44 27.89 21.22
CA HIS BA 13 0.00 27.96 21.01
C HIS BA 13 0.74 28.57 22.20
N GLY BA 14 1.85 27.95 22.62
CA GLY BA 14 2.63 28.42 23.75
C GLY BA 14 1.79 28.63 25.01
N ARG BA 15 1.01 27.63 25.38
CA ARG BA 15 0.35 27.58 26.70
C ARG BA 15 0.81 26.31 27.44
N GLY BA 16 0.30 25.16 27.05
CA GLY BA 16 0.28 23.97 27.92
C GLY BA 16 -0.97 23.80 28.78
N HIS BA 17 -1.68 24.89 29.04
CA HIS BA 17 -2.99 24.82 29.71
C HIS BA 17 -3.84 26.07 29.43
N SER BA 18 -5.05 25.85 28.94
CA SER BA 18 -6.02 26.93 28.69
C SER BA 18 -7.11 26.95 29.76
N ALA BA 19 -7.96 27.97 29.71
CA ALA BA 19 -9.19 28.01 30.50
C ALA BA 19 -10.24 27.03 29.98
N VAL BA 20 -11.26 26.80 30.81
CA VAL BA 20 -12.32 25.84 30.52
C VAL BA 20 -13.68 26.55 30.57
N VAL BA 21 -14.63 26.06 29.75
CA VAL BA 21 -16.03 26.47 29.82
C VAL BA 21 -16.96 25.27 29.69
N ARG BA 22 -18.13 25.38 30.30
CA ARG BA 22 -19.18 24.37 30.18
C ARG BA 22 -20.07 24.70 29.00
N CYS BA 23 -20.45 23.68 28.24
CA CYS BA 23 -21.35 23.83 27.10
C CYS BA 23 -22.74 24.27 27.57
N SER BA 24 -23.35 25.20 26.85
CA SER BA 24 -24.64 25.78 27.23
C SER BA 24 -25.82 24.80 27.10
N ASN BA 25 -25.69 23.81 26.21
CA ASN BA 25 -26.68 22.75 26.06
C ASN BA 25 -26.21 21.42 26.67
N CYS BA 26 -25.08 20.90 26.19
CA CYS BA 26 -24.60 19.55 26.57
C CYS BA 26 -24.40 19.42 28.08
N GLY BA 27 -23.68 20.38 28.67
CA GLY BA 27 -23.08 20.23 29.99
C GLY BA 27 -21.56 20.07 29.99
N ARG BA 28 -20.98 19.66 28.86
CA ARG BA 28 -19.63 19.11 28.84
C ARG BA 28 -18.57 20.18 29.08
N SER BA 29 -17.57 19.85 29.91
CA SER BA 29 -16.32 20.58 29.95
C SER BA 29 -15.54 20.36 28.65
N CYS BA 30 -15.49 21.39 27.81
CA CYS BA 30 -14.47 21.55 26.78
C CYS BA 30 -13.57 22.74 27.12
N PRO BA 31 -12.43 22.84 26.44
CA PRO BA 31 -11.49 23.94 26.62
C PRO BA 31 -12.10 25.20 26.04
N LYS BA 32 -11.75 26.37 26.58
CA LYS BA 32 -12.33 27.61 26.07
C LYS BA 32 -11.96 27.84 24.62
N ASP BA 33 -10.73 27.51 24.26
CA ASP BA 33 -10.24 27.68 22.90
C ASP BA 33 -10.98 26.87 21.85
N LYS BA 34 -11.31 25.63 22.19
CA LYS BA 34 -11.99 24.70 21.29
C LYS BA 34 -13.50 24.68 21.41
N ALA BA 35 -14.06 25.58 22.21
CA ALA BA 35 -15.50 25.61 22.44
C ALA BA 35 -16.49 25.85 21.29
N ILE BA 36 -16.19 26.79 20.40
CA ILE BA 36 -17.08 27.15 19.28
C ILE BA 36 -18.06 28.12 19.90
N LYS BA 37 -17.89 29.41 19.67
CA LYS BA 37 -18.78 30.37 20.29
C LYS BA 37 -19.52 31.36 19.41
N ARG BA 38 -20.82 31.43 19.59
CA ARG BA 38 -21.64 32.42 18.86
C ARG BA 38 -22.30 33.39 19.85
N PHE BA 39 -21.81 34.63 19.86
CA PHE BA 39 -22.39 35.70 20.68
C PHE BA 39 -23.70 36.19 20.05
N ASN BA 40 -24.82 35.63 20.52
CA ASN BA 40 -26.15 35.98 20.00
C ASN BA 40 -26.71 37.23 20.67
N VAL BA 41 -26.47 38.38 20.03
CA VAL BA 41 -27.31 39.57 20.23
C VAL BA 41 -28.64 39.41 19.50
N ARG BA 42 -29.73 39.81 20.16
CA ARG BA 42 -31.07 39.79 19.57
C ARG BA 42 -32.06 40.55 20.45
N ASN BA 43 -32.98 41.29 19.83
CA ASN BA 43 -34.08 41.91 20.56
C ASN BA 43 -35.11 40.89 21.07
N ILE BA 44 -35.89 41.30 22.07
CA ILE BA 44 -36.62 40.37 22.94
C ILE BA 44 -37.84 39.76 22.22
N VAL BA 45 -38.57 40.58 21.47
CA VAL BA 45 -39.89 40.21 20.94
C VAL BA 45 -39.88 40.13 19.40
N ASP BA 46 -38.96 39.33 18.88
CA ASP BA 46 -38.90 38.97 17.45
C ASP BA 46 -38.65 40.20 16.54
N ALA BA 47 -39.72 40.80 16.01
CA ALA BA 47 -39.68 41.54 14.74
C ALA BA 47 -41.10 41.87 14.28
N SER BA 48 -41.88 40.81 14.05
CA SER BA 48 -43.30 40.94 13.71
C SER BA 48 -44.13 41.35 14.93
N SER BA 49 -43.86 40.71 16.07
CA SER BA 49 -44.65 40.92 17.29
C SER BA 49 -44.35 42.22 18.04
N GLN BA 50 -43.21 42.87 17.74
CA GLN BA 50 -42.76 44.05 18.49
C GLN BA 50 -43.58 45.32 18.20
N ARG BA 51 -44.29 45.37 17.08
CA ARG BA 51 -45.16 46.51 16.74
C ARG BA 51 -46.34 46.70 17.70
N ASP BA 52 -46.78 45.62 18.36
CA ASP BA 52 -47.72 45.71 19.48
C ASP BA 52 -47.22 46.59 20.63
N LEU BA 53 -45.93 46.47 20.94
CA LEU BA 53 -45.31 47.27 21.99
C LEU BA 53 -45.16 48.74 21.59
N ARG BA 54 -44.85 48.99 20.32
CA ARG BA 54 -44.82 50.35 19.77
C ARG BA 54 -46.20 51.02 19.77
N GLU BA 55 -47.25 50.24 19.52
CA GLU BA 55 -48.64 50.71 19.66
C GLU BA 55 -49.01 50.99 21.11
N ALA BA 56 -48.80 50.00 21.97
CA ALA BA 56 -49.43 49.96 23.29
C ALA BA 56 -48.82 50.92 24.32
N SER BA 57 -47.55 51.28 24.15
CA SER BA 57 -46.69 51.66 25.27
C SER BA 57 -46.88 53.11 25.72
N VAL BA 58 -46.37 53.40 26.90
CA VAL BA 58 -46.15 54.77 27.39
C VAL BA 58 -44.88 55.31 26.71
N TYR BA 59 -44.77 56.64 26.65
CA TYR BA 59 -43.59 57.37 26.13
C TYR BA 59 -43.62 57.47 24.61
N ASN BA 60 -43.20 58.63 24.09
CA ASN BA 60 -43.16 58.88 22.64
C ASN BA 60 -41.92 58.25 22.02
N THR BA 61 -42.10 57.10 21.37
CA THR BA 61 -41.01 56.16 21.00
C THR BA 61 -40.31 55.52 22.20
N TYR BA 62 -39.77 54.33 21.99
CA TYR BA 62 -38.96 53.63 22.98
C TYR BA 62 -38.11 52.56 22.32
N THR BA 63 -36.81 52.56 22.59
CA THR BA 63 -35.89 51.53 22.11
C THR BA 63 -36.06 50.24 22.91
N LEU BA 64 -36.53 49.18 22.25
CA LEU BA 64 -36.74 47.89 22.89
C LEU BA 64 -35.40 47.20 23.13
N PRO BA 65 -34.97 47.10 24.41
CA PRO BA 65 -33.56 46.84 24.70
C PRO BA 65 -33.16 45.40 24.41
N LYS BA 66 -31.97 45.21 23.83
CA LYS BA 66 -31.59 43.93 23.25
C LYS BA 66 -31.06 42.97 24.31
N LEU BA 67 -31.22 41.68 24.03
CA LEU BA 67 -30.79 40.60 24.91
C LEU BA 67 -29.41 40.10 24.49
N TYR BA 68 -28.43 40.19 25.39
CA TYR BA 68 -27.04 39.86 25.10
C TYR BA 68 -26.66 38.58 25.85
N ILE BA 69 -26.28 37.54 25.11
CA ILE BA 69 -25.76 36.30 25.70
C ILE BA 69 -24.60 35.75 24.84
N LYS BA 70 -23.63 35.12 25.49
CA LYS BA 70 -22.55 34.40 24.82
C LYS BA 70 -22.76 32.90 24.95
N GLN BA 71 -23.22 32.27 23.88
CA GLN BA 71 -23.37 30.82 23.84
C GLN BA 71 -22.01 30.15 23.65
N CYS BA 72 -21.82 29.01 24.31
CA CYS BA 72 -20.65 28.16 24.11
C CYS BA 72 -21.08 26.71 23.95
N TYR BA 73 -20.40 26.00 23.05
CA TYR BA 73 -20.88 24.70 22.53
C TYR BA 73 -19.78 23.64 22.65
N CYS BA 74 -20.10 22.41 22.27
CA CYS BA 74 -19.35 21.23 22.72
C CYS BA 74 -18.65 20.51 21.56
N VAL BA 75 -18.75 21.05 20.34
CA VAL BA 75 -18.59 20.30 19.07
C VAL BA 75 -19.80 19.41 18.78
N SER BA 76 -20.00 18.37 19.60
CA SER BA 76 -21.12 17.43 19.42
C SER BA 76 -22.50 18.10 19.50
N CYS BA 77 -22.66 19.02 20.45
CA CYS BA 77 -23.87 19.85 20.54
C CYS BA 77 -24.07 20.75 19.32
N ALA BA 78 -22.98 21.28 18.77
CA ALA BA 78 -23.04 22.13 17.58
C ALA BA 78 -23.44 21.36 16.32
N ILE BA 79 -22.77 20.23 16.10
CA ILE BA 79 -22.95 19.44 14.87
C ILE BA 79 -24.33 18.76 14.83
N HIS BA 80 -24.84 18.37 16.00
CA HIS BA 80 -26.23 17.97 16.15
C HIS BA 80 -27.21 19.10 15.84
N SER BA 81 -26.99 20.27 16.43
CA SER BA 81 -27.89 21.41 16.30
C SER BA 81 -27.76 22.20 15.00
N ARG BA 82 -26.77 21.85 14.16
CA ARG BA 82 -26.55 22.46 12.84
C ARG BA 82 -26.19 23.95 12.95
N VAL BA 83 -25.21 24.22 13.81
CA VAL BA 83 -24.49 25.49 13.82
C VAL BA 83 -23.37 25.45 12.78
N VAL BA 84 -22.61 24.35 12.77
CA VAL BA 84 -21.41 24.19 11.93
C VAL BA 84 -21.56 23.17 10.79
N ARG BA 85 -22.42 22.17 10.97
CA ARG BA 85 -22.34 20.86 10.29
C ARG BA 85 -20.90 20.35 10.01
N VAL BA 86 -20.40 20.51 8.78
CA VAL BA 86 -19.31 19.68 8.27
C VAL BA 86 -18.91 20.12 6.86
N ARG BA 87 -17.62 20.04 6.54
CA ARG BA 87 -17.07 20.62 5.32
C ARG BA 87 -16.10 19.65 4.61
N SER BA 88 -15.74 19.99 3.38
CA SER BA 88 -14.80 19.20 2.58
C SER BA 88 -13.36 19.40 3.03
N VAL BA 89 -12.45 18.57 2.52
CA VAL BA 89 -11.03 18.63 2.87
C VAL BA 89 -10.33 19.91 2.38
N GLU BA 90 -10.75 20.42 1.22
CA GLU BA 90 -10.22 21.67 0.67
C GLU BA 90 -10.81 22.87 1.39
N GLN BA 91 -12.15 22.91 1.47
CA GLN BA 91 -12.88 24.06 1.99
C GLN BA 91 -12.84 24.17 3.53
N ARG BA 92 -12.43 23.11 4.20
CA ARG BA 92 -12.04 23.15 5.63
C ARG BA 92 -11.18 24.34 6.03
N LYS BA 93 -10.15 24.63 5.22
CA LYS BA 93 -9.06 25.53 5.62
C LYS BA 93 -9.47 27.01 5.78
N VAL BA 94 -10.59 27.42 5.19
CA VAL BA 94 -11.04 28.81 5.23
C VAL BA 94 -11.54 29.21 6.63
N ARG BA 95 -11.10 30.39 7.11
CA ARG BA 95 -11.34 30.84 8.49
C ARG BA 95 -12.14 32.15 8.57
N GLU BA 96 -12.70 32.60 7.45
CA GLU BA 96 -13.38 33.90 7.37
C GLU BA 96 -14.77 33.84 8.02
N ASN BA 97 -15.46 34.97 8.00
CA ASN BA 97 -16.86 35.06 8.42
C ASN BA 97 -17.81 34.81 7.23
N PRO BA 98 -18.60 33.71 7.27
CA PRO BA 98 -19.87 33.67 6.55
C PRO BA 98 -21.01 34.31 7.36
N GLN BA 99 -21.75 35.19 6.72
CA GLN BA 99 -22.58 36.22 7.39
C GLN BA 99 -21.73 37.18 8.24
N ARG BA 100 -20.97 38.02 7.54
CA ARG BA 100 -20.37 39.23 8.12
C ARG BA 100 -21.36 40.08 8.91
N GLU CA 2 24.26 40.87 -10.62
CA GLU CA 2 22.93 40.91 -9.93
C GLU CA 2 23.02 41.09 -8.40
N ILE CA 3 24.15 40.72 -7.81
CA ILE CA 3 24.45 41.02 -6.39
C ILE CA 3 25.92 41.43 -6.19
N ASP CA 4 26.17 42.20 -5.12
CA ASP CA 4 27.50 42.70 -4.77
C ASP CA 4 27.73 42.63 -3.26
N LEU CA 5 28.24 41.49 -2.80
CA LEU CA 5 28.58 41.30 -1.39
C LEU CA 5 29.85 42.07 -0.96
N LEU CA 6 30.76 42.25 -1.91
CA LEU CA 6 32.01 42.99 -1.64
C LEU CA 6 31.76 44.48 -1.44
N HIS CA 7 30.96 45.07 -2.34
CA HIS CA 7 30.59 46.49 -2.29
C HIS CA 7 29.08 46.65 -2.09
N PRO CA 8 28.62 46.56 -0.82
CA PRO CA 8 27.21 46.79 -0.51
C PRO CA 8 26.84 48.28 -0.48
N ASP CA 9 25.55 48.56 -0.52
CA ASP CA 9 25.06 49.94 -0.64
C ASP CA 9 25.10 50.65 0.72
N PRO CA 10 25.44 51.95 0.75
CA PRO CA 10 25.32 52.76 1.97
C PRO CA 10 23.92 52.82 2.61
N LYS CA 11 22.87 52.82 1.79
CA LYS CA 11 21.49 52.95 2.28
C LYS CA 11 21.02 51.72 3.04
N VAL CA 12 21.32 50.54 2.50
CA VAL CA 12 20.82 49.27 3.03
C VAL CA 12 21.59 48.84 4.27
N GLU CA 13 22.92 48.99 4.24
CA GLU CA 13 23.78 48.63 5.38
C GLU CA 13 23.64 49.55 6.60
N ALA CA 14 23.16 50.78 6.39
CA ALA CA 14 22.74 51.65 7.49
C ALA CA 14 21.52 51.11 8.24
N SER CA 15 20.59 50.49 7.50
CA SER CA 15 19.38 49.90 8.11
C SER CA 15 19.65 48.67 8.97
N LYS CA 16 20.68 47.89 8.63
CA LYS CA 16 20.95 46.59 9.26
C LYS CA 16 21.43 46.71 10.71
N HIS CA 17 21.35 45.60 11.43
CA HIS CA 17 21.82 45.50 12.81
C HIS CA 17 23.35 45.57 12.87
N LYS CA 18 23.87 46.58 13.56
CA LYS CA 18 25.20 46.56 14.22
C LYS CA 18 26.18 45.47 13.77
N LEU CA 19 25.89 44.23 14.15
CA LEU CA 19 26.81 43.10 13.96
C LEU CA 19 26.68 42.45 12.59
N LYS CA 20 25.47 42.48 12.01
CA LYS CA 20 25.21 41.88 10.69
C LYS CA 20 25.80 42.68 9.51
N ARG CA 21 26.27 43.90 9.75
CA ARG CA 21 27.02 44.68 8.73
C ARG CA 21 28.35 44.03 8.36
N LEU CA 22 28.92 44.46 7.23
CA LEU CA 22 30.12 43.86 6.66
C LEU CA 22 31.35 44.13 7.53
N ILE CA 23 31.53 45.39 7.90
CA ILE CA 23 32.37 45.77 9.04
C ILE CA 23 31.45 46.25 10.16
N PRO CA 24 31.51 45.59 11.34
CA PRO CA 24 30.70 46.03 12.48
C PRO CA 24 31.26 47.28 13.15
N ASN CA 25 30.39 48.25 13.42
CA ASN CA 25 30.78 49.48 14.13
C ASN CA 25 29.57 50.13 14.82
N PRO CA 26 29.81 50.89 15.90
CA PRO CA 26 28.69 51.31 16.76
C PRO CA 26 27.94 52.51 16.18
N ASN CA 27 26.60 52.46 16.25
CA ASN CA 27 25.75 53.58 15.86
C ASN CA 27 25.50 54.63 16.99
N SER CA 28 26.08 54.39 18.16
CA SER CA 28 26.22 55.43 19.19
C SER CA 28 27.34 56.43 18.87
N PHE CA 29 27.40 57.50 19.66
CA PHE CA 29 28.37 58.58 19.44
C PHE CA 29 28.53 59.46 20.70
N PHE CA 30 29.48 60.39 20.65
CA PHE CA 30 29.74 61.33 21.74
C PHE CA 30 29.34 62.75 21.36
N MET CA 31 29.11 63.57 22.39
CA MET CA 31 28.48 64.89 22.23
C MET CA 31 29.17 65.92 23.14
N ASP CA 32 29.53 67.07 22.58
CA ASP CA 32 29.94 68.25 23.36
C ASP CA 32 28.72 69.10 23.72
N VAL CA 33 28.23 68.95 24.95
CA VAL CA 33 26.95 69.51 25.38
C VAL CA 33 27.16 70.88 26.04
N LYS CA 34 26.28 71.83 25.74
CA LYS CA 34 26.31 73.17 26.32
C LYS CA 34 25.03 73.44 27.13
N CYS CA 35 25.14 73.31 28.45
CA CYS CA 35 24.02 73.63 29.36
C CYS CA 35 23.84 75.15 29.48
N PRO CA 36 22.63 75.62 29.84
CA PRO CA 36 22.25 77.02 29.60
C PRO CA 36 23.01 78.04 30.44
N GLY CA 37 23.23 77.73 31.72
CA GLY CA 37 23.90 78.66 32.65
C GLY CA 37 25.39 78.79 32.38
N CYS CA 38 26.10 77.66 32.42
CA CYS CA 38 27.56 77.65 32.34
C CYS CA 38 28.04 77.81 30.89
N LEU CA 39 29.14 78.54 30.71
CA LEU CA 39 29.89 78.56 29.45
C LEU CA 39 30.75 77.31 29.18
N GLN CA 40 30.93 76.47 30.20
CA GLN CA 40 31.69 75.21 30.06
C GLN CA 40 31.02 74.20 29.14
N ILE CA 41 31.81 73.21 28.71
CA ILE CA 41 31.33 72.11 27.85
C ILE CA 41 31.76 70.75 28.40
N THR CA 42 30.97 69.73 28.12
CA THR CA 42 31.15 68.38 28.68
C THR CA 42 31.00 67.32 27.59
N THR CA 43 31.94 66.39 27.55
CA THR CA 43 31.89 65.27 26.61
C THR CA 43 30.99 64.15 27.14
N VAL CA 44 29.82 63.98 26.52
CA VAL CA 44 28.77 63.09 27.03
C VAL CA 44 28.42 62.03 25.99
N PHE CA 45 28.33 60.77 26.43
CA PHE CA 45 27.99 59.66 25.54
C PHE CA 45 26.52 59.76 25.14
N SER CA 46 26.20 59.36 23.92
CA SER CA 46 24.81 59.44 23.46
C SER CA 46 23.88 58.57 24.29
N HIS CA 47 24.28 57.34 24.59
CA HIS CA 47 23.47 56.47 25.42
C HIS CA 47 24.14 56.52 26.77
N ALA CA 48 23.55 57.26 27.71
CA ALA CA 48 24.13 57.40 29.03
C ALA CA 48 23.30 56.69 30.07
N GLN CA 49 23.94 55.85 30.86
CA GLN CA 49 23.26 55.09 31.89
C GLN CA 49 23.22 55.81 33.22
N THR CA 50 23.84 56.99 33.33
CA THR CA 50 23.81 57.67 34.62
C THR CA 50 23.40 59.13 34.46
N VAL CA 51 22.90 59.71 35.56
CA VAL CA 51 22.45 61.11 35.57
C VAL CA 51 23.68 62.01 35.68
N VAL CA 52 24.01 62.70 34.59
CA VAL CA 52 25.30 63.36 34.44
C VAL CA 52 25.21 64.79 34.99
N LEU CA 53 26.16 65.14 35.86
CA LEU CA 53 26.20 66.45 36.52
C LEU CA 53 27.19 67.38 35.82
N CYS CA 54 27.05 68.68 36.10
CA CYS CA 54 27.88 69.73 35.48
C CYS CA 54 29.28 69.76 36.08
N GLY CA 55 30.17 70.54 35.46
CA GLY CA 55 31.57 70.64 35.86
C GLY CA 55 31.79 71.30 37.21
N SER CA 56 30.92 72.24 37.56
CA SER CA 56 30.83 72.76 38.94
C SER CA 56 29.38 73.10 39.32
N CYS CA 57 29.14 73.13 40.63
CA CYS CA 57 27.79 73.30 41.22
C CYS CA 57 26.65 72.60 40.47
N ASN CA 58 26.83 71.28 40.30
CA ASN CA 58 25.82 70.34 39.76
C ASN CA 58 24.44 70.89 39.36
N ILE CA 59 24.23 71.05 38.05
CA ILE CA 59 22.89 71.23 37.47
C ILE CA 59 22.40 69.83 37.06
N MET CA 60 22.13 69.56 35.78
CA MET CA 60 21.94 68.20 35.27
C MET CA 60 21.90 68.19 33.75
N LEU CA 61 22.82 67.44 33.13
CA LEU CA 61 22.95 67.43 31.66
C LEU CA 61 21.87 66.58 31.01
N CYS CA 62 21.72 65.34 31.50
CA CYS CA 62 20.85 64.36 30.86
C CYS CA 62 20.45 63.22 31.80
N GLN CA 63 19.18 62.79 31.68
CA GLN CA 63 18.64 61.66 32.45
C GLN CA 63 18.59 60.40 31.58
N PRO CA 64 18.96 59.23 32.15
CA PRO CA 64 19.04 58.01 31.35
C PRO CA 64 17.68 57.39 31.05
N THR CA 65 17.56 56.80 29.86
CA THR CA 65 16.33 56.16 29.39
C THR CA 65 16.67 54.74 28.90
N GLY CA 66 15.78 54.14 28.11
CA GLY CA 66 16.11 52.96 27.31
C GLY CA 66 17.36 53.11 26.46
N GLY CA 67 17.23 53.79 25.33
CA GLY CA 67 18.35 54.05 24.43
C GLY CA 67 18.99 55.39 24.71
N LYS CA 68 18.77 56.36 23.81
CA LYS CA 68 19.39 57.68 23.91
C LYS CA 68 18.83 58.46 25.09
N CYS CA 69 19.71 59.11 25.85
CA CYS CA 69 19.32 59.91 27.00
C CYS CA 69 18.67 61.23 26.56
N LYS CA 70 17.65 61.67 27.30
CA LYS CA 70 17.04 62.98 27.09
C LYS CA 70 17.95 64.06 27.67
N LEU CA 71 18.08 65.17 26.95
CA LEU CA 71 18.82 66.34 27.44
C LEU CA 71 17.86 67.39 27.98
N THR CA 72 18.26 68.04 29.07
CA THR CA 72 17.33 68.75 29.95
C THR CA 72 16.96 70.13 29.39
N GLU CA 73 15.75 70.24 28.83
CA GLU CA 73 15.22 71.50 28.26
C GLU CA 73 16.04 71.96 27.04
N GLY CA 74 15.94 73.25 26.68
CA GLY CA 74 16.86 73.86 25.72
C GLY CA 74 18.31 73.85 26.17
N CYS CA 75 19.06 72.86 25.68
CA CYS CA 75 20.52 72.88 25.73
C CYS CA 75 21.10 72.16 24.51
N SER CA 76 22.03 72.84 23.82
CA SER CA 76 22.54 72.36 22.53
C SER CA 76 23.59 71.27 22.71
N PHE CA 77 23.85 70.52 21.64
CA PHE CA 77 24.82 69.45 21.68
C PHE CA 77 25.44 69.26 20.31
N ARG CA 78 26.75 69.16 20.25
CA ARG CA 78 27.44 68.99 18.99
C ARG CA 78 28.17 67.65 18.95
N LYS CA 79 27.92 66.87 17.91
CA LYS CA 79 28.57 65.57 17.79
C LYS CA 79 30.05 65.72 17.48
N LYS CA 80 30.85 64.79 18.00
CA LYS CA 80 32.29 64.82 17.78
C LYS CA 80 32.61 64.47 16.33
N GLN DA 3 -69.05 34.45 16.97
CA GLN DA 3 -67.65 34.10 17.40
C GLN DA 3 -66.57 34.33 16.33
N PRO DA 4 -66.70 33.71 15.13
CA PRO DA 4 -65.56 33.68 14.20
C PRO DA 4 -65.41 34.99 13.42
N LYS DA 5 -64.15 35.41 13.22
CA LYS DA 5 -63.83 36.73 12.67
C LYS DA 5 -62.93 36.59 11.44
N LEU DA 6 -63.30 37.29 10.37
CA LEU DA 6 -62.84 36.97 9.01
C LEU DA 6 -61.53 37.68 8.69
N ALA DA 7 -60.74 37.08 7.79
CA ALA DA 7 -59.39 37.54 7.48
C ALA DA 7 -58.98 37.16 6.06
N LYS DA 8 -58.38 38.13 5.35
CA LYS DA 8 -58.09 38.01 3.91
C LYS DA 8 -56.62 37.66 3.67
N VAL DA 9 -56.39 36.76 2.72
CA VAL DA 9 -55.03 36.29 2.39
C VAL DA 9 -54.30 37.33 1.55
N GLU DA 10 -53.11 37.72 2.00
CA GLU DA 10 -52.20 38.55 1.19
C GLU DA 10 -51.44 37.68 0.20
N LYS DA 11 -50.71 36.69 0.72
CA LYS DA 11 -49.81 35.87 -0.09
C LYS DA 11 -49.50 34.55 0.62
N VAL DA 12 -49.42 33.47 -0.17
CA VAL DA 12 -48.83 32.20 0.31
C VAL DA 12 -47.33 32.35 0.56
N LEU DA 13 -46.87 31.86 1.72
CA LEU DA 13 -45.49 32.08 2.18
C LEU DA 13 -44.61 30.89 1.81
N GLY DA 14 -45.06 29.70 2.16
CA GLY DA 14 -44.41 28.46 1.73
C GLY DA 14 -45.33 27.26 1.88
N ARG DA 15 -44.73 26.10 2.16
CA ARG DA 15 -45.48 24.90 2.55
C ARG DA 15 -44.74 24.13 3.65
N THR DA 16 -45.50 23.71 4.68
CA THR DA 16 -44.95 23.50 6.02
C THR DA 16 -45.17 22.04 6.44
N GLY DA 17 -44.38 21.59 7.40
CA GLY DA 17 -44.57 20.27 8.02
C GLY DA 17 -43.84 19.17 7.26
N SER DA 18 -43.89 17.96 7.82
CA SER DA 18 -43.10 16.83 7.32
C SER DA 18 -43.71 16.24 6.04
N ARG DA 19 -45.01 15.99 6.09
CA ARG DA 19 -45.77 15.49 4.92
C ARG DA 19 -46.15 16.59 3.92
N GLY DA 20 -46.03 17.86 4.31
CA GLY DA 20 -46.19 18.98 3.38
C GLY DA 20 -47.63 19.34 3.04
N GLY DA 21 -48.59 18.82 3.80
CA GLY DA 21 -50.02 19.05 3.54
C GLY DA 21 -50.47 20.41 4.03
N VAL DA 22 -50.11 20.74 5.26
CA VAL DA 22 -50.37 22.06 5.84
C VAL DA 22 -49.52 23.16 5.20
N LEU DA 23 -50.10 24.34 5.08
CA LEU DA 23 -49.60 25.41 4.20
C LEU DA 23 -49.66 26.74 4.95
N GLN DA 24 -48.64 27.59 4.75
CA GLN DA 24 -48.45 28.80 5.57
C GLN DA 24 -48.84 30.07 4.81
N VAL DA 25 -49.59 30.94 5.49
CA VAL DA 25 -50.28 32.07 4.87
C VAL DA 25 -50.12 33.32 5.73
N ARG DA 26 -49.86 34.46 5.08
CA ARG DA 26 -50.08 35.77 5.70
C ARG DA 26 -51.53 36.21 5.51
N VAL DA 27 -52.17 36.62 6.60
CA VAL DA 27 -53.57 37.09 6.57
C VAL DA 27 -53.66 38.58 6.90
N THR DA 28 -54.85 39.17 6.67
CA THR DA 28 -55.14 40.56 7.03
C THR DA 28 -56.61 40.71 7.47
N PHE DA 29 -56.83 41.21 8.67
CA PHE DA 29 -58.19 41.23 9.27
C PHE DA 29 -59.09 42.31 8.66
N MET DA 30 -60.39 42.17 8.91
CA MET DA 30 -61.42 42.95 8.21
C MET DA 30 -62.67 43.10 9.09
N ARG DA 39 -54.05 45.49 9.86
CA ARG DA 39 -53.70 44.31 10.63
C ARG DA 39 -53.10 43.22 9.73
N SER DA 40 -52.15 42.46 10.28
CA SER DA 40 -51.66 41.23 9.65
C SER DA 40 -50.95 40.30 10.64
N LEU DA 41 -51.03 38.99 10.38
CA LEU DA 41 -50.13 38.01 11.00
C LEU DA 41 -50.04 36.72 10.17
N ILE DA 42 -49.10 35.85 10.53
CA ILE DA 42 -48.84 34.59 9.82
C ILE DA 42 -49.64 33.45 10.46
N ARG DA 43 -50.33 32.65 9.64
CA ARG DA 43 -51.05 31.46 10.09
C ARG DA 43 -50.79 30.24 9.21
N ASN DA 44 -51.06 29.06 9.77
CA ASN DA 44 -51.11 27.80 9.02
C ASN DA 44 -52.53 27.48 8.60
N VAL DA 45 -52.70 26.93 7.39
CA VAL DA 45 -54.01 26.47 6.90
C VAL DA 45 -53.93 25.09 6.23
N LYS DA 46 -55.05 24.36 6.24
CA LYS DA 46 -55.08 22.96 5.80
C LYS DA 46 -55.07 22.84 4.29
N GLY DA 47 -56.20 23.19 3.67
CA GLY DA 47 -56.54 22.71 2.33
C GLY DA 47 -55.93 23.53 1.21
N PRO DA 48 -56.50 23.43 -0.01
CA PRO DA 48 -56.06 24.28 -1.12
C PRO DA 48 -56.45 25.76 -0.92
N VAL DA 49 -55.45 26.64 -0.98
CA VAL DA 49 -55.64 28.08 -0.76
C VAL DA 49 -54.82 28.86 -1.81
N ARG DA 50 -55.35 30.00 -2.24
CA ARG DA 50 -54.64 30.92 -3.14
C ARG DA 50 -54.82 32.37 -2.70
N GLU DA 51 -54.06 33.27 -3.33
CA GLU DA 51 -54.18 34.71 -3.10
C GLU DA 51 -55.49 35.26 -3.67
N GLY DA 52 -56.04 36.28 -3.00
CA GLY DA 52 -57.40 36.75 -3.26
C GLY DA 52 -58.44 35.81 -2.67
N ASP DA 53 -58.38 35.66 -1.35
CA ASP DA 53 -59.18 34.66 -0.63
C ASP DA 53 -59.41 35.10 0.82
N ILE DA 54 -60.55 34.71 1.39
CA ILE DA 54 -60.96 35.14 2.73
C ILE DA 54 -61.43 33.95 3.57
N LEU DA 55 -61.04 33.94 4.85
CA LEU DA 55 -61.22 32.78 5.73
C LEU DA 55 -61.47 33.21 7.19
N ALA DA 56 -62.22 32.38 7.91
CA ALA DA 56 -62.62 32.69 9.29
C ALA DA 56 -61.60 32.15 10.29
N LEU DA 57 -61.33 32.93 11.33
CA LEU DA 57 -60.48 32.51 12.45
C LEU DA 57 -61.23 32.70 13.77
N LEU DA 58 -61.18 31.68 14.64
CA LEU DA 58 -61.75 31.77 15.97
C LEU DA 58 -60.84 32.56 16.92
N GLU DA 59 -59.57 32.19 16.93
CA GLU DA 59 -58.51 33.01 17.54
C GLU DA 59 -58.07 34.10 16.57
N THR DA 60 -58.38 35.36 16.90
CA THR DA 60 -57.76 36.51 16.23
C THR DA 60 -56.29 36.70 16.61
N GLU DA 61 -55.90 36.22 17.79
CA GLU DA 61 -54.50 36.13 18.20
C GLU DA 61 -53.86 34.82 17.69
N ARG DA 62 -52.77 34.37 18.32
CA ARG DA 62 -52.16 33.06 18.06
C ARG DA 62 -51.45 33.03 16.70
N GLU DA 63 -50.28 33.67 16.64
CA GLU DA 63 -49.50 33.73 15.41
C GLU DA 63 -48.58 32.53 15.23
N ALA DA 64 -48.59 31.98 14.03
CA ALA DA 64 -47.77 30.82 13.67
C ALA DA 64 -46.28 31.18 13.51
N ARG DA 65 -45.43 30.19 13.70
CA ARG DA 65 -43.99 30.41 13.57
C ARG DA 65 -43.67 30.77 12.13
N ARG DA 66 -42.68 31.64 11.94
CA ARG DA 66 -42.30 32.07 10.60
C ARG DA 66 -41.83 30.92 9.72
N LEU DA 67 -41.07 29.99 10.30
CA LEU DA 67 -40.58 28.86 9.52
C LEU DA 67 -39.15 28.50 9.87
N LEU EA 4 -54.73 -53.06 -31.99
CA LEU EA 4 -53.96 -54.24 -31.54
C LEU EA 4 -52.80 -53.82 -30.63
N PHE EA 5 -51.98 -52.89 -31.11
CA PHE EA 5 -51.05 -52.13 -30.26
C PHE EA 5 -50.59 -50.84 -30.94
N ASN EA 6 -50.02 -49.94 -30.14
CA ASN EA 6 -49.39 -48.69 -30.62
C ASN EA 6 -50.36 -47.63 -31.19
N THR EA 7 -51.65 -47.72 -30.83
CA THR EA 7 -52.62 -46.66 -31.16
C THR EA 7 -53.89 -46.72 -30.28
N ARG EA 8 -54.09 -45.68 -29.47
CA ARG EA 8 -55.44 -45.25 -29.05
C ARG EA 8 -56.07 -44.41 -30.16
N PRO EA 9 -57.40 -44.21 -30.11
CA PRO EA 9 -58.02 -43.00 -30.65
C PRO EA 9 -57.32 -41.71 -30.22
N LYS EA 10 -56.75 -41.01 -31.21
CA LYS EA 10 -55.79 -39.92 -30.97
C LYS EA 10 -56.29 -38.61 -31.62
N LYS EA 11 -57.62 -38.44 -31.66
CA LYS EA 11 -58.24 -37.49 -32.58
C LYS EA 11 -58.22 -36.05 -32.04
N PHE EA 12 -58.44 -35.89 -30.73
CA PHE EA 12 -58.64 -34.57 -30.11
C PHE EA 12 -57.85 -34.44 -28.81
N GLY EA 13 -57.80 -33.21 -28.28
CA GLY EA 13 -57.05 -32.90 -27.06
C GLY EA 13 -55.57 -32.63 -27.33
N PRO EA 14 -54.80 -32.29 -26.26
CA PRO EA 14 -53.38 -31.96 -26.42
C PRO EA 14 -52.48 -33.11 -26.88
N GLY EA 15 -52.86 -34.35 -26.58
CA GLY EA 15 -52.15 -35.54 -27.08
C GLY EA 15 -52.23 -35.78 -28.59
N SER EA 16 -53.25 -35.23 -29.24
CA SER EA 16 -53.43 -35.39 -30.70
C SER EA 16 -52.33 -34.69 -31.52
N ARG EA 17 -51.89 -33.52 -31.06
CA ARG EA 17 -51.20 -32.53 -31.90
C ARG EA 17 -49.94 -32.01 -31.20
N GLN EA 18 -48.94 -31.65 -32.00
CA GLN EA 18 -47.64 -31.20 -31.48
C GLN EA 18 -47.05 -30.06 -32.33
N CYS EA 19 -46.03 -29.42 -31.78
CA CYS EA 19 -45.35 -28.31 -32.46
C CYS EA 19 -44.49 -28.84 -33.61
N ARG EA 20 -44.74 -28.34 -34.81
CA ARG EA 20 -43.97 -28.79 -35.96
C ARG EA 20 -42.49 -28.48 -35.79
N VAL EA 21 -42.18 -27.26 -35.34
CA VAL EA 21 -40.78 -26.88 -35.16
C VAL EA 21 -40.01 -27.65 -34.09
N CYS EA 22 -40.60 -27.83 -32.90
CA CYS EA 22 -39.92 -28.52 -31.80
C CYS EA 22 -40.62 -29.75 -31.22
N PHE EA 23 -41.72 -30.17 -31.83
CA PHE EA 23 -42.44 -31.34 -31.34
C PHE EA 23 -42.98 -31.21 -29.91
N ASN EA 24 -43.41 -30.01 -29.50
CA ASN EA 24 -43.96 -29.85 -28.16
C ASN EA 24 -45.41 -29.38 -28.11
N ARG EA 25 -46.24 -30.16 -27.42
CA ARG EA 25 -47.66 -29.88 -27.26
C ARG EA 25 -48.02 -28.63 -26.44
N HIS EA 26 -47.27 -28.41 -25.36
CA HIS EA 26 -47.52 -27.27 -24.47
C HIS EA 26 -47.35 -25.89 -25.09
N GLY EA 27 -48.25 -24.98 -24.73
CA GLY EA 27 -48.19 -23.60 -25.22
C GLY EA 27 -48.41 -23.49 -26.72
N MET EA 28 -49.38 -24.25 -27.23
CA MET EA 28 -49.59 -24.38 -28.68
C MET EA 28 -50.52 -23.28 -29.18
N VAL EA 29 -49.96 -22.35 -29.96
CA VAL EA 29 -50.73 -21.25 -30.55
C VAL EA 29 -51.44 -21.76 -31.80
N ARG EA 30 -52.77 -21.92 -31.72
CA ARG EA 30 -53.59 -22.39 -32.85
C ARG EA 30 -54.47 -21.32 -33.48
N LYS EA 31 -54.22 -20.03 -33.15
CA LYS EA 31 -54.95 -18.93 -33.78
C LYS EA 31 -54.50 -18.80 -35.24
N TYR EA 32 -55.47 -18.79 -36.15
CA TYR EA 32 -55.25 -18.78 -37.61
C TYR EA 32 -54.54 -20.03 -38.17
N GLY EA 33 -54.54 -21.14 -37.41
CA GLY EA 33 -53.84 -22.35 -37.82
C GLY EA 33 -52.33 -22.21 -37.93
N LEU EA 34 -51.70 -21.74 -36.85
CA LEU EA 34 -50.24 -21.70 -36.75
C LEU EA 34 -49.66 -23.08 -36.44
N MET EA 35 -50.20 -23.71 -35.39
CA MET EA 35 -49.63 -24.94 -34.79
C MET EA 35 -48.18 -24.73 -34.33
N MET EA 36 -47.95 -23.64 -33.61
CA MET EA 36 -46.62 -23.25 -33.15
C MET EA 36 -46.61 -23.23 -31.62
N CYS EA 37 -45.71 -24.01 -31.03
CA CYS EA 37 -45.34 -23.90 -29.62
C CYS EA 37 -44.79 -22.49 -29.32
N ARG EA 38 -45.22 -21.89 -28.22
CA ARG EA 38 -44.84 -20.49 -27.93
C ARG EA 38 -43.35 -20.20 -27.85
N GLN EA 39 -42.56 -21.08 -27.25
CA GLN EA 39 -41.13 -20.79 -27.20
C GLN EA 39 -40.66 -20.71 -28.64
N CYS EA 40 -41.16 -21.63 -29.46
CA CYS EA 40 -40.81 -21.67 -30.88
C CYS EA 40 -41.30 -20.46 -31.66
N PHE EA 41 -42.54 -20.05 -31.40
CA PHE EA 41 -43.17 -18.92 -32.11
C PHE EA 41 -42.64 -17.50 -31.92
N ARG EA 42 -42.28 -17.13 -30.70
CA ARG EA 42 -41.82 -15.76 -30.46
C ARG EA 42 -40.54 -15.32 -31.18
N GLU EA 43 -39.54 -16.19 -31.25
CA GLU EA 43 -38.27 -15.83 -31.89
C GLU EA 43 -38.35 -15.76 -33.43
N ARG EA 44 -39.21 -16.58 -34.03
CA ARG EA 44 -39.44 -16.58 -35.48
C ARG EA 44 -40.64 -15.72 -35.94
N ALA EA 45 -41.14 -14.85 -35.06
CA ALA EA 45 -42.38 -14.10 -35.33
C ALA EA 45 -42.16 -12.94 -36.32
N ASN EA 46 -41.00 -12.31 -36.26
CA ASN EA 46 -40.61 -11.27 -37.23
C ASN EA 46 -40.44 -11.81 -38.66
N GLN EA 47 -39.90 -13.03 -38.77
CA GLN EA 47 -39.68 -13.66 -40.08
C GLN EA 47 -40.98 -14.09 -40.77
N ILE EA 48 -42.00 -14.44 -39.97
CA ILE EA 48 -43.34 -14.75 -40.49
C ILE EA 48 -44.01 -13.49 -41.05
N GLY EA 49 -43.92 -12.38 -40.31
CA GLY EA 49 -44.72 -11.18 -40.61
C GLY EA 49 -45.09 -10.33 -39.40
N PHE EA 50 -45.26 -10.97 -38.24
CA PHE EA 50 -45.70 -10.29 -37.02
C PHE EA 50 -44.65 -9.32 -36.49
N VAL EA 51 -44.97 -8.02 -36.52
CA VAL EA 51 -44.15 -6.98 -35.90
C VAL EA 51 -44.96 -6.31 -34.79
N LYS EA 52 -44.45 -6.40 -33.55
CA LYS EA 52 -45.12 -5.81 -32.39
C LYS EA 52 -44.97 -4.29 -32.35
N TYR EA 53 -46.08 -3.60 -32.06
CA TYR EA 53 -46.04 -2.20 -31.63
C TYR EA 53 -47.30 -1.84 -30.83
N ARG EA 54 -47.14 -0.89 -29.91
CA ARG EA 54 -48.04 -0.69 -28.75
C ARG EA 54 -48.67 -1.96 -28.18
N GLY FA 2 -4.48 -30.45 18.17
CA GLY FA 2 -5.34 -31.42 17.43
C GLY FA 2 -5.83 -32.56 18.31
N LYS FA 3 -6.94 -33.17 17.91
CA LYS FA 3 -7.56 -34.27 18.64
C LYS FA 3 -6.76 -35.56 18.40
N VAL FA 4 -6.50 -36.31 19.47
CA VAL FA 4 -5.68 -37.52 19.41
C VAL FA 4 -6.44 -38.71 18.78
N HIS FA 5 -7.77 -38.71 18.92
CA HIS FA 5 -8.59 -39.90 18.61
C HIS FA 5 -9.12 -39.92 17.17
N GLY FA 6 -8.43 -39.26 16.23
CA GLY FA 6 -8.62 -39.50 14.80
C GLY FA 6 -8.16 -40.89 14.40
N SER FA 7 -9.01 -41.62 13.67
CA SER FA 7 -8.84 -43.05 13.46
C SER FA 7 -7.80 -43.35 12.38
N LEU FA 8 -7.11 -44.48 12.53
CA LEU FA 8 -5.98 -44.86 11.66
C LEU FA 8 -6.34 -46.04 10.74
N ALA FA 9 -7.62 -46.18 10.40
CA ALA FA 9 -8.11 -47.32 9.60
C ALA FA 9 -7.83 -47.11 8.12
N ARG FA 10 -8.08 -45.88 7.63
CA ARG FA 10 -7.97 -45.56 6.21
C ARG FA 10 -6.53 -45.39 5.69
N ALA FA 11 -5.54 -45.36 6.58
CA ALA FA 11 -4.13 -45.17 6.21
C ALA FA 11 -3.66 -46.18 5.16
N GLY FA 12 -3.17 -45.66 4.03
CA GLY FA 12 -2.86 -46.47 2.86
C GLY FA 12 -4.09 -46.85 2.06
N LYS FA 13 -4.91 -45.84 1.75
CA LYS FA 13 -6.10 -46.01 0.91
C LYS FA 13 -5.68 -46.08 -0.57
N VAL FA 14 -5.09 -44.98 -1.03
CA VAL FA 14 -4.95 -44.71 -2.47
C VAL FA 14 -3.72 -45.42 -3.08
N LYS FA 15 -2.69 -45.66 -2.28
CA LYS FA 15 -1.61 -46.57 -2.67
C LYS FA 15 -2.09 -48.00 -2.94
N ASN FA 16 -3.01 -48.48 -2.12
CA ASN FA 16 -3.65 -49.79 -2.31
C ASN FA 16 -4.76 -49.79 -3.36
N GLN FA 17 -5.45 -48.66 -3.51
CA GLN FA 17 -6.58 -48.54 -4.44
C GLN FA 17 -6.15 -48.59 -5.92
N THR FA 18 -5.07 -47.90 -6.26
CA THR FA 18 -4.77 -47.54 -7.66
C THR FA 18 -4.39 -48.76 -8.51
N PRO FA 19 -4.69 -48.72 -9.83
CA PRO FA 19 -4.38 -49.85 -10.70
C PRO FA 19 -2.89 -49.90 -11.06
N LYS FA 20 -2.28 -51.07 -10.86
CA LYS FA 20 -0.86 -51.28 -11.18
C LYS FA 20 -0.65 -51.34 -12.70
N VAL FA 21 0.50 -50.86 -13.14
CA VAL FA 21 0.89 -50.94 -14.56
C VAL FA 21 2.41 -50.85 -14.71
N ALA FA 22 2.97 -51.72 -15.55
CA ALA FA 22 4.41 -51.83 -15.72
C ALA FA 22 4.95 -50.73 -16.62
N LYS FA 23 6.23 -50.41 -16.46
CA LYS FA 23 6.94 -49.52 -17.37
C LYS FA 23 7.17 -50.22 -18.71
N LYS FA 24 7.02 -49.49 -19.82
CA LYS FA 24 7.32 -50.01 -21.15
C LYS FA 24 8.84 -50.16 -21.34
N GLU FA 25 9.24 -51.22 -22.02
CA GLU FA 25 10.62 -51.38 -22.48
C GLU FA 25 10.86 -50.46 -23.69
N LYS FA 26 11.84 -49.58 -23.57
CA LYS FA 26 12.28 -48.72 -24.68
C LYS FA 26 13.80 -48.68 -24.77
N LYS FA 27 14.30 -48.28 -25.94
CA LYS FA 27 15.74 -48.14 -26.17
C LYS FA 27 16.32 -47.02 -25.31
N LYS FA 28 17.54 -47.23 -24.81
CA LYS FA 28 18.12 -46.37 -23.77
C LYS FA 28 18.52 -45.01 -24.35
N PRO FA 29 18.42 -43.93 -23.53
CA PRO FA 29 18.95 -42.64 -23.97
C PRO FA 29 20.48 -42.59 -23.85
N PRO FA 30 21.15 -41.74 -24.64
CA PRO FA 30 22.57 -41.48 -24.42
C PRO FA 30 22.81 -40.63 -23.17
N THR FA 31 24.01 -40.71 -22.62
CA THR FA 31 24.35 -40.11 -21.34
C THR FA 31 25.62 -39.26 -21.42
N GLY FA 32 25.72 -38.26 -20.56
CA GLY FA 32 26.92 -37.44 -20.44
C GLY FA 32 27.06 -36.43 -21.57
N ARG FA 33 28.13 -36.59 -22.36
CA ARG FA 33 28.41 -35.69 -23.48
C ARG FA 33 27.46 -35.91 -24.65
N ALA FA 34 27.14 -37.18 -24.92
CA ALA FA 34 26.23 -37.55 -26.00
C ALA FA 34 24.77 -37.09 -25.78
N LYS FA 35 24.37 -36.96 -24.52
CA LYS FA 35 23.08 -36.35 -24.17
C LYS FA 35 23.04 -34.85 -24.49
N LYS FA 36 24.11 -34.15 -24.11
CA LYS FA 36 24.21 -32.69 -24.34
C LYS FA 36 24.35 -32.33 -25.83
N ARG FA 37 24.81 -33.28 -26.64
CA ARG FA 37 24.76 -33.16 -28.10
C ARG FA 37 23.33 -33.08 -28.63
N GLN FA 38 22.47 -34.00 -28.18
CA GLN FA 38 21.08 -34.06 -28.63
C GLN FA 38 20.25 -32.85 -28.19
N GLN FA 39 20.46 -32.42 -26.94
CA GLN FA 39 19.78 -31.24 -26.39
C GLN FA 39 20.16 -29.95 -27.10
N PHE FA 40 21.41 -29.84 -27.54
CA PHE FA 40 21.88 -28.69 -28.32
C PHE FA 40 21.17 -28.58 -29.67
N ASN FA 41 21.05 -29.69 -30.38
CA ASN FA 41 20.60 -29.68 -31.77
C ASN FA 41 19.11 -29.38 -31.90
N ARG FA 42 18.29 -30.11 -31.14
CA ARG FA 42 16.82 -30.08 -31.30
C ARG FA 42 16.16 -28.76 -30.86
N ARG FA 43 16.84 -27.98 -30.01
CA ARG FA 43 16.40 -26.61 -29.68
C ARG FA 43 16.61 -25.66 -30.87
N PHE FA 44 17.85 -25.56 -31.34
CA PHE FA 44 18.24 -24.57 -32.34
C PHE FA 44 18.00 -25.01 -33.80
N THR FA 45 17.49 -26.23 -33.99
CA THR FA 45 16.87 -26.63 -35.26
C THR FA 45 15.55 -27.35 -35.01
N GLY FA 53 6.39 -23.83 -26.43
CA GLY FA 53 7.28 -24.41 -25.43
C GLY FA 53 7.85 -25.76 -25.84
N PRO FA 54 8.74 -26.33 -25.02
CA PRO FA 54 9.42 -27.59 -25.36
C PRO FA 54 8.55 -28.84 -25.25
N ASN FA 55 7.60 -28.84 -24.31
CA ASN FA 55 6.62 -29.91 -24.17
C ASN FA 55 5.22 -29.39 -24.49
N ALA FA 56 4.67 -29.81 -25.62
CA ALA FA 56 3.38 -29.32 -26.12
C ALA FA 56 2.44 -30.48 -26.41
N GLN FA 57 1.54 -30.75 -25.48
CA GLN FA 57 0.57 -31.85 -25.60
C GLN FA 57 -0.62 -31.43 -26.47
N THR FA 58 -1.39 -32.42 -26.91
CA THR FA 58 -2.51 -32.19 -27.82
C THR FA 58 -3.71 -31.60 -27.09
N VAL GA 102 -38.79 -80.99 -45.54
CA VAL GA 102 -39.77 -80.46 -44.52
C VAL GA 102 -41.23 -80.65 -44.96
N LEU GA 103 -41.47 -80.63 -46.28
CA LEU GA 103 -42.68 -81.21 -46.88
C LEU GA 103 -42.56 -82.72 -47.22
N LYS GA 104 -41.68 -83.44 -46.51
CA LYS GA 104 -41.50 -84.88 -46.72
C LYS GA 104 -42.67 -85.72 -46.16
N PHE GA 105 -43.41 -85.18 -45.20
CA PHE GA 105 -44.46 -85.93 -44.51
C PHE GA 105 -45.73 -86.09 -45.39
N TYR GA 106 -45.64 -86.97 -46.37
CA TYR GA 106 -46.79 -87.55 -47.07
C TYR GA 106 -46.75 -89.07 -46.95
N LYS GA 107 -47.64 -89.76 -47.66
CA LYS GA 107 -47.45 -91.15 -48.07
C LYS GA 107 -46.71 -91.20 -49.41
N VAL GA 108 -45.37 -91.21 -49.35
CA VAL GA 108 -44.52 -91.26 -50.54
C VAL GA 108 -44.57 -92.65 -51.20
N ASP GA 109 -44.47 -92.68 -52.52
CA ASP GA 109 -44.52 -93.92 -53.32
C ASP GA 109 -43.57 -93.85 -54.51
N GLY GA 110 -43.21 -95.02 -55.03
CA GLY GA 110 -42.28 -95.16 -56.16
C GLY GA 110 -42.96 -95.56 -57.46
N ASN GA 111 -42.45 -95.04 -58.57
CA ASN GA 111 -42.86 -95.46 -59.93
C ASN GA 111 -44.35 -95.20 -60.27
N ASP GA 112 -44.71 -94.00 -60.71
CA ASP GA 112 -44.00 -92.74 -60.40
C ASP GA 112 -44.89 -91.74 -59.63
N LYS GA 113 -46.02 -92.20 -59.10
CA LYS GA 113 -46.94 -91.34 -58.35
C LYS GA 113 -46.41 -91.04 -56.95
N VAL GA 114 -46.76 -89.87 -56.43
CA VAL GA 114 -46.53 -89.51 -55.02
C VAL GA 114 -47.82 -88.92 -54.43
N THR GA 115 -48.54 -89.73 -53.66
CA THR GA 115 -49.82 -89.33 -53.07
C THR GA 115 -49.60 -88.39 -51.88
N ARG GA 116 -50.55 -87.45 -51.69
CA ARG GA 116 -50.42 -86.37 -50.71
C ARG GA 116 -51.30 -86.60 -49.49
N LEU GA 117 -51.01 -85.85 -48.43
CA LEU GA 117 -51.86 -85.80 -47.22
C LEU GA 117 -52.27 -84.37 -46.91
N ARG GA 118 -53.28 -84.24 -46.04
CA ARG GA 118 -53.83 -82.95 -45.59
C ARG GA 118 -54.44 -82.15 -46.76
N LYS GA 119 -55.72 -82.43 -47.04
CA LYS GA 119 -56.37 -81.95 -48.25
C LYS GA 119 -56.78 -80.48 -48.13
N GLU GA 120 -56.27 -79.64 -49.02
CA GLU GA 120 -56.37 -78.18 -48.88
C GLU GA 120 -57.73 -77.66 -49.34
N CYS GA 121 -58.16 -76.55 -48.74
CA CYS GA 121 -59.29 -75.76 -49.22
C CYS GA 121 -58.86 -74.29 -49.39
N PRO GA 122 -58.24 -73.96 -50.54
CA PRO GA 122 -57.42 -72.74 -50.63
C PRO GA 122 -58.26 -71.48 -50.86
N ARG GA 123 -57.89 -70.39 -50.17
CA ARG GA 123 -58.40 -69.06 -50.48
C ARG GA 123 -57.73 -68.48 -51.73
N GLU GA 124 -58.33 -67.42 -52.28
CA GLU GA 124 -57.98 -66.93 -53.63
C GLU GA 124 -56.66 -66.18 -53.70
N PHE GA 131 -51.07 -76.46 -47.31
CA PHE GA 131 -51.51 -77.67 -46.59
C PHE GA 131 -52.08 -77.30 -45.22
N MET GA 132 -53.02 -78.12 -44.74
CA MET GA 132 -53.85 -77.78 -43.59
C MET GA 132 -53.26 -78.35 -42.29
N ALA GA 133 -53.40 -77.60 -41.20
CA ALA GA 133 -53.19 -78.13 -39.85
C ALA GA 133 -54.35 -79.03 -39.43
N ALA GA 134 -54.05 -80.03 -38.61
CA ALA GA 134 -55.02 -81.06 -38.22
C ALA GA 134 -54.77 -81.55 -36.80
N HIS GA 135 -55.50 -80.98 -35.84
CA HIS GA 135 -55.49 -81.43 -34.45
C HIS GA 135 -56.75 -82.24 -34.16
N LYS GA 136 -57.92 -81.62 -34.34
CA LYS GA 136 -59.22 -82.29 -34.18
C LYS GA 136 -60.33 -81.45 -34.83
N ASN GA 137 -61.30 -82.14 -35.45
CA ASN GA 137 -62.46 -81.52 -36.12
C ASN GA 137 -62.12 -80.57 -37.28
N ARG GA 138 -61.61 -79.38 -36.96
CA ARG GA 138 -61.37 -78.33 -37.95
C ARG GA 138 -60.24 -78.67 -38.94
N THR GA 139 -60.31 -78.05 -40.12
CA THR GA 139 -59.15 -77.86 -40.99
C THR GA 139 -58.83 -76.37 -41.09
N TYR GA 140 -57.54 -76.03 -41.00
CA TYR GA 140 -57.07 -74.64 -40.92
C TYR GA 140 -55.83 -74.45 -41.78
N CYS GA 141 -55.85 -73.43 -42.65
CA CYS GA 141 -54.77 -73.14 -43.59
C CYS GA 141 -53.84 -72.05 -43.04
N GLY GA 142 -52.53 -72.24 -43.20
CA GLY GA 142 -51.52 -71.35 -42.63
C GLY GA 142 -51.35 -70.05 -43.40
N ARG GA 143 -51.18 -70.18 -44.72
CA ARG GA 143 -50.82 -69.04 -45.57
C ARG GA 143 -51.99 -68.08 -45.81
N CYS GA 144 -53.21 -68.61 -45.83
CA CYS GA 144 -54.42 -67.82 -46.08
C CYS GA 144 -54.58 -66.69 -45.05
N GLY GA 145 -54.66 -65.46 -45.56
CA GLY GA 145 -54.53 -64.25 -44.73
C GLY GA 145 -55.72 -64.02 -43.83
N LEU GA 146 -56.92 -64.26 -44.35
CA LEU GA 146 -58.11 -64.48 -43.53
C LEU GA 146 -58.16 -65.95 -43.09
N THR GA 147 -58.34 -66.16 -41.79
CA THR GA 147 -58.26 -67.50 -41.19
C THR GA 147 -59.53 -68.30 -41.48
N TYR GA 148 -59.36 -69.58 -41.79
CA TYR GA 148 -60.41 -70.41 -42.40
C TYR GA 148 -60.74 -71.61 -41.50
N ILE GA 149 -62.04 -71.84 -41.29
CA ILE GA 149 -62.54 -72.89 -40.38
C ILE GA 149 -63.60 -73.72 -41.09
N LEU GA 150 -63.40 -75.03 -41.13
CA LEU GA 150 -64.47 -75.99 -41.45
C LEU GA 150 -64.32 -77.26 -40.60
N ASN GA 151 -65.24 -77.45 -39.65
CA ASN GA 151 -65.28 -78.65 -38.82
C ASN GA 151 -65.69 -79.92 -39.59
N ALA GA 152 -65.36 -81.08 -39.04
CA ALA GA 152 -65.65 -82.37 -39.65
C ALA GA 152 -65.69 -83.49 -38.62
N ALA HA 2 5.98 -6.09 26.23
CA ALA HA 2 5.52 -4.76 26.66
C ALA HA 2 4.65 -4.13 25.58
N HIS HA 3 4.66 -2.82 25.50
CA HIS HA 3 3.87 -2.11 24.51
C HIS HA 3 4.28 -0.64 24.37
N GLY HA 4 4.66 -0.02 25.48
CA GLY HA 4 5.06 1.36 25.45
C GLY HA 4 4.01 2.32 24.92
N ALA HA 5 4.39 3.13 23.96
CA ALA HA 5 3.50 4.13 23.38
C ALA HA 5 2.26 3.58 22.67
N SER HA 6 2.40 2.48 21.95
CA SER HA 6 1.25 1.93 21.24
C SER HA 6 0.20 1.51 22.26
N ARG HA 7 0.68 0.85 23.30
CA ARG HA 7 -0.11 0.41 24.44
C ARG HA 7 -1.61 0.33 24.19
N TYR HA 8 -2.16 1.42 23.69
CA TYR HA 8 -3.59 1.56 23.45
C TYR HA 8 -3.92 1.87 21.99
N LYS HA 9 -3.16 1.32 21.05
CA LYS HA 9 -3.39 1.66 19.66
C LYS HA 9 -4.80 1.30 19.21
N LYS HA 10 -5.30 0.13 19.60
CA LYS HA 10 -6.65 -0.24 19.24
C LYS HA 10 -6.89 -0.09 17.74
N ALA HA 11 -5.97 -0.58 16.94
CA ALA HA 11 -6.08 -0.49 15.50
C ALA HA 11 -7.30 -1.27 15.05
N ARG HA 12 -7.53 -2.41 15.70
CA ARG HA 12 -8.66 -3.27 15.39
C ARG HA 12 -9.41 -3.68 16.65
N ALA HA 13 -10.69 -4.01 16.48
CA ALA HA 13 -11.54 -4.44 17.60
C ALA HA 13 -10.77 -5.13 18.71
N LYS HA 14 -10.78 -4.51 19.89
CA LYS HA 14 -10.06 -5.01 21.05
C LYS HA 14 -10.80 -4.75 22.34
N MET HA 15 -10.27 -5.29 23.42
CA MET HA 15 -10.85 -5.17 24.74
C MET HA 15 -10.98 -3.74 25.27
N ARG HA 16 -10.00 -2.91 24.96
CA ARG HA 16 -9.90 -1.53 25.43
C ARG HA 16 -8.81 -1.56 26.48
N TRP HA 17 -7.77 -0.75 26.31
CA TRP HA 17 -6.64 -0.74 27.23
C TRP HA 17 -6.89 -0.32 28.67
N LYS HA 18 -7.71 0.70 28.89
CA LYS HA 18 -7.92 1.16 30.24
C LYS HA 18 -8.51 0.02 31.06
N TRP HA 19 -9.48 -0.68 30.48
CA TRP HA 19 -10.09 -1.83 31.14
C TRP HA 19 -9.11 -2.98 31.32
N LYS HA 20 -8.29 -3.20 30.30
CA LYS HA 20 -7.32 -4.28 30.33
C LYS HA 20 -6.30 -4.09 31.43
N LYS HA 21 -5.85 -2.86 31.63
CA LYS HA 21 -4.86 -2.58 32.66
C LYS HA 21 -5.46 -2.87 34.02
N LYS HA 22 -6.71 -2.49 34.22
CA LYS HA 22 -7.41 -2.71 35.48
C LYS HA 22 -7.65 -4.19 35.77
N ARG HA 23 -7.99 -4.94 34.74
CA ARG HA 23 -8.25 -6.37 34.89
C ARG HA 23 -6.99 -7.07 35.36
N THR HA 24 -5.86 -6.72 34.76
CA THR HA 24 -4.58 -7.31 35.16
C THR HA 24 -4.17 -6.88 36.56
N ARG HA 25 -4.55 -5.66 36.97
CA ARG HA 25 -4.23 -5.22 38.32
C ARG HA 25 -4.96 -6.04 39.37
N ARG HA 26 -6.22 -6.38 39.10
CA ARG HA 26 -6.98 -7.20 40.05
C ARG HA 26 -6.44 -8.61 40.13
N LEU HA 27 -5.92 -9.13 39.02
CA LEU HA 27 -5.35 -10.46 39.03
C LEU HA 27 -4.06 -10.44 39.85
N GLN HA 28 -3.27 -9.40 39.63
CA GLN HA 28 -1.99 -9.20 40.32
C GLN HA 28 -2.12 -8.95 41.80
N ARG HA 29 -3.12 -8.15 42.18
CA ARG HA 29 -3.32 -7.83 43.58
C ARG HA 29 -3.65 -9.11 44.32
N LYS HA 30 -4.47 -9.93 43.69
CA LYS HA 30 -4.85 -11.22 44.28
C LYS HA 30 -3.65 -12.13 44.44
N ARG HA 31 -2.74 -12.08 43.47
CA ARG HA 31 -1.58 -12.95 43.50
C ARG HA 31 -0.79 -12.67 44.76
N ARG HA 32 -0.79 -11.42 45.21
CA ARG HA 32 0.02 -11.03 46.37
C ARG HA 32 -0.47 -11.71 47.64
N LYS HA 33 -1.71 -11.43 48.03
CA LYS HA 33 -2.26 -11.99 49.26
C LYS HA 33 -2.20 -13.52 49.27
N MET HA 34 -2.38 -14.14 48.10
CA MET HA 34 -2.28 -15.60 48.04
C MET HA 34 -0.85 -16.07 48.26
N ARG HA 35 0.12 -15.31 47.76
CA ARG HA 35 1.52 -15.68 47.96
C ARG HA 35 2.01 -15.35 49.36
N GLN HA 36 1.42 -14.32 49.98
CA GLN HA 36 1.74 -14.01 51.37
C GLN HA 36 1.03 -14.94 52.34
N ARG HA 37 -0.08 -15.55 51.91
CA ARG HA 37 -0.81 -16.47 52.78
C ARG HA 37 -0.01 -17.75 53.05
N SER HA 38 0.80 -18.18 52.07
CA SER HA 38 1.53 -19.43 52.18
C SER HA 38 2.87 -19.28 52.89
N ARG HA 39 3.21 -18.08 53.36
CA ARG HA 39 4.38 -17.88 54.21
C ARG HA 39 4.14 -18.49 55.59
#